data_7NKU
#
_entry.id   7NKU
#
_cell.length_a   1.00
_cell.length_b   1.00
_cell.length_c   1.00
_cell.angle_alpha   90.00
_cell.angle_beta   90.00
_cell.angle_gamma   90.00
#
_symmetry.space_group_name_H-M   'P 1'
#
loop_
_entity.id
_entity.type
_entity.pdbx_description
1 polymer 'ATPase family gene 2 protein'
2 non-polymer 'PHOSPHOTHIOPHOSPHORIC ACID-ADENYLATE ESTER'
3 non-polymer 6-METHYL-2(PROPANE-1-SULFONYL)-2H-THIENO[3,2-D][1,2,3]DIAZABORININ-1-OL
#
_entity_poly.entity_id   1
_entity_poly.type   'polypeptide(L)'
_entity_poly.pdbx_seq_one_letter_code
;MAPKSSSSGSKKKSSASSNSADAKASKFKLPAEFITRPHPSKDHGKETCTAYIHPNVLSSLEINPGSFCTVGKIGENGIL
VIARAGDEEVHPVNVITLSTTIRSVGNLILGDRLELKKAQVQPPYATKVTVGSLQGYNILECMEEKVIQKLLDDSGVIMP
GMIFQNLKTKAGDESIDVVITDASDDSLPDVSQLDLNMDDMYGGLDNLFYLSPPFIFRKGSTHITFSKETQANRKYNLPE
PLSYAAVGGLDKEIESLKSAIEIPLHQPTLFSSFGVSPPRGILLHGPPGTGKTMLLRVVANTSNAHVLTINGPSIVSKYL
GETEAALRDIFNEARKYQPSIIFIDEIDSIAPNRANDDSGEVESRVVATLLTLMDGMGAAGKVVVIAATNRPNSVDPALR
RPGRFDQEVEIGIPDVDARFDILTKQFSRMSSDRHVLDSEAIKYIASKTHGYVGADLTALCRESVMKTIQRGLGTDANID
KFSLKVTLKDVESAMVDIRPSAMREIFLEMPKVYWSDIGGQEELKTKMKEMIQLPLEASETFARLGISAPKGVLLYGPPG
CSKTLTAKALATESGINFLAVKGPEIFNKYVGESERAIREIFRKARSAAPSIIFFDEIDALSPDRDGSSTSAANHVLTSL
LNEIDGVEELKGVVIVAATNRPDEIDAALLRPGRLDRHIYVGPPDVNARLEILKKCTKKFNTEESGVDLHELADRTEGYS
GAEVVLLCQEAGLAAIMEDLDVAKVELRHFEKAFKGIARGITPEMLSYYEEFALRSGSSS
;
_entity_poly.pdbx_strand_id   A,B,C,D,E,F
#
# COMPACT_ATOMS: atom_id res chain seq x y z
N PRO A 239 7.28 -56.13 -6.63
CA PRO A 239 6.01 -55.41 -6.82
C PRO A 239 4.89 -56.02 -6.00
N GLU A 240 4.69 -55.50 -4.78
CA GLU A 240 3.63 -55.96 -3.91
C GLU A 240 2.41 -55.07 -4.12
N PRO A 241 1.30 -55.59 -4.65
CA PRO A 241 0.14 -54.72 -4.89
C PRO A 241 -0.48 -54.27 -3.59
N LEU A 242 -0.82 -52.99 -3.53
CA LEU A 242 -1.34 -52.42 -2.31
C LEU A 242 -2.72 -52.98 -2.00
N SER A 243 -3.12 -52.86 -0.73
CA SER A 243 -4.42 -53.30 -0.29
C SER A 243 -4.92 -52.35 0.77
N TYR A 244 -6.22 -52.44 1.06
CA TYR A 244 -6.79 -51.57 2.08
C TYR A 244 -6.25 -51.85 3.46
N ALA A 245 -5.57 -52.98 3.66
CA ALA A 245 -4.92 -53.20 4.95
C ALA A 245 -3.72 -52.29 5.11
N ALA A 246 -3.09 -51.88 4.01
CA ALA A 246 -1.96 -50.97 4.11
C ALA A 246 -2.39 -49.61 4.62
N VAL A 247 -3.51 -49.09 4.12
CA VAL A 247 -4.02 -47.82 4.60
C VAL A 247 -4.32 -47.96 6.08
N GLY A 248 -4.16 -46.88 6.81
CA GLY A 248 -4.43 -46.91 8.24
C GLY A 248 -5.08 -45.63 8.71
N GLY A 249 -5.81 -45.74 9.81
CA GLY A 249 -6.34 -44.59 10.49
C GLY A 249 -7.35 -43.79 9.72
N LEU A 250 -7.88 -44.32 8.63
CA LEU A 250 -8.89 -43.61 7.86
C LEU A 250 -10.09 -44.50 7.54
N ASP A 251 -10.30 -45.57 8.32
CA ASP A 251 -11.29 -46.58 7.96
C ASP A 251 -12.66 -45.98 7.67
N LYS A 252 -13.03 -44.92 8.40
CA LYS A 252 -14.32 -44.28 8.17
C LYS A 252 -14.43 -43.76 6.74
N GLU A 253 -13.54 -42.86 6.37
CA GLU A 253 -13.61 -42.36 5.01
C GLU A 253 -13.08 -43.36 3.98
N ILE A 254 -12.37 -44.41 4.40
CA ILE A 254 -12.13 -45.51 3.47
C ILE A 254 -13.45 -46.13 3.06
N GLU A 255 -14.31 -46.40 4.03
CA GLU A 255 -15.62 -46.95 3.72
C GLU A 255 -16.44 -45.97 2.88
N SER A 256 -16.36 -44.68 3.20
CA SER A 256 -17.10 -43.70 2.42
C SER A 256 -16.65 -43.69 0.97
N LEU A 257 -15.34 -43.69 0.72
CA LEU A 257 -14.85 -43.68 -0.65
C LEU A 257 -15.21 -44.97 -1.35
N LYS A 258 -15.12 -46.10 -0.64
CA LYS A 258 -15.48 -47.36 -1.25
C LYS A 258 -16.94 -47.36 -1.68
N SER A 259 -17.82 -46.80 -0.86
CA SER A 259 -19.21 -46.70 -1.26
C SER A 259 -19.37 -45.79 -2.48
N ALA A 260 -18.73 -44.63 -2.45
CA ALA A 260 -18.89 -43.69 -3.56
C ALA A 260 -18.28 -44.21 -4.85
N ILE A 261 -17.43 -45.21 -4.79
CA ILE A 261 -16.97 -45.89 -5.99
C ILE A 261 -17.86 -47.06 -6.38
N GLU A 262 -18.37 -47.81 -5.41
CA GLU A 262 -19.11 -49.01 -5.76
C GLU A 262 -20.50 -48.67 -6.29
N ILE A 263 -21.13 -47.63 -5.77
CA ILE A 263 -22.52 -47.38 -6.14
C ILE A 263 -22.62 -46.94 -7.60
N PRO A 264 -21.84 -45.97 -8.08
CA PRO A 264 -21.60 -45.89 -9.52
C PRO A 264 -20.53 -46.91 -9.88
N LEU A 265 -20.14 -46.92 -11.14
CA LEU A 265 -19.03 -47.72 -11.65
C LEU A 265 -19.27 -49.22 -11.49
N HIS A 266 -20.35 -49.63 -10.83
CA HIS A 266 -20.71 -51.03 -10.78
C HIS A 266 -22.20 -51.20 -11.04
N GLN A 267 -22.98 -50.18 -10.71
CA GLN A 267 -24.42 -50.26 -10.91
C GLN A 267 -25.05 -48.88 -10.94
N PRO A 268 -24.99 -48.16 -12.06
CA PRO A 268 -25.71 -46.90 -12.18
C PRO A 268 -27.19 -47.08 -12.39
N THR A 269 -27.65 -48.32 -12.64
CA THR A 269 -29.08 -48.56 -12.78
C THR A 269 -29.84 -48.14 -11.54
N LEU A 270 -29.24 -48.34 -10.37
CA LEU A 270 -29.87 -47.93 -9.13
C LEU A 270 -30.24 -46.46 -9.15
N PHE A 271 -29.33 -45.59 -9.54
CA PHE A 271 -29.66 -44.18 -9.60
C PHE A 271 -30.52 -43.84 -10.81
N SER A 272 -30.44 -44.68 -11.85
CA SER A 272 -31.36 -44.47 -12.96
C SER A 272 -32.80 -44.61 -12.48
N SER A 273 -33.07 -45.61 -11.65
CA SER A 273 -34.41 -45.79 -11.11
C SER A 273 -34.84 -44.58 -10.29
N PHE A 274 -33.98 -44.09 -9.41
CA PHE A 274 -34.37 -43.00 -8.54
C PHE A 274 -34.39 -41.66 -9.26
N GLY A 275 -33.99 -41.63 -10.52
CA GLY A 275 -34.17 -40.46 -11.34
C GLY A 275 -33.36 -39.25 -10.91
N VAL A 276 -32.13 -39.46 -10.45
CA VAL A 276 -31.17 -38.39 -10.26
C VAL A 276 -29.90 -38.78 -10.99
N SER A 277 -29.21 -37.80 -11.53
CA SER A 277 -27.96 -38.09 -12.22
C SER A 277 -26.96 -38.64 -11.21
N PRO A 278 -26.31 -39.77 -11.49
CA PRO A 278 -25.42 -40.35 -10.51
C PRO A 278 -24.26 -39.41 -10.24
N PRO A 279 -23.74 -39.40 -9.03
CA PRO A 279 -22.68 -38.46 -8.71
C PRO A 279 -21.38 -38.88 -9.36
N ARG A 280 -20.98 -38.17 -10.39
CA ARG A 280 -19.74 -38.42 -11.10
C ARG A 280 -18.72 -37.43 -10.56
N GLY A 281 -17.75 -37.94 -9.83
CA GLY A 281 -16.73 -37.08 -9.27
C GLY A 281 -16.67 -37.06 -7.75
N ILE A 282 -15.62 -37.69 -7.25
CA ILE A 282 -15.30 -37.69 -5.84
C ILE A 282 -13.95 -37.02 -5.67
N LEU A 283 -13.89 -36.04 -4.79
CA LEU A 283 -12.70 -35.25 -4.58
C LEU A 283 -12.17 -35.54 -3.19
N LEU A 284 -10.90 -35.93 -3.12
CA LEU A 284 -10.24 -36.26 -1.88
C LEU A 284 -9.50 -35.02 -1.39
N HIS A 285 -10.02 -34.39 -0.34
CA HIS A 285 -9.38 -33.23 0.23
C HIS A 285 -8.21 -33.68 1.10
N GLY A 286 -7.66 -32.75 1.88
CA GLY A 286 -6.71 -33.12 2.89
C GLY A 286 -5.47 -32.27 2.90
N PRO A 287 -4.87 -32.13 4.07
CA PRO A 287 -3.58 -31.48 4.17
C PRO A 287 -2.52 -32.34 3.52
N PRO A 288 -1.40 -31.74 3.10
CA PRO A 288 -0.40 -32.50 2.35
C PRO A 288 0.16 -33.65 3.17
N GLY A 289 0.39 -34.77 2.50
CA GLY A 289 0.97 -35.93 3.13
C GLY A 289 0.01 -36.77 3.93
N THR A 290 -1.28 -36.51 3.86
CA THR A 290 -2.24 -37.22 4.69
C THR A 290 -2.55 -38.61 4.14
N GLY A 291 -2.26 -38.86 2.88
CA GLY A 291 -2.45 -40.18 2.34
C GLY A 291 -3.36 -40.24 1.14
N LYS A 292 -3.46 -39.14 0.41
CA LYS A 292 -4.36 -39.11 -0.74
C LYS A 292 -3.84 -40.01 -1.85
N THR A 293 -2.65 -39.70 -2.36
CA THR A 293 -2.13 -40.41 -3.52
C THR A 293 -2.05 -41.90 -3.25
N MET A 294 -1.72 -42.28 -2.02
CA MET A 294 -1.71 -43.70 -1.70
C MET A 294 -3.10 -44.28 -1.81
N LEU A 295 -4.10 -43.52 -1.37
CA LEU A 295 -5.47 -44.02 -1.44
C LEU A 295 -5.90 -44.17 -2.90
N LEU A 296 -5.50 -43.24 -3.75
CA LEU A 296 -5.82 -43.38 -5.16
C LEU A 296 -5.16 -44.62 -5.75
N ARG A 297 -3.91 -44.87 -5.39
CA ARG A 297 -3.24 -46.06 -5.90
C ARG A 297 -3.92 -47.32 -5.42
N VAL A 298 -4.34 -47.35 -4.16
CA VAL A 298 -4.96 -48.56 -3.66
C VAL A 298 -6.34 -48.75 -4.26
N VAL A 299 -7.05 -47.67 -4.54
CA VAL A 299 -8.33 -47.78 -5.25
C VAL A 299 -8.11 -48.37 -6.63
N ALA A 300 -7.10 -47.87 -7.33
CA ALA A 300 -6.81 -48.39 -8.66
C ALA A 300 -6.50 -49.87 -8.60
N ASN A 301 -5.66 -50.29 -7.66
CA ASN A 301 -5.28 -51.70 -7.59
C ASN A 301 -6.45 -52.57 -7.20
N THR A 302 -7.26 -52.15 -6.23
CA THR A 302 -8.34 -52.98 -5.73
C THR A 302 -9.51 -53.02 -6.70
N SER A 303 -9.89 -51.89 -7.26
CA SER A 303 -11.04 -51.85 -8.15
C SER A 303 -10.72 -52.60 -9.44
N ASN A 304 -11.69 -53.40 -9.90
CA ASN A 304 -11.51 -54.19 -11.10
C ASN A 304 -11.72 -53.39 -12.38
N ALA A 305 -12.14 -52.13 -12.27
CA ALA A 305 -12.36 -51.32 -13.46
C ALA A 305 -11.02 -50.94 -14.08
N HIS A 306 -11.06 -50.12 -15.11
CA HIS A 306 -9.83 -49.74 -15.78
C HIS A 306 -9.37 -48.37 -15.30
N VAL A 307 -8.10 -48.31 -14.92
CA VAL A 307 -7.48 -47.09 -14.42
C VAL A 307 -7.01 -46.27 -15.61
N LEU A 308 -7.29 -44.98 -15.58
CA LEU A 308 -6.71 -44.03 -16.50
C LEU A 308 -6.13 -42.90 -15.68
N THR A 309 -5.16 -42.20 -16.23
CA THR A 309 -4.51 -41.14 -15.50
C THR A 309 -4.38 -39.88 -16.32
N ILE A 310 -4.78 -38.77 -15.73
CA ILE A 310 -4.46 -37.45 -16.24
C ILE A 310 -3.22 -37.03 -15.47
N ASN A 311 -2.08 -37.05 -16.14
CA ASN A 311 -0.79 -36.89 -15.47
C ASN A 311 -0.43 -35.44 -15.23
N GLY A 312 -1.43 -34.55 -15.20
CA GLY A 312 -1.18 -33.15 -15.04
C GLY A 312 -0.37 -32.63 -16.20
N PRO A 313 0.79 -32.04 -15.92
CA PRO A 313 1.66 -31.59 -17.01
C PRO A 313 2.17 -32.71 -17.88
N SER A 314 2.26 -33.94 -17.37
CA SER A 314 2.94 -34.99 -18.10
C SER A 314 2.14 -35.53 -19.28
N ILE A 315 1.01 -34.92 -19.63
CA ILE A 315 0.41 -35.13 -20.95
C ILE A 315 0.03 -33.83 -21.62
N VAL A 316 -0.02 -32.70 -20.91
CA VAL A 316 -0.22 -31.41 -21.53
C VAL A 316 0.97 -31.11 -22.44
N SER A 317 0.68 -30.72 -23.69
CA SER A 317 1.73 -30.49 -24.67
C SER A 317 2.23 -29.05 -24.56
N LYS A 318 3.04 -28.62 -25.54
CA LYS A 318 3.56 -27.26 -25.53
C LYS A 318 2.44 -26.23 -25.65
N TYR A 319 1.48 -26.49 -26.55
CA TYR A 319 0.32 -25.64 -26.71
C TYR A 319 -0.96 -26.45 -26.52
N LEU A 320 -1.99 -25.79 -26.00
CA LEU A 320 -3.21 -26.44 -25.56
C LEU A 320 -4.01 -27.08 -26.68
N GLY A 321 -3.74 -26.71 -27.94
CA GLY A 321 -4.50 -27.28 -29.04
C GLY A 321 -4.44 -28.79 -29.08
N GLU A 322 -3.26 -29.36 -28.85
CA GLU A 322 -3.13 -30.80 -28.74
C GLU A 322 -3.47 -31.31 -27.34
N THR A 323 -3.33 -30.47 -26.31
CA THR A 323 -3.60 -30.91 -24.95
C THR A 323 -5.07 -31.22 -24.73
N GLU A 324 -5.95 -30.33 -25.17
CA GLU A 324 -7.38 -30.55 -25.01
C GLU A 324 -7.82 -31.77 -25.81
N ALA A 325 -7.27 -31.95 -27.00
CA ALA A 325 -7.55 -33.15 -27.77
C ALA A 325 -7.09 -34.40 -27.02
N ALA A 326 -5.91 -34.34 -26.41
CA ALA A 326 -5.41 -35.50 -25.70
C ALA A 326 -6.29 -35.86 -24.51
N LEU A 327 -6.74 -34.86 -23.75
CA LEU A 327 -7.57 -35.16 -22.59
C LEU A 327 -8.94 -35.67 -23.03
N ARG A 328 -9.50 -35.09 -24.09
CA ARG A 328 -10.74 -35.63 -24.63
C ARG A 328 -10.54 -37.06 -25.09
N ASP A 329 -9.37 -37.37 -25.66
CA ASP A 329 -9.06 -38.72 -26.07
C ASP A 329 -9.00 -39.66 -24.88
N ILE A 330 -8.44 -39.18 -23.76
CA ILE A 330 -8.41 -39.98 -22.54
C ILE A 330 -9.82 -40.30 -22.09
N PHE A 331 -10.66 -39.27 -22.02
CA PHE A 331 -12.04 -39.48 -21.59
C PHE A 331 -12.78 -40.43 -22.53
N ASN A 332 -12.58 -40.27 -23.84
CA ASN A 332 -13.25 -41.15 -24.80
C ASN A 332 -12.75 -42.58 -24.65
N GLU A 333 -11.46 -42.77 -24.40
CA GLU A 333 -10.93 -44.12 -24.25
C GLU A 333 -11.46 -44.76 -22.98
N ALA A 334 -11.68 -43.96 -21.94
CA ALA A 334 -12.36 -44.47 -20.76
C ALA A 334 -13.80 -44.83 -21.08
N ARG A 335 -14.49 -43.97 -21.83
CA ARG A 335 -15.90 -44.19 -22.11
C ARG A 335 -16.11 -45.47 -22.91
N LYS A 336 -15.27 -45.70 -23.91
CA LYS A 336 -15.42 -46.91 -24.70
C LYS A 336 -15.20 -48.15 -23.85
N TYR A 337 -14.22 -48.12 -22.95
CA TYR A 337 -13.96 -49.26 -22.06
C TYR A 337 -14.58 -49.03 -20.68
N GLN A 338 -15.90 -48.94 -20.64
CA GLN A 338 -16.58 -48.94 -19.37
C GLN A 338 -16.51 -50.35 -18.77
N PRO A 339 -16.39 -50.46 -17.43
CA PRO A 339 -16.29 -49.42 -16.41
C PRO A 339 -14.90 -48.80 -16.35
N SER A 340 -14.81 -47.53 -15.98
CA SER A 340 -13.53 -46.85 -16.01
C SER A 340 -13.47 -45.77 -14.95
N ILE A 341 -12.25 -45.45 -14.52
CA ILE A 341 -12.00 -44.41 -13.54
C ILE A 341 -10.98 -43.44 -14.12
N ILE A 342 -11.22 -42.16 -13.91
CA ILE A 342 -10.28 -41.12 -14.32
C ILE A 342 -9.68 -40.52 -13.07
N PHE A 343 -8.37 -40.66 -12.92
CA PHE A 343 -7.66 -40.14 -11.76
C PHE A 343 -7.02 -38.81 -12.12
N ILE A 344 -7.37 -37.77 -11.39
CA ILE A 344 -6.72 -36.47 -11.51
C ILE A 344 -6.03 -36.18 -10.20
N ASP A 345 -4.70 -36.11 -10.23
CA ASP A 345 -3.91 -35.74 -9.07
C ASP A 345 -3.53 -34.27 -9.16
N GLU A 346 -3.58 -33.59 -8.04
CA GLU A 346 -3.17 -32.19 -7.94
C GLU A 346 -3.95 -31.32 -8.95
N ILE A 347 -5.26 -31.22 -8.69
CA ILE A 347 -6.10 -30.33 -9.49
C ILE A 347 -5.60 -28.90 -9.40
N ASP A 348 -5.01 -28.53 -8.27
CA ASP A 348 -4.43 -27.20 -8.15
C ASP A 348 -3.38 -26.96 -9.23
N SER A 349 -2.76 -28.03 -9.73
CA SER A 349 -1.82 -27.93 -10.83
C SER A 349 -2.50 -28.07 -12.18
N ILE A 350 -3.82 -28.02 -12.21
CA ILE A 350 -4.56 -28.19 -13.46
C ILE A 350 -5.48 -27.01 -13.71
N ALA A 351 -6.40 -26.74 -12.79
CA ALA A 351 -7.43 -25.72 -12.98
C ALA A 351 -7.56 -24.82 -11.76
N PRO A 352 -6.55 -24.04 -11.46
CA PRO A 352 -6.73 -22.98 -10.44
C PRO A 352 -7.10 -21.64 -11.05
N ASN A 353 -8.13 -21.58 -11.89
CA ASN A 353 -8.32 -20.37 -12.69
C ASN A 353 -8.92 -19.21 -11.91
N ARG A 354 -9.29 -19.43 -10.65
CA ARG A 354 -9.84 -18.35 -9.84
C ARG A 354 -8.79 -17.30 -9.48
N ALA A 355 -7.54 -17.70 -9.31
CA ALA A 355 -6.50 -16.80 -8.84
C ALA A 355 -5.84 -16.09 -10.02
N ASN A 356 -4.82 -15.27 -9.71
CA ASN A 356 -4.13 -14.50 -10.73
C ASN A 356 -3.25 -15.36 -11.63
N ASP A 357 -2.83 -16.54 -11.16
CA ASP A 357 -1.97 -17.42 -11.95
C ASP A 357 -2.70 -18.08 -13.10
N ASP A 358 -3.96 -17.71 -13.35
CA ASP A 358 -4.75 -18.28 -14.43
C ASP A 358 -4.24 -17.73 -15.75
N SER A 359 -3.35 -18.48 -16.39
CA SER A 359 -2.87 -18.13 -17.72
C SER A 359 -3.97 -18.45 -18.73
N GLY A 360 -4.60 -17.41 -19.28
CA GLY A 360 -5.74 -17.63 -20.15
C GLY A 360 -5.45 -18.54 -21.32
N GLU A 361 -4.19 -18.57 -21.76
CA GLU A 361 -3.80 -19.52 -22.79
C GLU A 361 -3.77 -20.95 -22.25
N VAL A 362 -3.50 -21.12 -20.95
CA VAL A 362 -3.28 -22.46 -20.41
C VAL A 362 -4.33 -22.81 -19.38
N GLU A 363 -4.38 -22.07 -18.27
CA GLU A 363 -5.22 -22.45 -17.15
C GLU A 363 -6.70 -22.30 -17.49
N SER A 364 -7.08 -21.17 -18.09
CA SER A 364 -8.47 -20.95 -18.45
C SER A 364 -8.94 -22.00 -19.46
N ARG A 365 -8.09 -22.35 -20.42
CA ARG A 365 -8.48 -23.36 -21.39
C ARG A 365 -8.71 -24.70 -20.72
N VAL A 366 -7.87 -25.06 -19.76
CA VAL A 366 -7.99 -26.36 -19.12
C VAL A 366 -9.23 -26.42 -18.25
N VAL A 367 -9.50 -25.37 -17.47
CA VAL A 367 -10.73 -25.35 -16.68
C VAL A 367 -11.94 -25.36 -17.59
N ALA A 368 -11.86 -24.66 -18.72
CA ALA A 368 -12.98 -24.64 -19.65
C ALA A 368 -13.27 -26.03 -20.19
N THR A 369 -12.22 -26.77 -20.59
CA THR A 369 -12.49 -28.09 -21.16
C THR A 369 -12.91 -29.08 -20.10
N LEU A 370 -12.42 -28.91 -18.87
CA LEU A 370 -12.90 -29.73 -17.76
C LEU A 370 -14.40 -29.52 -17.57
N LEU A 371 -14.82 -28.27 -17.44
CA LEU A 371 -16.25 -27.97 -17.34
C LEU A 371 -17.00 -28.57 -18.52
N THR A 372 -16.48 -28.36 -19.73
CA THR A 372 -17.23 -28.71 -20.93
C THR A 372 -17.48 -30.21 -21.01
N LEU A 373 -16.47 -31.02 -20.72
CA LEU A 373 -16.73 -32.44 -20.84
C LEU A 373 -17.37 -33.02 -19.59
N MET A 374 -17.03 -32.48 -18.40
CA MET A 374 -17.71 -32.86 -17.17
C MET A 374 -19.20 -32.57 -17.24
N ASP A 375 -19.61 -31.67 -18.14
CA ASP A 375 -21.03 -31.39 -18.31
C ASP A 375 -21.80 -32.63 -18.71
N GLY A 376 -21.13 -33.63 -19.30
CA GLY A 376 -21.83 -34.85 -19.59
C GLY A 376 -20.99 -36.05 -19.92
N MET A 377 -21.27 -37.16 -19.23
CA MET A 377 -20.78 -38.47 -19.61
C MET A 377 -21.92 -39.47 -19.71
N GLY A 378 -23.15 -39.05 -19.43
CA GLY A 378 -24.29 -39.93 -19.54
C GLY A 378 -24.59 -40.66 -18.27
N ALA A 379 -25.80 -40.45 -17.75
CA ALA A 379 -26.20 -41.12 -16.51
C ALA A 379 -26.06 -42.63 -16.62
N ALA A 380 -26.21 -43.16 -17.82
CA ALA A 380 -26.03 -44.59 -18.02
C ALA A 380 -24.57 -44.99 -18.07
N GLY A 381 -23.65 -44.02 -18.19
CA GLY A 381 -22.25 -44.37 -18.29
C GLY A 381 -21.71 -44.96 -17.00
N LYS A 382 -20.79 -45.89 -17.14
CA LYS A 382 -20.07 -46.45 -15.99
C LYS A 382 -18.70 -45.80 -15.89
N VAL A 383 -18.68 -44.50 -15.62
CA VAL A 383 -17.43 -43.76 -15.50
C VAL A 383 -17.48 -42.97 -14.20
N VAL A 384 -16.30 -42.76 -13.60
CA VAL A 384 -16.17 -41.97 -12.39
C VAL A 384 -14.85 -41.21 -12.43
N VAL A 385 -14.88 -39.98 -11.96
CA VAL A 385 -13.71 -39.12 -11.87
C VAL A 385 -13.33 -39.00 -10.41
N ILE A 386 -12.08 -39.26 -10.07
CA ILE A 386 -11.59 -39.10 -8.70
C ILE A 386 -10.54 -38.02 -8.70
N ALA A 387 -10.54 -37.20 -7.66
CA ALA A 387 -9.72 -36.00 -7.63
C ALA A 387 -9.03 -35.88 -6.28
N ALA A 388 -7.78 -35.43 -6.30
CA ALA A 388 -7.00 -35.23 -5.08
C ALA A 388 -6.34 -33.86 -5.12
N THR A 389 -6.56 -33.06 -4.09
CA THR A 389 -5.93 -31.76 -3.96
C THR A 389 -5.37 -31.60 -2.56
N ASN A 390 -4.17 -31.03 -2.48
CA ASN A 390 -3.60 -30.70 -1.19
C ASN A 390 -4.26 -29.48 -0.56
N ARG A 391 -4.94 -28.67 -1.36
CA ARG A 391 -5.75 -27.60 -0.82
C ARG A 391 -6.95 -27.40 -1.74
N PRO A 392 -8.17 -27.50 -1.21
CA PRO A 392 -9.34 -27.42 -2.09
C PRO A 392 -9.65 -26.01 -2.56
N ASN A 393 -9.58 -25.03 -1.66
CA ASN A 393 -10.03 -23.69 -2.01
C ASN A 393 -9.23 -23.08 -3.15
N SER A 394 -8.04 -23.58 -3.41
CA SER A 394 -7.32 -23.16 -4.60
C SER A 394 -8.04 -23.57 -5.86
N VAL A 395 -8.79 -24.68 -5.81
CA VAL A 395 -9.62 -25.04 -6.94
C VAL A 395 -10.75 -24.02 -7.07
N ASP A 396 -10.99 -23.58 -8.29
CA ASP A 396 -12.01 -22.57 -8.53
C ASP A 396 -13.38 -23.11 -8.13
N PRO A 397 -14.29 -22.22 -7.72
CA PRO A 397 -15.65 -22.69 -7.40
C PRO A 397 -16.35 -23.32 -8.57
N ALA A 398 -15.91 -23.06 -9.80
CA ALA A 398 -16.61 -23.61 -10.96
C ALA A 398 -16.56 -25.13 -10.97
N LEU A 399 -15.40 -25.72 -10.66
CA LEU A 399 -15.34 -27.18 -10.65
C LEU A 399 -16.08 -27.77 -9.45
N ARG A 400 -16.23 -27.01 -8.37
CA ARG A 400 -16.87 -27.51 -7.17
C ARG A 400 -18.34 -27.13 -7.08
N ARG A 401 -18.93 -26.68 -8.18
CA ARG A 401 -20.37 -26.52 -8.24
C ARG A 401 -21.02 -27.90 -8.17
N PRO A 402 -22.27 -27.98 -7.71
CA PRO A 402 -22.96 -29.26 -7.71
C PRO A 402 -23.18 -29.76 -9.12
N GLY A 403 -23.48 -31.06 -9.23
CA GLY A 403 -23.65 -31.67 -10.53
C GLY A 403 -22.37 -31.90 -11.29
N ARG A 404 -21.29 -31.26 -10.88
CA ARG A 404 -19.95 -31.52 -11.36
C ARG A 404 -19.30 -32.43 -10.32
N PHE A 405 -17.99 -32.64 -10.41
CA PHE A 405 -17.38 -33.49 -9.40
C PHE A 405 -17.55 -32.77 -8.06
N ASP A 406 -18.46 -33.31 -7.23
CA ASP A 406 -18.85 -32.65 -6.00
C ASP A 406 -18.97 -33.58 -4.80
N GLN A 407 -18.95 -34.89 -4.96
CA GLN A 407 -18.84 -35.73 -3.78
C GLN A 407 -17.50 -35.49 -3.13
N GLU A 408 -17.48 -35.39 -1.81
CA GLU A 408 -16.28 -34.95 -1.11
C GLU A 408 -15.89 -35.98 -0.05
N VAL A 409 -14.61 -36.29 0.03
CA VAL A 409 -14.07 -37.12 1.10
C VAL A 409 -12.96 -36.32 1.78
N GLU A 410 -13.15 -36.00 3.05
CA GLU A 410 -12.25 -35.12 3.79
C GLU A 410 -11.28 -35.99 4.55
N ILE A 411 -10.13 -36.29 3.91
CA ILE A 411 -9.09 -37.09 4.54
C ILE A 411 -8.28 -36.12 5.40
N GLY A 412 -8.38 -36.25 6.72
CA GLY A 412 -7.81 -35.23 7.59
C GLY A 412 -6.66 -35.71 8.44
N ILE A 413 -6.07 -34.79 9.20
CA ILE A 413 -4.97 -35.09 10.11
C ILE A 413 -5.35 -36.26 11.00
N PRO A 414 -4.52 -37.27 11.15
CA PRO A 414 -4.86 -38.38 12.02
C PRO A 414 -4.89 -37.98 13.49
N ASP A 415 -5.86 -38.52 14.22
CA ASP A 415 -5.91 -38.34 15.66
C ASP A 415 -4.97 -39.34 16.35
N VAL A 416 -5.02 -39.37 17.67
CA VAL A 416 -4.11 -40.24 18.42
C VAL A 416 -4.37 -41.70 18.10
N ASP A 417 -5.64 -42.11 18.08
CA ASP A 417 -5.95 -43.49 17.72
C ASP A 417 -5.58 -43.77 16.28
N ALA A 418 -5.81 -42.81 15.40
CA ALA A 418 -5.41 -42.99 14.01
C ALA A 418 -3.90 -43.09 13.89
N ARG A 419 -3.18 -42.29 14.68
CA ARG A 419 -1.72 -42.39 14.66
C ARG A 419 -1.26 -43.75 15.13
N PHE A 420 -1.91 -44.29 16.17
CA PHE A 420 -1.57 -45.64 16.60
C PHE A 420 -1.85 -46.65 15.51
N ASP A 421 -2.96 -46.51 14.80
CA ASP A 421 -3.25 -47.43 13.72
C ASP A 421 -2.16 -47.39 12.66
N ILE A 422 -1.77 -46.19 12.25
CA ILE A 422 -0.75 -46.05 11.22
C ILE A 422 0.57 -46.67 11.69
N LEU A 423 0.94 -46.39 12.94
CA LEU A 423 2.20 -46.92 13.45
C LEU A 423 2.18 -48.44 13.52
N THR A 424 1.08 -49.02 14.00
CA THR A 424 1.03 -50.47 14.08
C THR A 424 1.16 -51.08 12.71
N LYS A 425 0.47 -50.52 11.71
CA LYS A 425 0.60 -51.07 10.37
C LYS A 425 2.02 -50.92 9.84
N GLN A 426 2.63 -49.75 10.05
CA GLN A 426 3.94 -49.51 9.49
C GLN A 426 4.99 -50.42 10.12
N PHE A 427 4.91 -50.62 11.43
CA PHE A 427 5.86 -51.50 12.09
C PHE A 427 5.52 -52.96 11.88
N SER A 428 4.30 -53.28 11.47
CA SER A 428 4.00 -54.63 11.06
C SER A 428 4.46 -54.91 9.65
N ARG A 429 4.70 -53.87 8.85
CA ARG A 429 5.29 -54.11 7.53
C ARG A 429 6.66 -54.76 7.66
N MET A 430 7.44 -54.35 8.65
CA MET A 430 8.65 -55.07 8.99
C MET A 430 8.32 -56.18 9.98
N SER A 431 9.02 -57.29 9.86
CA SER A 431 8.75 -58.42 10.73
C SER A 431 8.96 -58.02 12.18
N SER A 432 8.07 -58.53 13.06
CA SER A 432 8.05 -58.06 14.44
C SER A 432 9.32 -58.42 15.19
N ASP A 433 10.14 -59.32 14.65
CA ASP A 433 11.39 -59.65 15.31
C ASP A 433 12.29 -58.42 15.41
N ARG A 434 12.43 -57.70 14.30
CA ARG A 434 13.35 -56.57 14.23
C ARG A 434 12.79 -55.34 14.91
N HIS A 435 11.47 -55.29 15.09
CA HIS A 435 10.79 -54.17 15.70
C HIS A 435 10.45 -54.54 17.14
N VAL A 436 11.41 -54.33 18.04
CA VAL A 436 11.19 -54.70 19.45
C VAL A 436 10.57 -53.47 20.11
N LEU A 437 9.26 -53.33 19.90
CA LEU A 437 8.46 -52.31 20.58
C LEU A 437 7.12 -52.95 20.92
N ASP A 438 6.89 -53.18 22.21
CA ASP A 438 5.59 -53.64 22.64
C ASP A 438 4.54 -52.57 22.34
N SER A 439 3.29 -53.00 22.26
CA SER A 439 2.23 -52.09 21.89
C SER A 439 2.15 -50.88 22.82
N GLU A 440 2.63 -51.01 24.05
CA GLU A 440 2.70 -49.85 24.93
C GLU A 440 3.69 -48.81 24.40
N ALA A 441 4.81 -49.28 23.84
CA ALA A 441 5.76 -48.36 23.23
C ALA A 441 5.11 -47.61 22.08
N ILE A 442 4.28 -48.30 21.30
CA ILE A 442 3.60 -47.65 20.19
C ILE A 442 2.57 -46.63 20.71
N LYS A 443 1.81 -47.00 21.75
CA LYS A 443 1.05 -46.01 22.50
C LYS A 443 1.87 -44.76 22.74
N TYR A 444 3.05 -44.92 23.34
CA TYR A 444 3.83 -43.77 23.76
C TYR A 444 4.27 -42.93 22.57
N ILE A 445 4.79 -43.58 21.54
CA ILE A 445 5.30 -42.84 20.40
C ILE A 445 4.16 -42.16 19.67
N ALA A 446 2.99 -42.79 19.61
CA ALA A 446 1.84 -42.12 19.03
C ALA A 446 1.47 -40.91 19.87
N SER A 447 1.60 -41.02 21.19
CA SER A 447 1.26 -39.91 22.06
C SER A 447 2.16 -38.71 21.80
N LYS A 448 3.46 -38.95 21.61
CA LYS A 448 4.38 -37.85 21.43
C LYS A 448 4.49 -37.38 19.97
N THR A 449 3.60 -37.85 19.10
CA THR A 449 3.67 -37.46 17.70
C THR A 449 2.47 -36.62 17.32
N HIS A 450 2.15 -35.65 18.17
CA HIS A 450 0.94 -34.86 18.00
C HIS A 450 0.84 -34.29 16.59
N GLY A 451 1.79 -33.44 16.21
CA GLY A 451 1.65 -32.72 14.96
C GLY A 451 1.75 -33.59 13.72
N TYR A 452 2.42 -34.74 13.82
CA TYR A 452 2.81 -35.51 12.65
C TYR A 452 1.59 -35.95 11.84
N VAL A 453 1.72 -35.92 10.52
CA VAL A 453 0.63 -36.31 9.63
C VAL A 453 1.12 -37.38 8.67
N GLY A 454 0.48 -38.54 8.74
CA GLY A 454 0.51 -39.48 7.64
C GLY A 454 1.88 -39.90 7.19
N ALA A 455 2.28 -39.41 6.02
CA ALA A 455 3.57 -39.76 5.44
C ALA A 455 4.69 -39.49 6.43
N ASP A 456 4.55 -38.42 7.21
CA ASP A 456 5.56 -38.08 8.20
C ASP A 456 5.89 -39.29 9.05
N LEU A 457 4.86 -40.02 9.46
CA LEU A 457 5.08 -41.13 10.38
C LEU A 457 5.96 -42.18 9.73
N THR A 458 5.70 -42.48 8.45
CA THR A 458 6.57 -43.42 7.77
C THR A 458 7.99 -42.91 7.75
N ALA A 459 8.16 -41.62 7.48
CA ALA A 459 9.48 -41.01 7.57
C ALA A 459 10.10 -41.31 8.92
N LEU A 460 9.32 -41.11 9.99
CA LEU A 460 9.81 -41.42 11.32
C LEU A 460 10.32 -42.84 11.36
N CYS A 461 9.49 -43.79 10.94
CA CYS A 461 9.93 -45.18 10.93
C CYS A 461 11.20 -45.33 10.12
N ARG A 462 11.23 -44.72 8.94
CA ARG A 462 12.41 -44.80 8.10
C ARG A 462 13.62 -44.24 8.83
N GLU A 463 13.46 -43.07 9.45
CA GLU A 463 14.58 -42.50 10.18
C GLU A 463 15.02 -43.44 11.28
N SER A 464 14.07 -44.08 11.95
CA SER A 464 14.43 -45.04 12.98
C SER A 464 15.38 -46.07 12.41
N VAL A 465 15.01 -46.64 11.26
CA VAL A 465 15.89 -47.59 10.59
C VAL A 465 17.30 -47.02 10.50
N MET A 466 17.42 -45.82 9.91
CA MET A 466 18.73 -45.22 9.75
C MET A 466 19.46 -45.18 11.08
N LYS A 467 18.83 -44.64 12.11
CA LYS A 467 19.58 -44.48 13.34
C LYS A 467 19.90 -45.83 13.95
N THR A 468 19.03 -46.81 13.77
CA THR A 468 19.36 -48.15 14.22
C THR A 468 20.63 -48.63 13.52
N ILE A 469 20.70 -48.46 12.20
CA ILE A 469 21.91 -48.81 11.48
C ILE A 469 23.08 -48.04 12.05
N GLN A 470 22.87 -46.76 12.37
CA GLN A 470 23.97 -45.96 12.90
C GLN A 470 24.46 -46.52 14.23
N ARG A 471 23.55 -47.02 15.07
CA ARG A 471 24.00 -47.62 16.32
C ARG A 471 24.79 -48.89 16.05
N GLY A 472 24.50 -49.59 14.95
CA GLY A 472 25.33 -50.70 14.55
C GLY A 472 26.73 -50.25 14.19
N LEU A 473 26.87 -49.05 13.63
CA LEU A 473 28.16 -48.50 13.30
C LEU A 473 28.81 -47.77 14.46
N GLY A 474 28.01 -47.26 15.41
CA GLY A 474 28.56 -46.59 16.56
C GLY A 474 29.29 -47.51 17.52
N THR A 475 28.92 -48.80 17.53
CA THR A 475 29.68 -49.76 18.33
C THR A 475 31.02 -50.04 17.71
N ASP A 476 31.03 -50.53 16.47
CA ASP A 476 32.25 -50.72 15.71
C ASP A 476 31.88 -50.91 14.25
N ALA A 477 32.71 -50.37 13.35
CA ALA A 477 32.44 -50.44 11.93
C ALA A 477 32.41 -51.87 11.42
N ASN A 478 33.07 -52.80 12.12
CA ASN A 478 33.11 -54.19 11.68
C ASN A 478 31.76 -54.88 11.77
N ILE A 479 30.77 -54.28 12.43
CA ILE A 479 29.46 -54.92 12.55
C ILE A 479 28.73 -54.79 11.23
N ASP A 480 28.81 -55.81 10.40
CA ASP A 480 27.99 -55.95 9.21
C ASP A 480 26.81 -56.88 9.45
N LYS A 481 26.68 -57.42 10.66
CA LYS A 481 25.60 -58.34 10.96
C LYS A 481 24.26 -57.62 10.87
N PHE A 482 23.25 -58.34 10.40
CA PHE A 482 21.90 -57.80 10.23
C PHE A 482 21.12 -57.96 11.53
N SER A 483 19.81 -57.78 11.47
CA SER A 483 18.90 -58.08 12.58
C SER A 483 19.18 -57.22 13.79
N LEU A 484 19.83 -56.07 13.60
CA LEU A 484 19.88 -55.07 14.66
C LEU A 484 18.46 -54.55 14.90
N LYS A 485 17.92 -54.85 16.07
CA LYS A 485 16.56 -54.45 16.39
C LYS A 485 16.45 -52.94 16.43
N VAL A 486 15.27 -52.43 16.09
CA VAL A 486 14.95 -51.02 16.25
C VAL A 486 14.28 -50.86 17.60
N THR A 487 14.67 -49.84 18.35
CA THR A 487 14.23 -49.70 19.73
C THR A 487 13.58 -48.35 19.96
N LEU A 488 12.78 -48.29 21.01
CA LEU A 488 12.05 -47.06 21.36
C LEU A 488 13.00 -45.87 21.39
N LYS A 489 14.13 -46.02 22.08
CA LYS A 489 15.10 -44.94 22.18
C LYS A 489 15.49 -44.45 20.79
N ASP A 490 15.72 -45.37 19.87
CA ASP A 490 16.01 -44.97 18.49
C ASP A 490 14.84 -44.17 17.93
N VAL A 491 13.62 -44.50 18.32
CA VAL A 491 12.48 -43.81 17.74
C VAL A 491 12.41 -42.37 18.20
N GLU A 492 12.69 -42.10 19.49
CA GLU A 492 12.78 -40.67 19.84
C GLU A 492 14.00 -40.01 19.21
N SER A 493 15.13 -40.72 19.14
CA SER A 493 16.29 -40.12 18.50
C SER A 493 15.97 -39.71 17.08
N ALA A 494 15.07 -40.44 16.43
CA ALA A 494 14.58 -40.04 15.12
C ALA A 494 13.60 -38.88 15.24
N MET A 495 12.73 -38.92 16.26
CA MET A 495 11.74 -37.88 16.42
C MET A 495 12.37 -36.51 16.45
N VAL A 496 13.51 -36.39 17.16
CA VAL A 496 14.11 -35.07 17.35
C VAL A 496 14.58 -34.48 16.03
N ASP A 497 14.76 -35.30 15.00
CA ASP A 497 15.40 -34.83 13.77
C ASP A 497 14.49 -34.81 12.56
N ILE A 498 13.41 -35.59 12.52
CA ILE A 498 12.58 -35.61 11.33
C ILE A 498 11.75 -34.33 11.22
N ARG A 499 10.78 -34.15 12.11
CA ARG A 499 9.92 -32.98 12.24
C ARG A 499 9.68 -32.29 10.90
N PRO A 500 9.01 -32.96 9.96
CA PRO A 500 8.70 -32.30 8.70
C PRO A 500 7.36 -31.59 8.76
N SER A 501 6.92 -31.02 7.63
CA SER A 501 5.71 -30.22 7.59
C SER A 501 4.49 -31.07 7.97
N ALA A 502 3.81 -30.66 9.04
CA ALA A 502 2.57 -31.27 9.49
C ALA A 502 1.77 -30.19 10.17
N MET A 503 0.80 -30.57 10.99
CA MET A 503 -0.07 -29.55 11.58
C MET A 503 0.72 -28.75 12.62
N ARG A 504 1.02 -27.51 12.28
CA ARG A 504 1.30 -26.49 13.26
C ARG A 504 0.51 -25.23 12.96
N GLU A 505 -0.16 -25.17 11.81
CA GLU A 505 -1.09 -24.10 11.48
C GLU A 505 -2.52 -24.62 11.34
N ILE A 506 -2.86 -25.70 12.04
CA ILE A 506 -4.18 -26.28 11.97
C ILE A 506 -4.82 -26.20 13.36
N PHE A 507 -6.15 -26.13 13.39
CA PHE A 507 -6.88 -26.00 14.65
C PHE A 507 -6.48 -27.10 15.62
N LEU A 508 -6.11 -26.69 16.83
CA LEU A 508 -5.38 -27.55 17.74
C LEU A 508 -6.25 -28.68 18.28
N GLU A 509 -5.67 -29.87 18.36
CA GLU A 509 -6.24 -30.99 19.11
C GLU A 509 -5.47 -31.08 20.41
N MET A 510 -6.11 -30.75 21.52
CA MET A 510 -5.38 -30.59 22.75
C MET A 510 -5.11 -31.93 23.42
N PRO A 511 -4.12 -31.99 24.32
CA PRO A 511 -3.79 -33.26 24.98
C PRO A 511 -4.88 -33.74 25.91
N LYS A 512 -4.60 -34.81 26.62
CA LYS A 512 -5.57 -35.56 27.41
C LYS A 512 -5.37 -35.25 28.89
N VAL A 513 -6.40 -34.72 29.54
CA VAL A 513 -6.40 -34.48 30.98
C VAL A 513 -7.76 -34.90 31.53
N TYR A 514 -7.75 -35.52 32.70
CA TYR A 514 -8.99 -36.04 33.28
C TYR A 514 -9.52 -35.09 34.36
N TRP A 515 -10.70 -35.42 34.89
CA TRP A 515 -11.23 -34.66 36.01
C TRP A 515 -10.41 -34.87 37.27
N SER A 516 -9.70 -35.99 37.36
CA SER A 516 -8.87 -36.25 38.53
C SER A 516 -7.69 -35.31 38.59
N ASP A 517 -7.12 -34.95 37.44
CA ASP A 517 -5.99 -34.03 37.42
C ASP A 517 -6.38 -32.67 38.00
N ILE A 518 -7.56 -32.18 37.64
CA ILE A 518 -8.03 -30.91 38.18
C ILE A 518 -8.22 -31.05 39.67
N GLY A 519 -7.70 -30.08 40.42
CA GLY A 519 -7.83 -30.12 41.86
C GLY A 519 -9.13 -29.56 42.35
N GLY A 520 -9.99 -30.43 42.89
CA GLY A 520 -11.22 -29.95 43.48
C GLY A 520 -12.06 -29.21 42.48
N GLN A 521 -12.56 -28.05 42.90
CA GLN A 521 -13.48 -27.26 42.10
C GLN A 521 -14.67 -28.11 41.66
N GLU A 522 -15.20 -28.89 42.60
CA GLU A 522 -16.33 -29.77 42.29
C GLU A 522 -17.54 -28.98 41.85
N GLU A 523 -17.71 -27.76 42.38
CA GLU A 523 -18.83 -26.92 41.94
C GLU A 523 -18.71 -26.59 40.46
N LEU A 524 -17.53 -26.11 40.04
CA LEU A 524 -17.34 -25.77 38.64
C LEU A 524 -17.39 -27.01 37.76
N LYS A 525 -16.84 -28.13 38.25
CA LYS A 525 -16.89 -29.35 37.48
C LYS A 525 -18.32 -29.79 37.23
N THR A 526 -19.15 -29.75 38.27
CA THR A 526 -20.55 -30.10 38.12
C THR A 526 -21.25 -29.15 37.17
N LYS A 527 -21.01 -27.85 37.33
CA LYS A 527 -21.69 -26.87 36.48
C LYS A 527 -21.31 -27.06 35.03
N MET A 528 -20.03 -27.30 34.76
CA MET A 528 -19.61 -27.50 33.37
C MET A 528 -20.18 -28.78 32.82
N LYS A 529 -20.09 -29.87 33.58
CA LYS A 529 -20.65 -31.14 33.14
C LYS A 529 -22.09 -30.97 32.73
N GLU A 530 -22.89 -30.38 33.61
CA GLU A 530 -24.28 -30.13 33.27
C GLU A 530 -24.39 -29.25 32.05
N MET A 531 -24.02 -27.99 32.19
CA MET A 531 -24.34 -26.95 31.22
C MET A 531 -23.65 -27.15 29.88
N ILE A 532 -22.81 -28.16 29.72
CA ILE A 532 -22.30 -28.45 28.39
C ILE A 532 -22.73 -29.84 27.96
N GLN A 533 -22.36 -30.87 28.73
CA GLN A 533 -22.62 -32.23 28.28
C GLN A 533 -24.11 -32.53 28.26
N LEU A 534 -24.84 -32.13 29.30
CA LEU A 534 -26.26 -32.46 29.39
C LEU A 534 -27.10 -31.95 28.23
N PRO A 535 -27.00 -30.69 27.80
CA PRO A 535 -27.79 -30.27 26.64
C PRO A 535 -27.48 -31.05 25.38
N LEU A 536 -26.24 -31.48 25.19
CA LEU A 536 -25.92 -32.26 24.01
C LEU A 536 -26.38 -33.72 24.11
N GLU A 537 -26.74 -34.18 25.31
CA GLU A 537 -27.25 -35.53 25.49
C GLU A 537 -28.67 -35.54 26.03
N ALA A 538 -29.38 -34.44 25.87
CA ALA A 538 -30.77 -34.38 26.29
C ALA A 538 -31.62 -33.63 25.26
N SER A 539 -31.26 -33.74 23.98
CA SER A 539 -31.93 -32.94 22.96
C SER A 539 -33.42 -33.23 22.91
N GLU A 540 -33.80 -34.51 22.99
CA GLU A 540 -35.21 -34.85 22.96
C GLU A 540 -35.94 -34.27 24.17
N THR A 541 -35.29 -34.33 25.34
CA THR A 541 -35.93 -33.78 26.54
C THR A 541 -36.06 -32.27 26.46
N PHE A 542 -35.02 -31.59 25.96
CA PHE A 542 -35.09 -30.15 25.84
C PHE A 542 -36.16 -29.73 24.85
N ALA A 543 -36.24 -30.41 23.71
CA ALA A 543 -37.28 -30.08 22.74
C ALA A 543 -38.66 -30.36 23.31
N ARG A 544 -38.80 -31.45 24.06
CA ARG A 544 -40.09 -31.76 24.67
C ARG A 544 -40.53 -30.65 25.62
N LEU A 545 -39.59 -29.90 26.16
CA LEU A 545 -39.91 -28.89 27.15
C LEU A 545 -40.11 -27.51 26.55
N GLY A 546 -39.92 -27.35 25.24
CA GLY A 546 -40.12 -26.08 24.60
C GLY A 546 -39.03 -25.06 24.82
N ILE A 547 -37.83 -25.52 25.19
CA ILE A 547 -36.72 -24.65 25.53
C ILE A 547 -35.54 -25.03 24.66
N SER A 548 -34.95 -24.05 23.98
CA SER A 548 -33.74 -24.30 23.22
C SER A 548 -32.58 -24.54 24.16
N ALA A 549 -31.64 -25.37 23.72
CA ALA A 549 -30.50 -25.71 24.53
C ALA A 549 -29.61 -24.49 24.70
N PRO A 550 -28.82 -24.43 25.78
CA PRO A 550 -27.85 -23.34 25.93
C PRO A 550 -26.88 -23.33 24.76
N LYS A 551 -26.64 -22.14 24.21
CA LYS A 551 -25.88 -22.07 22.98
C LYS A 551 -24.42 -21.75 23.23
N GLY A 552 -24.11 -21.06 24.32
CA GLY A 552 -22.74 -20.71 24.56
C GLY A 552 -22.41 -20.29 25.98
N VAL A 553 -21.33 -20.86 26.51
CA VAL A 553 -20.89 -20.62 27.87
C VAL A 553 -19.53 -19.93 27.82
N LEU A 554 -19.39 -18.86 28.60
CA LEU A 554 -18.15 -18.10 28.66
C LEU A 554 -17.55 -18.23 30.05
N LEU A 555 -16.31 -18.69 30.10
CA LEU A 555 -15.57 -18.84 31.33
C LEU A 555 -14.66 -17.64 31.50
N TYR A 556 -14.70 -17.02 32.66
CA TYR A 556 -13.84 -15.87 32.96
C TYR A 556 -13.23 -16.05 34.33
N GLY A 557 -11.93 -15.80 34.44
CA GLY A 557 -11.24 -15.93 35.69
C GLY A 557 -9.84 -15.36 35.65
N PRO A 558 -9.25 -15.14 36.82
CA PRO A 558 -7.89 -14.65 36.86
C PRO A 558 -6.95 -15.65 36.24
N PRO A 559 -5.89 -15.18 35.59
CA PRO A 559 -4.97 -16.10 34.92
C PRO A 559 -4.36 -17.08 35.91
N GLY A 560 -4.23 -18.32 35.48
CA GLY A 560 -3.72 -19.37 36.30
C GLY A 560 -4.80 -20.29 36.84
N CYS A 561 -5.99 -19.77 37.08
CA CYS A 561 -7.09 -20.59 37.57
C CYS A 561 -7.57 -21.50 36.45
N SER A 562 -8.11 -22.64 36.83
CA SER A 562 -8.29 -23.73 35.87
C SER A 562 -9.41 -23.46 34.88
N LYS A 563 -9.06 -22.89 33.72
CA LYS A 563 -10.02 -22.67 32.65
C LYS A 563 -9.70 -23.52 31.43
N THR A 564 -8.50 -23.36 30.87
CA THR A 564 -8.11 -24.20 29.76
C THR A 564 -8.04 -25.64 30.19
N LEU A 565 -7.57 -25.88 31.41
CA LEU A 565 -7.52 -27.24 31.92
C LEU A 565 -8.93 -27.82 32.08
N THR A 566 -9.87 -27.00 32.55
CA THR A 566 -11.23 -27.49 32.71
C THR A 566 -11.86 -27.81 31.38
N ALA A 567 -11.66 -26.94 30.38
CA ALA A 567 -12.19 -27.22 29.06
C ALA A 567 -11.56 -28.48 28.49
N LYS A 568 -10.26 -28.65 28.68
CA LYS A 568 -9.59 -29.84 28.19
C LYS A 568 -10.13 -31.10 28.87
N ALA A 569 -10.41 -31.02 30.16
CA ALA A 569 -10.94 -32.17 30.86
C ALA A 569 -12.33 -32.53 30.34
N LEU A 570 -13.15 -31.51 30.11
CA LEU A 570 -14.46 -31.75 29.50
C LEU A 570 -14.30 -32.41 28.14
N ALA A 571 -13.34 -31.94 27.36
CA ALA A 571 -13.05 -32.56 26.07
C ALA A 571 -12.69 -34.03 26.23
N THR A 572 -11.80 -34.32 27.17
CA THR A 572 -11.25 -35.65 27.26
C THR A 572 -12.28 -36.65 27.75
N GLU A 573 -13.02 -36.32 28.80
CA GLU A 573 -13.96 -37.30 29.32
C GLU A 573 -15.37 -36.74 29.38
N SER A 574 -15.78 -36.15 28.26
CA SER A 574 -17.19 -36.05 27.93
C SER A 574 -17.54 -36.82 26.68
N GLY A 575 -16.56 -37.17 25.86
CA GLY A 575 -16.78 -37.98 24.69
C GLY A 575 -17.30 -37.23 23.49
N ILE A 576 -17.56 -35.95 23.62
CA ILE A 576 -18.09 -35.15 22.52
C ILE A 576 -16.94 -34.73 21.62
N ASN A 577 -17.21 -34.66 20.32
CA ASN A 577 -16.22 -34.08 19.42
C ASN A 577 -15.92 -32.67 19.87
N PHE A 578 -14.65 -32.30 19.84
CA PHE A 578 -14.19 -31.11 20.54
C PHE A 578 -13.14 -30.41 19.69
N LEU A 579 -13.53 -29.34 19.04
CA LEU A 579 -12.62 -28.56 18.22
C LEU A 579 -12.26 -27.30 18.97
N ALA A 580 -10.97 -27.03 19.13
CA ALA A 580 -10.52 -25.90 19.90
C ALA A 580 -9.58 -25.04 19.08
N VAL A 581 -9.70 -23.73 19.23
CA VAL A 581 -8.78 -22.79 18.60
C VAL A 581 -8.37 -21.73 19.60
N LYS A 582 -7.08 -21.42 19.61
CA LYS A 582 -6.58 -20.32 20.38
C LYS A 582 -7.02 -19.00 19.77
N GLY A 583 -6.96 -17.94 20.56
CA GLY A 583 -7.41 -16.66 20.12
C GLY A 583 -6.62 -16.13 18.96
N PRO A 584 -5.35 -15.80 19.19
CA PRO A 584 -4.55 -15.17 18.13
C PRO A 584 -4.38 -16.04 16.90
N GLU A 585 -4.46 -17.36 17.01
CA GLU A 585 -4.17 -18.20 15.86
C GLU A 585 -5.28 -18.14 14.82
N ILE A 586 -6.40 -17.50 15.15
CA ILE A 586 -7.49 -17.35 14.19
C ILE A 586 -7.63 -15.88 13.82
N PHE A 587 -7.21 -15.00 14.72
CA PHE A 587 -7.32 -13.56 14.44
C PHE A 587 -6.31 -13.12 13.39
N ASN A 588 -5.07 -13.60 13.47
CA ASN A 588 -4.04 -13.10 12.57
C ASN A 588 -4.39 -13.38 11.13
N LYS A 589 -4.27 -14.65 10.71
CA LYS A 589 -5.04 -15.23 9.61
C LYS A 589 -5.41 -14.22 8.53
N TYR A 590 -4.40 -13.65 7.86
CA TYR A 590 -4.52 -12.41 7.09
C TYR A 590 -5.79 -12.35 6.24
N VAL A 591 -6.26 -11.12 5.98
CA VAL A 591 -7.65 -10.80 5.66
C VAL A 591 -8.27 -11.80 4.70
N GLY A 592 -9.49 -12.23 5.01
CA GLY A 592 -10.16 -13.28 4.26
C GLY A 592 -9.94 -14.64 4.86
N GLU A 593 -8.68 -14.93 5.21
CA GLU A 593 -8.38 -16.20 5.87
C GLU A 593 -9.08 -16.31 7.22
N SER A 594 -9.28 -15.19 7.90
CA SER A 594 -9.96 -15.22 9.20
C SER A 594 -11.42 -15.63 9.05
N GLU A 595 -12.14 -14.96 8.13
CA GLU A 595 -13.54 -15.32 7.91
C GLU A 595 -13.65 -16.74 7.41
N ARG A 596 -12.73 -17.15 6.53
CA ARG A 596 -12.74 -18.52 6.04
C ARG A 596 -12.51 -19.50 7.18
N ALA A 597 -11.64 -19.14 8.12
CA ALA A 597 -11.34 -20.04 9.24
C ALA A 597 -12.56 -20.22 10.14
N ILE A 598 -13.23 -19.11 10.46
CA ILE A 598 -14.44 -19.23 11.26
C ILE A 598 -15.48 -20.05 10.52
N ARG A 599 -15.60 -19.82 9.21
CA ARG A 599 -16.57 -20.56 8.42
C ARG A 599 -16.29 -22.05 8.48
N GLU A 600 -15.02 -22.43 8.31
CA GLU A 600 -14.70 -23.85 8.24
C GLU A 600 -14.78 -24.50 9.60
N ILE A 601 -14.42 -23.78 10.67
CA ILE A 601 -14.54 -24.37 11.99
C ILE A 601 -16.00 -24.64 12.30
N PHE A 602 -16.89 -23.73 11.93
CA PHE A 602 -18.29 -23.98 12.22
C PHE A 602 -18.85 -25.08 11.33
N ARG A 603 -18.41 -25.14 10.07
CA ARG A 603 -18.85 -26.23 9.21
C ARG A 603 -18.42 -27.58 9.75
N LYS A 604 -17.18 -27.67 10.21
CA LYS A 604 -16.70 -28.92 10.78
C LYS A 604 -17.45 -29.26 12.06
N ALA A 605 -17.76 -28.25 12.87
CA ALA A 605 -18.52 -28.50 14.09
C ALA A 605 -19.89 -29.07 13.76
N ARG A 606 -20.55 -28.51 12.75
CA ARG A 606 -21.84 -29.02 12.34
C ARG A 606 -21.71 -30.43 11.78
N SER A 607 -20.62 -30.70 11.07
CA SER A 607 -20.47 -31.97 10.37
C SER A 607 -20.48 -33.14 11.35
N ALA A 608 -19.80 -33.02 12.48
CA ALA A 608 -19.63 -34.11 13.41
C ALA A 608 -20.39 -33.88 14.71
N ALA A 609 -21.61 -33.35 14.58
CA ALA A 609 -22.41 -33.08 15.77
C ALA A 609 -22.69 -34.36 16.53
N PRO A 610 -22.81 -34.30 17.86
CA PRO A 610 -22.65 -33.12 18.71
C PRO A 610 -21.20 -32.68 18.84
N SER A 611 -20.97 -31.40 19.10
CA SER A 611 -19.61 -30.87 19.13
C SER A 611 -19.53 -29.68 20.04
N ILE A 612 -18.32 -29.45 20.55
CA ILE A 612 -18.00 -28.30 21.38
C ILE A 612 -16.90 -27.52 20.67
N ILE A 613 -17.19 -26.27 20.34
CA ILE A 613 -16.20 -25.37 19.79
C ILE A 613 -15.65 -24.54 20.94
N PHE A 614 -14.38 -24.76 21.24
CA PHE A 614 -13.71 -24.05 22.32
C PHE A 614 -12.90 -22.91 21.75
N PHE A 615 -13.15 -21.73 22.25
CA PHE A 615 -12.49 -20.51 21.82
C PHE A 615 -11.65 -20.02 22.97
N ASP A 616 -10.36 -20.36 22.97
CA ASP A 616 -9.49 -19.89 24.03
C ASP A 616 -9.09 -18.46 23.73
N GLU A 617 -9.27 -17.58 24.72
CA GLU A 617 -8.89 -16.18 24.61
C GLU A 617 -9.61 -15.47 23.46
N ILE A 618 -10.93 -15.36 23.61
CA ILE A 618 -11.71 -14.47 22.75
C ILE A 618 -11.20 -13.03 22.83
N ASP A 619 -10.46 -12.71 23.88
CA ASP A 619 -9.84 -11.40 23.97
C ASP A 619 -9.13 -11.01 22.69
N ALA A 620 -8.57 -11.99 21.97
CA ALA A 620 -7.90 -11.69 20.72
C ALA A 620 -8.85 -11.12 19.69
N LEU A 621 -10.05 -11.71 19.58
CA LEU A 621 -11.03 -11.26 18.59
C LEU A 621 -11.86 -10.12 19.18
N SER A 622 -11.19 -8.99 19.39
CA SER A 622 -11.78 -7.85 20.08
C SER A 622 -11.81 -6.64 19.15
N PRO A 623 -12.98 -6.02 18.92
CA PRO A 623 -13.05 -4.84 18.06
C PRO A 623 -12.81 -3.53 18.81
N ASP A 624 -12.21 -3.62 20.00
CA ASP A 624 -12.07 -2.48 20.91
C ASP A 624 -10.73 -1.78 20.74
N ARG A 625 -10.25 -1.66 19.50
CA ARG A 625 -9.00 -1.02 19.17
C ARG A 625 -9.25 0.10 18.16
N ASP A 626 -8.16 0.63 17.60
CA ASP A 626 -8.23 1.77 16.70
C ASP A 626 -8.82 1.33 15.35
N GLY A 627 -8.77 2.24 14.36
CA GLY A 627 -9.38 1.99 13.07
C GLY A 627 -8.82 0.78 12.36
N SER A 628 -7.59 0.37 12.67
CA SER A 628 -7.03 -0.84 12.06
C SER A 628 -7.86 -2.07 12.42
N SER A 629 -8.51 -2.05 13.58
CA SER A 629 -9.40 -3.15 13.96
C SER A 629 -10.67 -3.17 13.12
N THR A 630 -11.06 -2.04 12.53
CA THR A 630 -12.28 -2.00 11.73
C THR A 630 -12.19 -2.89 10.49
N SER A 631 -10.99 -3.11 9.96
CA SER A 631 -10.81 -3.96 8.79
C SER A 631 -10.47 -5.40 9.15
N ALA A 632 -10.09 -5.67 10.39
CA ALA A 632 -9.75 -7.03 10.81
C ALA A 632 -10.65 -7.54 11.92
N ALA A 633 -10.80 -6.79 13.01
CA ALA A 633 -11.56 -7.29 14.16
C ALA A 633 -13.06 -7.24 13.88
N ASN A 634 -13.54 -6.18 13.23
CA ASN A 634 -14.98 -6.07 12.98
C ASN A 634 -15.46 -7.17 12.05
N HIS A 635 -14.70 -7.47 11.00
CA HIS A 635 -15.11 -8.50 10.06
C HIS A 635 -15.19 -9.86 10.72
N VAL A 636 -14.18 -10.22 11.51
CA VAL A 636 -14.18 -11.53 12.16
C VAL A 636 -15.26 -11.59 13.21
N LEU A 637 -15.49 -10.49 13.93
CA LEU A 637 -16.54 -10.46 14.93
C LEU A 637 -17.90 -10.67 14.30
N THR A 638 -18.16 -9.99 13.18
CA THR A 638 -19.48 -10.14 12.57
C THR A 638 -19.65 -11.51 11.94
N SER A 639 -18.56 -12.11 11.44
CA SER A 639 -18.67 -13.49 10.97
C SER A 639 -19.00 -14.42 12.12
N LEU A 640 -18.37 -14.23 13.26
CA LEU A 640 -18.65 -15.08 14.41
C LEU A 640 -20.09 -14.91 14.87
N LEU A 641 -20.58 -13.66 14.89
CA LEU A 641 -21.97 -13.42 15.25
C LEU A 641 -22.93 -14.10 14.30
N ASN A 642 -22.69 -13.94 13.00
CA ASN A 642 -23.58 -14.50 12.00
C ASN A 642 -23.60 -16.01 12.06
N GLU A 643 -22.49 -16.63 12.44
CA GLU A 643 -22.52 -18.08 12.60
C GLU A 643 -23.18 -18.48 13.93
N ILE A 644 -22.95 -17.72 14.99
CA ILE A 644 -23.51 -18.07 16.29
C ILE A 644 -25.03 -18.04 16.23
N ASP A 645 -25.60 -16.97 15.70
CA ASP A 645 -27.05 -16.88 15.68
C ASP A 645 -27.61 -17.81 14.60
N GLY A 646 -28.92 -17.81 14.48
CA GLY A 646 -29.59 -18.75 13.60
C GLY A 646 -29.56 -20.17 14.16
N VAL A 647 -30.21 -20.35 15.31
CA VAL A 647 -30.16 -21.62 16.03
C VAL A 647 -30.88 -22.75 15.29
N GLU A 648 -31.66 -22.43 14.26
CA GLU A 648 -32.38 -23.48 13.55
C GLU A 648 -31.42 -24.49 12.93
N GLU A 649 -30.31 -24.01 12.38
CA GLU A 649 -29.29 -24.88 11.81
C GLU A 649 -28.25 -25.30 12.83
N LEU A 650 -28.36 -24.85 14.08
CA LEU A 650 -27.42 -25.18 15.13
C LEU A 650 -28.15 -25.96 16.22
N LYS A 651 -27.96 -27.27 16.25
CA LYS A 651 -28.60 -28.08 17.28
C LYS A 651 -27.64 -28.94 18.07
N GLY A 652 -26.58 -29.43 17.45
CA GLY A 652 -25.62 -30.23 18.17
C GLY A 652 -24.29 -29.53 18.32
N VAL A 653 -24.33 -28.23 18.60
CA VAL A 653 -23.12 -27.42 18.72
C VAL A 653 -23.23 -26.58 19.98
N VAL A 654 -22.20 -26.61 20.81
CA VAL A 654 -22.11 -25.72 21.96
C VAL A 654 -20.79 -24.98 21.87
N ILE A 655 -20.83 -23.68 22.10
CA ILE A 655 -19.66 -22.81 21.97
C ILE A 655 -19.23 -22.42 23.37
N VAL A 656 -18.01 -22.81 23.74
CA VAL A 656 -17.45 -22.51 25.05
C VAL A 656 -16.24 -21.61 24.83
N ALA A 657 -16.30 -20.40 25.35
CA ALA A 657 -15.21 -19.46 25.22
C ALA A 657 -14.54 -19.27 26.57
N ALA A 658 -13.28 -18.86 26.54
CA ALA A 658 -12.52 -18.62 27.76
C ALA A 658 -11.85 -17.27 27.66
N THR A 659 -11.76 -16.58 28.79
CA THR A 659 -11.16 -15.25 28.80
C THR A 659 -10.62 -14.95 30.18
N ASN A 660 -9.60 -14.09 30.21
CA ASN A 660 -9.13 -13.48 31.44
C ASN A 660 -9.29 -11.97 31.41
N ARG A 661 -9.83 -11.43 30.33
CA ARG A 661 -10.06 -9.99 30.16
C ARG A 661 -11.48 -9.82 29.68
N PRO A 662 -12.47 -10.16 30.51
CA PRO A 662 -13.83 -10.26 30.01
C PRO A 662 -14.42 -8.99 29.43
N ASP A 663 -13.99 -7.82 29.88
CA ASP A 663 -14.65 -6.60 29.41
C ASP A 663 -14.39 -6.37 27.93
N GLU A 664 -13.18 -6.66 27.47
CA GLU A 664 -12.83 -6.38 26.09
C GLU A 664 -13.42 -7.40 25.13
N ILE A 665 -14.38 -8.18 25.60
CA ILE A 665 -15.18 -9.01 24.72
C ILE A 665 -16.38 -8.16 24.29
N ASP A 666 -16.56 -8.00 22.99
CA ASP A 666 -17.56 -7.05 22.53
C ASP A 666 -18.94 -7.45 23.03
N ALA A 667 -19.67 -6.48 23.57
CA ALA A 667 -20.92 -6.80 24.23
C ALA A 667 -21.92 -7.44 23.29
N ALA A 668 -21.72 -7.33 21.98
CA ALA A 668 -22.61 -7.99 21.04
C ALA A 668 -22.48 -9.50 21.10
N LEU A 669 -21.45 -10.01 21.75
CA LEU A 669 -21.20 -11.45 21.82
C LEU A 669 -21.60 -12.04 23.17
N LEU A 670 -21.94 -11.21 24.14
CA LEU A 670 -22.39 -11.67 25.45
C LEU A 670 -23.84 -11.32 25.73
N ARG A 671 -24.59 -10.97 24.69
CA ARG A 671 -26.00 -10.68 24.85
C ARG A 671 -26.79 -11.97 24.92
N PRO A 672 -27.99 -11.93 25.50
CA PRO A 672 -28.82 -13.12 25.56
C PRO A 672 -29.09 -13.67 24.18
N GLY A 673 -29.34 -14.99 24.12
CA GLY A 673 -29.52 -15.68 22.88
C GLY A 673 -28.23 -16.07 22.21
N ARG A 674 -27.10 -15.79 22.84
CA ARG A 674 -25.78 -15.97 22.25
C ARG A 674 -24.88 -16.50 23.37
N LEU A 675 -23.60 -16.25 23.26
CA LEU A 675 -22.66 -16.73 24.26
C LEU A 675 -22.99 -16.01 25.56
N ASP A 676 -23.85 -16.61 26.39
CA ASP A 676 -24.51 -15.84 27.44
C ASP A 676 -24.33 -16.38 28.85
N ARG A 677 -24.31 -17.70 29.02
CA ARG A 677 -23.95 -18.27 30.31
C ARG A 677 -22.54 -17.83 30.67
N HIS A 678 -22.37 -17.23 31.84
CA HIS A 678 -21.06 -16.84 32.33
C HIS A 678 -20.75 -17.63 33.59
N ILE A 679 -19.64 -18.35 33.59
CA ILE A 679 -19.19 -19.11 34.74
C ILE A 679 -17.87 -18.52 35.20
N TYR A 680 -17.78 -18.20 36.48
CA TYR A 680 -16.61 -17.55 37.05
C TYR A 680 -15.75 -18.58 37.75
N VAL A 681 -14.51 -18.72 37.30
CA VAL A 681 -13.64 -19.78 37.81
C VAL A 681 -13.01 -19.35 39.12
N GLY A 682 -12.24 -18.27 39.10
CA GLY A 682 -11.75 -17.65 40.31
C GLY A 682 -10.69 -18.45 41.03
N PRO A 683 -9.99 -17.79 41.95
CA PRO A 683 -8.93 -18.45 42.69
C PRO A 683 -9.45 -19.64 43.48
N PRO A 684 -8.70 -20.73 43.52
CA PRO A 684 -9.22 -21.95 44.15
C PRO A 684 -9.40 -21.78 45.65
N ASP A 685 -10.40 -22.48 46.17
CA ASP A 685 -10.64 -22.51 47.60
C ASP A 685 -9.69 -23.49 48.27
N VAL A 686 -9.71 -23.49 49.61
CA VAL A 686 -8.67 -24.19 50.36
C VAL A 686 -8.66 -25.68 50.02
N ASN A 687 -9.83 -26.29 49.85
CA ASN A 687 -9.88 -27.70 49.52
C ASN A 687 -9.23 -27.95 48.17
N ALA A 688 -9.54 -27.12 47.19
CA ALA A 688 -8.95 -27.27 45.87
C ALA A 688 -7.43 -27.09 45.91
N ARG A 689 -6.97 -26.13 46.71
CA ARG A 689 -5.54 -25.92 46.82
C ARG A 689 -4.87 -27.13 47.43
N LEU A 690 -5.46 -27.70 48.47
CA LEU A 690 -4.89 -28.90 49.07
C LEU A 690 -4.85 -30.04 48.08
N GLU A 691 -5.90 -30.17 47.27
CA GLU A 691 -5.91 -31.21 46.25
C GLU A 691 -4.79 -31.00 45.23
N ILE A 692 -4.56 -29.75 44.84
CA ILE A 692 -3.50 -29.47 43.88
C ILE A 692 -2.16 -29.87 44.47
N LEU A 693 -1.94 -29.51 45.73
CA LEU A 693 -0.73 -29.93 46.42
C LEU A 693 -0.58 -31.45 46.34
N LYS A 694 -1.62 -32.18 46.76
CA LYS A 694 -1.51 -33.64 46.78
C LYS A 694 -1.25 -34.20 45.39
N LYS A 695 -1.71 -33.50 44.34
CA LYS A 695 -1.45 -33.98 43.00
C LYS A 695 0.00 -33.73 42.60
N CYS A 696 0.57 -32.60 43.03
CA CYS A 696 1.90 -32.23 42.58
C CYS A 696 3.00 -32.57 43.57
N THR A 697 2.67 -32.87 44.82
CA THR A 697 3.67 -33.22 45.82
C THR A 697 3.77 -34.72 46.04
N LYS A 698 3.06 -35.52 45.27
CA LYS A 698 2.99 -36.95 45.56
C LYS A 698 4.31 -37.64 45.26
N LYS A 699 5.02 -37.20 44.23
CA LYS A 699 6.20 -37.94 43.80
C LYS A 699 7.34 -37.84 44.80
N PHE A 700 7.46 -36.73 45.51
CA PHE A 700 8.46 -36.61 46.56
C PHE A 700 7.81 -36.68 47.92
N ASN A 701 8.47 -37.39 48.83
CA ASN A 701 7.84 -37.81 50.08
C ASN A 701 7.37 -36.62 50.88
N THR A 702 6.15 -36.69 51.38
CA THR A 702 5.53 -35.57 52.08
C THR A 702 5.18 -35.91 53.52
N GLU A 703 4.39 -36.96 53.75
CA GLU A 703 4.01 -37.30 55.12
C GLU A 703 5.21 -37.74 55.94
N GLU A 704 6.09 -38.55 55.35
CA GLU A 704 7.29 -39.03 55.99
C GLU A 704 8.47 -38.08 55.82
N SER A 705 8.23 -36.87 55.34
CA SER A 705 9.23 -35.81 55.36
C SER A 705 8.91 -34.74 56.40
N GLY A 706 7.80 -34.87 57.12
CA GLY A 706 7.47 -33.94 58.18
C GLY A 706 6.75 -32.68 57.76
N VAL A 707 6.33 -32.58 56.50
CA VAL A 707 5.58 -31.42 56.03
C VAL A 707 4.12 -31.81 55.88
N ASP A 708 3.25 -31.04 56.52
CA ASP A 708 1.81 -31.28 56.46
C ASP A 708 1.17 -30.25 55.52
N LEU A 709 0.49 -30.76 54.50
CA LEU A 709 0.01 -29.92 53.41
C LEU A 709 -1.03 -28.92 53.85
N HIS A 710 -1.65 -29.09 55.01
CA HIS A 710 -2.74 -28.19 55.39
C HIS A 710 -2.23 -26.81 55.76
N GLU A 711 -1.08 -26.74 56.42
CA GLU A 711 -0.54 -25.41 56.73
C GLU A 711 -0.10 -24.71 55.45
N LEU A 712 0.43 -25.46 54.49
CA LEU A 712 0.71 -24.87 53.19
C LEU A 712 -0.56 -24.37 52.55
N ALA A 713 -1.63 -25.17 52.60
CA ALA A 713 -2.87 -24.82 51.93
C ALA A 713 -3.48 -23.56 52.53
N ASP A 714 -3.51 -23.46 53.85
CA ASP A 714 -4.09 -22.26 54.44
C ASP A 714 -3.12 -21.10 54.45
N ARG A 715 -1.84 -21.34 54.16
CA ARG A 715 -0.88 -20.27 54.01
C ARG A 715 -0.85 -19.69 52.62
N THR A 716 -1.32 -20.44 51.61
CA THR A 716 -1.27 -20.01 50.23
C THR A 716 -2.56 -19.36 49.76
N GLU A 717 -3.29 -18.69 50.65
CA GLU A 717 -4.54 -18.05 50.26
C GLU A 717 -4.26 -16.96 49.25
N GLY A 718 -4.98 -17.01 48.13
CA GLY A 718 -4.88 -16.02 47.09
C GLY A 718 -4.04 -16.42 45.91
N TYR A 719 -3.19 -17.42 46.05
CA TYR A 719 -2.42 -17.89 44.90
C TYR A 719 -3.34 -18.51 43.87
N SER A 720 -3.18 -18.12 42.61
CA SER A 720 -3.88 -18.86 41.58
C SER A 720 -3.22 -20.22 41.38
N GLY A 721 -3.98 -21.16 40.86
CA GLY A 721 -3.52 -22.54 40.82
C GLY A 721 -2.17 -22.69 40.14
N ALA A 722 -1.90 -21.84 39.15
CA ALA A 722 -0.59 -21.83 38.54
C ALA A 722 0.49 -21.52 39.57
N GLU A 723 0.24 -20.55 40.44
CA GLU A 723 1.21 -20.25 41.48
C GLU A 723 1.34 -21.39 42.46
N VAL A 724 0.29 -22.19 42.66
CA VAL A 724 0.43 -23.32 43.57
C VAL A 724 1.34 -24.37 42.97
N VAL A 725 1.13 -24.70 41.70
CA VAL A 725 2.00 -25.70 41.11
C VAL A 725 3.41 -25.16 40.97
N LEU A 726 3.56 -23.86 40.76
CA LEU A 726 4.89 -23.27 40.73
C LEU A 726 5.54 -23.29 42.10
N LEU A 727 4.75 -23.16 43.16
CA LEU A 727 5.31 -23.28 44.49
C LEU A 727 5.86 -24.67 44.71
N CYS A 728 5.11 -25.67 44.27
CA CYS A 728 5.63 -27.03 44.37
C CYS A 728 6.91 -27.20 43.56
N GLN A 729 6.93 -26.65 42.34
CA GLN A 729 8.12 -26.78 41.51
C GLN A 729 9.32 -26.10 42.14
N GLU A 730 9.12 -24.91 42.70
CA GLU A 730 10.23 -24.20 43.32
C GLU A 730 10.70 -24.90 44.57
N ALA A 731 9.79 -25.56 45.28
CA ALA A 731 10.19 -26.38 46.42
C ALA A 731 11.10 -27.51 45.96
N GLY A 732 10.73 -28.18 44.88
CA GLY A 732 11.61 -29.21 44.34
C GLY A 732 12.94 -28.64 43.90
N LEU A 733 12.91 -27.41 43.38
CA LEU A 733 14.15 -26.78 42.96
C LEU A 733 15.05 -26.50 44.15
N ALA A 734 14.48 -26.17 45.30
CA ALA A 734 15.29 -26.06 46.51
C ALA A 734 15.80 -27.43 46.96
N ALA A 735 14.99 -28.46 46.77
CA ALA A 735 15.44 -29.81 47.10
C ALA A 735 16.69 -30.15 46.31
N ILE A 736 16.71 -29.80 45.04
CA ILE A 736 17.91 -30.08 44.25
C ILE A 736 18.99 -29.01 44.44
N MET A 737 18.60 -27.83 44.92
CA MET A 737 19.56 -26.87 45.46
C MET A 737 20.50 -27.55 46.43
N GLU A 738 19.94 -28.06 47.51
CA GLU A 738 20.77 -28.51 48.62
C GLU A 738 21.47 -29.84 48.36
N ASP A 739 21.02 -30.63 47.39
CA ASP A 739 21.63 -31.92 47.12
C ASP A 739 21.27 -32.39 45.73
N LEU A 740 22.21 -33.03 45.06
CA LEU A 740 21.99 -33.45 43.68
C LEU A 740 21.08 -34.67 43.59
N ASP A 741 21.22 -35.60 44.52
CA ASP A 741 20.46 -36.86 44.48
C ASP A 741 19.54 -37.03 45.69
N VAL A 742 19.01 -35.92 46.21
CA VAL A 742 18.13 -35.99 47.36
C VAL A 742 16.83 -36.70 46.96
N ALA A 743 16.19 -37.32 47.94
CA ALA A 743 14.91 -37.99 47.75
C ALA A 743 13.97 -37.64 48.89
N LYS A 744 14.00 -36.39 49.32
CA LYS A 744 13.25 -35.97 50.49
C LYS A 744 13.15 -34.46 50.47
N VAL A 745 11.97 -33.94 50.83
CA VAL A 745 11.71 -32.52 50.74
C VAL A 745 11.20 -32.03 52.09
N GLU A 746 11.91 -31.06 52.68
CA GLU A 746 11.61 -30.56 54.00
C GLU A 746 10.76 -29.29 53.92
N LEU A 747 10.27 -28.86 55.07
CA LEU A 747 9.42 -27.68 55.13
C LEU A 747 10.21 -26.42 54.78
N ARG A 748 11.49 -26.38 55.14
CA ARG A 748 12.29 -25.17 54.88
C ARG A 748 12.38 -24.89 53.39
N HIS A 749 12.39 -25.94 52.56
CA HIS A 749 12.39 -25.74 51.12
C HIS A 749 11.12 -25.03 50.69
N PHE A 750 9.98 -25.49 51.19
CA PHE A 750 8.72 -24.83 50.90
C PHE A 750 8.71 -23.41 51.43
N GLU A 751 9.37 -23.17 52.56
CA GLU A 751 9.41 -21.81 53.09
C GLU A 751 10.18 -20.89 52.18
N LYS A 752 11.33 -21.35 51.67
CA LYS A 752 12.08 -20.54 50.73
C LYS A 752 11.26 -20.28 49.47
N ALA A 753 10.59 -21.31 48.96
CA ALA A 753 9.75 -21.13 47.78
C ALA A 753 8.66 -20.10 48.05
N PHE A 754 7.97 -20.23 49.18
CA PHE A 754 6.87 -19.32 49.50
C PHE A 754 7.35 -17.90 49.63
N LYS A 755 8.57 -17.72 50.14
CA LYS A 755 9.15 -16.38 50.15
C LYS A 755 9.38 -15.89 48.73
N GLY A 756 9.81 -16.78 47.84
CA GLY A 756 10.16 -16.36 46.51
C GLY A 756 9.01 -16.02 45.58
N ILE A 757 7.82 -16.57 45.82
CA ILE A 757 6.69 -16.44 44.90
C ILE A 757 5.82 -15.30 45.36
N ALA A 758 5.45 -14.42 44.44
CA ALA A 758 4.64 -13.26 44.75
C ALA A 758 3.24 -13.44 44.21
N ARG A 759 2.26 -12.96 44.97
CA ARG A 759 0.86 -13.07 44.58
C ARG A 759 0.62 -12.42 43.23
N GLY A 760 -0.09 -13.12 42.36
CA GLY A 760 -0.40 -12.62 41.04
C GLY A 760 -1.81 -12.12 40.85
N ILE A 761 -2.65 -12.22 41.86
CA ILE A 761 -4.05 -11.78 41.77
C ILE A 761 -4.21 -10.66 42.79
N THR A 762 -4.03 -9.43 42.33
CA THR A 762 -4.22 -8.29 43.21
C THR A 762 -5.72 -8.13 43.51
N PRO A 763 -6.05 -7.52 44.64
CA PRO A 763 -7.47 -7.22 44.90
C PRO A 763 -8.09 -6.35 43.84
N GLU A 764 -7.28 -5.56 43.12
CA GLU A 764 -7.80 -4.85 41.96
C GLU A 764 -8.41 -5.82 40.95
N MET A 765 -7.68 -6.89 40.63
CA MET A 765 -8.18 -7.84 39.65
C MET A 765 -9.43 -8.55 40.15
N LEU A 766 -9.47 -8.94 41.42
CA LEU A 766 -10.67 -9.55 41.95
C LEU A 766 -11.85 -8.61 41.81
N SER A 767 -11.75 -7.41 42.38
CA SER A 767 -12.85 -6.46 42.33
C SER A 767 -13.29 -6.21 40.89
N TYR A 768 -12.33 -6.21 39.98
CA TYR A 768 -12.64 -6.18 38.56
C TYR A 768 -13.54 -7.32 38.14
N TYR A 769 -13.27 -8.52 38.62
CA TYR A 769 -14.07 -9.65 38.17
C TYR A 769 -15.47 -9.63 38.78
N GLU A 770 -15.62 -9.25 40.05
CA GLU A 770 -17.01 -9.13 40.50
C GLU A 770 -17.74 -7.98 39.83
N GLU A 771 -17.06 -6.86 39.54
CA GLU A 771 -17.80 -5.79 38.88
C GLU A 771 -18.17 -6.15 37.46
N PHE A 772 -17.44 -7.07 36.83
CA PHE A 772 -17.95 -7.64 35.60
C PHE A 772 -19.06 -8.66 35.85
N ALA A 773 -19.04 -9.31 37.01
CA ALA A 773 -20.11 -10.25 37.32
C ALA A 773 -21.45 -9.55 37.43
N LEU A 774 -21.48 -8.38 38.06
CA LEU A 774 -22.75 -7.64 38.18
C LEU A 774 -23.29 -7.23 36.82
N ARG A 775 -22.42 -6.77 35.92
CA ARG A 775 -22.85 -6.36 34.59
C ARG A 775 -23.14 -7.55 33.67
N SER A 776 -22.85 -8.77 34.12
CA SER A 776 -22.93 -9.94 33.26
C SER A 776 -24.38 -10.23 32.87
N GLY A 777 -24.57 -11.27 32.06
CA GLY A 777 -25.88 -11.62 31.50
C GLY A 777 -26.52 -12.79 32.23
N SER A 778 -25.80 -13.91 32.37
CA SER A 778 -26.34 -15.11 32.99
C SER A 778 -25.33 -15.70 33.97
N SER A 779 -25.86 -16.33 35.02
CA SER A 779 -25.07 -17.01 36.03
C SER A 779 -24.01 -16.08 36.64
N SER A 780 -24.43 -14.87 36.98
CA SER A 780 -23.55 -13.89 37.61
C SER A 780 -22.99 -14.41 38.93
N PRO B 239 46.15 -31.39 -11.57
CA PRO B 239 44.84 -31.83 -11.09
C PRO B 239 44.93 -32.61 -9.79
N GLU B 240 45.13 -31.89 -8.69
CA GLU B 240 45.18 -32.54 -7.38
C GLU B 240 43.81 -33.08 -7.02
N PRO B 241 43.69 -34.32 -6.58
CA PRO B 241 42.36 -34.89 -6.29
C PRO B 241 41.87 -34.44 -4.93
N LEU B 242 40.65 -33.95 -4.88
CA LEU B 242 40.11 -33.48 -3.61
C LEU B 242 39.85 -34.65 -2.67
N SER B 243 40.14 -34.46 -1.40
CA SER B 243 39.95 -35.48 -0.40
C SER B 243 39.33 -34.85 0.84
N TYR B 244 38.89 -35.70 1.77
CA TYR B 244 38.26 -35.18 2.97
C TYR B 244 39.24 -34.46 3.87
N ALA B 245 40.54 -34.64 3.66
CA ALA B 245 41.51 -33.82 4.37
C ALA B 245 41.39 -32.36 3.98
N ALA B 246 40.94 -32.07 2.75
CA ALA B 246 40.78 -30.69 2.35
C ALA B 246 39.60 -30.04 3.06
N VAL B 247 38.49 -30.76 3.18
CA VAL B 247 37.36 -30.24 3.94
C VAL B 247 37.79 -30.08 5.39
N GLY B 248 37.28 -29.05 6.05
CA GLY B 248 37.61 -28.82 7.44
C GLY B 248 36.44 -28.22 8.18
N GLY B 249 36.46 -28.41 9.50
CA GLY B 249 35.47 -27.80 10.34
C GLY B 249 34.07 -28.29 10.16
N LEU B 250 33.89 -29.45 9.55
CA LEU B 250 32.56 -30.00 9.33
C LEU B 250 32.53 -31.50 9.62
N ASP B 251 33.42 -31.97 10.50
CA ASP B 251 33.61 -33.41 10.69
C ASP B 251 32.30 -34.11 11.01
N LYS B 252 31.46 -33.51 11.84
CA LYS B 252 30.19 -34.13 12.17
C LYS B 252 29.29 -34.22 10.94
N GLU B 253 29.17 -33.13 10.21
CA GLU B 253 28.37 -33.16 8.98
C GLU B 253 28.99 -34.07 7.94
N ILE B 254 30.32 -34.13 7.88
CA ILE B 254 30.97 -35.03 6.94
C ILE B 254 30.61 -36.47 7.24
N GLU B 255 30.67 -36.85 8.52
CA GLU B 255 30.31 -38.20 8.89
C GLU B 255 28.85 -38.49 8.59
N SER B 256 27.97 -37.53 8.87
CA SER B 256 26.55 -37.75 8.58
C SER B 256 26.32 -37.96 7.10
N LEU B 257 26.95 -37.14 6.26
CA LEU B 257 26.75 -37.29 4.82
C LEU B 257 27.36 -38.59 4.32
N LYS B 258 28.51 -38.98 4.84
CA LYS B 258 29.10 -40.24 4.43
C LYS B 258 28.20 -41.40 4.80
N SER B 259 27.59 -41.35 5.99
CA SER B 259 26.64 -42.39 6.36
C SER B 259 25.45 -42.38 5.43
N ALA B 260 24.92 -41.20 5.12
CA ALA B 260 23.74 -41.12 4.26
C ALA B 260 24.03 -41.45 2.82
N ILE B 261 25.30 -41.56 2.43
CA ILE B 261 25.61 -41.96 1.06
C ILE B 261 26.05 -43.42 1.00
N GLU B 262 26.60 -43.92 2.09
CA GLU B 262 27.04 -45.31 2.09
C GLU B 262 25.89 -46.30 2.25
N ILE B 263 24.88 -45.96 3.06
CA ILE B 263 23.83 -46.92 3.39
C ILE B 263 22.99 -47.21 2.14
N PRO B 264 22.49 -46.23 1.41
CA PRO B 264 22.11 -46.50 0.02
C PRO B 264 23.36 -46.47 -0.83
N LEU B 265 23.18 -46.76 -2.12
CA LEU B 265 24.25 -46.63 -3.10
C LEU B 265 25.38 -47.62 -2.88
N HIS B 266 25.41 -48.30 -1.75
CA HIS B 266 26.33 -49.42 -1.59
C HIS B 266 25.62 -50.64 -1.02
N GLN B 267 24.70 -50.42 -0.09
CA GLN B 267 24.03 -51.50 0.64
C GLN B 267 22.53 -51.26 0.69
N PRO B 268 21.86 -51.26 -0.46
CA PRO B 268 20.39 -51.09 -0.43
C PRO B 268 19.70 -52.25 0.22
N THR B 269 20.20 -53.46 0.00
CA THR B 269 19.57 -54.63 0.59
C THR B 269 19.67 -54.62 2.10
N LEU B 270 20.72 -54.01 2.65
CA LEU B 270 20.96 -54.07 4.09
C LEU B 270 19.81 -53.44 4.88
N PHE B 271 19.00 -52.59 4.26
CA PHE B 271 17.80 -52.15 4.94
C PHE B 271 16.58 -52.12 4.02
N SER B 272 16.67 -52.74 2.84
CA SER B 272 15.43 -53.08 2.15
C SER B 272 14.71 -54.21 2.87
N SER B 273 15.46 -55.04 3.60
CA SER B 273 14.86 -56.04 4.45
C SER B 273 14.01 -55.39 5.53
N PHE B 274 14.45 -54.24 6.05
CA PHE B 274 13.72 -53.58 7.11
C PHE B 274 12.34 -53.11 6.66
N GLY B 275 12.08 -53.10 5.37
CA GLY B 275 10.76 -52.83 4.85
C GLY B 275 10.48 -51.38 4.51
N VAL B 276 11.29 -50.45 4.98
CA VAL B 276 11.08 -49.06 4.66
C VAL B 276 11.73 -48.76 3.31
N SER B 277 11.16 -47.80 2.60
CA SER B 277 11.79 -47.36 1.37
C SER B 277 13.10 -46.65 1.70
N PRO B 278 14.13 -46.82 0.88
CA PRO B 278 15.42 -46.19 1.15
C PRO B 278 15.31 -44.68 1.06
N PRO B 279 16.22 -43.94 1.71
CA PRO B 279 16.10 -42.48 1.76
C PRO B 279 16.05 -41.84 0.39
N ARG B 280 17.06 -42.09 -0.44
CA ARG B 280 17.00 -41.74 -1.86
C ARG B 280 16.77 -40.25 -2.06
N GLY B 281 17.80 -39.47 -1.73
CA GLY B 281 17.78 -38.04 -1.93
C GLY B 281 18.03 -37.20 -0.70
N ILE B 282 19.23 -36.61 -0.68
CA ILE B 282 19.76 -35.88 0.45
C ILE B 282 20.02 -34.43 0.05
N LEU B 283 19.72 -33.52 0.95
CA LEU B 283 19.81 -32.09 0.73
C LEU B 283 20.87 -31.49 1.63
N LEU B 284 21.71 -30.64 1.05
CA LEU B 284 22.74 -29.93 1.77
C LEU B 284 22.30 -28.47 1.88
N HIS B 285 21.99 -28.05 3.10
CA HIS B 285 21.63 -26.67 3.35
C HIS B 285 22.91 -25.84 3.41
N GLY B 286 22.79 -24.59 3.85
CA GLY B 286 23.97 -23.82 4.16
C GLY B 286 23.90 -22.38 3.71
N PRO B 287 24.38 -21.48 4.57
CA PRO B 287 24.53 -20.10 4.15
C PRO B 287 25.53 -20.02 3.00
N PRO B 288 25.40 -19.00 2.16
CA PRO B 288 26.20 -18.96 0.94
C PRO B 288 27.69 -18.97 1.28
N GLY B 289 28.41 -19.84 0.60
CA GLY B 289 29.85 -19.92 0.78
C GLY B 289 30.31 -20.76 1.96
N THR B 290 29.44 -21.54 2.58
CA THR B 290 29.86 -22.34 3.71
C THR B 290 30.48 -23.66 3.31
N GLY B 291 30.50 -23.98 2.03
CA GLY B 291 31.22 -25.15 1.58
C GLY B 291 30.38 -26.25 0.97
N LYS B 292 29.29 -25.91 0.29
CA LYS B 292 28.48 -26.95 -0.32
C LYS B 292 29.18 -27.54 -1.52
N THR B 293 29.44 -26.71 -2.53
CA THR B 293 29.90 -27.22 -3.81
C THR B 293 31.21 -27.98 -3.67
N MET B 294 32.08 -27.52 -2.79
CA MET B 294 33.30 -28.26 -2.54
C MET B 294 32.98 -29.63 -1.96
N LEU B 295 31.99 -29.68 -1.09
CA LEU B 295 31.64 -30.95 -0.48
C LEU B 295 31.09 -31.91 -1.52
N LEU B 296 30.27 -31.42 -2.44
CA LEU B 296 29.78 -32.28 -3.50
C LEU B 296 30.92 -32.76 -4.37
N ARG B 297 31.87 -31.88 -4.69
CA ARG B 297 32.98 -32.30 -5.52
C ARG B 297 33.79 -33.37 -4.83
N VAL B 298 34.03 -33.24 -3.53
CA VAL B 298 34.82 -34.24 -2.84
C VAL B 298 34.06 -35.55 -2.72
N VAL B 299 32.73 -35.49 -2.53
CA VAL B 299 31.95 -36.72 -2.48
C VAL B 299 32.01 -37.45 -3.81
N ALA B 300 31.91 -36.70 -4.90
CA ALA B 300 32.05 -37.32 -6.21
C ALA B 300 33.43 -37.94 -6.37
N ASN B 301 34.47 -37.21 -6.01
CA ASN B 301 35.82 -37.69 -6.28
C ASN B 301 36.22 -38.83 -5.36
N THR B 302 35.51 -39.03 -4.25
CA THR B 302 35.89 -40.09 -3.34
C THR B 302 34.98 -41.30 -3.41
N SER B 303 33.74 -41.13 -3.85
CA SER B 303 32.84 -42.25 -3.99
C SER B 303 33.12 -42.96 -5.31
N ASN B 304 33.12 -44.29 -5.27
CA ASN B 304 33.47 -45.07 -6.45
C ASN B 304 32.32 -45.21 -7.44
N ALA B 305 31.13 -44.76 -7.09
CA ALA B 305 30.03 -44.77 -8.04
C ALA B 305 30.30 -43.74 -9.13
N HIS B 306 29.38 -43.62 -10.08
CA HIS B 306 29.58 -42.66 -11.16
C HIS B 306 28.65 -41.48 -10.96
N VAL B 307 29.20 -40.31 -11.18
CA VAL B 307 28.52 -39.03 -10.95
C VAL B 307 27.88 -38.58 -12.23
N LEU B 308 26.67 -38.06 -12.12
CA LEU B 308 26.03 -37.35 -13.21
C LEU B 308 25.65 -35.99 -12.69
N THR B 309 25.76 -34.98 -13.53
CA THR B 309 25.55 -33.61 -13.11
C THR B 309 24.37 -33.01 -13.86
N ILE B 310 23.38 -32.56 -13.12
CA ILE B 310 22.34 -31.68 -13.64
C ILE B 310 22.89 -30.28 -13.51
N ASN B 311 23.31 -29.71 -14.63
CA ASN B 311 24.09 -28.48 -14.61
C ASN B 311 23.19 -27.26 -14.61
N GLY B 312 21.97 -27.41 -14.08
CA GLY B 312 21.02 -26.34 -14.07
C GLY B 312 20.68 -25.92 -15.48
N PRO B 313 20.84 -24.63 -15.78
CA PRO B 313 20.58 -24.17 -17.15
C PRO B 313 21.51 -24.77 -18.19
N SER B 314 22.67 -25.29 -17.78
CA SER B 314 23.65 -25.72 -18.77
C SER B 314 23.27 -26.99 -19.50
N ILE B 315 22.14 -27.61 -19.16
CA ILE B 315 21.54 -28.65 -20.00
C ILE B 315 20.09 -28.35 -20.34
N VAL B 316 19.46 -27.39 -19.67
CA VAL B 316 18.12 -26.95 -20.07
C VAL B 316 18.21 -26.25 -21.42
N SER B 317 17.32 -26.62 -22.33
CA SER B 317 17.33 -26.10 -23.69
C SER B 317 16.47 -24.84 -23.78
N LYS B 318 16.21 -24.38 -25.00
CA LYS B 318 15.39 -23.18 -25.19
C LYS B 318 13.97 -23.39 -24.69
N TYR B 319 13.39 -24.54 -24.98
CA TYR B 319 12.05 -24.88 -24.52
C TYR B 319 12.08 -26.20 -23.78
N LEU B 320 11.15 -26.34 -22.83
CA LEU B 320 11.20 -27.45 -21.87
C LEU B 320 10.91 -28.80 -22.51
N GLY B 321 10.40 -28.83 -23.74
CA GLY B 321 10.12 -30.10 -24.39
C GLY B 321 11.35 -30.98 -24.51
N GLU B 322 12.47 -30.39 -24.93
CA GLU B 322 13.74 -31.12 -24.94
C GLU B 322 14.38 -31.19 -23.57
N THR B 323 14.12 -30.21 -22.69
CA THR B 323 14.77 -30.18 -21.38
C THR B 323 14.32 -31.34 -20.51
N GLU B 324 13.01 -31.57 -20.42
CA GLU B 324 12.52 -32.67 -19.62
C GLU B 324 12.98 -34.01 -20.17
N ALA B 325 13.01 -34.15 -21.49
CA ALA B 325 13.55 -35.36 -22.08
C ALA B 325 15.02 -35.54 -21.72
N ALA B 326 15.78 -34.45 -21.74
CA ALA B 326 17.20 -34.54 -21.42
C ALA B 326 17.42 -34.97 -19.97
N LEU B 327 16.65 -34.39 -19.04
CA LEU B 327 16.84 -34.79 -17.65
C LEU B 327 16.36 -36.21 -17.40
N ARG B 328 15.27 -36.62 -18.05
CA ARG B 328 14.88 -38.02 -18.01
C ARG B 328 16.00 -38.91 -18.52
N ASP B 329 16.66 -38.48 -19.60
CA ASP B 329 17.75 -39.25 -20.16
C ASP B 329 18.90 -39.33 -19.16
N ILE B 330 19.16 -38.25 -18.45
CA ILE B 330 20.20 -38.25 -17.42
C ILE B 330 19.86 -39.28 -16.36
N PHE B 331 18.63 -39.25 -15.85
CA PHE B 331 18.25 -40.19 -14.82
C PHE B 331 18.32 -41.63 -15.32
N ASN B 332 17.89 -41.85 -16.56
CA ASN B 332 17.92 -43.20 -17.12
C ASN B 332 19.35 -43.69 -17.29
N GLU B 333 20.25 -42.81 -17.72
CA GLU B 333 21.64 -43.22 -17.91
C GLU B 333 22.28 -43.50 -16.58
N ALA B 334 21.86 -42.80 -15.53
CA ALA B 334 22.29 -43.15 -14.18
C ALA B 334 21.74 -44.50 -13.77
N ARG B 335 20.45 -44.72 -14.01
CA ARG B 335 19.80 -45.94 -13.55
C ARG B 335 20.41 -47.16 -14.20
N LYS B 336 20.68 -47.09 -15.51
CA LYS B 336 21.29 -48.23 -16.17
C LYS B 336 22.67 -48.51 -15.61
N TYR B 337 23.44 -47.46 -15.29
CA TYR B 337 24.77 -47.64 -14.72
C TYR B 337 24.72 -47.46 -13.20
N GLN B 338 24.05 -48.39 -12.54
CA GLN B 338 24.13 -48.45 -11.09
C GLN B 338 25.50 -48.97 -10.67
N PRO B 339 26.06 -48.47 -9.56
CA PRO B 339 25.56 -47.44 -8.64
C PRO B 339 25.80 -46.03 -9.17
N SER B 340 24.90 -45.09 -8.90
CA SER B 340 24.99 -43.78 -9.51
C SER B 340 24.58 -42.70 -8.52
N ILE B 341 25.18 -41.52 -8.71
CA ILE B 341 24.85 -40.34 -7.93
C ILE B 341 24.44 -39.24 -8.88
N ILE B 342 23.38 -38.53 -8.53
CA ILE B 342 22.87 -37.41 -9.32
C ILE B 342 23.07 -36.14 -8.52
N PHE B 343 23.85 -35.21 -9.06
CA PHE B 343 24.16 -33.96 -8.38
C PHE B 343 23.24 -32.88 -8.91
N ILE B 344 22.46 -32.27 -8.02
CA ILE B 344 21.74 -31.05 -8.32
C ILE B 344 22.38 -29.94 -7.49
N ASP B 345 22.97 -28.96 -8.17
CA ASP B 345 23.50 -27.78 -7.52
C ASP B 345 22.52 -26.63 -7.72
N GLU B 346 22.26 -25.90 -6.65
CA GLU B 346 21.37 -24.74 -6.69
C GLU B 346 19.98 -25.14 -7.21
N ILE B 347 19.29 -25.94 -6.38
CA ILE B 347 17.88 -26.23 -6.64
C ILE B 347 17.13 -24.94 -6.89
N ASP B 348 17.49 -23.89 -6.16
CA ASP B 348 16.82 -22.61 -6.32
C ASP B 348 16.87 -22.12 -7.76
N SER B 349 17.93 -22.44 -8.48
CA SER B 349 18.02 -22.10 -9.88
C SER B 349 17.32 -23.12 -10.77
N ILE B 350 16.59 -24.05 -10.18
CA ILE B 350 15.94 -25.11 -10.93
C ILE B 350 14.45 -25.11 -10.68
N ALA B 351 14.03 -25.32 -9.44
CA ALA B 351 12.61 -25.50 -9.11
C ALA B 351 12.21 -24.67 -7.91
N PRO B 352 12.27 -23.35 -8.02
CA PRO B 352 11.79 -22.50 -6.93
C PRO B 352 10.32 -22.14 -7.08
N ASN B 353 9.44 -23.10 -7.32
CA ASN B 353 8.10 -22.71 -7.76
C ASN B 353 7.22 -22.21 -6.63
N ARG B 354 7.73 -22.10 -5.41
CA ARG B 354 6.92 -21.58 -4.31
C ARG B 354 6.76 -20.06 -4.39
N ALA B 355 7.63 -19.38 -5.13
CA ALA B 355 7.63 -17.93 -5.21
C ALA B 355 6.91 -17.47 -6.48
N ASN B 356 6.91 -16.15 -6.69
CA ASN B 356 6.23 -15.59 -7.86
C ASN B 356 7.02 -15.76 -9.14
N ASP B 357 8.33 -16.04 -9.05
CA ASP B 357 9.16 -16.22 -10.23
C ASP B 357 8.88 -17.51 -10.98
N ASP B 358 7.81 -18.23 -10.60
CA ASP B 358 7.40 -19.44 -11.30
C ASP B 358 6.84 -19.09 -12.67
N SER B 359 7.65 -19.28 -13.71
CA SER B 359 7.17 -19.26 -15.07
C SER B 359 6.59 -20.64 -15.36
N GLY B 360 5.26 -20.70 -15.51
CA GLY B 360 4.60 -21.99 -15.68
C GLY B 360 5.12 -22.76 -16.87
N GLU B 361 5.69 -22.07 -17.85
CA GLU B 361 6.34 -22.74 -18.97
C GLU B 361 7.64 -23.39 -18.55
N VAL B 362 8.31 -22.86 -17.53
CA VAL B 362 9.65 -23.35 -17.18
C VAL B 362 9.69 -23.92 -15.78
N GLU B 363 9.46 -23.07 -14.77
CA GLU B 363 9.68 -23.50 -13.39
C GLU B 363 8.68 -24.56 -12.96
N SER B 364 7.40 -24.35 -13.27
CA SER B 364 6.39 -25.35 -12.95
C SER B 364 6.68 -26.65 -13.67
N ARG B 365 7.10 -26.57 -14.94
CA ARG B 365 7.41 -27.79 -15.68
C ARG B 365 8.58 -28.54 -15.05
N VAL B 366 9.61 -27.81 -14.61
CA VAL B 366 10.78 -28.47 -14.05
C VAL B 366 10.44 -29.11 -12.71
N VAL B 367 9.70 -28.40 -11.85
CA VAL B 367 9.33 -29.00 -10.57
C VAL B 367 8.41 -30.20 -10.81
N ALA B 368 7.54 -30.11 -11.80
CA ALA B 368 6.66 -31.23 -12.11
C ALA B 368 7.46 -32.44 -12.56
N THR B 369 8.44 -32.25 -13.43
CA THR B 369 9.18 -33.42 -13.90
C THR B 369 10.06 -33.99 -12.81
N LEU B 370 10.55 -33.14 -11.90
CA LEU B 370 11.25 -33.64 -10.72
C LEU B 370 10.34 -34.55 -9.91
N LEU B 371 9.23 -34.00 -9.40
CA LEU B 371 8.32 -34.80 -8.59
C LEU B 371 7.92 -36.08 -9.31
N THR B 372 7.54 -35.97 -10.58
CA THR B 372 7.05 -37.13 -11.31
C THR B 372 8.15 -38.19 -11.44
N LEU B 373 9.39 -37.76 -11.66
CA LEU B 373 10.44 -38.75 -11.74
C LEU B 373 10.98 -39.11 -10.36
N MET B 374 10.99 -38.15 -9.43
CA MET B 374 11.32 -38.48 -8.05
C MET B 374 10.33 -39.47 -7.44
N ASP B 375 9.15 -39.59 -8.03
CA ASP B 375 8.16 -40.52 -7.50
C ASP B 375 8.67 -41.95 -7.53
N GLY B 376 9.57 -42.27 -8.45
CA GLY B 376 10.06 -43.63 -8.51
C GLY B 376 11.48 -43.79 -9.01
N MET B 377 12.31 -44.42 -8.19
CA MET B 377 13.63 -44.85 -8.59
C MET B 377 13.86 -46.33 -8.37
N GLY B 378 13.07 -46.96 -7.52
CA GLY B 378 13.24 -48.37 -7.25
C GLY B 378 13.95 -48.62 -5.94
N ALA B 379 13.25 -49.27 -5.00
CA ALA B 379 13.85 -49.54 -3.69
C ALA B 379 15.13 -50.33 -3.82
N ALA B 380 15.30 -51.10 -4.89
CA ALA B 380 16.56 -51.76 -5.16
C ALA B 380 17.45 -50.97 -6.11
N GLY B 381 17.00 -49.81 -6.58
CA GLY B 381 17.79 -49.03 -7.52
C GLY B 381 18.90 -48.25 -6.85
N LYS B 382 20.15 -48.64 -7.09
CA LYS B 382 21.30 -48.05 -6.39
C LYS B 382 21.63 -46.66 -6.94
N VAL B 383 20.66 -45.76 -6.82
CA VAL B 383 20.83 -44.38 -7.25
C VAL B 383 20.56 -43.48 -6.06
N VAL B 384 21.36 -42.43 -5.92
CA VAL B 384 21.13 -41.45 -4.87
C VAL B 384 21.21 -40.06 -5.46
N VAL B 385 20.28 -39.21 -5.04
CA VAL B 385 20.25 -37.81 -5.40
C VAL B 385 20.91 -37.03 -4.27
N ILE B 386 21.85 -36.15 -4.62
CA ILE B 386 22.41 -35.18 -3.68
C ILE B 386 22.19 -33.81 -4.28
N ALA B 387 21.56 -32.91 -3.53
CA ALA B 387 21.34 -31.58 -4.04
C ALA B 387 21.68 -30.55 -2.98
N ALA B 388 22.14 -29.39 -3.43
CA ALA B 388 22.66 -28.36 -2.55
C ALA B 388 21.99 -27.03 -2.85
N THR B 389 21.67 -26.29 -1.79
CA THR B 389 20.98 -25.02 -1.92
C THR B 389 21.66 -23.96 -1.07
N ASN B 390 21.56 -22.71 -1.51
CA ASN B 390 22.06 -21.59 -0.73
C ASN B 390 21.02 -21.04 0.23
N ARG B 391 19.76 -21.38 0.04
CA ARG B 391 18.70 -21.06 0.98
C ARG B 391 17.61 -22.12 0.82
N PRO B 392 17.29 -22.87 1.85
CA PRO B 392 16.38 -24.00 1.67
C PRO B 392 14.94 -23.58 1.49
N ASN B 393 14.46 -22.63 2.29
CA ASN B 393 13.05 -22.28 2.26
C ASN B 393 12.63 -21.75 0.89
N SER B 394 13.57 -21.27 0.09
CA SER B 394 13.23 -20.87 -1.27
C SER B 394 12.78 -22.07 -2.08
N VAL B 395 13.26 -23.27 -1.75
CA VAL B 395 12.75 -24.47 -2.39
C VAL B 395 11.32 -24.71 -1.93
N ASP B 396 10.49 -25.21 -2.83
CA ASP B 396 9.10 -25.45 -2.49
C ASP B 396 8.98 -26.57 -1.44
N PRO B 397 7.88 -26.61 -0.71
CA PRO B 397 7.62 -27.78 0.13
C PRO B 397 7.43 -29.05 -0.66
N ALA B 398 7.17 -28.95 -1.97
CA ALA B 398 6.91 -30.15 -2.75
C ALA B 398 8.14 -31.04 -2.84
N LEU B 399 9.31 -30.46 -3.13
CA LEU B 399 10.53 -31.26 -3.10
C LEU B 399 10.92 -31.64 -1.68
N ARG B 400 10.32 -31.01 -0.66
CA ARG B 400 10.71 -31.29 0.71
C ARG B 400 9.62 -32.02 1.49
N ARG B 401 8.65 -32.62 0.80
CA ARG B 401 7.81 -33.62 1.44
C ARG B 401 8.66 -34.81 1.86
N PRO B 402 8.23 -35.55 2.86
CA PRO B 402 8.93 -36.78 3.22
C PRO B 402 8.70 -37.87 2.21
N GLY B 403 9.26 -39.05 2.42
CA GLY B 403 9.15 -40.11 1.44
C GLY B 403 9.67 -39.68 0.09
N ARG B 404 10.56 -38.70 0.09
CA ARG B 404 10.96 -37.95 -1.08
C ARG B 404 12.40 -37.50 -0.86
N PHE B 405 12.79 -36.46 -1.57
CA PHE B 405 14.09 -35.83 -1.39
C PHE B 405 14.11 -35.21 0.00
N ASP B 406 14.57 -35.98 1.00
CA ASP B 406 14.23 -35.73 2.39
C ASP B 406 15.41 -35.45 3.30
N GLN B 407 16.40 -36.35 3.32
CA GLN B 407 17.47 -36.27 4.30
C GLN B 407 18.19 -34.94 4.19
N GLU B 408 18.42 -34.30 5.33
CA GLU B 408 18.98 -32.96 5.38
C GLU B 408 20.28 -32.97 6.14
N VAL B 409 21.28 -32.29 5.59
CA VAL B 409 22.57 -32.08 6.24
C VAL B 409 22.82 -30.59 6.32
N GLU B 410 22.88 -30.07 7.54
CA GLU B 410 22.97 -28.63 7.76
C GLU B 410 24.43 -28.24 7.90
N ILE B 411 24.94 -27.49 6.93
CA ILE B 411 26.30 -26.99 6.96
C ILE B 411 26.21 -25.51 7.29
N GLY B 412 26.60 -25.13 8.50
CA GLY B 412 26.37 -23.79 9.00
C GLY B 412 27.63 -22.95 9.07
N ILE B 413 27.45 -21.72 9.56
CA ILE B 413 28.59 -20.83 9.80
C ILE B 413 29.55 -21.52 10.75
N PRO B 414 30.82 -21.66 10.41
CA PRO B 414 31.76 -22.32 11.31
C PRO B 414 31.92 -21.54 12.61
N ASP B 415 32.08 -22.27 13.70
CA ASP B 415 32.34 -21.68 14.99
C ASP B 415 33.81 -21.30 15.09
N VAL B 416 34.28 -20.98 16.30
CA VAL B 416 35.67 -20.59 16.48
C VAL B 416 36.58 -21.78 16.23
N ASP B 417 36.24 -22.94 16.80
CA ASP B 417 37.07 -24.12 16.63
C ASP B 417 37.09 -24.56 15.18
N ALA B 418 35.91 -24.54 14.53
CA ALA B 418 35.87 -24.90 13.12
C ALA B 418 36.66 -23.91 12.29
N ARG B 419 36.64 -22.64 12.67
CA ARG B 419 37.45 -21.66 11.96
C ARG B 419 38.93 -21.98 12.12
N PHE B 420 39.34 -22.37 13.33
CA PHE B 420 40.73 -22.79 13.50
C PHE B 420 41.07 -23.96 12.60
N ASP B 421 40.15 -24.91 12.47
CA ASP B 421 40.41 -26.06 11.62
C ASP B 421 40.58 -25.64 10.17
N ILE B 422 39.69 -24.77 9.69
CA ILE B 422 39.76 -24.35 8.29
C ILE B 422 41.05 -23.60 8.03
N LEU B 423 41.42 -22.69 8.92
CA LEU B 423 42.67 -21.95 8.74
C LEU B 423 43.87 -22.87 8.79
N THR B 424 43.88 -23.82 9.71
CA THR B 424 45.01 -24.73 9.80
C THR B 424 45.17 -25.49 8.50
N LYS B 425 44.06 -25.97 7.94
CA LYS B 425 44.17 -26.72 6.69
C LYS B 425 44.61 -25.81 5.54
N GLN B 426 44.08 -24.59 5.49
CA GLN B 426 44.46 -23.69 4.40
C GLN B 426 45.95 -23.36 4.45
N PHE B 427 46.45 -23.02 5.63
CA PHE B 427 47.85 -22.64 5.72
C PHE B 427 48.78 -23.84 5.70
N SER B 428 48.27 -25.04 5.95
CA SER B 428 49.08 -26.22 5.74
C SER B 428 49.06 -26.67 4.30
N ARG B 429 48.10 -26.21 3.50
CA ARG B 429 48.14 -26.49 2.07
C ARG B 429 49.39 -25.88 1.45
N MET B 430 49.73 -24.67 1.86
CA MET B 430 50.99 -24.06 1.47
C MET B 430 52.07 -24.45 2.46
N SER B 431 53.27 -24.66 1.95
CA SER B 431 54.35 -25.20 2.78
C SER B 431 54.62 -24.30 3.97
N SER B 432 54.88 -24.93 5.12
CA SER B 432 54.98 -24.19 6.37
C SER B 432 56.12 -23.19 6.37
N ASP B 433 57.07 -23.31 5.45
CA ASP B 433 58.16 -22.34 5.37
C ASP B 433 57.62 -20.94 5.06
N ARG B 434 56.77 -20.84 4.03
CA ARG B 434 56.25 -19.54 3.63
C ARG B 434 55.32 -18.98 4.69
N HIS B 435 54.61 -19.84 5.40
CA HIS B 435 53.57 -19.45 6.36
C HIS B 435 54.19 -19.45 7.75
N VAL B 436 54.81 -18.34 8.12
CA VAL B 436 55.43 -18.23 9.45
C VAL B 436 54.34 -17.70 10.38
N LEU B 437 53.48 -18.62 10.81
CA LEU B 437 52.51 -18.36 11.87
C LEU B 437 52.44 -19.58 12.74
N ASP B 438 52.83 -19.44 14.00
CA ASP B 438 52.68 -20.53 14.94
C ASP B 438 51.20 -20.78 15.20
N SER B 439 50.91 -21.96 15.73
CA SER B 439 49.52 -22.33 15.98
C SER B 439 48.82 -21.30 16.85
N GLU B 440 49.56 -20.61 17.72
CA GLU B 440 48.96 -19.55 18.52
C GLU B 440 48.47 -18.41 17.65
N ALA B 441 49.25 -18.05 16.63
CA ALA B 441 48.83 -17.00 15.72
C ALA B 441 47.56 -17.40 14.98
N ILE B 442 47.47 -18.67 14.59
CA ILE B 442 46.27 -19.14 13.92
C ILE B 442 45.08 -19.09 14.86
N LYS B 443 45.29 -19.49 16.12
CA LYS B 443 44.24 -19.30 17.13
C LYS B 443 43.76 -17.87 17.16
N TYR B 444 44.69 -16.92 17.18
CA TYR B 444 44.32 -15.52 17.30
C TYR B 444 43.53 -15.06 16.08
N ILE B 445 44.02 -15.42 14.89
CA ILE B 445 43.34 -14.97 13.68
C ILE B 445 41.97 -15.59 13.58
N ALA B 446 41.83 -16.85 13.99
CA ALA B 446 40.51 -17.46 14.02
C ALA B 446 39.62 -16.76 15.03
N SER B 447 40.20 -16.31 16.13
CA SER B 447 39.42 -15.62 17.14
C SER B 447 38.83 -14.33 16.59
N LYS B 448 39.60 -13.57 15.82
CA LYS B 448 39.12 -12.28 15.36
C LYS B 448 38.47 -12.35 13.97
N THR B 449 37.95 -13.51 13.59
CA THR B 449 37.27 -13.69 12.31
C THR B 449 35.85 -14.17 12.53
N HIS B 450 35.13 -13.49 13.42
CA HIS B 450 33.83 -13.97 13.86
C HIS B 450 32.88 -14.19 12.70
N GLY B 451 32.71 -13.18 11.85
CA GLY B 451 31.69 -13.26 10.82
C GLY B 451 32.07 -14.06 9.60
N TYR B 452 33.34 -14.38 9.44
CA TYR B 452 33.80 -15.03 8.22
C TYR B 452 33.30 -16.47 8.15
N VAL B 453 32.86 -16.87 6.96
CA VAL B 453 32.36 -18.22 6.72
C VAL B 453 33.13 -18.84 5.57
N GLY B 454 33.75 -19.98 5.83
CA GLY B 454 34.13 -20.89 4.77
C GLY B 454 35.00 -20.29 3.70
N ALA B 455 34.40 -20.08 2.53
CA ALA B 455 35.13 -19.53 1.39
C ALA B 455 35.86 -18.27 1.77
N ASP B 456 35.21 -17.42 2.57
CA ASP B 456 35.82 -16.16 2.97
C ASP B 456 37.20 -16.41 3.55
N LEU B 457 37.34 -17.44 4.37
CA LEU B 457 38.62 -17.65 5.04
C LEU B 457 39.69 -17.95 4.00
N THR B 458 39.36 -18.78 3.02
CA THR B 458 40.29 -19.00 1.91
C THR B 458 40.60 -17.69 1.23
N ALA B 459 39.58 -16.88 0.99
CA ALA B 459 39.81 -15.55 0.43
C ALA B 459 40.83 -14.79 1.26
N LEU B 460 40.69 -14.85 2.58
CA LEU B 460 41.64 -14.19 3.46
C LEU B 460 43.05 -14.65 3.13
N CYS B 461 43.24 -15.96 3.07
CA CYS B 461 44.56 -16.50 2.72
C CYS B 461 45.04 -15.90 1.41
N ARG B 462 44.16 -15.88 0.40
CA ARG B 462 44.53 -15.29 -0.88
C ARG B 462 45.05 -13.88 -0.67
N GLU B 463 44.24 -13.05 -0.01
CA GLU B 463 44.65 -11.67 0.17
C GLU B 463 45.94 -11.59 0.94
N SER B 464 46.10 -12.46 1.94
CA SER B 464 47.37 -12.51 2.65
C SER B 464 48.50 -12.65 1.65
N VAL B 465 48.47 -13.73 0.87
CA VAL B 465 49.44 -13.92 -0.19
C VAL B 465 49.63 -12.62 -0.96
N MET B 466 48.54 -12.07 -1.45
CA MET B 466 48.63 -10.87 -2.28
C MET B 466 49.35 -9.77 -1.53
N LYS B 467 48.86 -9.44 -0.34
CA LYS B 467 49.48 -8.32 0.36
C LYS B 467 50.91 -8.64 0.72
N THR B 468 51.21 -9.91 0.97
CA THR B 468 52.58 -10.29 1.25
C THR B 468 53.49 -9.90 0.09
N ILE B 469 53.11 -10.26 -1.13
CA ILE B 469 53.98 -9.92 -2.23
C ILE B 469 53.94 -8.43 -2.50
N GLN B 470 52.89 -7.74 -2.03
CA GLN B 470 52.90 -6.29 -2.10
C GLN B 470 54.03 -5.72 -1.26
N ARG B 471 54.25 -6.29 -0.07
CA ARG B 471 55.41 -5.90 0.72
C ARG B 471 56.70 -6.27 0.00
N GLY B 472 56.67 -7.33 -0.82
CA GLY B 472 57.81 -7.62 -1.67
C GLY B 472 58.11 -6.49 -2.63
N LEU B 473 57.08 -5.80 -3.10
CA LEU B 473 57.25 -4.61 -3.90
C LEU B 473 57.35 -3.35 -3.05
N GLY B 474 57.12 -3.47 -1.74
CA GLY B 474 57.19 -2.30 -0.88
C GLY B 474 58.60 -1.88 -0.52
N THR B 475 59.53 -2.85 -0.47
CA THR B 475 60.91 -2.52 -0.20
C THR B 475 61.58 -1.94 -1.45
N ASP B 476 61.63 -2.72 -2.53
CA ASP B 476 62.14 -2.23 -3.79
C ASP B 476 61.61 -3.14 -4.90
N ALA B 477 61.34 -2.54 -6.06
CA ALA B 477 60.79 -3.28 -7.18
C ALA B 477 61.72 -4.37 -7.68
N ASN B 478 63.02 -4.24 -7.42
CA ASN B 478 63.99 -5.22 -7.89
C ASN B 478 63.86 -6.56 -7.18
N ILE B 479 63.09 -6.65 -6.11
CA ILE B 479 62.96 -7.90 -5.38
C ILE B 479 62.05 -8.84 -6.17
N ASP B 480 62.65 -9.71 -6.97
CA ASP B 480 61.94 -10.81 -7.61
C ASP B 480 62.12 -12.11 -6.85
N LYS B 481 62.81 -12.07 -5.71
CA LYS B 481 63.08 -13.27 -4.93
C LYS B 481 61.78 -13.84 -4.35
N PHE B 482 61.70 -15.16 -4.36
CA PHE B 482 60.53 -15.87 -3.87
C PHE B 482 60.67 -16.09 -2.36
N SER B 483 59.84 -16.95 -1.79
CA SER B 483 59.94 -17.36 -0.39
C SER B 483 59.74 -16.19 0.55
N LEU B 484 59.07 -15.15 0.09
CA LEU B 484 58.64 -14.09 1.00
C LEU B 484 57.61 -14.65 1.96
N LYS B 485 57.99 -14.74 3.24
CA LYS B 485 57.10 -15.31 4.24
C LYS B 485 55.83 -14.49 4.36
N VAL B 486 54.71 -15.16 4.59
CA VAL B 486 53.47 -14.48 4.93
C VAL B 486 53.40 -14.40 6.45
N THR B 487 53.22 -13.19 6.97
CA THR B 487 53.29 -12.96 8.40
C THR B 487 51.91 -12.60 8.93
N LEU B 488 51.78 -12.60 10.26
CA LEU B 488 50.51 -12.30 10.89
C LEU B 488 50.02 -10.90 10.49
N LYS B 489 50.89 -9.91 10.65
CA LYS B 489 50.52 -8.54 10.35
C LYS B 489 49.96 -8.43 8.94
N ASP B 490 50.51 -9.20 8.00
CA ASP B 490 49.93 -9.27 6.67
C ASP B 490 48.51 -9.80 6.74
N VAL B 491 48.24 -10.74 7.64
CA VAL B 491 46.90 -11.33 7.69
C VAL B 491 45.89 -10.32 8.22
N GLU B 492 46.25 -9.54 9.25
CA GLU B 492 45.30 -8.49 9.64
C GLU B 492 45.16 -7.43 8.55
N SER B 493 46.27 -7.04 7.92
CA SER B 493 46.18 -6.09 6.83
C SER B 493 45.29 -6.60 5.72
N ALA B 494 45.18 -7.92 5.59
CA ALA B 494 44.22 -8.49 4.67
C ALA B 494 42.80 -8.38 5.25
N MET B 495 42.66 -8.67 6.54
CA MET B 495 41.33 -8.66 7.15
C MET B 495 40.65 -7.31 6.94
N VAL B 496 41.42 -6.22 6.94
CA VAL B 496 40.81 -4.90 6.90
C VAL B 496 40.14 -4.68 5.54
N ASP B 497 40.30 -5.62 4.62
CA ASP B 497 39.77 -5.45 3.28
C ASP B 497 38.96 -6.64 2.80
N ILE B 498 39.20 -7.84 3.33
CA ILE B 498 38.57 -9.04 2.78
C ILE B 498 37.06 -9.04 2.99
N ARG B 499 36.60 -8.61 4.15
CA ARG B 499 35.22 -8.79 4.61
C ARG B 499 34.16 -8.44 3.58
N PRO B 500 33.50 -9.43 2.99
CA PRO B 500 32.29 -9.14 2.21
C PRO B 500 31.05 -9.23 3.09
N SER B 501 29.87 -9.08 2.50
CA SER B 501 28.61 -9.25 3.22
C SER B 501 28.22 -10.72 3.22
N ALA B 502 28.96 -11.51 3.99
CA ALA B 502 28.74 -12.95 4.08
C ALA B 502 27.79 -13.33 5.21
N MET B 503 28.15 -13.01 6.45
CA MET B 503 27.24 -13.15 7.57
C MET B 503 26.33 -11.93 7.64
N ARG B 504 25.03 -12.17 7.71
CA ARG B 504 24.02 -11.15 7.92
C ARG B 504 23.71 -11.07 9.42
N GLU B 505 22.58 -10.46 9.79
CA GLU B 505 22.16 -10.47 11.18
C GLU B 505 21.67 -11.88 11.52
N ILE B 506 22.58 -12.86 11.38
CA ILE B 506 22.31 -14.26 11.65
C ILE B 506 22.20 -14.44 13.16
N PHE B 507 21.62 -15.55 13.61
CA PHE B 507 21.66 -15.88 15.04
C PHE B 507 23.10 -15.78 15.55
N LEU B 508 23.30 -14.94 16.55
CA LEU B 508 24.62 -14.47 16.90
C LEU B 508 25.38 -15.46 17.78
N GLU B 509 26.66 -15.61 17.51
CA GLU B 509 27.58 -16.31 18.40
C GLU B 509 28.31 -15.28 19.24
N MET B 510 28.35 -15.49 20.54
CA MET B 510 28.92 -14.46 21.38
C MET B 510 30.35 -14.80 21.80
N PRO B 511 31.16 -13.79 22.09
CA PRO B 511 32.54 -14.04 22.52
C PRO B 511 32.63 -14.77 23.84
N LYS B 512 33.85 -15.05 24.29
CA LYS B 512 34.10 -15.82 25.49
C LYS B 512 34.35 -14.88 26.65
N VAL B 513 33.63 -15.08 27.75
CA VAL B 513 33.90 -14.41 29.02
C VAL B 513 33.74 -15.44 30.13
N TYR B 514 34.63 -15.39 31.10
CA TYR B 514 34.69 -16.38 32.17
C TYR B 514 34.04 -15.82 33.42
N TRP B 515 33.72 -16.71 34.37
CA TRP B 515 33.16 -16.22 35.63
C TRP B 515 34.14 -15.32 36.36
N SER B 516 35.43 -15.43 36.06
CA SER B 516 36.41 -14.56 36.69
C SER B 516 36.31 -13.13 36.17
N ASP B 517 35.89 -12.96 34.93
CA ASP B 517 35.78 -11.62 34.36
C ASP B 517 34.73 -10.80 35.09
N ILE B 518 33.60 -11.41 35.41
CA ILE B 518 32.51 -10.68 36.04
C ILE B 518 32.89 -10.35 37.46
N GLY B 519 32.85 -9.08 37.80
CA GLY B 519 33.24 -8.66 39.13
C GLY B 519 32.27 -9.08 40.20
N GLY B 520 32.67 -10.04 41.01
CA GLY B 520 31.88 -10.42 42.17
C GLY B 520 30.52 -10.92 41.76
N GLN B 521 29.48 -10.36 42.38
CA GLN B 521 28.11 -10.80 42.16
C GLN B 521 27.98 -12.30 42.38
N GLU B 522 28.65 -12.79 43.43
CA GLU B 522 28.72 -14.23 43.66
C GLU B 522 27.34 -14.83 43.89
N GLU B 523 26.44 -14.07 44.51
CA GLU B 523 25.08 -14.55 44.68
C GLU B 523 24.43 -14.83 43.33
N LEU B 524 24.55 -13.89 42.40
CA LEU B 524 23.99 -14.10 41.07
C LEU B 524 24.74 -15.21 40.34
N LYS B 525 26.05 -15.29 40.53
CA LYS B 525 26.82 -16.39 39.99
C LYS B 525 26.18 -17.72 40.34
N THR B 526 26.05 -17.98 41.64
CA THR B 526 25.48 -19.24 42.10
C THR B 526 24.07 -19.43 41.61
N LYS B 527 23.25 -18.38 41.68
CA LYS B 527 21.85 -18.51 41.33
C LYS B 527 21.67 -18.87 39.87
N MET B 528 22.37 -18.18 38.97
CA MET B 528 22.30 -18.49 37.55
C MET B 528 22.86 -19.87 37.28
N LYS B 529 24.02 -20.18 37.86
CA LYS B 529 24.64 -21.48 37.65
C LYS B 529 23.65 -22.58 37.97
N GLU B 530 23.04 -22.52 39.14
CA GLU B 530 22.06 -23.53 39.51
C GLU B 530 20.89 -23.50 38.55
N MET B 531 20.06 -22.43 38.57
CA MET B 531 18.79 -22.56 37.86
C MET B 531 18.93 -22.59 36.36
N ILE B 532 20.13 -22.60 35.78
CA ILE B 532 20.20 -22.90 34.37
C ILE B 532 20.98 -24.20 34.15
N GLN B 533 22.23 -24.23 34.58
CA GLN B 533 23.05 -25.40 34.25
C GLN B 533 22.56 -26.64 34.98
N LEU B 534 22.18 -26.51 36.25
CA LEU B 534 21.80 -27.70 37.00
C LEU B 534 20.57 -28.41 36.44
N PRO B 535 19.47 -27.72 36.10
CA PRO B 535 18.37 -28.44 35.45
C PRO B 535 18.77 -29.17 34.20
N LEU B 536 19.62 -28.57 33.37
CA LEU B 536 19.94 -29.16 32.09
C LEU B 536 20.94 -30.31 32.22
N GLU B 537 21.45 -30.56 33.41
CA GLU B 537 22.38 -31.66 33.63
C GLU B 537 21.88 -32.68 34.63
N ALA B 538 20.74 -32.44 35.27
CA ALA B 538 20.14 -33.38 36.20
C ALA B 538 18.70 -33.66 35.83
N SER B 539 18.45 -33.90 34.54
CA SER B 539 17.09 -34.14 34.08
C SER B 539 16.49 -35.38 34.74
N GLU B 540 17.29 -36.44 34.87
CA GLU B 540 16.76 -37.66 35.48
C GLU B 540 16.35 -37.43 36.92
N THR B 541 17.10 -36.63 37.67
CA THR B 541 16.72 -36.34 39.04
C THR B 541 15.40 -35.58 39.10
N PHE B 542 15.23 -34.60 38.21
CA PHE B 542 13.99 -33.83 38.21
C PHE B 542 12.80 -34.69 37.85
N ALA B 543 12.96 -35.54 36.83
CA ALA B 543 11.87 -36.44 36.46
C ALA B 543 11.55 -37.39 37.59
N ARG B 544 12.58 -37.88 38.28
CA ARG B 544 12.36 -38.80 39.39
C ARG B 544 11.54 -38.15 40.49
N LEU B 545 11.57 -36.83 40.58
CA LEU B 545 10.94 -36.12 41.68
C LEU B 545 9.55 -35.60 41.33
N GLY B 546 9.12 -35.76 40.08
CA GLY B 546 7.79 -35.35 39.69
C GLY B 546 7.61 -33.88 39.43
N ILE B 547 8.68 -33.16 39.11
CA ILE B 547 8.63 -31.73 38.84
C ILE B 547 9.26 -31.46 37.49
N SER B 548 8.65 -30.57 36.72
CA SER B 548 9.25 -30.16 35.47
C SER B 548 10.40 -29.20 35.73
N ALA B 549 11.43 -29.30 34.91
CA ALA B 549 12.58 -28.43 35.05
C ALA B 549 12.17 -26.98 34.84
N PRO B 550 12.82 -26.03 35.50
CA PRO B 550 12.42 -24.64 35.33
C PRO B 550 12.72 -24.18 33.91
N LYS B 551 11.69 -23.69 33.24
CA LYS B 551 11.81 -23.43 31.81
C LYS B 551 12.46 -22.10 31.51
N GLY B 552 12.14 -21.06 32.28
CA GLY B 552 12.58 -19.74 31.88
C GLY B 552 13.02 -18.83 33.01
N VAL B 553 14.12 -18.12 32.79
CA VAL B 553 14.63 -17.14 33.74
C VAL B 553 14.73 -15.81 33.01
N LEU B 554 14.13 -14.78 33.59
CA LEU B 554 14.16 -13.43 33.07
C LEU B 554 15.07 -12.60 33.95
N LEU B 555 16.10 -12.02 33.37
CA LEU B 555 17.06 -11.21 34.09
C LEU B 555 16.67 -9.75 33.93
N TYR B 556 16.20 -9.13 35.00
CA TYR B 556 15.84 -7.72 34.96
C TYR B 556 16.78 -6.93 35.85
N GLY B 557 17.35 -5.86 35.31
CA GLY B 557 18.26 -5.03 36.06
C GLY B 557 18.50 -3.70 35.40
N PRO B 558 19.03 -2.74 36.14
CA PRO B 558 19.27 -1.43 35.58
C PRO B 558 20.29 -1.49 34.47
N PRO B 559 20.19 -0.60 33.49
CA PRO B 559 21.12 -0.64 32.36
C PRO B 559 22.55 -0.39 32.82
N GLY B 560 23.42 -1.36 32.53
CA GLY B 560 24.80 -1.29 32.90
C GLY B 560 25.27 -2.45 33.75
N CYS B 561 24.41 -2.95 34.63
CA CYS B 561 24.80 -4.07 35.47
C CYS B 561 24.92 -5.34 34.62
N SER B 562 25.59 -6.32 35.18
CA SER B 562 26.06 -7.48 34.40
C SER B 562 24.90 -8.40 34.10
N LYS B 563 24.26 -8.20 32.95
CA LYS B 563 23.21 -9.10 32.48
C LYS B 563 23.65 -9.84 31.23
N THR B 564 23.97 -9.11 30.17
CA THR B 564 24.49 -9.74 28.98
C THR B 564 25.81 -10.42 29.28
N LEU B 565 26.61 -9.82 30.15
CA LEU B 565 27.88 -10.44 30.53
C LEU B 565 27.65 -11.73 31.30
N THR B 566 26.67 -11.74 32.21
CA THR B 566 26.41 -12.97 32.95
C THR B 566 25.91 -14.07 32.04
N ALA B 567 25.03 -13.72 31.11
CA ALA B 567 24.57 -14.72 30.15
C ALA B 567 25.71 -15.25 29.30
N LYS B 568 26.58 -14.35 28.84
CA LYS B 568 27.72 -14.80 28.06
C LYS B 568 28.64 -15.69 28.87
N ALA B 569 28.83 -15.37 30.15
CA ALA B 569 29.70 -16.20 30.98
C ALA B 569 29.12 -17.58 31.15
N LEU B 570 27.80 -17.66 31.39
CA LEU B 570 27.13 -18.94 31.45
C LEU B 570 27.32 -19.72 30.15
N ALA B 571 27.19 -19.04 29.03
CA ALA B 571 27.40 -19.67 27.74
C ALA B 571 28.82 -20.23 27.64
N THR B 572 29.80 -19.41 27.99
CA THR B 572 31.19 -19.74 27.70
C THR B 572 31.67 -20.88 28.57
N GLU B 573 31.38 -20.84 29.86
CA GLU B 573 31.87 -21.89 30.74
C GLU B 573 30.72 -22.53 31.52
N SER B 574 29.67 -22.87 30.79
CA SER B 574 28.73 -23.89 31.21
C SER B 574 28.73 -25.08 30.27
N GLY B 575 29.32 -24.96 29.10
CA GLY B 575 29.47 -26.09 28.20
C GLY B 575 28.20 -26.54 27.54
N ILE B 576 27.20 -25.68 27.46
CA ILE B 576 25.92 -26.00 26.84
C ILE B 576 25.78 -25.16 25.58
N ASN B 577 25.19 -25.75 24.55
CA ASN B 577 24.96 -25.00 23.33
C ASN B 577 24.14 -23.76 23.66
N PHE B 578 24.57 -22.62 23.12
CA PHE B 578 24.00 -21.33 23.49
C PHE B 578 23.61 -20.57 22.24
N LEU B 579 22.40 -20.84 21.75
CA LEU B 579 21.82 -20.00 20.72
C LEU B 579 21.45 -18.68 21.37
N ALA B 580 21.71 -17.56 20.69
CA ALA B 580 21.38 -16.26 21.24
C ALA B 580 21.12 -15.28 20.12
N VAL B 581 19.94 -14.66 20.15
CA VAL B 581 19.60 -13.61 19.19
C VAL B 581 19.16 -12.37 19.96
N LYS B 582 19.52 -11.22 19.44
CA LYS B 582 19.17 -9.96 20.08
C LYS B 582 17.69 -9.64 19.84
N GLY B 583 17.18 -8.73 20.65
CA GLY B 583 15.79 -8.36 20.58
C GLY B 583 15.45 -7.66 19.29
N PRO B 584 16.00 -6.46 19.09
CA PRO B 584 15.65 -5.68 17.89
C PRO B 584 15.96 -6.38 16.59
N GLU B 585 16.84 -7.37 16.59
CA GLU B 585 17.24 -7.98 15.33
C GLU B 585 16.28 -9.07 14.86
N ILE B 586 15.25 -9.38 15.62
CA ILE B 586 14.24 -10.35 15.23
C ILE B 586 12.87 -9.72 15.09
N PHE B 587 12.52 -8.81 16.01
CA PHE B 587 11.19 -8.20 15.97
C PHE B 587 10.98 -7.38 14.71
N ASN B 588 12.00 -6.64 14.29
CA ASN B 588 11.85 -5.64 13.24
C ASN B 588 12.28 -6.14 11.87
N LYS B 589 12.29 -7.45 11.65
CA LYS B 589 12.71 -7.93 10.33
C LYS B 589 11.57 -7.86 9.32
N TYR B 590 10.50 -8.60 9.56
CA TYR B 590 9.32 -8.61 8.71
C TYR B 590 8.21 -9.34 9.46
N VAL B 591 7.09 -9.58 8.78
CA VAL B 591 5.96 -10.27 9.42
C VAL B 591 6.22 -11.76 9.41
N GLY B 592 6.34 -12.35 8.22
CA GLY B 592 6.61 -13.77 8.14
C GLY B 592 8.04 -14.14 8.48
N GLU B 593 8.98 -13.20 8.25
CA GLU B 593 10.37 -13.47 8.57
C GLU B 593 10.56 -13.66 10.08
N SER B 594 9.83 -12.90 10.90
CA SER B 594 9.94 -13.06 12.34
C SER B 594 9.39 -14.40 12.79
N GLU B 595 8.24 -14.78 12.25
CA GLU B 595 7.66 -16.09 12.55
C GLU B 595 8.67 -17.18 12.22
N ARG B 596 9.24 -17.12 11.03
CA ARG B 596 10.22 -18.12 10.62
C ARG B 596 11.44 -18.09 11.52
N ALA B 597 11.85 -16.90 11.94
CA ALA B 597 13.04 -16.80 12.77
C ALA B 597 12.84 -17.50 14.10
N ILE B 598 11.71 -17.26 14.75
CA ILE B 598 11.48 -17.92 16.03
C ILE B 598 11.32 -19.42 15.83
N ARG B 599 10.62 -19.83 14.79
CA ARG B 599 10.45 -21.26 14.57
C ARG B 599 11.80 -21.94 14.35
N GLU B 600 12.67 -21.31 13.57
CA GLU B 600 13.95 -21.94 13.29
C GLU B 600 14.88 -21.88 14.49
N ILE B 601 14.84 -20.82 15.29
CA ILE B 601 15.70 -20.78 16.46
C ILE B 601 15.30 -21.87 17.43
N PHE B 602 14.00 -22.11 17.58
CA PHE B 602 13.60 -23.16 18.50
C PHE B 602 13.85 -24.53 17.93
N ARG B 603 13.71 -24.69 16.60
CA ARG B 603 14.07 -25.97 16.01
C ARG B 603 15.54 -26.28 16.23
N LYS B 604 16.40 -25.28 16.06
CA LYS B 604 17.82 -25.49 16.29
C LYS B 604 18.10 -25.77 17.77
N ALA B 605 17.40 -25.09 18.66
CA ALA B 605 17.59 -25.35 20.08
C ALA B 605 17.22 -26.78 20.41
N ARG B 606 16.11 -27.28 19.86
CA ARG B 606 15.71 -28.65 20.10
C ARG B 606 16.71 -29.61 19.49
N SER B 607 17.22 -29.29 18.30
CA SER B 607 18.06 -30.23 17.57
C SER B 607 19.32 -30.59 18.34
N ALA B 608 19.94 -29.60 18.98
CA ALA B 608 21.20 -29.79 19.67
C ALA B 608 21.03 -29.71 21.19
N ALA B 609 19.96 -30.30 21.69
CA ALA B 609 19.71 -30.27 23.12
C ALA B 609 20.84 -30.99 23.86
N PRO B 610 21.17 -30.56 25.08
CA PRO B 610 20.58 -29.44 25.81
C PRO B 610 21.06 -28.10 25.30
N SER B 611 20.24 -27.06 25.45
CA SER B 611 20.57 -25.76 24.89
C SER B 611 19.95 -24.67 25.75
N ILE B 612 20.43 -23.45 25.55
CA ILE B 612 19.98 -22.28 26.27
C ILE B 612 19.72 -21.18 25.26
N ILE B 613 18.45 -20.88 25.01
CA ILE B 613 18.08 -19.78 24.15
C ILE B 613 18.16 -18.50 24.98
N PHE B 614 18.92 -17.53 24.49
CA PHE B 614 19.07 -16.25 25.17
C PHE B 614 18.39 -15.17 24.35
N PHE B 615 17.44 -14.49 24.97
CA PHE B 615 16.69 -13.43 24.31
C PHE B 615 17.07 -12.12 24.98
N ASP B 616 18.14 -11.51 24.46
CA ASP B 616 18.57 -10.22 25.00
C ASP B 616 17.59 -9.14 24.59
N GLU B 617 17.05 -8.43 25.57
CA GLU B 617 16.13 -7.33 25.34
C GLU B 617 14.87 -7.79 24.60
N ILE B 618 14.09 -8.63 25.28
CA ILE B 618 12.76 -8.93 24.78
C ILE B 618 11.91 -7.68 24.69
N ASP B 619 12.30 -6.62 25.40
CA ASP B 619 11.60 -5.35 25.37
C ASP B 619 11.21 -4.93 23.96
N ALA B 620 12.00 -5.34 22.96
CA ALA B 620 11.65 -5.04 21.58
C ALA B 620 10.39 -5.77 21.16
N LEU B 621 10.22 -7.01 21.62
CA LEU B 621 9.06 -7.83 21.24
C LEU B 621 7.88 -7.49 22.16
N SER B 622 7.42 -6.25 22.04
CA SER B 622 6.42 -5.70 22.95
C SER B 622 5.13 -5.36 22.22
N PRO B 623 3.99 -5.85 22.69
CA PRO B 623 2.71 -5.53 22.03
C PRO B 623 2.05 -4.27 22.57
N ASP B 624 2.81 -3.44 23.28
CA ASP B 624 2.25 -2.30 24.01
C ASP B 624 2.33 -1.00 23.21
N ARG B 625 2.09 -1.08 21.90
CA ARG B 625 2.15 0.07 21.01
C ARG B 625 0.81 0.21 20.27
N ASP B 626 0.80 1.07 19.26
CA ASP B 626 -0.42 1.41 18.53
C ASP B 626 -0.79 0.27 17.59
N GLY B 627 -1.75 0.53 16.69
CA GLY B 627 -2.26 -0.50 15.80
C GLY B 627 -1.23 -1.12 14.90
N SER B 628 -0.10 -0.43 14.67
CA SER B 628 0.98 -1.02 13.89
C SER B 628 1.52 -2.28 14.57
N SER B 629 1.44 -2.36 15.89
CA SER B 629 1.84 -3.56 16.61
C SER B 629 0.89 -4.72 16.37
N THR B 630 -0.34 -4.45 15.94
CA THR B 630 -1.30 -5.52 15.68
C THR B 630 -0.89 -6.40 14.50
N SER B 631 -0.04 -5.89 13.61
CA SER B 631 0.44 -6.67 12.47
C SER B 631 1.83 -7.24 12.68
N ALA B 632 2.58 -6.74 13.65
CA ALA B 632 3.93 -7.23 13.91
C ALA B 632 4.09 -7.82 15.30
N ALA B 633 3.69 -7.11 16.35
CA ALA B 633 4.00 -7.54 17.71
C ALA B 633 3.14 -8.71 18.14
N ASN B 634 1.83 -8.67 17.84
CA ASN B 634 0.95 -9.73 18.28
C ASN B 634 1.34 -11.07 17.65
N HIS B 635 1.66 -11.07 16.36
CA HIS B 635 2.01 -12.32 15.69
C HIS B 635 3.29 -12.90 16.26
N VAL B 636 4.31 -12.07 16.46
CA VAL B 636 5.58 -12.59 16.95
C VAL B 636 5.43 -13.07 18.38
N LEU B 637 4.67 -12.34 19.19
CA LEU B 637 4.50 -12.74 20.58
C LEU B 637 3.71 -14.03 20.68
N THR B 638 2.67 -14.20 19.86
CA THR B 638 1.92 -15.43 19.95
C THR B 638 2.74 -16.60 19.41
N SER B 639 3.61 -16.36 18.44
CA SER B 639 4.52 -17.42 18.03
C SER B 639 5.42 -17.83 19.17
N LEU B 640 5.97 -16.85 19.89
CA LEU B 640 6.85 -17.18 20.99
C LEU B 640 6.12 -17.94 22.07
N LEU B 641 4.90 -17.51 22.41
CA LEU B 641 4.14 -18.19 23.45
C LEU B 641 3.81 -19.61 23.05
N ASN B 642 3.34 -19.80 21.82
CA ASN B 642 3.00 -21.13 21.36
C ASN B 642 4.23 -22.03 21.36
N GLU B 643 5.38 -21.48 20.99
CA GLU B 643 6.56 -22.32 20.90
C GLU B 643 7.14 -22.64 22.27
N ILE B 644 7.03 -21.72 23.24
CA ILE B 644 7.54 -22.02 24.57
C ILE B 644 6.55 -22.79 25.43
N ASP B 645 5.29 -22.89 25.00
CA ASP B 645 4.32 -23.69 25.75
C ASP B 645 4.36 -25.16 25.38
N GLY B 646 5.24 -25.56 24.46
CA GLY B 646 5.31 -26.94 24.04
C GLY B 646 6.17 -27.81 24.92
N VAL B 647 5.78 -27.97 26.19
CA VAL B 647 6.63 -28.63 27.17
C VAL B 647 6.89 -30.10 26.84
N GLU B 648 5.99 -30.75 26.09
CA GLU B 648 6.12 -32.19 25.90
C GLU B 648 7.37 -32.57 25.13
N GLU B 649 7.88 -31.68 24.27
CA GLU B 649 9.10 -31.92 23.53
C GLU B 649 10.15 -30.86 23.85
N LEU B 650 10.01 -30.21 25.00
CA LEU B 650 10.93 -29.14 25.39
C LEU B 650 11.72 -29.53 26.63
N LYS B 651 12.21 -30.77 26.67
CA LYS B 651 12.86 -31.24 27.88
C LYS B 651 14.30 -30.77 28.01
N GLY B 652 14.97 -30.47 26.91
CA GLY B 652 16.35 -30.07 26.99
C GLY B 652 16.61 -28.65 26.51
N VAL B 653 15.72 -27.72 26.82
CA VAL B 653 15.88 -26.32 26.44
C VAL B 653 15.48 -25.45 27.60
N VAL B 654 16.24 -24.39 27.85
CA VAL B 654 15.90 -23.37 28.82
C VAL B 654 16.01 -22.02 28.14
N ILE B 655 15.03 -21.15 28.37
CA ILE B 655 14.96 -19.84 27.75
C ILE B 655 15.35 -18.80 28.79
N VAL B 656 16.40 -18.03 28.49
CA VAL B 656 16.90 -16.99 29.38
C VAL B 656 16.69 -15.66 28.70
N ALA B 657 16.14 -14.70 29.43
CA ALA B 657 15.85 -13.38 28.90
C ALA B 657 16.52 -12.33 29.76
N ALA B 658 16.73 -11.16 29.16
CA ALA B 658 17.42 -10.07 29.85
C ALA B 658 16.83 -8.76 29.35
N THR B 659 15.92 -8.19 30.13
CA THR B 659 15.29 -6.93 29.79
C THR B 659 15.69 -5.87 30.79
N ASN B 660 15.91 -4.66 30.31
CA ASN B 660 16.27 -3.55 31.16
C ASN B 660 15.08 -2.73 31.63
N ARG B 661 13.93 -2.85 30.97
CA ARG B 661 12.71 -2.22 31.48
C ARG B 661 11.66 -3.33 31.47
N PRO B 662 11.56 -4.10 32.54
CA PRO B 662 10.72 -5.31 32.50
C PRO B 662 9.24 -5.05 32.39
N ASP B 663 8.76 -3.84 32.66
CA ASP B 663 7.33 -3.62 32.67
C ASP B 663 6.71 -3.75 31.29
N GLU B 664 7.48 -3.49 30.24
CA GLU B 664 6.97 -3.52 28.88
C GLU B 664 7.09 -4.90 28.24
N ILE B 665 7.18 -5.94 29.03
CA ILE B 665 7.01 -7.30 28.54
C ILE B 665 5.57 -7.71 28.78
N ASP B 666 4.93 -8.25 27.76
CA ASP B 666 3.54 -8.66 27.90
C ASP B 666 3.41 -9.67 29.03
N ALA B 667 2.44 -9.47 29.90
CA ALA B 667 2.31 -10.31 31.08
C ALA B 667 2.07 -11.76 30.73
N ALA B 668 1.64 -12.04 29.50
CA ALA B 668 1.43 -13.43 29.11
C ALA B 668 2.74 -14.19 28.98
N LEU B 669 3.86 -13.48 28.95
CA LEU B 669 5.18 -14.08 28.83
C LEU B 669 5.87 -14.20 30.18
N LEU B 670 5.23 -13.74 31.25
CA LEU B 670 5.77 -13.87 32.60
C LEU B 670 4.81 -14.60 33.52
N ARG B 671 3.84 -15.29 32.97
CA ARG B 671 2.94 -16.06 33.80
C ARG B 671 3.56 -17.42 34.12
N PRO B 672 3.15 -18.03 35.22
CA PRO B 672 3.73 -19.32 35.59
C PRO B 672 3.55 -20.36 34.51
N GLY B 673 4.50 -21.28 34.44
CA GLY B 673 4.54 -22.25 33.37
C GLY B 673 5.24 -21.75 32.12
N ARG B 674 5.79 -20.56 32.18
CA ARG B 674 6.43 -19.91 31.05
C ARG B 674 7.68 -19.24 31.61
N LEU B 675 8.15 -18.21 30.92
CA LEU B 675 9.35 -17.52 31.36
C LEU B 675 9.01 -16.83 32.68
N ASP B 676 9.30 -17.50 33.79
CA ASP B 676 8.66 -17.20 35.06
C ASP B 676 9.63 -16.90 36.21
N ARG B 677 10.78 -17.56 36.27
CA ARG B 677 11.75 -17.26 37.31
C ARG B 677 12.37 -15.90 37.03
N HIS B 678 12.11 -14.91 37.86
CA HIS B 678 12.64 -13.57 37.66
C HIS B 678 13.84 -13.35 38.58
N ILE B 679 14.95 -12.88 38.02
CA ILE B 679 16.17 -12.61 38.77
C ILE B 679 16.53 -11.15 38.61
N TYR B 680 16.79 -10.48 39.72
CA TYR B 680 17.15 -9.07 39.73
C TYR B 680 18.65 -8.93 39.84
N VAL B 681 19.25 -8.25 38.87
CA VAL B 681 20.70 -8.11 38.83
C VAL B 681 21.12 -6.95 39.72
N GLY B 682 20.66 -5.76 39.40
CA GLY B 682 20.82 -4.63 40.29
C GLY B 682 22.22 -4.06 40.32
N PRO B 683 22.35 -2.83 40.81
CA PRO B 683 23.65 -2.19 40.90
C PRO B 683 24.59 -2.98 41.78
N PRO B 684 25.85 -3.10 41.40
CA PRO B 684 26.78 -3.93 42.16
C PRO B 684 26.99 -3.41 43.56
N ASP B 685 27.15 -4.34 44.49
CA ASP B 685 27.49 -4.00 45.87
C ASP B 685 28.96 -3.62 45.96
N VAL B 686 29.40 -3.27 47.17
CA VAL B 686 30.74 -2.71 47.32
C VAL B 686 31.81 -3.72 46.93
N ASN B 687 31.63 -4.98 47.31
CA ASN B 687 32.61 -6.00 46.95
C ASN B 687 32.71 -6.15 45.43
N ALA B 688 31.57 -6.16 44.75
CA ALA B 688 31.58 -6.29 43.30
C ALA B 688 32.27 -5.10 42.66
N ARG B 689 32.04 -3.90 43.19
CA ARG B 689 32.70 -2.72 42.65
C ARG B 689 34.20 -2.83 42.83
N LEU B 690 34.65 -3.27 44.01
CA LEU B 690 36.07 -3.42 44.24
C LEU B 690 36.68 -4.41 43.26
N GLU B 691 35.97 -5.52 43.02
CA GLU B 691 36.49 -6.51 42.07
C GLU B 691 36.55 -5.93 40.67
N ILE B 692 35.56 -5.12 40.30
CA ILE B 692 35.55 -4.52 38.98
C ILE B 692 36.76 -3.61 38.80
N LEU B 693 37.01 -2.76 39.80
CA LEU B 693 38.20 -1.92 39.77
C LEU B 693 39.44 -2.77 39.59
N LYS B 694 39.59 -3.79 40.44
CA LYS B 694 40.80 -4.60 40.38
C LYS B 694 40.97 -5.24 39.01
N LYS B 695 39.86 -5.57 38.35
CA LYS B 695 39.99 -6.14 37.01
C LYS B 695 40.41 -5.08 36.00
N CYS B 696 39.93 -3.85 36.16
CA CYS B 696 40.22 -2.83 35.17
C CYS B 696 41.44 -1.98 35.49
N THR B 697 41.89 -1.96 36.74
CA THR B 697 43.05 -1.18 37.12
C THR B 697 44.33 -1.98 37.15
N LYS B 698 44.29 -3.26 36.76
CA LYS B 698 45.45 -4.11 36.96
C LYS B 698 46.63 -3.69 36.08
N LYS B 699 46.35 -3.20 34.88
CA LYS B 699 47.45 -2.93 33.94
C LYS B 699 48.28 -1.75 34.39
N PHE B 700 47.66 -0.70 34.89
CA PHE B 700 48.42 0.46 35.37
C PHE B 700 48.51 0.42 36.88
N ASN B 701 49.71 0.70 37.38
CA ASN B 701 50.04 0.43 38.78
C ASN B 701 49.11 1.19 39.71
N THR B 702 48.59 0.48 40.70
CA THR B 702 47.61 1.03 41.62
C THR B 702 48.12 1.08 43.05
N GLU B 703 48.60 -0.04 43.57
CA GLU B 703 49.08 -0.06 44.95
C GLU B 703 50.31 0.82 45.12
N GLU B 704 51.22 0.79 44.16
CA GLU B 704 52.45 1.58 44.25
C GLU B 704 52.30 2.95 43.62
N SER B 705 51.10 3.30 43.18
CA SER B 705 50.80 4.66 42.75
C SER B 705 50.22 5.50 43.88
N GLY B 706 49.94 4.90 45.02
CA GLY B 706 49.41 5.63 46.15
C GLY B 706 47.92 5.76 46.20
N VAL B 707 47.19 5.10 45.31
CA VAL B 707 45.73 5.10 45.32
C VAL B 707 45.25 3.73 45.79
N ASP B 708 44.44 3.73 46.84
CA ASP B 708 43.89 2.49 47.37
C ASP B 708 42.44 2.36 46.93
N LEU B 709 42.10 1.18 46.41
CA LEU B 709 40.86 1.00 45.68
C LEU B 709 39.64 1.00 46.57
N HIS B 710 39.80 0.91 47.88
CA HIS B 710 38.62 0.84 48.74
C HIS B 710 37.95 2.19 48.90
N GLU B 711 38.71 3.28 48.94
CA GLU B 711 38.06 4.58 48.98
C GLU B 711 37.34 4.86 47.68
N LEU B 712 37.89 4.39 46.56
CA LEU B 712 37.17 4.45 45.30
C LEU B 712 35.89 3.64 45.38
N ALA B 713 35.99 2.42 45.93
CA ALA B 713 34.86 1.51 45.94
C ALA B 713 33.71 2.07 46.75
N ASP B 714 33.99 2.57 47.95
CA ASP B 714 32.91 3.11 48.75
C ASP B 714 32.53 4.52 48.35
N ARG B 715 33.36 5.18 47.54
CA ARG B 715 32.99 6.48 47.01
C ARG B 715 32.08 6.38 45.81
N THR B 716 32.08 5.24 45.11
CA THR B 716 31.32 5.07 43.89
C THR B 716 29.99 4.34 44.12
N GLU B 717 29.37 4.54 45.27
CA GLU B 717 28.09 3.92 45.53
C GLU B 717 27.04 4.47 44.57
N GLY B 718 26.24 3.59 44.01
CA GLY B 718 25.20 3.95 43.08
C GLY B 718 25.57 3.79 41.62
N TYR B 719 26.86 3.67 41.32
CA TYR B 719 27.29 3.50 39.94
C TYR B 719 26.82 2.16 39.40
N SER B 720 26.50 2.14 38.12
CA SER B 720 26.37 0.87 37.44
C SER B 720 27.75 0.32 37.11
N GLY B 721 27.81 -0.97 36.83
CA GLY B 721 29.09 -1.58 36.52
C GLY B 721 29.74 -0.93 35.32
N ALA B 722 28.95 -0.61 34.30
CA ALA B 722 29.48 0.09 33.14
C ALA B 722 30.02 1.45 33.55
N GLU B 723 29.32 2.13 34.44
CA GLU B 723 29.83 3.42 34.92
C GLU B 723 31.17 3.26 35.61
N VAL B 724 31.37 2.15 36.32
CA VAL B 724 32.62 1.95 37.02
C VAL B 724 33.76 1.69 36.05
N VAL B 725 33.53 0.82 35.06
CA VAL B 725 34.59 0.59 34.10
C VAL B 725 34.87 1.85 33.31
N LEU B 726 33.86 2.70 33.10
CA LEU B 726 34.13 3.93 32.38
C LEU B 726 34.85 4.92 33.27
N LEU B 727 34.65 4.86 34.58
CA LEU B 727 35.47 5.65 35.49
C LEU B 727 36.94 5.27 35.37
N CYS B 728 37.20 3.97 35.32
CA CYS B 728 38.59 3.54 35.10
C CYS B 728 39.12 4.05 33.77
N GLN B 729 38.29 3.97 32.73
CA GLN B 729 38.72 4.43 31.41
C GLN B 729 39.02 5.92 31.42
N GLU B 730 38.19 6.71 32.08
CA GLU B 730 38.41 8.15 32.13
C GLU B 730 39.62 8.50 32.97
N ALA B 731 39.90 7.73 34.01
CA ALA B 731 41.14 7.92 34.73
C ALA B 731 42.33 7.70 33.82
N GLY B 732 42.28 6.63 33.02
CA GLY B 732 43.35 6.42 32.05
C GLY B 732 43.45 7.55 31.05
N LEU B 733 42.31 8.11 30.67
CA LEU B 733 42.32 9.21 29.71
C LEU B 733 42.96 10.45 30.30
N ALA B 734 42.72 10.71 31.59
CA ALA B 734 43.42 11.81 32.24
C ALA B 734 44.92 11.52 32.34
N ALA B 735 45.27 10.25 32.57
CA ALA B 735 46.68 9.89 32.61
C ALA B 735 47.35 10.22 31.29
N ILE B 736 46.71 9.87 30.18
CA ILE B 736 47.32 10.17 28.89
C ILE B 736 47.17 11.65 28.54
N MET B 737 46.20 12.34 29.15
CA MET B 737 46.17 13.79 29.12
C MET B 737 47.50 14.37 29.58
N GLU B 738 47.84 14.13 30.85
CA GLU B 738 48.96 14.84 31.45
C GLU B 738 50.31 14.39 30.92
N ASP B 739 50.38 13.30 30.18
CA ASP B 739 51.66 12.83 29.65
C ASP B 739 51.38 11.79 28.56
N LEU B 740 52.20 11.82 27.51
CA LEU B 740 51.94 10.96 26.37
C LEU B 740 52.39 9.53 26.62
N ASP B 741 53.47 9.34 27.38
CA ASP B 741 53.99 8.00 27.67
C ASP B 741 54.00 7.72 29.17
N VAL B 742 52.95 8.12 29.86
CA VAL B 742 52.90 7.92 31.30
C VAL B 742 52.72 6.43 31.61
N ALA B 743 53.19 6.03 32.78
CA ALA B 743 52.99 4.69 33.29
C ALA B 743 52.59 4.72 34.76
N LYS B 744 51.72 5.65 35.13
CA LYS B 744 51.40 5.88 36.53
C LYS B 744 50.12 6.69 36.59
N VAL B 745 49.16 6.24 37.38
CA VAL B 745 47.88 6.93 37.54
C VAL B 745 47.69 7.28 39.01
N GLU B 746 47.46 8.56 39.27
CA GLU B 746 47.33 9.06 40.64
C GLU B 746 45.87 9.28 40.98
N LEU B 747 45.63 9.50 42.28
CA LEU B 747 44.26 9.71 42.75
C LEU B 747 43.64 10.96 42.14
N ARG B 748 44.45 11.93 41.74
CA ARG B 748 43.89 13.15 41.16
C ARG B 748 43.24 12.88 39.82
N HIS B 749 43.79 11.95 39.03
CA HIS B 749 43.16 11.58 37.78
C HIS B 749 41.79 10.95 38.05
N PHE B 750 41.73 10.05 39.02
CA PHE B 750 40.45 9.46 39.40
C PHE B 750 39.49 10.51 39.92
N GLU B 751 40.01 11.55 40.59
CA GLU B 751 39.13 12.58 41.10
C GLU B 751 38.52 13.39 39.96
N LYS B 752 39.33 13.71 38.95
CA LYS B 752 38.79 14.39 37.77
C LYS B 752 37.73 13.52 37.11
N ALA B 753 38.02 12.24 36.94
CA ALA B 753 37.04 11.35 36.32
C ALA B 753 35.76 11.28 37.13
N PHE B 754 35.88 11.17 38.45
CA PHE B 754 34.72 11.04 39.31
C PHE B 754 33.89 12.32 39.28
N LYS B 755 34.54 13.46 39.12
CA LYS B 755 33.78 14.69 38.88
C LYS B 755 33.04 14.59 37.55
N GLY B 756 33.66 14.01 36.54
CA GLY B 756 33.06 14.02 35.23
C GLY B 756 32.02 12.97 34.94
N ILE B 757 31.60 12.16 35.91
CA ILE B 757 30.69 11.06 35.67
C ILE B 757 29.43 11.27 36.51
N ALA B 758 28.28 11.20 35.87
CA ALA B 758 27.00 11.33 36.54
C ALA B 758 26.33 9.98 36.66
N ARG B 759 25.62 9.77 37.76
CA ARG B 759 24.98 8.49 38.03
C ARG B 759 23.78 8.32 37.12
N GLY B 760 23.81 7.31 36.28
CA GLY B 760 22.70 7.02 35.40
C GLY B 760 21.61 6.19 36.00
N ILE B 761 21.70 5.87 37.29
CA ILE B 761 20.72 5.03 37.97
C ILE B 761 20.05 5.92 39.01
N THR B 762 18.96 6.55 38.62
CA THR B 762 18.23 7.42 39.52
C THR B 762 17.46 6.58 40.54
N PRO B 763 17.10 7.17 41.68
CA PRO B 763 16.21 6.47 42.60
C PRO B 763 14.87 6.13 41.98
N GLU B 764 14.45 6.87 40.96
CA GLU B 764 13.23 6.51 40.24
C GLU B 764 13.35 5.13 39.62
N MET B 765 14.50 4.82 39.01
CA MET B 765 14.68 3.52 38.37
C MET B 765 14.69 2.39 39.40
N LEU B 766 15.36 2.60 40.52
CA LEU B 766 15.37 1.58 41.56
C LEU B 766 13.97 1.35 42.10
N SER B 767 13.20 2.43 42.27
CA SER B 767 11.81 2.27 42.68
C SER B 767 11.02 1.48 41.65
N TYR B 768 11.25 1.76 40.36
CA TYR B 768 10.54 1.03 39.33
C TYR B 768 10.84 -0.46 39.38
N TYR B 769 12.10 -0.81 39.60
CA TYR B 769 12.46 -2.21 39.61
C TYR B 769 11.93 -2.91 40.85
N GLU B 770 11.98 -2.24 42.00
CA GLU B 770 11.38 -2.84 43.19
C GLU B 770 9.88 -3.05 43.00
N GLU B 771 9.22 -2.07 42.37
CA GLU B 771 7.79 -2.21 42.11
C GLU B 771 7.50 -3.39 41.21
N PHE B 772 8.31 -3.58 40.16
CA PHE B 772 8.11 -4.77 39.33
C PHE B 772 8.44 -6.05 40.09
N ALA B 773 9.31 -5.96 41.09
CA ALA B 773 9.62 -7.14 41.90
C ALA B 773 8.41 -7.56 42.72
N LEU B 774 7.69 -6.61 43.32
CA LEU B 774 6.52 -6.97 44.10
C LEU B 774 5.40 -7.55 43.23
N ARG B 775 5.37 -7.22 41.95
CA ARG B 775 4.36 -7.70 41.03
C ARG B 775 4.78 -9.00 40.33
N SER B 776 6.00 -9.45 40.55
CA SER B 776 6.57 -10.54 39.78
C SER B 776 5.89 -11.86 40.14
N GLY B 777 6.37 -12.95 39.53
CA GLY B 777 5.82 -14.28 39.70
C GLY B 777 6.69 -15.20 40.55
N SER B 778 7.99 -15.25 40.27
CA SER B 778 8.89 -16.13 40.99
C SER B 778 10.19 -15.40 41.32
N SER B 779 10.79 -15.77 42.45
CA SER B 779 12.08 -15.25 42.89
C SER B 779 12.07 -13.72 42.95
N SER B 780 10.99 -13.17 43.51
CA SER B 780 10.86 -11.73 43.69
C SER B 780 11.97 -11.17 44.59
N PRO C 239 45.28 9.11 -34.01
CA PRO C 239 44.84 8.71 -32.68
C PRO C 239 46.00 8.59 -31.69
N GLU C 240 45.94 9.37 -30.62
CA GLU C 240 47.00 9.35 -29.61
C GLU C 240 46.66 8.31 -28.55
N PRO C 241 47.47 7.27 -28.38
CA PRO C 241 47.17 6.25 -27.38
C PRO C 241 47.18 6.84 -25.98
N LEU C 242 46.30 6.35 -25.13
CA LEU C 242 46.24 6.87 -23.77
C LEU C 242 47.48 6.48 -23.00
N SER C 243 47.61 7.04 -21.80
CA SER C 243 48.73 6.71 -20.94
C SER C 243 48.30 6.99 -19.50
N TYR C 244 49.06 6.44 -18.56
CA TYR C 244 48.72 6.64 -17.16
C TYR C 244 48.94 8.07 -16.71
N ALA C 245 49.62 8.89 -17.51
CA ALA C 245 49.71 10.29 -17.18
C ALA C 245 48.40 11.01 -17.44
N ALA C 246 47.61 10.52 -18.39
CA ALA C 246 46.34 11.17 -18.68
C ALA C 246 45.39 11.07 -17.50
N VAL C 247 45.31 9.90 -16.87
CA VAL C 247 44.48 9.75 -15.69
C VAL C 247 45.12 10.55 -14.57
N GLY C 248 44.28 11.10 -13.70
CA GLY C 248 44.77 11.87 -12.58
C GLY C 248 43.88 11.72 -11.37
N GLY C 249 44.45 11.97 -10.21
CA GLY C 249 43.69 11.98 -8.98
C GLY C 249 43.33 10.61 -8.45
N LEU C 250 43.81 9.54 -9.08
CA LEU C 250 43.52 8.20 -8.62
C LEU C 250 44.79 7.40 -8.36
N ASP C 251 45.92 8.09 -8.16
CA ASP C 251 47.22 7.42 -8.15
C ASP C 251 47.26 6.23 -7.21
N LYS C 252 46.62 6.34 -6.05
CA LYS C 252 46.61 5.21 -5.12
C LYS C 252 45.95 3.99 -5.75
N GLU C 253 44.73 4.15 -6.24
CA GLU C 253 44.09 3.01 -6.86
C GLU C 253 44.55 2.75 -8.29
N ILE C 254 45.20 3.71 -8.94
CA ILE C 254 45.91 3.37 -10.17
C ILE C 254 46.99 2.34 -9.88
N GLU C 255 47.77 2.58 -8.82
CA GLU C 255 48.80 1.64 -8.43
C GLU C 255 48.20 0.32 -7.99
N SER C 256 47.08 0.37 -7.26
CA SER C 256 46.42 -0.86 -6.85
C SER C 256 45.99 -1.70 -8.05
N LEU C 257 45.39 -1.05 -9.06
CA LEU C 257 44.99 -1.78 -10.25
C LEU C 257 46.18 -2.31 -11.01
N LYS C 258 47.25 -1.53 -11.10
CA LYS C 258 48.44 -2.01 -11.78
C LYS C 258 49.00 -3.24 -11.09
N SER C 259 49.02 -3.24 -9.76
CA SER C 259 49.48 -4.41 -9.04
C SER C 259 48.57 -5.61 -9.27
N ALA C 260 47.25 -5.40 -9.21
CA ALA C 260 46.32 -6.50 -9.37
C ALA C 260 46.33 -7.06 -10.79
N ILE C 261 46.78 -6.29 -11.77
CA ILE C 261 46.91 -6.81 -13.12
C ILE C 261 48.29 -7.38 -13.41
N GLU C 262 49.32 -6.90 -12.75
CA GLU C 262 50.66 -7.40 -13.03
C GLU C 262 50.88 -8.79 -12.43
N ILE C 263 50.33 -9.05 -11.25
CA ILE C 263 50.65 -10.29 -10.55
C ILE C 263 50.10 -11.51 -11.29
N PRO C 264 48.84 -11.58 -11.67
CA PRO C 264 48.45 -12.48 -12.75
C PRO C 264 48.76 -11.79 -14.06
N LEU C 265 48.49 -12.48 -15.17
CA LEU C 265 48.65 -11.95 -16.51
C LEU C 265 50.10 -11.66 -16.86
N HIS C 266 51.01 -11.75 -15.91
CA HIS C 266 52.44 -11.71 -16.22
C HIS C 266 53.25 -12.79 -15.51
N GLN C 267 52.78 -13.33 -14.40
CA GLN C 267 53.56 -14.25 -13.61
C GLN C 267 52.69 -14.98 -12.59
N PRO C 268 51.77 -15.83 -13.05
CA PRO C 268 50.96 -16.60 -12.10
C PRO C 268 51.75 -17.61 -11.31
N THR C 269 52.85 -18.11 -11.87
CA THR C 269 53.66 -19.07 -11.15
C THR C 269 54.28 -18.45 -9.91
N LEU C 270 54.45 -17.12 -9.90
CA LEU C 270 55.11 -16.46 -8.78
C LEU C 270 54.35 -16.68 -7.48
N PHE C 271 53.05 -16.91 -7.54
CA PHE C 271 52.29 -17.21 -6.33
C PHE C 271 51.35 -18.39 -6.52
N SER C 272 51.52 -19.15 -7.60
CA SER C 272 50.95 -20.49 -7.62
C SER C 272 51.65 -21.38 -6.59
N SER C 273 52.92 -21.08 -6.30
CA SER C 273 53.64 -21.81 -5.29
C SER C 273 52.98 -21.69 -3.93
N PHE C 274 52.55 -20.48 -3.56
CA PHE C 274 51.86 -20.30 -2.30
C PHE C 274 50.55 -21.06 -2.24
N GLY C 275 50.12 -21.68 -3.33
CA GLY C 275 49.06 -22.66 -3.24
C GLY C 275 47.68 -22.09 -3.04
N VAL C 276 47.45 -20.84 -3.39
CA VAL C 276 46.10 -20.29 -3.43
C VAL C 276 45.73 -20.05 -4.88
N SER C 277 44.45 -20.15 -5.18
CA SER C 277 44.01 -19.85 -6.52
C SER C 277 44.25 -18.38 -6.82
N PRO C 278 44.77 -18.05 -8.00
CA PRO C 278 45.07 -16.65 -8.30
C PRO C 278 43.81 -15.81 -8.31
N PRO C 279 43.89 -14.55 -7.93
CA PRO C 279 42.72 -13.68 -8.01
C PRO C 279 42.49 -13.27 -9.45
N ARG C 280 41.33 -13.66 -9.99
CA ARG C 280 41.03 -13.45 -11.39
C ARG C 280 40.11 -12.26 -11.65
N GLY C 281 39.03 -12.16 -10.90
CA GLY C 281 38.04 -11.14 -11.18
C GLY C 281 38.25 -9.82 -10.47
N ILE C 282 38.63 -8.79 -11.21
CA ILE C 282 38.82 -7.45 -10.67
C ILE C 282 37.61 -6.60 -11.03
N LEU C 283 37.06 -5.92 -10.04
CA LEU C 283 35.85 -5.12 -10.20
C LEU C 283 36.16 -3.69 -9.82
N LEU C 284 35.69 -2.75 -10.64
CA LEU C 284 35.88 -1.33 -10.42
C LEU C 284 34.53 -0.74 -10.01
N HIS C 285 34.41 -0.37 -8.74
CA HIS C 285 33.24 0.35 -8.28
C HIS C 285 33.30 1.78 -8.76
N GLY C 286 32.39 2.61 -8.28
CA GLY C 286 32.51 4.04 -8.46
C GLY C 286 31.24 4.71 -8.92
N PRO C 287 31.05 5.94 -8.49
CA PRO C 287 29.94 6.74 -8.95
C PRO C 287 30.07 7.02 -10.44
N PRO C 288 28.98 7.30 -11.13
CA PRO C 288 29.07 7.45 -12.59
C PRO C 288 29.90 8.66 -12.95
N GLY C 289 30.69 8.51 -14.01
CA GLY C 289 31.57 9.57 -14.44
C GLY C 289 32.82 9.74 -13.62
N THR C 290 33.16 8.78 -12.77
CA THR C 290 34.36 8.92 -11.96
C THR C 290 35.63 8.53 -12.69
N GLY C 291 35.52 8.01 -13.90
CA GLY C 291 36.70 7.73 -14.69
C GLY C 291 37.03 6.26 -14.84
N LYS C 292 36.01 5.41 -14.95
CA LYS C 292 36.26 3.99 -15.08
C LYS C 292 36.67 3.62 -16.49
N THR C 293 35.77 3.85 -17.43
CA THR C 293 35.98 3.36 -18.79
C THR C 293 37.29 3.89 -19.35
N MET C 294 37.67 5.10 -18.97
CA MET C 294 38.99 5.58 -19.33
C MET C 294 40.05 4.66 -18.78
N LEU C 295 39.88 4.23 -17.53
CA LEU C 295 40.92 3.46 -16.88
C LEU C 295 41.03 2.09 -17.52
N LEU C 296 39.90 1.50 -17.88
CA LEU C 296 39.95 0.25 -18.63
C LEU C 296 40.66 0.45 -19.96
N ARG C 297 40.36 1.55 -20.65
CA ARG C 297 41.00 1.78 -21.93
C ARG C 297 42.51 1.95 -21.77
N VAL C 298 42.94 2.65 -20.73
CA VAL C 298 44.37 2.87 -20.57
C VAL C 298 45.07 1.59 -20.17
N VAL C 299 44.40 0.75 -19.37
CA VAL C 299 44.96 -0.57 -19.07
C VAL C 299 45.13 -1.36 -20.36
N ALA C 300 44.11 -1.35 -21.21
CA ALA C 300 44.22 -2.06 -22.47
C ALA C 300 45.37 -1.53 -23.30
N ASN C 301 45.51 -0.20 -23.38
CA ASN C 301 46.52 0.37 -24.25
C ASN C 301 47.93 0.17 -23.71
N THR C 302 48.09 0.05 -22.39
CA THR C 302 49.44 -0.04 -21.84
C THR C 302 49.86 -1.47 -21.54
N SER C 303 48.91 -2.36 -21.27
CA SER C 303 49.26 -3.75 -21.06
C SER C 303 49.57 -4.42 -22.39
N ASN C 304 50.62 -5.23 -22.40
CA ASN C 304 51.04 -5.92 -23.61
C ASN C 304 50.26 -7.19 -23.86
N ALA C 305 49.32 -7.54 -22.98
CA ALA C 305 48.48 -8.70 -23.19
C ALA C 305 47.48 -8.40 -24.29
N HIS C 306 46.58 -9.35 -24.54
CA HIS C 306 45.60 -9.21 -25.61
C HIS C 306 44.25 -8.90 -24.99
N VAL C 307 43.63 -7.84 -25.46
CA VAL C 307 42.37 -7.37 -24.92
C VAL C 307 41.22 -8.01 -25.67
N LEU C 308 40.20 -8.43 -24.95
CA LEU C 308 38.96 -8.87 -25.54
C LEU C 308 37.85 -8.12 -24.84
N THR C 309 36.80 -7.79 -25.58
CA THR C 309 35.73 -6.98 -25.04
C THR C 309 34.40 -7.70 -25.16
N ILE C 310 33.72 -7.84 -24.03
CA ILE C 310 32.31 -8.17 -24.01
C ILE C 310 31.56 -6.87 -24.19
N ASN C 311 30.93 -6.70 -25.33
CA ASN C 311 30.33 -5.43 -25.72
C ASN C 311 28.95 -5.24 -25.13
N GLY C 312 28.65 -5.94 -24.04
CA GLY C 312 27.33 -5.89 -23.47
C GLY C 312 26.32 -6.47 -24.44
N PRO C 313 25.27 -5.70 -24.72
CA PRO C 313 24.30 -6.14 -25.74
C PRO C 313 24.89 -6.23 -27.13
N SER C 314 26.01 -5.56 -27.39
CA SER C 314 26.49 -5.45 -28.77
C SER C 314 27.13 -6.72 -29.29
N ILE C 315 27.03 -7.83 -28.57
CA ILE C 315 27.27 -9.15 -29.15
C ILE C 315 26.18 -10.14 -28.80
N VAL C 316 25.35 -9.84 -27.79
CA VAL C 316 24.22 -10.69 -27.45
C VAL C 316 23.23 -10.71 -28.62
N SER C 317 22.83 -11.91 -29.03
CA SER C 317 21.97 -12.08 -30.19
C SER C 317 20.51 -11.96 -29.78
N LYS C 318 19.60 -12.28 -30.71
CA LYS C 318 18.17 -12.22 -30.41
C LYS C 318 17.79 -13.19 -29.31
N TYR C 319 18.30 -14.42 -29.36
CA TYR C 319 18.05 -15.43 -28.35
C TYR C 319 19.38 -15.92 -27.80
N LEU C 320 19.34 -16.34 -26.53
CA LEU C 320 20.56 -16.62 -25.78
C LEU C 320 21.31 -17.85 -26.31
N GLY C 321 20.63 -18.72 -27.06
CA GLY C 321 21.27 -19.94 -27.53
C GLY C 321 22.55 -19.67 -28.31
N GLU C 322 22.61 -18.55 -29.02
CA GLU C 322 23.85 -18.12 -29.64
C GLU C 322 24.68 -17.21 -28.76
N THR C 323 24.04 -16.52 -27.79
CA THR C 323 24.78 -15.58 -26.95
C THR C 323 25.75 -16.30 -26.03
N GLU C 324 25.30 -17.34 -25.34
CA GLU C 324 26.20 -18.11 -24.49
C GLU C 324 27.31 -18.75 -25.30
N ALA C 325 26.98 -19.26 -26.49
CA ALA C 325 28.02 -19.82 -27.34
C ALA C 325 29.05 -18.77 -27.72
N ALA C 326 28.59 -17.56 -28.05
CA ALA C 326 29.51 -16.51 -28.47
C ALA C 326 30.41 -16.08 -27.31
N LEU C 327 29.86 -15.93 -26.11
CA LEU C 327 30.69 -15.50 -24.99
C LEU C 327 31.68 -16.60 -24.60
N ARG C 328 31.25 -17.85 -24.63
CA ARG C 328 32.18 -18.94 -24.39
C ARG C 328 33.27 -18.96 -25.46
N ASP C 329 32.91 -18.66 -26.70
CA ASP C 329 33.88 -18.61 -27.78
C ASP C 329 34.90 -17.51 -27.54
N ILE C 330 34.42 -16.35 -27.08
CA ILE C 330 35.33 -15.25 -26.75
C ILE C 330 36.28 -15.67 -25.64
N PHE C 331 35.75 -16.29 -24.60
CA PHE C 331 36.60 -16.70 -23.48
C PHE C 331 37.62 -17.74 -23.93
N ASN C 332 37.20 -18.67 -24.78
CA ASN C 332 38.13 -19.67 -25.29
C ASN C 332 39.20 -19.03 -26.17
N GLU C 333 38.83 -18.02 -26.95
CA GLU C 333 39.80 -17.36 -27.80
C GLU C 333 40.81 -16.60 -26.95
N ALA C 334 40.34 -16.06 -25.82
CA ALA C 334 41.26 -15.47 -24.86
C ALA C 334 42.17 -16.54 -24.26
N ARG C 335 41.60 -17.68 -23.90
CA ARG C 335 42.38 -18.74 -23.27
C ARG C 335 43.48 -19.23 -24.19
N LYS C 336 43.18 -19.41 -25.47
CA LYS C 336 44.20 -19.89 -26.39
C LYS C 336 45.31 -18.88 -26.54
N TYR C 337 44.98 -17.59 -26.58
CA TYR C 337 45.99 -16.54 -26.70
C TYR C 337 46.30 -15.92 -25.33
N GLN C 338 46.84 -16.75 -24.44
CA GLN C 338 47.36 -16.20 -23.20
C GLN C 338 48.63 -15.42 -23.48
N PRO C 339 48.86 -14.30 -22.76
CA PRO C 339 48.05 -13.70 -21.71
C PRO C 339 46.89 -12.88 -22.26
N SER C 340 45.76 -12.87 -21.58
CA SER C 340 44.56 -12.24 -22.10
C SER C 340 43.79 -11.55 -21.00
N ILE C 341 43.16 -10.43 -21.36
CA ILE C 341 42.28 -9.69 -20.46
C ILE C 341 40.90 -9.68 -21.08
N ILE C 342 39.90 -9.85 -20.23
CA ILE C 342 38.50 -9.82 -20.63
C ILE C 342 37.84 -8.61 -19.98
N PHE C 343 37.32 -7.71 -20.81
CA PHE C 343 36.72 -6.48 -20.31
C PHE C 343 35.20 -6.61 -20.28
N ILE C 344 34.61 -6.31 -19.14
CA ILE C 344 33.16 -6.13 -19.04
C ILE C 344 32.89 -4.73 -18.56
N ASP C 345 32.10 -3.98 -19.33
CA ASP C 345 31.64 -2.67 -18.94
C ASP C 345 30.17 -2.77 -18.57
N GLU C 346 29.82 -2.18 -17.43
CA GLU C 346 28.43 -2.17 -16.95
C GLU C 346 27.91 -3.60 -16.79
N ILE C 347 28.49 -4.30 -15.82
CA ILE C 347 27.91 -5.58 -15.39
C ILE C 347 26.44 -5.42 -15.11
N ASP C 348 26.05 -4.26 -14.56
CA ASP C 348 24.65 -4.00 -14.29
C ASP C 348 23.81 -4.14 -15.55
N SER C 349 24.39 -3.88 -16.70
CA SER C 349 23.72 -4.07 -17.98
C SER C 349 23.87 -5.49 -18.49
N ILE C 350 24.43 -6.39 -17.69
CA ILE C 350 24.64 -7.77 -18.14
C ILE C 350 23.94 -8.75 -17.21
N ALA C 351 24.33 -8.79 -15.94
CA ALA C 351 23.84 -9.82 -15.02
C ALA C 351 23.42 -9.21 -13.69
N PRO C 352 22.34 -8.44 -13.68
CA PRO C 352 21.77 -8.00 -12.40
C PRO C 352 20.65 -8.91 -11.92
N ASN C 353 20.88 -10.22 -11.84
CA ASN C 353 19.73 -11.12 -11.70
C ASN C 353 19.09 -11.08 -10.33
N ARG C 354 19.64 -10.32 -9.39
CA ARG C 354 19.04 -10.26 -8.06
C ARG C 354 17.70 -9.54 -8.05
N ALA C 355 17.53 -8.54 -8.91
CA ALA C 355 16.35 -7.69 -8.89
C ALA C 355 15.23 -8.30 -9.73
N ASN C 356 14.12 -7.57 -9.83
CA ASN C 356 12.95 -8.05 -10.57
C ASN C 356 13.16 -8.01 -12.07
N ASP C 357 14.10 -7.21 -12.57
CA ASP C 357 14.36 -7.12 -14.00
C ASP C 357 15.06 -8.35 -14.54
N ASP C 358 15.32 -9.35 -13.70
CA ASP C 358 15.96 -10.58 -14.13
C ASP C 358 15.00 -11.36 -15.02
N SER C 359 15.24 -11.31 -16.33
CA SER C 359 14.47 -12.10 -17.29
C SER C 359 15.10 -13.49 -17.36
N GLY C 360 14.37 -14.50 -16.88
CA GLY C 360 14.93 -15.83 -16.82
C GLY C 360 15.40 -16.35 -18.16
N GLU C 361 14.82 -15.84 -19.25
CA GLU C 361 15.32 -16.20 -20.57
C GLU C 361 16.63 -15.52 -20.89
N VAL C 362 16.90 -14.36 -20.27
CA VAL C 362 18.07 -13.57 -20.65
C VAL C 362 19.00 -13.37 -19.47
N GLU C 363 18.53 -12.65 -18.44
CA GLU C 363 19.40 -12.25 -17.35
C GLU C 363 19.87 -13.44 -16.53
N SER C 364 18.94 -14.34 -16.17
CA SER C 364 19.33 -15.53 -15.44
C SER C 364 20.27 -16.40 -16.24
N ARG C 365 20.03 -16.53 -17.54
CA ARG C 365 20.93 -17.34 -18.37
C ARG C 365 22.33 -16.73 -18.42
N VAL C 366 22.41 -15.40 -18.54
CA VAL C 366 23.70 -14.75 -18.64
C VAL C 366 24.47 -14.87 -17.32
N VAL C 367 23.79 -14.66 -16.20
CA VAL C 367 24.47 -14.81 -14.92
C VAL C 367 24.88 -16.26 -14.70
N ALA C 368 24.05 -17.21 -15.16
CA ALA C 368 24.40 -18.61 -15.01
C ALA C 368 25.65 -18.95 -15.79
N THR C 369 25.76 -18.47 -17.03
CA THR C 369 26.95 -18.80 -17.80
C THR C 369 28.18 -18.07 -17.26
N LEU C 370 27.98 -16.87 -16.70
CA LEU C 370 29.09 -16.18 -16.05
C LEU C 370 29.62 -17.00 -14.88
N LEU C 371 28.74 -17.43 -13.98
CA LEU C 371 29.17 -18.29 -12.88
C LEU C 371 29.83 -19.55 -13.41
N THR C 372 29.22 -20.16 -14.43
CA THR C 372 29.71 -21.45 -14.92
C THR C 372 31.14 -21.33 -15.43
N LEU C 373 31.44 -20.26 -16.18
CA LEU C 373 32.77 -20.21 -16.74
C LEU C 373 33.77 -19.59 -15.77
N MET C 374 33.34 -18.65 -14.92
CA MET C 374 34.21 -18.17 -13.86
C MET C 374 34.57 -19.26 -12.86
N ASP C 375 33.77 -20.31 -12.78
CA ASP C 375 34.13 -21.42 -11.92
C ASP C 375 35.43 -22.08 -12.38
N GLY C 376 35.74 -21.99 -13.67
CA GLY C 376 36.98 -22.56 -14.13
C GLY C 376 37.72 -21.74 -15.18
N MET C 377 38.95 -21.35 -14.85
CA MET C 377 39.86 -20.77 -15.83
C MET C 377 41.25 -21.36 -15.75
N GLY C 378 41.60 -22.04 -14.67
CA GLY C 378 42.91 -22.64 -14.56
C GLY C 378 43.87 -21.76 -13.80
N ALA C 379 44.31 -22.26 -12.63
CA ALA C 379 45.26 -21.50 -11.82
C ALA C 379 46.50 -21.13 -12.62
N ALA C 380 46.88 -21.97 -13.58
CA ALA C 380 47.99 -21.63 -14.45
C ALA C 380 47.57 -20.74 -15.60
N GLY C 381 46.28 -20.53 -15.79
CA GLY C 381 45.81 -19.69 -16.87
C GLY C 381 46.21 -18.23 -16.71
N LYS C 382 46.80 -17.65 -17.75
CA LYS C 382 47.18 -16.24 -17.71
C LYS C 382 46.07 -15.35 -18.25
N VAL C 383 44.87 -15.51 -17.69
CA VAL C 383 43.70 -14.76 -18.12
C VAL C 383 43.16 -14.00 -16.92
N VAL C 384 42.90 -12.71 -17.12
CA VAL C 384 42.35 -11.86 -16.07
C VAL C 384 41.11 -11.18 -16.59
N VAL C 385 40.07 -11.15 -15.77
CA VAL C 385 38.81 -10.53 -16.13
C VAL C 385 38.64 -9.26 -15.30
N ILE C 386 38.49 -8.12 -15.99
CA ILE C 386 38.29 -6.82 -15.37
C ILE C 386 36.90 -6.35 -15.76
N ALA C 387 36.15 -5.83 -14.81
CA ALA C 387 34.85 -5.29 -15.15
C ALA C 387 34.54 -4.08 -14.30
N ALA C 388 33.69 -3.21 -14.84
CA ALA C 388 33.35 -1.94 -14.23
C ALA C 388 31.85 -1.79 -14.12
N THR C 389 31.39 -1.30 -12.98
CA THR C 389 29.99 -1.03 -12.75
C THR C 389 29.85 0.32 -12.07
N ASN C 390 28.76 1.01 -12.38
CA ASN C 390 28.43 2.24 -11.68
C ASN C 390 27.55 2.02 -10.46
N ARG C 391 27.05 0.81 -10.28
CA ARG C 391 26.33 0.42 -9.07
C ARG C 391 26.73 -0.99 -8.72
N PRO C 392 27.57 -1.19 -7.70
CA PRO C 392 27.99 -2.57 -7.38
C PRO C 392 26.88 -3.38 -6.75
N ASN C 393 26.14 -2.80 -5.80
CA ASN C 393 25.10 -3.55 -5.12
C ASN C 393 24.00 -3.98 -6.08
N SER C 394 23.87 -3.31 -7.22
CA SER C 394 22.92 -3.76 -8.23
C SER C 394 23.37 -5.07 -8.86
N VAL C 395 24.66 -5.38 -8.80
CA VAL C 395 25.13 -6.70 -9.23
C VAL C 395 24.72 -7.70 -8.17
N ASP C 396 24.32 -8.89 -8.61
CA ASP C 396 23.89 -9.90 -7.66
C ASP C 396 25.06 -10.31 -6.77
N PRO C 397 24.77 -10.73 -5.54
CA PRO C 397 25.86 -11.23 -4.68
C PRO C 397 26.54 -12.46 -5.25
N ALA C 398 25.94 -13.11 -6.24
CA ALA C 398 26.53 -14.33 -6.80
C ALA C 398 27.88 -14.06 -7.43
N LEU C 399 27.99 -12.99 -8.21
CA LEU C 399 29.28 -12.67 -8.82
C LEU C 399 30.28 -12.15 -7.81
N ARG C 400 29.82 -11.69 -6.64
CA ARG C 400 30.72 -11.08 -5.66
C ARG C 400 30.99 -11.99 -4.46
N ARG C 401 30.71 -13.28 -4.58
CA ARG C 401 31.27 -14.25 -3.65
C ARG C 401 32.78 -14.30 -3.79
N PRO C 402 33.49 -14.67 -2.75
CA PRO C 402 34.94 -14.83 -2.87
C PRO C 402 35.31 -16.02 -3.72
N GLY C 403 36.59 -16.26 -3.93
CA GLY C 403 36.99 -17.34 -4.82
C GLY C 403 36.45 -17.17 -6.21
N ARG C 404 36.08 -15.94 -6.56
CA ARG C 404 35.30 -15.62 -7.73
C ARG C 404 35.70 -14.22 -8.15
N PHE C 405 34.80 -13.54 -8.87
CA PHE C 405 35.04 -12.18 -9.33
C PHE C 405 35.03 -11.29 -8.08
N ASP C 406 36.21 -11.10 -7.48
CA ASP C 406 36.28 -10.72 -6.06
C ASP C 406 37.12 -9.48 -5.78
N GLN C 407 38.26 -9.33 -6.45
CA GLN C 407 39.12 -8.17 -6.20
C GLN C 407 38.36 -6.89 -6.51
N GLU C 408 38.44 -5.93 -5.59
CA GLU C 408 37.69 -4.70 -5.70
C GLU C 408 38.64 -3.51 -5.72
N VAL C 409 38.36 -2.56 -6.60
CA VAL C 409 39.10 -1.31 -6.69
C VAL C 409 38.08 -0.18 -6.72
N GLU C 410 37.94 0.54 -5.61
CA GLU C 410 36.96 1.60 -5.48
C GLU C 410 37.54 2.88 -6.05
N ILE C 411 36.87 3.46 -7.03
CA ILE C 411 37.24 4.74 -7.60
C ILE C 411 36.14 5.74 -7.23
N GLY C 412 36.39 6.55 -6.21
CA GLY C 412 35.36 7.39 -5.64
C GLY C 412 35.39 8.83 -6.15
N ILE C 413 34.50 9.64 -5.58
CA ILE C 413 34.47 11.07 -5.88
C ILE C 413 35.84 11.64 -5.58
N PRO C 414 36.44 12.41 -6.48
CA PRO C 414 37.74 13.00 -6.17
C PRO C 414 37.62 14.03 -5.07
N ASP C 415 38.67 14.12 -4.26
CA ASP C 415 38.74 15.14 -3.22
C ASP C 415 39.32 16.41 -3.84
N VAL C 416 39.58 17.43 -3.01
CA VAL C 416 40.04 18.70 -3.55
C VAL C 416 41.39 18.54 -4.23
N ASP C 417 42.30 17.79 -3.62
CA ASP C 417 43.61 17.59 -4.24
C ASP C 417 43.50 16.82 -5.53
N ALA C 418 42.68 15.77 -5.55
CA ALA C 418 42.49 15.01 -6.78
C ALA C 418 41.86 15.89 -7.85
N ARG C 419 40.97 16.79 -7.45
CA ARG C 419 40.37 17.71 -8.40
C ARG C 419 41.43 18.64 -8.98
N PHE C 420 42.35 19.11 -8.13
CA PHE C 420 43.45 19.91 -8.65
C PHE C 420 44.26 19.13 -9.65
N ASP C 421 44.54 17.86 -9.36
CA ASP C 421 45.33 17.06 -10.28
C ASP C 421 44.61 16.90 -11.62
N ILE C 422 43.31 16.62 -11.57
CA ILE C 422 42.55 16.42 -12.79
C ILE C 422 42.54 17.71 -13.62
N LEU C 423 42.29 18.83 -12.96
CA LEU C 423 42.22 20.10 -13.69
C LEU C 423 43.57 20.46 -14.28
N THR C 424 44.65 20.29 -13.52
CA THR C 424 45.94 20.67 -14.06
C THR C 424 46.32 19.80 -15.24
N LYS C 425 45.98 18.51 -15.19
CA LYS C 425 46.27 17.67 -16.34
C LYS C 425 45.41 18.07 -17.53
N GLN C 426 44.14 18.38 -17.30
CA GLN C 426 43.26 18.75 -18.41
C GLN C 426 43.73 20.04 -19.07
N PHE C 427 44.12 21.02 -18.27
CA PHE C 427 44.59 22.27 -18.86
C PHE C 427 45.96 22.11 -19.48
N SER C 428 46.77 21.17 -18.99
CA SER C 428 48.05 20.90 -19.63
C SER C 428 47.85 20.20 -20.96
N ARG C 429 46.72 19.50 -21.13
CA ARG C 429 46.44 18.92 -22.44
C ARG C 429 46.30 20.01 -23.49
N MET C 430 45.66 21.11 -23.14
CA MET C 430 45.77 22.31 -23.96
C MET C 430 47.17 22.89 -23.82
N SER C 431 47.64 23.51 -24.90
CA SER C 431 48.91 24.22 -24.81
C SER C 431 48.80 25.35 -23.82
N SER C 432 49.85 25.53 -23.01
CA SER C 432 49.76 26.41 -21.85
C SER C 432 49.46 27.85 -22.25
N ASP C 433 49.77 28.23 -23.49
CA ASP C 433 49.52 29.60 -23.92
C ASP C 433 48.04 29.94 -23.88
N ARG C 434 47.19 29.03 -24.38
CA ARG C 434 45.76 29.30 -24.42
C ARG C 434 45.18 29.37 -23.02
N HIS C 435 45.64 28.50 -22.13
CA HIS C 435 45.13 28.40 -20.76
C HIS C 435 45.91 29.36 -19.88
N VAL C 436 45.48 30.61 -19.85
CA VAL C 436 46.17 31.63 -19.03
C VAL C 436 45.52 31.56 -17.65
N LEU C 437 45.96 30.57 -16.88
CA LEU C 437 45.58 30.45 -15.48
C LEU C 437 46.80 29.96 -14.71
N ASP C 438 47.22 30.74 -13.72
CA ASP C 438 48.28 30.28 -12.84
C ASP C 438 47.75 29.17 -11.94
N SER C 439 48.68 28.44 -11.32
CA SER C 439 48.29 27.33 -10.46
C SER C 439 47.36 27.80 -9.34
N GLU C 440 47.46 29.07 -8.96
CA GLU C 440 46.55 29.61 -7.95
C GLU C 440 45.12 29.62 -8.48
N ALA C 441 44.94 30.01 -9.74
CA ALA C 441 43.61 29.99 -10.33
C ALA C 441 43.07 28.57 -10.38
N ILE C 442 43.95 27.60 -10.62
CA ILE C 442 43.53 26.20 -10.63
C ILE C 442 43.11 25.79 -9.23
N LYS C 443 43.84 26.22 -8.21
CA LYS C 443 43.42 25.95 -6.84
C LYS C 443 42.04 26.52 -6.58
N TYR C 444 41.79 27.73 -7.07
CA TYR C 444 40.53 28.41 -6.85
C TYR C 444 39.37 27.66 -7.51
N ILE C 445 39.55 27.30 -8.78
CA ILE C 445 38.52 26.58 -9.50
C ILE C 445 38.29 25.21 -8.87
N ALA C 446 39.37 24.56 -8.43
CA ALA C 446 39.20 23.28 -7.74
C ALA C 446 38.51 23.48 -6.41
N SER C 447 38.70 24.64 -5.79
CA SER C 447 38.05 24.91 -4.51
C SER C 447 36.54 24.96 -4.66
N LYS C 448 36.03 25.55 -5.73
CA LYS C 448 34.57 25.59 -5.87
C LYS C 448 34.02 24.52 -6.79
N THR C 449 34.63 23.35 -6.84
CA THR C 449 34.03 22.24 -7.57
C THR C 449 33.78 21.05 -6.67
N HIS C 450 33.14 21.30 -5.53
CA HIS C 450 32.95 20.25 -4.54
C HIS C 450 32.14 19.09 -5.11
N GLY C 451 31.06 19.41 -5.82
CA GLY C 451 30.20 18.35 -6.32
C GLY C 451 30.68 17.69 -7.59
N TYR C 452 31.62 18.32 -8.28
CA TYR C 452 32.05 17.81 -9.58
C TYR C 452 32.82 16.52 -9.42
N VAL C 453 32.53 15.56 -10.30
CA VAL C 453 33.22 14.29 -10.34
C VAL C 453 33.77 14.07 -11.73
N GLY C 454 35.06 13.78 -11.81
CA GLY C 454 35.60 13.17 -13.00
C GLY C 454 35.25 13.86 -14.29
N ALA C 455 34.38 13.21 -15.05
CA ALA C 455 34.02 13.69 -16.38
C ALA C 455 33.63 15.14 -16.36
N ASP C 456 32.83 15.54 -15.38
CA ASP C 456 32.37 16.92 -15.32
C ASP C 456 33.53 17.89 -15.43
N LEU C 457 34.60 17.62 -14.70
CA LEU C 457 35.75 18.50 -14.73
C LEU C 457 36.26 18.65 -16.15
N THR C 458 36.48 17.53 -16.83
CA THR C 458 36.81 17.59 -18.24
C THR C 458 35.75 18.35 -19.00
N ALA C 459 34.49 17.98 -18.81
CA ALA C 459 33.40 18.72 -19.42
C ALA C 459 33.51 20.20 -19.11
N LEU C 460 33.81 20.53 -17.85
CA LEU C 460 33.94 21.93 -17.47
C LEU C 460 34.94 22.64 -18.36
N CYS C 461 36.12 22.05 -18.51
CA CYS C 461 37.12 22.65 -19.37
C CYS C 461 36.56 22.87 -20.77
N ARG C 462 35.88 21.86 -21.31
CA ARG C 462 35.30 22.01 -22.63
C ARG C 462 34.36 23.20 -22.68
N GLU C 463 33.48 23.30 -21.68
CA GLU C 463 32.53 24.40 -21.68
C GLU C 463 33.26 25.73 -21.65
N SER C 464 34.36 25.78 -20.89
CA SER C 464 35.16 27.01 -20.87
C SER C 464 35.54 27.41 -22.29
N VAL C 465 36.08 26.46 -23.04
CA VAL C 465 36.43 26.72 -24.44
C VAL C 465 35.27 27.41 -25.13
N MET C 466 34.07 26.84 -25.02
CA MET C 466 32.93 27.41 -25.72
C MET C 466 32.76 28.88 -25.37
N LYS C 467 32.71 29.18 -24.07
CA LYS C 467 32.47 30.57 -23.72
C LYS C 467 33.62 31.45 -24.15
N THR C 468 34.84 30.91 -24.15
CA THR C 468 35.95 31.69 -24.68
C THR C 468 35.67 32.10 -26.12
N ILE C 469 35.32 31.13 -26.98
CA ILE C 469 35.06 31.52 -28.34
C ILE C 469 33.75 32.27 -28.43
N GLN C 470 32.86 32.09 -27.45
CA GLN C 470 31.67 32.93 -27.41
C GLN C 470 32.06 34.39 -27.18
N ARG C 471 33.03 34.63 -26.31
CA ARG C 471 33.55 35.99 -26.16
C ARG C 471 34.20 36.46 -27.45
N GLY C 472 34.73 35.53 -28.24
CA GLY C 472 35.23 35.89 -29.55
C GLY C 472 34.14 36.45 -30.44
N LEU C 473 32.93 35.94 -30.31
CA LEU C 473 31.77 36.51 -30.98
C LEU C 473 31.16 37.67 -30.22
N GLY C 474 31.56 37.86 -28.96
CA GLY C 474 31.00 38.95 -28.17
C GLY C 474 31.50 40.32 -28.54
N THR C 475 32.68 40.40 -29.15
CA THR C 475 33.22 41.68 -29.60
C THR C 475 32.73 42.01 -31.01
N ASP C 476 33.03 41.14 -31.97
CA ASP C 476 32.55 41.30 -33.33
C ASP C 476 32.69 39.97 -34.06
N ALA C 477 31.73 39.68 -34.93
CA ALA C 477 31.74 38.43 -35.68
C ALA C 477 32.92 38.34 -36.63
N ASN C 478 33.56 39.47 -36.96
CA ASN C 478 34.68 39.47 -37.90
C ASN C 478 35.92 38.83 -37.32
N ILE C 479 35.94 38.51 -36.02
CA ILE C 479 37.13 37.90 -35.42
C ILE C 479 37.12 36.41 -35.73
N ASP C 480 37.75 36.06 -36.85
CA ASP C 480 38.03 34.65 -37.18
C ASP C 480 39.43 34.26 -36.75
N LYS C 481 40.20 35.19 -36.19
CA LYS C 481 41.55 34.91 -35.75
C LYS C 481 41.55 33.92 -34.59
N PHE C 482 42.52 33.02 -34.59
CA PHE C 482 42.66 31.99 -33.57
C PHE C 482 43.35 32.57 -32.34
N SER C 483 43.81 31.71 -31.43
CA SER C 483 44.57 32.12 -30.26
C SER C 483 43.78 33.09 -29.39
N LEU C 484 42.69 32.59 -28.83
CA LEU C 484 41.93 33.30 -27.81
C LEU C 484 42.16 32.61 -26.47
N LYS C 485 42.87 33.30 -25.59
CA LYS C 485 43.18 32.71 -24.29
C LYS C 485 41.90 32.51 -23.49
N VAL C 486 41.83 31.37 -22.81
CA VAL C 486 40.73 31.09 -21.89
C VAL C 486 41.09 31.66 -20.53
N THR C 487 40.18 32.45 -19.97
CA THR C 487 40.44 33.16 -18.73
C THR C 487 39.62 32.56 -17.60
N LEU C 488 40.08 32.80 -16.37
CA LEU C 488 39.42 32.22 -15.21
C LEU C 488 37.95 32.60 -15.17
N LYS C 489 37.67 33.90 -15.37
CA LYS C 489 36.29 34.38 -15.36
C LYS C 489 35.43 33.56 -16.32
N ASP C 490 35.98 33.20 -17.47
CA ASP C 490 35.26 32.31 -18.37
C ASP C 490 35.00 30.97 -17.71
N VAL C 491 35.88 30.53 -16.81
CA VAL C 491 35.68 29.23 -16.18
C VAL C 491 34.54 29.30 -15.15
N GLU C 492 34.45 30.40 -14.40
CA GLU C 492 33.23 30.53 -13.57
C GLU C 492 31.99 30.66 -14.43
N SER C 493 32.08 31.40 -15.53
CA SER C 493 30.93 31.49 -16.43
C SER C 493 30.52 30.13 -16.93
N ALA C 494 31.48 29.22 -17.08
CA ALA C 494 31.14 27.86 -17.45
C ALA C 494 30.51 27.12 -16.27
N MET C 495 31.02 27.37 -15.07
CA MET C 495 30.48 26.70 -13.89
C MET C 495 29.00 26.98 -13.73
N VAL C 496 28.60 28.24 -13.90
CA VAL C 496 27.23 28.64 -13.60
C VAL C 496 26.21 27.86 -14.42
N ASP C 497 26.64 27.15 -15.44
CA ASP C 497 25.73 26.43 -16.33
C ASP C 497 25.95 24.93 -16.33
N ILE C 498 27.21 24.48 -16.31
CA ILE C 498 27.49 23.11 -16.74
C ILE C 498 27.03 22.08 -15.72
N ARG C 499 27.09 22.41 -14.43
CA ARG C 499 26.94 21.43 -13.37
C ARG C 499 25.73 20.52 -13.54
N PRO C 500 25.95 19.25 -13.88
CA PRO C 500 24.84 18.29 -13.94
C PRO C 500 24.54 17.70 -12.58
N SER C 501 23.65 16.72 -12.51
CA SER C 501 23.37 16.01 -11.27
C SER C 501 24.35 14.84 -11.12
N ALA C 502 25.60 15.18 -10.82
CA ALA C 502 26.65 14.19 -10.66
C ALA C 502 26.75 13.66 -9.24
N MET C 503 26.95 14.54 -8.28
CA MET C 503 26.91 14.16 -6.87
C MET C 503 25.48 14.24 -6.37
N ARG C 504 25.02 13.15 -5.76
CA ARG C 504 23.74 13.11 -5.06
C ARG C 504 24.00 13.42 -3.58
N GLU C 505 23.05 13.09 -2.71
CA GLU C 505 23.31 13.25 -1.29
C GLU C 505 24.29 12.19 -0.83
N ILE C 506 25.48 12.20 -1.43
CA ILE C 506 26.59 11.34 -1.05
C ILE C 506 27.09 11.79 0.31
N PHE C 507 27.84 10.94 1.01
CA PHE C 507 28.49 11.35 2.24
C PHE C 507 29.31 12.61 2.00
N LEU C 508 29.03 13.65 2.79
CA LEU C 508 29.49 14.99 2.49
C LEU C 508 30.97 15.16 2.81
N GLU C 509 31.67 15.90 1.95
CA GLU C 509 33.03 16.35 2.20
C GLU C 509 32.96 17.82 2.59
N MET C 510 33.32 18.13 3.82
CA MET C 510 33.12 19.48 4.30
C MET C 510 34.32 20.37 3.98
N PRO C 511 34.09 21.67 3.83
CA PRO C 511 35.19 22.59 3.48
C PRO C 511 36.23 22.73 4.57
N LYS C 512 37.22 23.59 4.32
CA LYS C 512 38.36 23.76 5.21
C LYS C 512 38.10 24.93 6.14
N VAL C 513 38.20 24.69 7.45
CA VAL C 513 38.16 25.73 8.46
C VAL C 513 39.22 25.40 9.50
N TYR C 514 39.97 26.40 9.93
CA TYR C 514 41.09 26.18 10.84
C TYR C 514 40.71 26.56 12.26
N TRP C 515 41.56 26.17 13.20
CA TRP C 515 41.34 26.56 14.59
C TRP C 515 41.36 28.06 14.77
N SER C 516 42.01 28.78 13.84
CA SER C 516 42.05 30.23 13.94
C SER C 516 40.68 30.84 13.69
N ASP C 517 39.90 30.25 12.79
CA ASP C 517 38.59 30.79 12.48
C ASP C 517 37.68 30.76 13.69
N ILE C 518 37.69 29.66 14.43
CA ILE C 518 36.84 29.54 15.61
C ILE C 518 37.36 30.50 16.67
N GLY C 519 36.53 31.47 17.05
CA GLY C 519 36.95 32.44 18.04
C GLY C 519 36.86 31.86 19.42
N GLY C 520 37.96 31.96 20.17
CA GLY C 520 37.94 31.57 21.55
C GLY C 520 37.62 30.09 21.71
N GLN C 521 36.90 29.79 22.79
CA GLN C 521 36.56 28.42 23.13
C GLN C 521 37.81 27.55 23.20
N GLU C 522 38.86 28.11 23.82
CA GLU C 522 40.10 27.35 23.97
C GLU C 522 39.92 26.12 24.83
N GLU C 523 38.97 26.17 25.78
CA GLU C 523 38.71 25.00 26.60
C GLU C 523 38.19 23.85 25.74
N LEU C 524 37.15 24.12 24.94
CA LEU C 524 36.64 23.10 24.03
C LEU C 524 37.69 22.73 23.00
N LYS C 525 38.46 23.72 22.55
CA LYS C 525 39.59 23.45 21.67
C LYS C 525 40.45 22.32 22.20
N THR C 526 41.01 22.51 23.40
CA THR C 526 41.91 21.53 23.98
C THR C 526 41.18 20.21 24.24
N LYS C 527 39.96 20.29 24.76
CA LYS C 527 39.26 19.07 25.11
C LYS C 527 39.00 18.21 23.89
N MET C 528 38.53 18.81 22.80
CA MET C 528 38.32 18.03 21.59
C MET C 528 39.63 17.52 21.03
N LYS C 529 40.66 18.39 21.01
CA LYS C 529 41.93 17.98 20.46
C LYS C 529 42.43 16.72 21.14
N GLU C 530 42.50 16.74 22.47
CA GLU C 530 42.90 15.55 23.20
C GLU C 530 41.93 14.40 22.93
N MET C 531 40.66 14.54 23.30
CA MET C 531 39.74 13.42 23.42
C MET C 531 39.36 12.84 22.06
N ILE C 532 39.82 13.45 20.97
CA ILE C 532 39.61 12.82 19.67
C ILE C 532 40.93 12.49 18.99
N GLN C 533 41.79 13.48 18.81
CA GLN C 533 43.01 13.22 18.04
C GLN C 533 43.99 12.35 18.83
N LEU C 534 44.13 12.58 20.13
CA LEU C 534 45.09 11.82 20.92
C LEU C 534 44.82 10.32 20.92
N PRO C 535 43.62 9.82 21.24
CA PRO C 535 43.45 8.36 21.29
C PRO C 535 43.57 7.69 19.95
N LEU C 536 43.44 8.43 18.86
CA LEU C 536 43.66 7.87 17.53
C LEU C 536 45.10 8.01 17.08
N GLU C 537 45.94 8.67 17.86
CA GLU C 537 47.35 8.80 17.54
C GLU C 537 48.25 8.24 18.62
N ALA C 538 47.69 7.66 19.67
CA ALA C 538 48.46 7.03 20.73
C ALA C 538 47.86 5.69 21.09
N SER C 539 47.54 4.89 20.08
CA SER C 539 46.89 3.61 20.32
C SER C 539 47.79 2.67 21.11
N GLU C 540 49.09 2.67 20.80
CA GLU C 540 50.00 1.78 21.50
C GLU C 540 50.08 2.13 22.99
N THR C 541 50.06 3.41 23.32
CA THR C 541 50.08 3.81 24.71
C THR C 541 48.81 3.36 25.42
N PHE C 542 47.66 3.50 24.77
CA PHE C 542 46.41 3.09 25.39
C PHE C 542 46.38 1.59 25.63
N ALA C 543 46.81 0.81 24.63
CA ALA C 543 46.84 -0.64 24.81
C ALA C 543 47.80 -1.03 25.92
N ARG C 544 48.97 -0.38 25.97
CA ARG C 544 49.91 -0.64 27.04
C ARG C 544 49.30 -0.34 28.40
N LEU C 545 48.41 0.63 28.47
CA LEU C 545 47.85 1.08 29.72
C LEU C 545 46.71 0.20 30.19
N GLY C 546 46.17 -0.65 29.32
CA GLY C 546 45.08 -1.53 29.68
C GLY C 546 43.69 -0.93 29.54
N ILE C 547 43.54 0.14 28.78
CA ILE C 547 42.28 0.86 28.64
C ILE C 547 41.96 1.02 27.17
N SER C 548 40.73 0.69 26.79
CA SER C 548 40.28 0.94 25.43
C SER C 548 40.04 2.41 25.24
N ALA C 549 40.38 2.92 24.05
CA ALA C 549 40.30 4.34 23.78
C ALA C 549 38.84 4.79 23.80
N PRO C 550 38.60 6.07 24.03
CA PRO C 550 37.23 6.58 23.94
C PRO C 550 36.67 6.33 22.56
N LYS C 551 35.40 5.93 22.53
CA LYS C 551 34.81 5.48 21.28
C LYS C 551 33.85 6.50 20.68
N GLY C 552 33.17 7.28 21.49
CA GLY C 552 32.27 8.25 20.94
C GLY C 552 32.05 9.47 21.80
N VAL C 553 32.29 10.64 21.23
CA VAL C 553 32.13 11.92 21.93
C VAL C 553 30.96 12.65 21.31
N LEU C 554 30.01 13.06 22.14
CA LEU C 554 28.79 13.71 21.70
C LEU C 554 28.82 15.18 22.06
N LEU C 555 28.60 16.03 21.07
CA LEU C 555 28.61 17.48 21.25
C LEU C 555 27.16 17.96 21.32
N TYR C 556 26.80 18.57 22.44
CA TYR C 556 25.46 19.10 22.62
C TYR C 556 25.56 20.56 23.03
N GLY C 557 24.83 21.42 22.33
CA GLY C 557 24.84 22.83 22.62
C GLY C 557 23.67 23.57 21.99
N PRO C 558 23.46 24.81 22.43
CA PRO C 558 22.34 25.57 21.89
C PRO C 558 22.56 25.87 20.43
N PRO C 559 21.49 26.02 19.65
CA PRO C 559 21.66 26.24 18.22
C PRO C 559 22.38 27.54 17.95
N GLY C 560 23.43 27.46 17.14
CA GLY C 560 24.21 28.61 16.78
C GLY C 560 25.62 28.61 17.32
N CYS C 561 25.86 27.95 18.43
CA CYS C 561 27.21 27.91 18.98
C CYS C 561 28.10 27.04 18.11
N SER C 562 29.41 27.21 18.29
CA SER C 562 30.35 26.63 17.34
C SER C 562 30.47 25.13 17.51
N LYS C 563 29.59 24.38 16.84
CA LYS C 563 29.57 22.93 16.98
C LYS C 563 29.92 22.23 15.67
N THR C 564 29.14 22.43 14.62
CA THR C 564 29.49 21.89 13.32
C THR C 564 30.81 22.48 12.86
N LEU C 565 31.05 23.74 13.19
CA LEU C 565 32.32 24.36 12.85
C LEU C 565 33.46 23.76 13.66
N THR C 566 33.21 23.40 14.92
CA THR C 566 34.27 22.78 15.70
C THR C 566 34.65 21.43 15.13
N ALA C 567 33.66 20.63 14.77
CA ALA C 567 33.96 19.35 14.14
C ALA C 567 34.68 19.55 12.82
N LYS C 568 34.25 20.55 12.03
CA LYS C 568 34.89 20.79 10.75
C LYS C 568 36.34 21.18 10.92
N ALA C 569 36.63 22.01 11.92
CA ALA C 569 38.02 22.40 12.16
C ALA C 569 38.84 21.21 12.62
N LEU C 570 38.27 20.37 13.49
CA LEU C 570 38.96 19.14 13.85
C LEU C 570 39.30 18.33 12.61
N ALA C 571 38.36 18.23 11.68
CA ALA C 571 38.62 17.55 10.42
C ALA C 571 39.77 18.19 9.67
N THR C 572 39.72 19.51 9.50
CA THR C 572 40.64 20.18 8.59
C THR C 572 42.07 20.13 9.11
N GLU C 573 42.28 20.45 10.37
CA GLU C 573 43.62 20.46 10.92
C GLU C 573 43.82 19.43 12.03
N SER C 574 43.24 18.24 11.83
CA SER C 574 43.64 17.07 12.58
C SER C 574 44.36 16.06 11.72
N GLY C 575 44.28 16.17 10.40
CA GLY C 575 45.01 15.28 9.53
C GLY C 575 44.53 13.85 9.54
N ILE C 576 43.29 13.62 9.97
CA ILE C 576 42.72 12.29 10.06
C ILE C 576 41.55 12.22 9.10
N ASN C 577 41.40 11.09 8.42
CA ASN C 577 40.26 10.93 7.52
C ASN C 577 38.97 11.21 8.26
N PHE C 578 38.09 11.96 7.61
CA PHE C 578 36.91 12.51 8.27
C PHE C 578 35.71 12.25 7.38
N LEU C 579 34.92 11.26 7.73
CA LEU C 579 33.71 10.93 6.98
C LEU C 579 32.53 11.52 7.73
N ALA C 580 31.85 12.47 7.11
CA ALA C 580 30.81 13.22 7.79
C ALA C 580 29.50 13.07 7.06
N VAL C 581 28.42 12.86 7.82
CA VAL C 581 27.08 12.81 7.25
C VAL C 581 26.12 13.60 8.13
N LYS C 582 25.19 14.29 7.47
CA LYS C 582 24.16 15.02 8.16
C LYS C 582 23.07 14.06 8.62
N GLY C 583 22.22 14.54 9.51
CA GLY C 583 21.17 13.72 10.05
C GLY C 583 20.12 13.42 9.02
N PRO C 584 19.36 14.40 8.62
CA PRO C 584 18.24 14.18 7.69
C PRO C 584 18.68 13.82 6.28
N GLU C 585 19.64 12.92 6.16
CA GLU C 585 20.07 12.43 4.87
C GLU C 585 20.43 10.96 4.86
N ILE C 586 20.60 10.32 6.02
CA ILE C 586 20.82 8.89 6.10
C ILE C 586 19.58 8.27 6.73
N PHE C 587 18.82 9.10 7.44
CA PHE C 587 17.63 8.59 8.13
C PHE C 587 16.47 8.40 7.17
N ASN C 588 16.02 9.49 6.55
CA ASN C 588 14.78 9.49 5.79
C ASN C 588 14.96 9.04 4.35
N LYS C 589 16.03 8.30 4.05
CA LYS C 589 16.23 7.85 2.67
C LYS C 589 15.26 6.72 2.32
N TYR C 590 15.37 5.60 3.02
CA TYR C 590 14.51 4.44 2.80
C TYR C 590 14.76 3.48 3.96
N VAL C 591 13.94 2.43 4.03
CA VAL C 591 14.07 1.47 5.14
C VAL C 591 15.35 0.66 5.00
N GLY C 592 15.67 0.20 3.79
CA GLY C 592 16.84 -0.62 3.59
C GLY C 592 18.04 0.20 3.18
N GLU C 593 17.78 1.27 2.43
CA GLU C 593 18.85 2.17 2.03
C GLU C 593 19.55 2.77 3.24
N SER C 594 18.80 3.02 4.32
CA SER C 594 19.40 3.60 5.52
C SER C 594 20.38 2.64 6.17
N GLU C 595 19.95 1.40 6.40
CA GLU C 595 20.84 0.43 7.01
C GLU C 595 22.05 0.17 6.13
N ARG C 596 21.82 0.09 4.82
CA ARG C 596 22.95 -0.08 3.91
C ARG C 596 23.91 1.09 4.02
N ALA C 597 23.39 2.31 4.14
CA ALA C 597 24.24 3.48 4.23
C ALA C 597 25.07 3.46 5.51
N ILE C 598 24.46 3.09 6.63
CA ILE C 598 25.22 3.03 7.87
C ILE C 598 26.32 1.98 7.76
N ARG C 599 25.98 0.80 7.26
CA ARG C 599 26.98 -0.24 7.15
C ARG C 599 28.11 0.19 6.23
N GLU C 600 27.77 0.91 5.15
CA GLU C 600 28.78 1.24 4.17
C GLU C 600 29.67 2.37 4.68
N ILE C 601 29.09 3.33 5.40
CA ILE C 601 29.92 4.40 5.97
C ILE C 601 30.86 3.84 7.00
N PHE C 602 30.40 2.87 7.80
CA PHE C 602 31.32 2.24 8.74
C PHE C 602 32.36 1.41 8.01
N ARG C 603 32.01 0.87 6.84
CA ARG C 603 32.99 0.13 6.06
C ARG C 603 34.11 1.04 5.59
N LYS C 604 33.79 2.22 5.05
CA LYS C 604 34.85 3.15 4.72
C LYS C 604 35.60 3.61 5.96
N ALA C 605 34.90 3.78 7.08
CA ALA C 605 35.57 4.21 8.30
C ALA C 605 36.66 3.23 8.69
N ARG C 606 36.33 1.94 8.66
CA ARG C 606 37.33 0.93 8.98
C ARG C 606 38.39 0.84 7.90
N SER C 607 38.01 1.08 6.65
CA SER C 607 38.92 0.88 5.53
C SER C 607 40.12 1.80 5.61
N ALA C 608 39.91 3.06 5.97
CA ALA C 608 40.97 4.06 5.97
C ALA C 608 41.33 4.50 7.38
N ALA C 609 41.38 3.55 8.31
CA ALA C 609 41.67 3.89 9.69
C ALA C 609 43.06 4.51 9.79
N PRO C 610 43.27 5.47 10.71
CA PRO C 610 42.28 6.01 11.65
C PRO C 610 41.29 6.94 10.99
N SER C 611 40.12 7.10 11.58
CA SER C 611 39.08 7.91 10.97
C SER C 611 38.13 8.44 12.03
N ILE C 612 37.48 9.55 11.68
CA ILE C 612 36.47 10.20 12.51
C ILE C 612 35.19 10.21 11.71
N ILE C 613 34.16 9.56 12.24
CA ILE C 613 32.83 9.56 11.64
C ILE C 613 32.01 10.59 12.35
N PHE C 614 31.58 11.62 11.63
CA PHE C 614 30.84 12.72 12.20
C PHE C 614 29.37 12.60 11.83
N PHE C 615 28.53 12.68 12.83
CA PHE C 615 27.09 12.55 12.69
C PHE C 615 26.49 13.89 13.10
N ASP C 616 26.19 14.73 12.12
CA ASP C 616 25.60 16.01 12.42
C ASP C 616 24.11 15.83 12.59
N GLU C 617 23.57 16.35 13.69
CA GLU C 617 22.15 16.24 14.00
C GLU C 617 21.70 14.77 14.06
N ILE C 618 22.26 14.07 15.05
CA ILE C 618 21.77 12.72 15.37
C ILE C 618 20.30 12.77 15.73
N ASP C 619 19.80 13.93 16.16
CA ASP C 619 18.40 14.09 16.53
C ASP C 619 17.45 13.50 15.50
N ALA C 620 17.84 13.44 14.23
CA ALA C 620 16.95 12.88 13.22
C ALA C 620 16.77 11.38 13.41
N LEU C 621 17.77 10.69 13.94
CA LEU C 621 17.69 9.24 14.12
C LEU C 621 17.01 8.94 15.46
N SER C 622 15.74 9.33 15.53
CA SER C 622 15.00 9.32 16.79
C SER C 622 13.92 8.27 16.78
N PRO C 623 13.96 7.29 17.69
CA PRO C 623 12.89 6.28 17.77
C PRO C 623 11.72 6.72 18.65
N ASP C 624 11.65 8.02 18.95
CA ASP C 624 10.68 8.56 19.91
C ASP C 624 9.44 9.11 19.23
N ARG C 625 8.97 8.44 18.18
CA ARG C 625 7.81 8.88 17.41
C ARG C 625 6.77 7.77 17.38
N ASP C 626 5.76 7.94 16.53
CA ASP C 626 4.63 7.03 16.46
C ASP C 626 5.04 5.72 15.79
N GLY C 627 4.06 4.88 15.49
CA GLY C 627 4.33 3.55 14.94
C GLY C 627 5.09 3.55 13.64
N SER C 628 5.04 4.65 12.89
CA SER C 628 5.85 4.75 11.67
C SER C 628 7.34 4.61 11.99
N SER C 629 7.77 5.19 13.12
CA SER C 629 9.15 5.04 13.55
C SER C 629 9.53 3.59 13.80
N THR C 630 8.55 2.73 14.08
CA THR C 630 8.84 1.31 14.25
C THR C 630 9.29 0.65 12.95
N SER C 631 9.04 1.28 11.81
CA SER C 631 9.45 0.73 10.52
C SER C 631 10.74 1.35 10.00
N ALA C 632 11.09 2.56 10.43
CA ALA C 632 12.29 3.23 9.96
C ALA C 632 13.27 3.56 11.07
N ALA C 633 12.79 4.15 12.17
CA ALA C 633 13.70 4.63 13.21
C ALA C 633 14.33 3.47 13.98
N ASN C 634 13.54 2.45 14.31
CA ASN C 634 14.10 1.33 15.06
C ASN C 634 15.16 0.60 14.25
N HIS C 635 14.91 0.39 12.95
CA HIS C 635 15.89 -0.30 12.12
C HIS C 635 17.20 0.47 12.05
N VAL C 636 17.13 1.77 11.76
CA VAL C 636 18.35 2.55 11.62
C VAL C 636 19.08 2.63 12.96
N LEU C 637 18.33 2.78 14.05
CA LEU C 637 18.96 2.87 15.35
C LEU C 637 19.65 1.57 15.73
N THR C 638 19.00 0.43 15.50
CA THR C 638 19.65 -0.82 15.88
C THR C 638 20.83 -1.12 14.99
N SER C 639 20.78 -0.70 13.72
CA SER C 639 21.95 -0.86 12.87
C SER C 639 23.13 -0.05 13.39
N LEU C 640 22.87 1.21 13.77
CA LEU C 640 23.93 2.04 14.30
C LEU C 640 24.48 1.48 15.60
N LEU C 641 23.59 1.04 16.49
CA LEU C 641 24.02 0.46 17.76
C LEU C 641 24.87 -0.78 17.54
N ASN C 642 24.44 -1.66 16.64
CA ASN C 642 25.21 -2.86 16.35
C ASN C 642 26.59 -2.51 15.81
N GLU C 643 26.65 -1.55 14.90
CA GLU C 643 27.95 -1.19 14.33
C GLU C 643 28.86 -0.58 15.38
N ILE C 644 28.36 0.31 16.23
CA ILE C 644 29.20 0.92 17.23
C ILE C 644 29.66 -0.10 18.25
N ASP C 645 28.78 -1.04 18.62
CA ASP C 645 29.12 -2.01 19.66
C ASP C 645 30.16 -3.02 19.21
N GLY C 646 30.58 -2.99 17.95
CA GLY C 646 31.63 -3.88 17.49
C GLY C 646 32.99 -3.39 17.93
N VAL C 647 33.14 -3.12 19.23
CA VAL C 647 34.34 -2.45 19.75
C VAL C 647 35.61 -3.25 19.53
N GLU C 648 35.50 -4.56 19.32
CA GLU C 648 36.70 -5.37 19.11
C GLU C 648 37.43 -4.94 17.84
N GLU C 649 36.70 -4.77 16.75
CA GLU C 649 37.29 -4.44 15.46
C GLU C 649 37.15 -2.96 15.12
N LEU C 650 36.99 -2.12 16.14
CA LEU C 650 36.86 -0.68 15.97
C LEU C 650 38.02 0.07 16.61
N LYS C 651 39.23 -0.43 16.44
CA LYS C 651 40.37 0.16 17.14
C LYS C 651 40.77 1.51 16.53
N GLY C 652 40.56 1.68 15.24
CA GLY C 652 41.01 2.90 14.60
C GLY C 652 39.91 3.80 14.09
N VAL C 653 38.85 3.98 14.87
CA VAL C 653 37.75 4.83 14.44
C VAL C 653 37.12 5.47 15.67
N VAL C 654 36.79 6.74 15.55
CA VAL C 654 36.09 7.48 16.60
C VAL C 654 34.84 8.10 16.02
N ILE C 655 33.74 8.01 16.75
CA ILE C 655 32.45 8.52 16.31
C ILE C 655 32.15 9.78 17.10
N VAL C 656 31.96 10.89 16.39
CA VAL C 656 31.63 12.17 17.00
C VAL C 656 30.28 12.60 16.49
N ALA C 657 29.37 12.91 17.39
CA ALA C 657 28.02 13.30 17.02
C ALA C 657 27.70 14.65 17.61
N ALA C 658 26.95 15.46 16.87
CA ALA C 658 26.56 16.79 17.31
C ALA C 658 25.05 16.90 17.30
N THR C 659 24.49 17.38 18.40
CA THR C 659 23.05 17.58 18.50
C THR C 659 22.78 18.93 19.14
N ASN C 660 21.61 19.49 18.81
CA ASN C 660 21.12 20.67 19.49
C ASN C 660 19.94 20.39 20.40
N ARG C 661 19.39 19.17 20.35
CA ARG C 661 18.45 18.69 21.37
C ARG C 661 18.83 17.28 21.78
N PRO C 662 19.70 17.15 22.77
CA PRO C 662 20.18 15.81 23.17
C PRO C 662 19.10 14.92 23.74
N ASP C 663 18.06 15.46 24.36
CA ASP C 663 17.05 14.61 24.98
C ASP C 663 16.32 13.74 23.96
N GLU C 664 16.30 14.15 22.70
CA GLU C 664 15.68 13.34 21.65
C GLU C 664 16.51 12.12 21.30
N ILE C 665 17.80 12.12 21.64
CA ILE C 665 18.65 10.98 21.35
C ILE C 665 18.22 9.82 22.23
N ASP C 666 18.21 8.61 21.66
CA ASP C 666 17.80 7.47 22.46
C ASP C 666 18.82 7.22 23.56
N ALA C 667 18.31 6.85 24.73
CA ALA C 667 19.20 6.57 25.85
C ALA C 667 20.08 5.38 25.58
N ALA C 668 19.72 4.52 24.63
CA ALA C 668 20.53 3.36 24.33
C ALA C 668 21.81 3.74 23.61
N LEU C 669 21.91 4.95 23.10
CA LEU C 669 23.05 5.40 22.34
C LEU C 669 23.98 6.29 23.15
N LEU C 670 23.56 6.71 24.34
CA LEU C 670 24.38 7.51 25.23
C LEU C 670 24.72 6.75 26.51
N ARG C 671 24.83 5.45 26.42
CA ARG C 671 25.23 4.60 27.52
C ARG C 671 26.73 4.34 27.46
N PRO C 672 27.34 3.95 28.57
CA PRO C 672 28.77 3.66 28.55
C PRO C 672 29.11 2.56 27.56
N GLY C 673 30.28 2.68 26.95
CA GLY C 673 30.68 1.80 25.88
C GLY C 673 30.20 2.22 24.51
N ARG C 674 29.57 3.38 24.42
CA ARG C 674 28.92 3.88 23.23
C ARG C 674 29.20 5.36 23.19
N LEU C 675 28.36 6.13 22.50
CA LEU C 675 28.58 7.58 22.51
C LEU C 675 28.41 8.04 23.95
N ASP C 676 29.53 8.20 24.66
CA ASP C 676 29.50 8.33 26.10
C ASP C 676 30.09 9.62 26.64
N ARG C 677 31.20 10.11 26.09
CA ARG C 677 31.74 11.39 26.51
C ARG C 677 30.81 12.47 25.96
N HIS C 678 30.24 13.27 26.85
CA HIS C 678 29.41 14.38 26.43
C HIS C 678 30.14 15.70 26.67
N ILE C 679 30.13 16.57 25.67
CA ILE C 679 30.77 17.86 25.75
C ILE C 679 29.74 18.94 25.49
N TYR C 680 29.62 19.88 26.41
CA TYR C 680 28.66 20.97 26.30
C TYR C 680 29.33 22.16 25.64
N VAL C 681 28.86 22.53 24.46
CA VAL C 681 29.49 23.62 23.72
C VAL C 681 29.14 24.96 24.32
N GLY C 682 27.86 25.28 24.38
CA GLY C 682 27.39 26.41 25.15
C GLY C 682 27.67 27.76 24.52
N PRO C 683 26.91 28.76 24.92
CA PRO C 683 27.09 30.11 24.39
C PRO C 683 28.48 30.62 24.70
N PRO C 684 29.09 31.36 23.78
CA PRO C 684 30.46 31.83 23.98
C PRO C 684 30.56 32.81 25.13
N ASP C 685 31.72 32.80 25.78
CA ASP C 685 32.01 33.75 26.83
C ASP C 685 32.52 35.06 26.23
N VAL C 686 32.80 36.03 27.08
CA VAL C 686 33.10 37.37 26.58
C VAL C 686 34.36 37.37 25.73
N ASN C 687 35.37 36.58 26.12
CA ASN C 687 36.58 36.51 25.32
C ASN C 687 36.29 35.92 23.95
N ALA C 688 35.50 34.84 23.91
CA ALA C 688 35.16 34.25 22.63
C ALA C 688 34.39 35.23 21.76
N ARG C 689 33.46 35.97 22.36
CA ARG C 689 32.69 36.93 21.58
C ARG C 689 33.59 38.02 21.02
N LEU C 690 34.55 38.49 21.82
CA LEU C 690 35.49 39.48 21.32
C LEU C 690 36.30 38.92 20.15
N GLU C 691 36.72 37.66 20.25
CA GLU C 691 37.46 37.06 19.15
C GLU C 691 36.58 36.96 17.91
N ILE C 692 35.29 36.66 18.08
CA ILE C 692 34.40 36.56 16.95
C ILE C 692 34.27 37.91 16.26
N LEU C 693 34.08 38.97 17.05
CA LEU C 693 34.04 40.31 16.48
C LEU C 693 35.31 40.59 15.69
N LYS C 694 36.47 40.37 16.32
CA LYS C 694 37.73 40.65 15.64
C LYS C 694 37.85 39.87 14.34
N LYS C 695 37.33 38.64 14.31
CA LYS C 695 37.40 37.88 13.07
C LYS C 695 36.48 38.45 12.01
N CYS C 696 35.29 38.90 12.39
CA CYS C 696 34.33 39.34 11.39
C CYS C 696 34.36 40.85 11.15
N THR C 697 34.81 41.64 12.13
CA THR C 697 34.88 43.08 11.93
C THR C 697 36.19 43.52 11.30
N LYS C 698 37.09 42.58 10.98
CA LYS C 698 38.43 42.98 10.56
C LYS C 698 38.42 43.76 9.26
N LYS C 699 37.55 43.38 8.32
CA LYS C 699 37.66 43.95 6.99
C LYS C 699 37.29 45.43 6.96
N PHE C 700 36.30 45.84 7.76
CA PHE C 700 35.97 47.25 7.80
C PHE C 700 36.55 47.89 9.04
N ASN C 701 36.98 49.14 8.87
CA ASN C 701 37.81 49.82 9.86
C ASN C 701 37.10 49.88 11.20
N THR C 702 37.81 49.52 12.27
CA THR C 702 37.18 49.42 13.58
C THR C 702 37.81 50.38 14.59
N GLU C 703 39.12 50.35 14.78
CA GLU C 703 39.75 51.23 15.76
C GLU C 703 39.68 52.69 15.30
N GLU C 704 39.98 52.94 14.04
CA GLU C 704 39.88 54.26 13.44
C GLU C 704 38.47 54.58 12.96
N SER C 705 37.49 53.83 13.42
CA SER C 705 36.08 54.18 13.26
C SER C 705 35.49 54.75 14.53
N GLY C 706 36.18 54.65 15.65
CA GLY C 706 35.71 55.19 16.90
C GLY C 706 34.82 54.27 17.71
N VAL C 707 34.57 53.04 17.25
CA VAL C 707 33.80 52.06 18.01
C VAL C 707 34.75 50.98 18.48
N ASP C 708 34.75 50.75 19.78
CA ASP C 708 35.65 49.75 20.36
C ASP C 708 34.89 48.45 20.64
N LEU C 709 35.61 47.34 20.52
CA LEU C 709 34.96 46.05 20.47
C LEU C 709 34.52 45.53 21.82
N HIS C 710 35.06 46.07 22.91
CA HIS C 710 34.74 45.50 24.22
C HIS C 710 33.36 45.90 24.71
N GLU C 711 32.89 47.11 24.38
CA GLU C 711 31.53 47.45 24.77
C GLU C 711 30.53 46.58 24.01
N LEU C 712 30.82 46.28 22.75
CA LEU C 712 30.02 45.30 22.04
C LEU C 712 30.11 43.94 22.71
N ALA C 713 31.32 43.53 23.07
CA ALA C 713 31.52 42.18 23.59
C ALA C 713 30.76 41.96 24.88
N ASP C 714 30.83 42.92 25.81
CA ASP C 714 30.11 42.75 27.06
C ASP C 714 28.67 43.20 26.96
N ARG C 715 28.29 43.85 25.86
CA ARG C 715 26.90 44.20 25.67
C ARG C 715 26.09 43.08 25.04
N THR C 716 26.75 42.07 24.47
CA THR C 716 26.07 41.01 23.74
C THR C 716 26.04 39.70 24.52
N GLU C 717 25.94 39.77 25.84
CA GLU C 717 25.87 38.57 26.64
C GLU C 717 24.61 37.79 26.29
N GLY C 718 24.78 36.48 26.09
CA GLY C 718 23.68 35.61 25.77
C GLY C 718 23.53 35.29 24.29
N TYR C 719 24.11 36.09 23.41
CA TYR C 719 24.06 35.80 21.99
C TYR C 719 24.79 34.50 21.68
N SER C 720 24.20 33.71 20.79
CA SER C 720 24.95 32.62 20.20
C SER C 720 25.98 33.18 19.24
N GLY C 721 27.00 32.38 18.94
CA GLY C 721 28.03 32.83 18.02
C GLY C 721 27.45 33.22 16.67
N ALA C 722 26.47 32.46 16.19
CA ALA C 722 25.78 32.83 14.97
C ALA C 722 25.14 34.18 15.12
N GLU C 723 24.54 34.45 16.28
CA GLU C 723 23.95 35.76 16.51
C GLU C 723 25.01 36.84 16.47
N VAL C 724 26.22 36.55 16.93
CA VAL C 724 27.27 37.56 16.92
C VAL C 724 27.70 37.89 15.50
N VAL C 725 27.93 36.86 14.69
CA VAL C 725 28.33 37.16 13.32
C VAL C 725 27.19 37.82 12.56
N LEU C 726 25.94 37.48 12.89
CA LEU C 726 24.82 38.16 12.27
C LEU C 726 24.74 39.61 12.71
N LEU C 727 25.14 39.90 13.96
CA LEU C 727 25.19 41.29 14.40
C LEU C 727 26.18 42.07 13.57
N CYS C 728 27.35 41.49 13.32
CA CYS C 728 28.30 42.16 12.44
C CYS C 728 27.73 42.36 11.05
N GLN C 729 27.04 41.35 10.52
CA GLN C 729 26.46 41.47 9.19
C GLN C 729 25.41 42.58 9.14
N GLU C 730 24.58 42.68 10.17
CA GLU C 730 23.57 43.73 10.18
C GLU C 730 24.21 45.10 10.31
N ALA C 731 25.32 45.19 11.04
CA ALA C 731 26.05 46.45 11.04
C ALA C 731 26.53 46.81 9.64
N GLY C 732 27.00 45.81 8.90
CA GLY C 732 27.40 46.08 7.52
C GLY C 732 26.24 46.56 6.67
N LEU C 733 25.08 45.93 6.83
CA LEU C 733 23.90 46.40 6.11
C LEU C 733 23.51 47.81 6.50
N ALA C 734 23.71 48.19 7.76
CA ALA C 734 23.48 49.59 8.12
C ALA C 734 24.48 50.52 7.41
N ALA C 735 25.73 50.09 7.32
CA ALA C 735 26.72 50.89 6.63
C ALA C 735 26.33 51.10 5.17
N ILE C 736 25.81 50.06 4.52
CA ILE C 736 25.35 50.22 3.15
C ILE C 736 23.97 50.87 3.06
N MET C 737 23.23 50.90 4.16
CA MET C 737 22.08 51.81 4.26
C MET C 737 22.53 53.23 4.00
N GLU C 738 23.39 53.75 4.89
CA GLU C 738 23.70 55.17 4.86
C GLU C 738 24.39 55.59 3.57
N ASP C 739 25.27 54.75 3.01
CA ASP C 739 26.04 55.15 1.85
C ASP C 739 26.32 53.93 0.98
N LEU C 740 26.36 54.17 -0.34
CA LEU C 740 26.51 53.06 -1.28
C LEU C 740 27.95 52.55 -1.32
N ASP C 741 28.92 53.44 -1.23
CA ASP C 741 30.32 53.05 -1.28
C ASP C 741 31.05 53.47 -0.01
N VAL C 742 30.41 53.30 1.13
CA VAL C 742 31.02 53.65 2.41
C VAL C 742 32.20 52.73 2.68
N ALA C 743 33.14 53.22 3.47
CA ALA C 743 34.29 52.44 3.91
C ALA C 743 34.53 52.64 5.40
N LYS C 744 33.44 52.79 6.16
CA LYS C 744 33.55 53.14 7.57
C LYS C 744 32.28 52.69 8.27
N VAL C 745 32.41 52.05 9.42
CA VAL C 745 31.29 51.55 10.19
C VAL C 745 31.35 52.17 11.58
N GLU C 746 30.30 52.89 11.94
CA GLU C 746 30.26 53.62 13.20
C GLU C 746 29.42 52.87 14.23
N LEU C 747 29.52 53.33 15.47
CA LEU C 747 28.79 52.70 16.57
C LEU C 747 27.29 52.79 16.38
N ARG C 748 26.79 53.80 15.67
CA ARG C 748 25.35 53.91 15.47
C ARG C 748 24.82 52.76 14.63
N HIS C 749 25.60 52.31 13.65
CA HIS C 749 25.21 51.14 12.86
C HIS C 749 25.07 49.92 13.75
N PHE C 750 26.04 49.71 14.64
CA PHE C 750 25.96 48.59 15.56
C PHE C 750 24.80 48.75 16.52
N GLU C 751 24.45 49.98 16.88
CA GLU C 751 23.32 50.19 17.77
C GLU C 751 22.02 49.79 17.09
N LYS C 752 21.87 50.19 15.82
CA LYS C 752 20.70 49.76 15.06
C LYS C 752 20.65 48.24 14.95
N ALA C 753 21.80 47.63 14.66
CA ALA C 753 21.86 46.18 14.55
C ALA C 753 21.44 45.52 15.86
N PHE C 754 21.99 45.98 16.97
CA PHE C 754 21.69 45.37 18.26
C PHE C 754 20.22 45.53 18.60
N LYS C 755 19.63 46.67 18.24
CA LYS C 755 18.19 46.81 18.47
C LYS C 755 17.42 45.81 17.63
N GLY C 756 17.89 45.55 16.40
CA GLY C 756 17.14 44.67 15.54
C GLY C 756 17.23 43.19 15.86
N ILE C 757 18.28 42.74 16.52
CA ILE C 757 18.55 41.31 16.70
C ILE C 757 18.04 40.90 18.07
N ALA C 758 17.21 39.87 18.09
CA ALA C 758 16.64 39.37 19.33
C ALA C 758 17.36 38.11 19.78
N ARG C 759 17.47 37.94 21.09
CA ARG C 759 18.15 36.80 21.66
C ARG C 759 17.46 35.51 21.24
N GLY C 760 18.26 34.55 20.79
CA GLY C 760 17.74 33.26 20.39
C GLY C 760 17.91 32.16 21.40
N ILE C 761 18.52 32.45 22.54
CA ILE C 761 18.84 31.44 23.53
C ILE C 761 18.11 31.83 24.80
N THR C 762 16.91 31.29 24.97
CA THR C 762 16.11 31.63 26.13
C THR C 762 16.67 30.91 27.37
N PRO C 763 16.42 31.46 28.56
CA PRO C 763 16.84 30.74 29.77
C PRO C 763 16.21 29.38 29.92
N GLU C 764 15.06 29.13 29.31
CA GLU C 764 14.52 27.77 29.29
C GLU C 764 15.46 26.81 28.59
N MET C 765 16.07 27.24 27.48
CA MET C 765 17.00 26.37 26.77
C MET C 765 18.22 26.04 27.63
N LEU C 766 18.78 27.04 28.30
CA LEU C 766 19.92 26.78 29.18
C LEU C 766 19.53 25.84 30.31
N SER C 767 18.34 26.02 30.87
CA SER C 767 17.88 25.12 31.90
C SER C 767 17.77 23.69 31.38
N TYR C 768 17.24 23.53 30.16
CA TYR C 768 17.10 22.21 29.59
C TYR C 768 18.45 21.55 29.40
N TYR C 769 19.44 22.31 28.95
CA TYR C 769 20.74 21.72 28.71
C TYR C 769 21.44 21.35 30.02
N GLU C 770 21.34 22.20 31.03
CA GLU C 770 21.92 21.85 32.32
C GLU C 770 21.24 20.61 32.89
N GLU C 771 19.92 20.51 32.72
CA GLU C 771 19.20 19.33 33.16
C GLU C 771 19.69 18.08 32.47
N PHE C 772 19.91 18.15 31.16
CA PHE C 772 20.50 17.00 30.47
C PHE C 772 21.91 16.72 30.98
N ALA C 773 22.63 17.76 31.41
CA ALA C 773 23.97 17.56 31.93
C ALA C 773 23.94 16.73 33.21
N LEU C 774 22.95 16.98 34.08
CA LEU C 774 22.82 16.13 35.26
C LEU C 774 22.58 14.67 34.90
N ARG C 775 21.77 14.41 33.89
CA ARG C 775 21.45 13.05 33.48
C ARG C 775 22.48 12.43 32.57
N SER C 776 23.53 13.18 32.20
CA SER C 776 24.47 12.73 31.19
C SER C 776 25.27 11.52 31.65
N GLY C 777 26.09 10.96 30.77
CA GLY C 777 26.91 9.78 31.08
C GLY C 777 28.30 10.18 31.54
N SER C 778 29.04 10.93 30.72
CA SER C 778 30.41 11.29 31.04
C SER C 778 30.63 12.77 30.71
N SER C 779 31.59 13.37 31.42
CA SER C 779 32.00 14.75 31.19
C SER C 779 30.83 15.72 31.27
N SER C 780 29.99 15.53 32.27
CA SER C 780 28.85 16.41 32.52
C SER C 780 29.28 17.86 32.70
N PRO D 239 4.93 25.80 -50.85
CA PRO D 239 5.89 25.45 -49.80
C PRO D 239 6.80 26.62 -49.44
N GLU D 240 6.48 27.30 -48.35
CA GLU D 240 7.24 28.46 -47.90
C GLU D 240 8.35 28.01 -46.98
N PRO D 241 9.61 28.32 -47.26
CA PRO D 241 10.70 27.83 -46.41
C PRO D 241 10.72 28.57 -45.09
N LEU D 242 10.85 27.82 -44.00
CA LEU D 242 10.89 28.44 -42.70
C LEU D 242 12.15 29.28 -42.53
N SER D 243 12.07 30.27 -41.64
CA SER D 243 13.20 31.14 -41.39
C SER D 243 13.16 31.56 -39.92
N TYR D 244 14.29 32.07 -39.44
CA TYR D 244 14.34 32.54 -38.06
C TYR D 244 13.45 33.74 -37.83
N ALA D 245 12.97 34.38 -38.88
CA ALA D 245 11.98 35.43 -38.68
C ALA D 245 10.65 34.87 -38.24
N ALA D 246 10.34 33.63 -38.58
CA ALA D 246 9.08 33.00 -38.16
C ALA D 246 9.11 32.63 -36.68
N VAL D 247 10.23 32.14 -36.18
CA VAL D 247 10.36 31.86 -34.76
C VAL D 247 10.24 33.16 -34.01
N GLY D 248 9.75 33.09 -32.77
CA GLY D 248 9.60 34.28 -31.98
C GLY D 248 9.77 34.00 -30.50
N GLY D 249 10.08 35.06 -29.76
CA GLY D 249 10.14 34.99 -28.32
C GLY D 249 11.23 34.11 -27.76
N LEU D 250 12.20 33.71 -28.57
CA LEU D 250 13.29 32.86 -28.10
C LEU D 250 14.64 33.37 -28.59
N ASP D 251 14.75 34.65 -28.91
CA ASP D 251 15.96 35.17 -29.57
C ASP D 251 17.22 34.78 -28.81
N LYS D 252 17.16 34.79 -27.48
CA LYS D 252 18.32 34.35 -26.70
C LYS D 252 18.61 32.89 -26.95
N GLU D 253 17.60 32.04 -26.83
CA GLU D 253 17.79 30.62 -27.12
C GLU D 253 18.12 30.39 -28.59
N ILE D 254 17.56 31.20 -29.47
CA ILE D 254 17.87 31.07 -30.90
C ILE D 254 19.35 31.27 -31.12
N GLU D 255 19.90 32.32 -30.54
CA GLU D 255 21.32 32.61 -30.69
C GLU D 255 22.17 31.52 -30.06
N SER D 256 21.76 31.02 -28.89
CA SER D 256 22.53 29.96 -28.25
C SER D 256 22.58 28.71 -29.12
N LEU D 257 21.44 28.30 -29.67
CA LEU D 257 21.43 27.13 -30.54
C LEU D 257 22.22 27.38 -31.81
N LYS D 258 22.10 28.57 -32.38
CA LYS D 258 22.85 28.88 -33.59
C LYS D 258 24.33 28.78 -33.34
N SER D 259 24.80 29.27 -32.20
CA SER D 259 26.21 29.13 -31.86
C SER D 259 26.58 27.67 -31.68
N ALA D 260 25.81 26.94 -30.90
CA ALA D 260 26.14 25.55 -30.61
C ALA D 260 26.09 24.67 -31.84
N ILE D 261 25.48 25.13 -32.92
CA ILE D 261 25.50 24.37 -34.17
C ILE D 261 26.58 24.88 -35.11
N GLU D 262 26.79 26.19 -35.20
CA GLU D 262 27.81 26.71 -36.10
C GLU D 262 29.22 26.37 -35.63
N ILE D 263 29.44 26.27 -34.33
CA ILE D 263 30.79 26.05 -33.83
C ILE D 263 31.29 24.66 -34.22
N PRO D 264 30.56 23.56 -33.94
CA PRO D 264 30.83 22.35 -34.71
C PRO D 264 30.22 22.49 -36.10
N LEU D 265 30.31 21.43 -36.90
CA LEU D 265 29.53 21.32 -38.13
C LEU D 265 29.94 22.36 -39.17
N HIS D 266 30.75 23.34 -38.78
CA HIS D 266 31.44 24.18 -39.74
C HIS D 266 32.92 24.31 -39.40
N GLN D 267 33.22 24.39 -38.11
CA GLN D 267 34.56 24.71 -37.63
C GLN D 267 34.95 23.78 -36.49
N PRO D 268 35.14 22.48 -36.77
CA PRO D 268 35.65 21.60 -35.71
C PRO D 268 37.08 21.92 -35.35
N THR D 269 37.88 22.40 -36.29
CA THR D 269 39.28 22.70 -36.01
C THR D 269 39.44 23.81 -35.00
N LEU D 270 38.55 24.81 -35.05
CA LEU D 270 38.72 26.02 -34.24
C LEU D 270 38.95 25.68 -32.78
N PHE D 271 38.26 24.68 -32.27
CA PHE D 271 38.43 24.28 -30.89
C PHE D 271 38.88 22.84 -30.77
N SER D 272 39.16 22.18 -31.89
CA SER D 272 39.94 20.94 -31.83
C SER D 272 41.39 21.24 -31.54
N SER D 273 41.85 22.43 -31.97
CA SER D 273 43.20 22.86 -31.64
C SER D 273 43.38 22.98 -30.14
N PHE D 274 42.38 23.54 -29.45
CA PHE D 274 42.47 23.65 -28.00
C PHE D 274 42.72 22.30 -27.37
N GLY D 275 41.87 21.33 -27.70
CA GLY D 275 42.14 19.97 -27.25
C GLY D 275 40.96 19.27 -26.63
N VAL D 276 39.97 20.02 -26.20
CA VAL D 276 38.78 19.40 -25.63
C VAL D 276 38.03 18.66 -26.73
N SER D 277 37.41 17.55 -26.35
CA SER D 277 36.61 16.82 -27.31
C SER D 277 35.45 17.70 -27.77
N PRO D 278 35.13 17.71 -29.06
CA PRO D 278 34.06 18.58 -29.54
C PRO D 278 32.72 18.13 -28.97
N PRO D 279 31.79 19.05 -28.79
CA PRO D 279 30.48 18.69 -28.26
C PRO D 279 29.62 18.09 -29.35
N ARG D 280 29.26 16.83 -29.18
CA ARG D 280 28.42 16.13 -30.14
C ARG D 280 27.12 15.80 -29.43
N GLY D 281 26.17 16.72 -29.51
CA GLY D 281 24.81 16.47 -29.08
C GLY D 281 24.20 17.56 -28.24
N ILE D 282 23.11 18.12 -28.76
CA ILE D 282 22.44 19.29 -28.20
C ILE D 282 21.01 18.89 -27.90
N LEU D 283 20.61 19.06 -26.65
CA LEU D 283 19.29 18.65 -26.19
C LEU D 283 18.41 19.89 -26.07
N LEU D 284 17.28 19.86 -26.78
CA LEU D 284 16.31 20.93 -26.76
C LEU D 284 15.22 20.54 -25.78
N HIS D 285 15.33 21.04 -24.56
CA HIS D 285 14.32 20.78 -23.54
C HIS D 285 13.08 21.58 -23.87
N GLY D 286 12.11 21.55 -22.96
CA GLY D 286 10.99 22.44 -23.06
C GLY D 286 9.67 21.79 -22.73
N PRO D 287 8.78 22.55 -22.13
CA PRO D 287 7.44 22.06 -21.86
C PRO D 287 6.73 21.78 -23.17
N PRO D 288 5.73 20.91 -23.17
CA PRO D 288 5.18 20.45 -24.45
C PRO D 288 4.48 21.58 -25.17
N GLY D 289 4.65 21.61 -26.49
CA GLY D 289 4.11 22.68 -27.28
C GLY D 289 4.75 24.00 -26.93
N THR D 290 6.03 24.14 -27.22
CA THR D 290 6.77 25.35 -26.89
C THR D 290 7.56 25.91 -28.05
N GLY D 291 7.80 25.13 -29.10
CA GLY D 291 8.51 25.64 -30.25
C GLY D 291 9.67 24.76 -30.64
N LYS D 292 9.67 23.53 -30.16
CA LYS D 292 10.81 22.65 -30.31
C LYS D 292 10.96 22.20 -31.75
N THR D 293 9.94 21.50 -32.25
CA THR D 293 10.00 20.97 -33.61
C THR D 293 10.15 22.11 -34.62
N MET D 294 9.64 23.29 -34.28
CA MET D 294 9.82 24.43 -35.17
C MET D 294 11.29 24.82 -35.28
N LEU D 295 12.01 24.86 -34.15
CA LEU D 295 13.44 25.09 -34.24
C LEU D 295 14.13 24.00 -35.01
N LEU D 296 13.73 22.75 -34.82
CA LEU D 296 14.39 21.69 -35.57
C LEU D 296 14.21 21.88 -37.07
N ARG D 297 12.98 22.18 -37.50
CA ARG D 297 12.75 22.37 -38.92
C ARG D 297 13.48 23.60 -39.44
N VAL D 298 13.51 24.69 -38.67
CA VAL D 298 14.15 25.88 -39.19
C VAL D 298 15.66 25.71 -39.22
N VAL D 299 16.22 24.94 -38.30
CA VAL D 299 17.64 24.60 -38.40
C VAL D 299 17.90 23.78 -39.65
N ALA D 300 17.03 22.80 -39.92
CA ALA D 300 17.19 22.02 -41.13
C ALA D 300 17.21 22.91 -42.36
N ASN D 301 16.25 23.83 -42.46
CA ASN D 301 16.17 24.67 -43.65
C ASN D 301 17.32 25.65 -43.75
N THR D 302 17.67 26.30 -42.64
CA THR D 302 18.67 27.36 -42.70
C THR D 302 20.07 26.79 -42.87
N SER D 303 20.41 25.76 -42.11
CA SER D 303 21.73 25.19 -42.20
C SER D 303 21.92 24.48 -43.54
N ASN D 304 23.10 24.65 -44.12
CA ASN D 304 23.40 24.04 -45.40
C ASN D 304 23.90 22.62 -45.27
N ALA D 305 23.99 22.09 -44.05
CA ALA D 305 24.52 20.76 -43.85
C ALA D 305 23.50 19.72 -44.30
N HIS D 306 23.84 18.46 -44.09
CA HIS D 306 23.00 17.36 -44.52
C HIS D 306 22.05 16.96 -43.40
N VAL D 307 20.77 17.19 -43.62
CA VAL D 307 19.76 16.73 -42.67
C VAL D 307 19.65 15.22 -42.74
N LEU D 308 19.51 14.60 -41.58
CA LEU D 308 19.07 13.22 -41.48
C LEU D 308 18.12 13.13 -40.31
N THR D 309 17.17 12.21 -40.41
CA THR D 309 16.14 12.08 -39.39
C THR D 309 16.09 10.67 -38.85
N ILE D 310 16.10 10.57 -37.53
CA ILE D 310 15.76 9.35 -36.82
C ILE D 310 14.28 9.51 -36.48
N ASN D 311 13.43 8.79 -37.22
CA ASN D 311 11.99 9.02 -37.16
C ASN D 311 11.33 8.31 -36.00
N GLY D 312 12.09 7.99 -34.96
CA GLY D 312 11.55 7.24 -33.84
C GLY D 312 11.09 5.88 -34.29
N PRO D 313 9.82 5.56 -34.05
CA PRO D 313 9.28 4.29 -34.52
C PRO D 313 9.25 4.15 -36.02
N SER D 314 9.25 5.24 -36.77
CA SER D 314 9.03 5.16 -38.21
C SER D 314 10.24 4.62 -38.97
N ILE D 315 11.29 4.20 -38.27
CA ILE D 315 12.33 3.37 -38.89
C ILE D 315 12.69 2.15 -38.05
N VAL D 316 12.28 2.09 -36.79
CA VAL D 316 12.45 0.88 -36.00
C VAL D 316 11.59 -0.23 -36.60
N SER D 317 12.18 -1.40 -36.79
CA SER D 317 11.50 -2.52 -37.44
C SER D 317 10.74 -3.34 -36.40
N LYS D 318 10.26 -4.52 -36.82
CA LYS D 318 9.54 -5.39 -35.90
C LYS D 318 10.44 -5.88 -34.78
N TYR D 319 11.68 -6.25 -35.11
CA TYR D 319 12.66 -6.68 -34.13
C TYR D 319 13.93 -5.86 -34.26
N LEU D 320 14.66 -5.74 -33.15
CA LEU D 320 15.76 -4.79 -33.10
C LEU D 320 16.90 -5.16 -34.04
N GLY D 321 17.01 -6.44 -34.42
CA GLY D 321 18.12 -6.88 -35.23
C GLY D 321 18.30 -6.06 -36.50
N GLU D 322 17.20 -5.66 -37.12
CA GLU D 322 17.26 -4.69 -38.21
C GLU D 322 17.28 -3.25 -37.70
N THR D 323 16.79 -2.99 -36.49
CA THR D 323 16.66 -1.61 -36.02
C THR D 323 18.02 -0.97 -35.75
N GLU D 324 18.87 -1.63 -34.97
CA GLU D 324 20.19 -1.04 -34.73
C GLU D 324 21.01 -1.00 -36.01
N ALA D 325 20.82 -1.97 -36.91
CA ALA D 325 21.48 -1.91 -38.20
C ALA D 325 21.05 -0.68 -38.97
N ALA D 326 19.75 -0.38 -38.98
CA ALA D 326 19.26 0.78 -39.71
C ALA D 326 19.78 2.07 -39.10
N LEU D 327 19.78 2.18 -37.77
CA LEU D 327 20.25 3.43 -37.18
C LEU D 327 21.74 3.61 -37.38
N ARG D 328 22.51 2.53 -37.28
CA ARG D 328 23.93 2.63 -37.61
C ARG D 328 24.13 3.02 -39.06
N ASP D 329 23.27 2.51 -39.95
CA ASP D 329 23.33 2.90 -41.35
C ASP D 329 23.06 4.38 -41.51
N ILE D 330 22.10 4.90 -40.76
CA ILE D 330 21.81 6.33 -40.80
C ILE D 330 23.03 7.12 -40.36
N PHE D 331 23.65 6.72 -39.25
CA PHE D 331 24.82 7.44 -38.78
C PHE D 331 25.94 7.38 -39.78
N ASN D 332 26.15 6.22 -40.40
CA ASN D 332 27.20 6.08 -41.39
C ASN D 332 26.94 6.95 -42.61
N GLU D 333 25.67 7.01 -43.04
CA GLU D 333 25.35 7.83 -44.19
C GLU D 333 25.52 9.31 -43.88
N ALA D 334 25.32 9.68 -42.61
CA ALA D 334 25.66 11.03 -42.19
C ALA D 334 27.17 11.24 -42.21
N ARG D 335 27.92 10.27 -41.67
CA ARG D 335 29.36 10.43 -41.54
C ARG D 335 30.03 10.57 -42.88
N LYS D 336 29.58 9.78 -43.86
CA LYS D 336 30.17 9.88 -45.19
C LYS D 336 29.96 11.26 -45.77
N TYR D 337 28.77 11.84 -45.59
CA TYR D 337 28.49 13.18 -46.09
C TYR D 337 28.59 14.22 -44.98
N GLN D 338 29.79 14.37 -44.45
CA GLN D 338 30.05 15.52 -43.60
C GLN D 338 30.01 16.79 -44.44
N PRO D 339 29.42 17.88 -43.93
CA PRO D 339 28.79 18.11 -42.63
C PRO D 339 27.40 17.51 -42.52
N SER D 340 26.99 17.10 -41.32
CA SER D 340 25.73 16.41 -41.17
C SER D 340 25.11 16.67 -39.81
N ILE D 341 23.77 16.67 -39.79
CA ILE D 341 22.98 16.81 -38.58
C ILE D 341 22.07 15.60 -38.47
N ILE D 342 22.00 15.03 -37.28
CA ILE D 342 21.08 13.94 -36.98
C ILE D 342 20.01 14.51 -36.05
N PHE D 343 18.78 14.59 -36.55
CA PHE D 343 17.67 15.07 -35.74
C PHE D 343 16.99 13.89 -35.06
N ILE D 344 16.81 13.99 -33.74
CA ILE D 344 16.04 13.04 -32.98
C ILE D 344 14.90 13.79 -32.32
N ASP D 345 13.68 13.37 -32.58
CA ASP D 345 12.50 13.95 -31.97
C ASP D 345 11.97 12.97 -30.94
N GLU D 346 11.59 13.48 -29.76
CA GLU D 346 10.98 12.67 -28.72
C GLU D 346 11.89 11.51 -28.32
N ILE D 347 13.02 11.88 -27.70
CA ILE D 347 13.93 10.88 -27.15
C ILE D 347 13.18 9.99 -26.18
N ASP D 348 12.21 10.56 -25.47
CA ASP D 348 11.40 9.77 -24.55
C ASP D 348 10.71 8.62 -25.26
N SER D 349 10.38 8.80 -26.53
CA SER D 349 9.86 7.73 -27.36
C SER D 349 10.95 6.84 -27.93
N ILE D 350 12.18 6.97 -27.43
CA ILE D 350 13.28 6.18 -27.94
C ILE D 350 14.01 5.46 -26.80
N ALA D 351 14.51 6.21 -25.83
CA ALA D 351 15.40 5.63 -24.80
C ALA D 351 15.01 6.10 -23.40
N PRO D 352 13.86 5.69 -22.90
CA PRO D 352 13.55 5.91 -21.48
C PRO D 352 13.88 4.73 -20.59
N ASN D 353 15.11 4.22 -20.59
CA ASN D 353 15.33 2.91 -19.95
C ASN D 353 15.28 2.97 -18.43
N ARG D 354 15.23 4.17 -17.84
CA ARG D 354 15.33 4.27 -16.39
C ARG D 354 14.08 3.75 -15.68
N ALA D 355 12.90 3.97 -16.27
CA ALA D 355 11.65 3.60 -15.64
C ALA D 355 11.27 2.16 -15.99
N ASN D 356 10.10 1.74 -15.52
CA ASN D 356 9.65 0.37 -15.72
C ASN D 356 9.31 0.08 -17.18
N ASP D 357 8.98 1.10 -17.97
CA ASP D 357 8.59 0.91 -19.36
C ASP D 357 9.75 0.48 -20.24
N ASP D 358 10.93 0.25 -19.66
CA ASP D 358 12.10 -0.15 -20.43
C ASP D 358 11.94 -1.61 -20.86
N SER D 359 11.48 -1.82 -22.08
CA SER D 359 11.38 -3.15 -22.65
C SER D 359 12.79 -3.61 -23.02
N GLY D 360 13.34 -4.54 -22.23
CA GLY D 360 14.72 -4.95 -22.43
C GLY D 360 15.00 -5.44 -23.83
N GLU D 361 13.99 -5.99 -24.51
CA GLU D 361 14.14 -6.36 -25.90
C GLU D 361 14.22 -5.13 -26.80
N VAL D 362 13.60 -4.03 -26.40
CA VAL D 362 13.50 -2.87 -27.29
C VAL D 362 14.19 -1.66 -26.68
N GLU D 363 13.67 -1.17 -25.55
CA GLU D 363 14.16 0.09 -24.99
C GLU D 363 15.60 -0.02 -24.53
N SER D 364 15.93 -1.09 -23.81
CA SER D 364 17.31 -1.28 -23.38
C SER D 364 18.24 -1.43 -24.57
N ARG D 365 17.82 -2.16 -25.60
CA ARG D 365 18.67 -2.31 -26.78
C ARG D 365 18.89 -0.98 -27.47
N VAL D 366 17.83 -0.17 -27.59
CA VAL D 366 17.94 1.10 -28.28
C VAL D 366 18.84 2.06 -27.52
N VAL D 367 18.66 2.14 -26.19
CA VAL D 367 19.53 3.02 -25.41
C VAL D 367 20.97 2.52 -25.45
N ALA D 368 21.16 1.20 -25.43
CA ALA D 368 22.50 0.65 -25.49
C ALA D 368 23.19 1.02 -26.80
N THR D 369 22.50 0.89 -27.92
CA THR D 369 23.14 1.24 -29.18
C THR D 369 23.33 2.74 -29.29
N LEU D 370 22.44 3.51 -28.66
CA LEU D 370 22.64 4.96 -28.60
C LEU D 370 23.95 5.30 -27.90
N LEU D 371 24.15 4.77 -26.69
CA LEU D 371 25.42 5.01 -26.00
C LEU D 371 26.60 4.51 -26.82
N THR D 372 26.50 3.30 -27.35
CA THR D 372 27.64 2.69 -28.02
C THR D 372 28.06 3.50 -29.24
N LEU D 373 27.10 4.00 -30.00
CA LEU D 373 27.45 4.76 -31.20
C LEU D 373 27.75 6.21 -30.86
N MET D 374 27.15 6.73 -29.79
CA MET D 374 27.52 8.02 -29.23
C MET D 374 28.95 8.04 -28.73
N ASP D 375 29.51 6.88 -28.42
CA ASP D 375 30.85 6.82 -27.84
C ASP D 375 31.89 7.41 -28.78
N GLY D 376 31.60 7.47 -30.08
CA GLY D 376 32.53 8.12 -30.97
C GLY D 376 32.07 8.37 -32.38
N MET D 377 32.24 9.61 -32.84
CA MET D 377 32.24 9.93 -34.26
C MET D 377 33.50 10.70 -34.65
N GLY D 378 34.45 10.82 -33.74
CA GLY D 378 35.71 11.44 -34.07
C GLY D 378 35.72 12.94 -33.83
N ALA D 379 36.75 13.42 -33.14
CA ALA D 379 36.88 14.84 -32.89
C ALA D 379 36.86 15.62 -34.19
N ALA D 380 37.35 15.02 -35.26
CA ALA D 380 37.35 15.69 -36.56
C ALA D 380 36.06 15.47 -37.33
N GLY D 381 35.17 14.61 -36.84
CA GLY D 381 33.95 14.30 -37.57
C GLY D 381 32.93 15.41 -37.54
N LYS D 382 32.69 16.06 -38.68
CA LYS D 382 31.77 17.19 -38.76
C LYS D 382 30.31 16.71 -38.71
N VAL D 383 29.96 16.05 -37.62
CA VAL D 383 28.61 15.56 -37.40
C VAL D 383 28.11 16.13 -36.09
N VAL D 384 26.83 16.49 -36.07
CA VAL D 384 26.20 16.95 -34.85
C VAL D 384 24.90 16.20 -34.67
N VAL D 385 24.48 16.06 -33.42
CA VAL D 385 23.22 15.44 -33.06
C VAL D 385 22.39 16.49 -32.35
N ILE D 386 21.15 16.70 -32.80
CA ILE D 386 20.22 17.59 -32.14
C ILE D 386 19.00 16.77 -31.80
N ALA D 387 18.59 16.81 -30.54
CA ALA D 387 17.48 15.97 -30.14
C ALA D 387 16.60 16.71 -29.14
N ALA D 388 15.29 16.55 -29.29
CA ALA D 388 14.32 17.33 -28.54
C ALA D 388 13.39 16.42 -27.76
N THR D 389 13.13 16.78 -26.50
CA THR D 389 12.21 16.04 -25.65
C THR D 389 11.22 17.00 -24.99
N ASN D 390 10.02 16.50 -24.78
CA ASN D 390 9.00 17.28 -24.09
C ASN D 390 9.12 17.19 -22.58
N ARG D 391 9.87 16.23 -22.08
CA ARG D 391 10.24 16.20 -20.67
C ARG D 391 11.58 15.51 -20.53
N PRO D 392 12.58 16.20 -20.01
CA PRO D 392 13.94 15.66 -20.02
C PRO D 392 14.17 14.55 -19.01
N ASN D 393 13.67 14.74 -17.79
CA ASN D 393 13.98 13.80 -16.72
C ASN D 393 13.51 12.39 -17.03
N SER D 394 12.57 12.23 -17.97
CA SER D 394 12.21 10.90 -18.40
C SER D 394 13.33 10.26 -19.21
N VAL D 395 14.21 11.07 -19.80
CA VAL D 395 15.37 10.52 -20.47
C VAL D 395 16.30 9.93 -19.41
N ASP D 396 16.94 8.81 -19.75
CA ASP D 396 17.87 8.19 -18.83
C ASP D 396 19.05 9.13 -18.55
N PRO D 397 19.67 9.01 -17.38
CA PRO D 397 20.91 9.76 -17.15
C PRO D 397 22.02 9.36 -18.09
N ALA D 398 21.95 8.17 -18.69
CA ALA D 398 23.05 7.70 -19.52
C ALA D 398 23.25 8.59 -20.74
N LEU D 399 22.18 9.00 -21.40
CA LEU D 399 22.33 9.94 -22.50
C LEU D 399 22.71 11.33 -22.01
N ARG D 400 22.42 11.67 -20.76
CA ARG D 400 22.68 13.01 -20.25
C ARG D 400 23.92 13.09 -19.39
N ARG D 401 24.77 12.06 -19.41
CA ARG D 401 26.08 12.18 -18.82
C ARG D 401 26.92 13.14 -19.65
N PRO D 402 27.91 13.77 -19.06
CA PRO D 402 28.77 14.67 -19.84
C PRO D 402 29.63 13.91 -20.83
N GLY D 403 30.48 14.62 -21.57
CA GLY D 403 31.28 13.96 -22.58
C GLY D 403 30.44 13.22 -23.60
N ARG D 404 29.19 13.64 -23.76
CA ARG D 404 28.17 12.88 -24.46
C ARG D 404 27.19 13.87 -25.06
N PHE D 405 25.98 13.40 -25.33
CA PHE D 405 24.89 14.24 -25.77
C PHE D 405 24.54 15.18 -24.62
N ASP D 406 25.17 16.38 -24.60
CA ASP D 406 25.28 17.09 -23.33
C ASP D 406 24.83 18.54 -23.38
N GLN D 407 25.13 19.27 -24.46
CA GLN D 407 24.77 20.68 -24.52
C GLN D 407 23.27 20.86 -24.45
N GLU D 408 22.84 21.86 -23.70
CA GLU D 408 21.45 22.02 -23.32
C GLU D 408 20.94 23.37 -23.74
N VAL D 409 19.78 23.39 -24.38
CA VAL D 409 19.08 24.63 -24.70
C VAL D 409 17.69 24.52 -24.09
N GLU D 410 17.31 25.51 -23.30
CA GLU D 410 16.09 25.47 -22.52
C GLU D 410 15.07 26.41 -23.16
N ILE D 411 14.11 25.86 -23.88
CA ILE D 411 13.04 26.64 -24.48
C ILE D 411 11.85 26.53 -23.54
N GLY D 412 11.60 27.56 -22.75
CA GLY D 412 10.60 27.51 -21.70
C GLY D 412 9.34 28.28 -22.06
N ILE D 413 8.45 28.37 -21.06
CA ILE D 413 7.20 29.12 -21.21
C ILE D 413 7.53 30.55 -21.61
N PRO D 414 6.94 31.10 -22.65
CA PRO D 414 7.21 32.48 -23.01
C PRO D 414 6.71 33.43 -21.94
N ASP D 415 7.46 34.52 -21.75
CA ASP D 415 7.05 35.58 -20.86
C ASP D 415 6.13 36.53 -21.61
N VAL D 416 5.71 37.61 -20.94
CA VAL D 416 4.75 38.53 -21.53
C VAL D 416 5.35 39.17 -22.79
N ASP D 417 6.61 39.61 -22.71
CA ASP D 417 7.24 40.17 -23.89
C ASP D 417 7.41 39.12 -24.97
N ALA D 418 7.78 37.90 -24.58
CA ALA D 418 7.89 36.83 -25.57
C ALA D 418 6.53 36.52 -26.19
N ARG D 419 5.48 36.57 -25.38
CA ARG D 419 4.15 36.34 -25.91
C ARG D 419 3.77 37.42 -26.90
N PHE D 420 4.11 38.67 -26.60
CA PHE D 420 3.88 39.73 -27.58
C PHE D 420 4.65 39.47 -28.87
N ASP D 421 5.90 39.02 -28.74
CA ASP D 421 6.68 38.74 -29.94
C ASP D 421 6.01 37.67 -30.79
N ILE D 422 5.57 36.58 -30.14
CA ILE D 422 4.94 35.50 -30.89
C ILE D 422 3.67 35.99 -31.56
N LEU D 423 2.84 36.73 -30.84
CA LEU D 423 1.57 37.17 -31.40
C LEU D 423 1.78 38.14 -32.55
N THR D 424 2.72 39.08 -32.41
CA THR D 424 2.93 40.02 -33.49
C THR D 424 3.51 39.34 -34.71
N LYS D 425 4.33 38.32 -34.51
CA LYS D 425 4.83 37.59 -35.66
C LYS D 425 3.73 36.76 -36.31
N GLN D 426 2.80 36.26 -35.51
CA GLN D 426 1.75 35.41 -36.07
C GLN D 426 0.72 36.24 -36.84
N PHE D 427 0.30 37.37 -36.29
CA PHE D 427 -0.53 38.31 -37.02
C PHE D 427 0.21 39.00 -38.15
N SER D 428 1.53 38.99 -38.15
CA SER D 428 2.25 39.46 -39.32
C SER D 428 2.15 38.49 -40.47
N ARG D 429 1.90 37.20 -40.20
CA ARG D 429 1.81 36.22 -41.27
C ARG D 429 0.63 36.52 -42.17
N MET D 430 -0.50 36.90 -41.58
CA MET D 430 -1.60 37.41 -42.39
C MET D 430 -1.37 38.90 -42.64
N SER D 431 -1.80 39.35 -43.83
CA SER D 431 -1.63 40.74 -44.18
C SER D 431 -2.35 41.63 -43.16
N SER D 432 -1.73 42.76 -42.84
CA SER D 432 -2.24 43.61 -41.76
C SER D 432 -3.62 44.15 -42.06
N ASP D 433 -4.07 44.10 -43.31
CA ASP D 433 -5.40 44.59 -43.63
C ASP D 433 -6.46 43.80 -42.88
N ARG D 434 -6.38 42.48 -42.92
CA ARG D 434 -7.41 41.64 -42.34
C ARG D 434 -7.31 41.60 -40.82
N HIS D 435 -6.14 41.95 -40.29
CA HIS D 435 -5.87 41.95 -38.86
C HIS D 435 -6.00 43.38 -38.34
N VAL D 436 -7.21 43.77 -37.98
CA VAL D 436 -7.43 45.13 -37.46
C VAL D 436 -7.24 45.04 -35.94
N LEU D 437 -5.99 45.04 -35.54
CA LEU D 437 -5.61 45.14 -34.13
C LEU D 437 -4.36 46.00 -34.03
N ASP D 438 -4.50 47.17 -33.44
CA ASP D 438 -3.33 48.00 -33.19
C ASP D 438 -2.42 47.32 -32.17
N SER D 439 -1.16 47.73 -32.16
CA SER D 439 -0.20 47.11 -31.27
C SER D 439 -0.63 47.19 -29.81
N GLU D 440 -1.44 48.19 -29.44
CA GLU D 440 -2.00 48.22 -28.10
C GLU D 440 -2.95 47.04 -27.87
N ALA D 441 -3.75 46.71 -28.88
CA ALA D 441 -4.64 45.56 -28.77
C ALA D 441 -3.83 44.28 -28.61
N ILE D 442 -2.72 44.17 -29.34
CA ILE D 442 -1.85 43.01 -29.20
C ILE D 442 -1.27 42.96 -27.79
N LYS D 443 -0.86 44.12 -27.27
CA LYS D 443 -0.35 44.15 -25.90
C LYS D 443 -1.41 43.65 -24.92
N TYR D 444 -2.65 44.06 -25.11
CA TYR D 444 -3.72 43.63 -24.22
C TYR D 444 -3.95 42.12 -24.31
N ILE D 445 -4.08 41.60 -25.52
CA ILE D 445 -4.32 40.17 -25.67
C ILE D 445 -3.14 39.39 -25.12
N ALA D 446 -1.93 39.90 -25.29
CA ALA D 446 -0.78 39.26 -24.68
C ALA D 446 -0.88 39.31 -23.17
N SER D 447 -1.40 40.41 -22.63
CA SER D 447 -1.51 40.55 -21.18
C SER D 447 -2.42 39.47 -20.62
N LYS D 448 -3.50 39.13 -21.32
CA LYS D 448 -4.37 38.07 -20.83
C LYS D 448 -4.03 36.70 -21.41
N THR D 449 -2.77 36.46 -21.75
CA THR D 449 -2.40 35.15 -22.26
C THR D 449 -1.44 34.45 -21.32
N HIS D 450 -1.68 34.54 -20.02
CA HIS D 450 -0.67 34.11 -19.06
C HIS D 450 -0.35 32.64 -19.21
N GLY D 451 -1.37 31.80 -19.41
CA GLY D 451 -1.12 30.37 -19.40
C GLY D 451 -0.64 29.79 -20.72
N TYR D 452 -1.01 30.40 -21.83
CA TYR D 452 -0.69 29.83 -23.14
C TYR D 452 0.82 29.75 -23.37
N VAL D 453 1.24 28.65 -23.98
CA VAL D 453 2.62 28.43 -24.38
C VAL D 453 2.66 28.16 -25.87
N GLY D 454 3.36 29.00 -26.61
CA GLY D 454 3.74 28.66 -27.96
C GLY D 454 2.58 28.34 -28.86
N ALA D 455 2.41 27.05 -29.14
CA ALA D 455 1.42 26.60 -30.11
C ALA D 455 0.06 27.18 -29.79
N ASP D 456 -0.30 27.24 -28.51
CA ASP D 456 -1.60 27.78 -28.14
C ASP D 456 -1.84 29.12 -28.80
N LEU D 457 -0.86 30.01 -28.72
CA LEU D 457 -1.02 31.33 -29.31
C LEU D 457 -1.36 31.20 -30.79
N THR D 458 -0.60 30.41 -31.53
CA THR D 458 -0.95 30.18 -32.93
C THR D 458 -2.32 29.58 -33.02
N ALA D 459 -2.59 28.57 -32.19
CA ALA D 459 -3.93 28.01 -32.12
C ALA D 459 -4.95 29.10 -31.87
N LEU D 460 -4.69 29.96 -30.88
CA LEU D 460 -5.60 31.07 -30.62
C LEU D 460 -5.84 31.86 -31.88
N CYS D 461 -4.76 32.21 -32.58
CA CYS D 461 -4.89 32.95 -33.82
C CYS D 461 -5.83 32.22 -34.76
N ARG D 462 -5.58 30.93 -34.96
CA ARG D 462 -6.44 30.13 -35.81
C ARG D 462 -7.88 30.20 -35.36
N GLU D 463 -8.12 29.98 -34.07
CA GLU D 463 -9.49 29.97 -33.59
C GLU D 463 -10.14 31.31 -33.85
N SER D 464 -9.37 32.39 -33.70
CA SER D 464 -9.92 33.72 -33.97
C SER D 464 -10.51 33.76 -35.36
N VAL D 465 -9.73 33.32 -36.36
CA VAL D 465 -10.21 33.33 -37.74
C VAL D 465 -11.55 32.62 -37.81
N MET D 466 -11.63 31.43 -37.20
CA MET D 466 -12.90 30.72 -37.17
C MET D 466 -14.04 31.63 -36.72
N LYS D 467 -13.95 32.15 -35.50
CA LYS D 467 -15.06 32.94 -35.03
C LYS D 467 -15.25 34.18 -35.89
N THR D 468 -14.16 34.71 -36.45
CA THR D 468 -14.30 35.83 -37.35
C THR D 468 -15.22 35.47 -38.50
N ILE D 469 -14.94 34.36 -39.18
CA ILE D 469 -15.80 34.01 -40.30
C ILE D 469 -17.14 33.52 -39.82
N GLN D 470 -17.24 33.13 -38.54
CA GLN D 470 -18.56 32.80 -38.01
C GLN D 470 -19.44 34.04 -37.97
N ARG D 471 -18.85 35.21 -37.73
CA ARG D 471 -19.63 36.43 -37.84
C ARG D 471 -20.04 36.69 -39.27
N GLY D 472 -19.27 36.18 -40.24
CA GLY D 472 -19.71 36.24 -41.61
C GLY D 472 -20.95 35.42 -41.85
N LEU D 473 -21.20 34.42 -41.01
CA LEU D 473 -22.40 33.61 -41.09
C LEU D 473 -23.47 34.08 -40.11
N GLY D 474 -23.08 34.65 -38.97
CA GLY D 474 -24.05 35.13 -38.01
C GLY D 474 -24.86 36.30 -38.51
N THR D 475 -24.27 37.12 -39.39
CA THR D 475 -25.03 38.21 -40.02
C THR D 475 -26.04 37.65 -41.01
N ASP D 476 -25.55 36.92 -42.01
CA ASP D 476 -26.41 36.23 -42.96
C ASP D 476 -25.56 35.24 -43.75
N ALA D 477 -26.14 34.08 -44.05
CA ALA D 477 -25.40 33.05 -44.76
C ALA D 477 -24.97 33.48 -46.16
N ASN D 478 -25.64 34.49 -46.72
CA ASN D 478 -25.32 34.95 -48.07
C ASN D 478 -23.98 35.65 -48.16
N ILE D 479 -23.34 35.95 -47.03
CA ILE D 479 -22.05 36.63 -47.08
C ILE D 479 -20.96 35.62 -47.39
N ASP D 480 -20.68 35.45 -48.68
CA ASP D 480 -19.51 34.71 -49.13
C ASP D 480 -18.35 35.63 -49.42
N LYS D 481 -18.53 36.94 -49.23
CA LYS D 481 -17.48 37.91 -49.48
C LYS D 481 -16.32 37.70 -48.51
N PHE D 482 -15.11 37.92 -49.01
CA PHE D 482 -13.89 37.73 -48.24
C PHE D 482 -13.58 39.02 -47.47
N SER D 483 -12.36 39.12 -46.94
CA SER D 483 -11.86 40.35 -46.31
C SER D 483 -12.66 40.74 -45.09
N LEU D 484 -13.23 39.76 -44.40
CA LEU D 484 -13.79 40.01 -43.08
C LEU D 484 -12.64 40.15 -42.09
N LYS D 485 -12.54 41.34 -41.49
CA LYS D 485 -11.45 41.62 -40.57
C LYS D 485 -11.60 40.78 -39.30
N VAL D 486 -10.46 40.41 -38.71
CA VAL D 486 -10.44 39.76 -37.41
C VAL D 486 -10.29 40.86 -36.37
N THR D 487 -11.14 40.84 -35.36
CA THR D 487 -11.23 41.92 -34.40
C THR D 487 -10.87 41.44 -32.99
N LEU D 488 -10.53 42.40 -32.14
CA LEU D 488 -10.17 42.10 -30.76
C LEU D 488 -11.23 41.26 -30.08
N LYS D 489 -12.49 41.71 -30.15
CA LYS D 489 -13.58 40.99 -29.51
C LYS D 489 -13.62 39.54 -29.96
N ASP D 490 -13.34 39.30 -31.24
CA ASP D 490 -13.23 37.94 -31.71
C ASP D 490 -12.11 37.20 -31.00
N VAL D 491 -11.02 37.89 -30.68
CA VAL D 491 -9.89 37.21 -30.05
C VAL D 491 -10.23 36.80 -28.63
N GLU D 492 -10.92 37.65 -27.85
CA GLU D 492 -11.37 37.14 -26.55
C GLU D 492 -12.43 36.06 -26.69
N SER D 493 -13.32 36.19 -27.67
CA SER D 493 -14.30 35.12 -27.87
C SER D 493 -13.62 33.81 -28.18
N ALA D 494 -12.43 33.87 -28.80
CA ALA D 494 -11.64 32.67 -29.00
C ALA D 494 -10.99 32.23 -27.69
N MET D 495 -10.49 33.18 -26.91
CA MET D 495 -9.84 32.82 -25.66
C MET D 495 -10.76 32.01 -24.77
N VAL D 496 -12.02 32.42 -24.66
CA VAL D 496 -12.92 31.81 -23.69
C VAL D 496 -13.09 30.32 -23.92
N ASP D 497 -12.68 29.81 -25.08
CA ASP D 497 -12.94 28.43 -25.47
C ASP D 497 -11.67 27.61 -25.66
N ILE D 498 -10.58 28.23 -26.12
CA ILE D 498 -9.50 27.44 -26.69
C ILE D 498 -8.57 26.83 -25.66
N ARG D 499 -8.50 27.38 -24.46
CA ARG D 499 -7.47 27.02 -23.48
C ARG D 499 -7.34 25.51 -23.30
N PRO D 500 -6.25 24.92 -23.78
CA PRO D 500 -5.97 23.51 -23.45
C PRO D 500 -5.25 23.40 -22.12
N SER D 501 -4.80 22.20 -21.75
CA SER D 501 -3.99 22.03 -20.56
C SER D 501 -2.51 22.17 -20.93
N ALA D 502 -2.12 23.41 -21.23
CA ALA D 502 -0.76 23.69 -21.64
C ALA D 502 0.16 24.00 -20.47
N MET D 503 -0.22 24.93 -19.60
CA MET D 503 0.53 25.19 -18.38
C MET D 503 -0.14 24.45 -17.23
N ARG D 504 0.65 23.64 -16.53
CA ARG D 504 0.23 22.95 -15.31
C ARG D 504 0.59 23.83 -14.11
N GLU D 505 0.66 23.25 -12.92
CA GLU D 505 1.12 24.03 -11.78
C GLU D 505 2.62 24.29 -11.93
N ILE D 506 2.99 24.94 -13.02
CA ILE D 506 4.36 25.38 -13.24
C ILE D 506 4.70 26.48 -12.24
N PHE D 507 6.00 26.64 -11.98
CA PHE D 507 6.45 27.75 -11.15
C PHE D 507 5.87 29.06 -11.66
N LEU D 508 5.07 29.71 -10.82
CA LEU D 508 4.18 30.78 -11.26
C LEU D 508 4.95 32.04 -11.63
N GLU D 509 4.48 32.71 -12.68
CA GLU D 509 4.93 34.05 -13.03
C GLU D 509 3.84 35.03 -12.63
N MET D 510 4.17 35.97 -11.75
CA MET D 510 3.17 36.85 -11.19
C MET D 510 2.90 38.06 -12.07
N PRO D 511 1.71 38.65 -11.97
CA PRO D 511 1.36 39.82 -12.78
C PRO D 511 2.15 41.06 -12.41
N LYS D 512 1.80 42.18 -13.04
CA LYS D 512 2.54 43.42 -12.96
C LYS D 512 1.84 44.38 -12.00
N VAL D 513 2.52 44.75 -10.93
CA VAL D 513 2.03 45.75 -9.98
C VAL D 513 3.19 46.65 -9.57
N TYR D 514 2.95 47.96 -9.53
CA TYR D 514 4.00 48.91 -9.23
C TYR D 514 3.99 49.29 -7.75
N TRP D 515 5.00 50.07 -7.33
CA TRP D 515 5.00 50.57 -5.96
C TRP D 515 3.84 51.53 -5.73
N SER D 516 3.29 52.11 -6.79
CA SER D 516 2.20 53.07 -6.64
C SER D 516 0.92 52.41 -6.20
N ASP D 517 0.67 51.18 -6.67
CA ASP D 517 -0.56 50.48 -6.29
C ASP D 517 -0.62 50.24 -4.80
N ILE D 518 0.51 49.87 -4.20
CA ILE D 518 0.54 49.61 -2.78
C ILE D 518 0.22 50.89 -2.03
N GLY D 519 -0.59 50.78 -0.98
CA GLY D 519 -0.97 51.96 -0.24
C GLY D 519 0.03 52.33 0.83
N GLY D 520 0.85 53.33 0.54
CA GLY D 520 1.76 53.84 1.56
C GLY D 520 2.72 52.77 2.01
N GLN D 521 2.78 52.57 3.33
CA GLN D 521 3.71 51.62 3.93
C GLN D 521 5.14 51.94 3.52
N GLU D 522 5.45 53.24 3.47
CA GLU D 522 6.73 53.69 2.95
C GLU D 522 7.90 53.08 3.72
N GLU D 523 7.72 52.85 5.02
CA GLU D 523 8.78 52.20 5.79
C GLU D 523 9.08 50.82 5.24
N LEU D 524 8.04 50.02 5.02
CA LEU D 524 8.23 48.69 4.44
C LEU D 524 8.73 48.78 3.02
N LYS D 525 8.27 49.79 2.28
CA LYS D 525 8.76 50.00 0.92
C LYS D 525 10.27 50.13 0.92
N THR D 526 10.79 51.04 1.74
CA THR D 526 12.23 51.25 1.80
C THR D 526 12.95 50.03 2.32
N LYS D 527 12.40 49.37 3.35
CA LYS D 527 13.08 48.22 3.91
C LYS D 527 13.20 47.10 2.88
N MET D 528 12.14 46.85 2.13
CA MET D 528 12.22 45.83 1.10
C MET D 528 13.20 46.24 0.00
N LYS D 529 13.06 47.47 -0.49
CA LYS D 529 13.93 47.93 -1.56
C LYS D 529 15.38 47.75 -1.17
N GLU D 530 15.75 48.25 -0.01
CA GLU D 530 17.08 48.07 0.54
C GLU D 530 17.46 46.61 0.67
N MET D 531 16.82 45.92 1.61
CA MET D 531 17.27 44.62 2.08
C MET D 531 17.13 43.53 1.03
N ILE D 532 16.55 43.85 -0.13
CA ILE D 532 16.53 42.85 -1.19
C ILE D 532 17.31 43.35 -2.40
N GLN D 533 16.91 44.49 -2.97
CA GLN D 533 17.54 44.92 -4.20
C GLN D 533 18.98 45.36 -3.95
N LEU D 534 19.24 46.11 -2.88
CA LEU D 534 20.58 46.64 -2.67
C LEU D 534 21.65 45.56 -2.59
N PRO D 535 21.49 44.48 -1.83
CA PRO D 535 22.54 43.45 -1.83
C PRO D 535 22.79 42.83 -3.20
N LEU D 536 21.76 42.71 -4.03
CA LEU D 536 21.97 42.14 -5.35
C LEU D 536 22.64 43.08 -6.32
N GLU D 537 22.45 44.40 -6.17
CA GLU D 537 23.08 45.38 -7.03
C GLU D 537 24.32 45.99 -6.41
N ALA D 538 24.78 45.47 -5.28
CA ALA D 538 25.95 46.02 -4.63
C ALA D 538 26.86 44.92 -4.12
N SER D 539 27.09 43.89 -4.95
CA SER D 539 27.91 42.77 -4.52
C SER D 539 29.34 43.20 -4.26
N GLU D 540 29.88 44.10 -5.10
CA GLU D 540 31.27 44.47 -4.97
C GLU D 540 31.55 45.19 -3.65
N THR D 541 30.65 46.07 -3.23
CA THR D 541 30.89 46.79 -1.98
C THR D 541 30.68 45.89 -0.78
N PHE D 542 29.78 44.91 -0.90
CA PHE D 542 29.63 43.93 0.18
C PHE D 542 30.89 43.11 0.34
N ALA D 543 31.43 42.59 -0.77
CA ALA D 543 32.67 41.82 -0.68
C ALA D 543 33.81 42.67 -0.17
N ARG D 544 33.90 43.92 -0.65
CA ARG D 544 34.94 44.82 -0.16
C ARG D 544 34.82 45.05 1.33
N LEU D 545 33.61 44.98 1.86
CA LEU D 545 33.35 45.28 3.25
C LEU D 545 33.56 44.07 4.15
N GLY D 546 33.71 42.88 3.57
CA GLY D 546 33.94 41.69 4.36
C GLY D 546 32.69 41.04 4.93
N ILE D 547 31.53 41.34 4.38
CA ILE D 547 30.25 40.85 4.88
C ILE D 547 29.49 40.20 3.74
N SER D 548 28.96 39.01 3.98
CA SER D 548 28.11 38.37 3.00
C SER D 548 26.73 39.02 2.99
N ALA D 549 26.11 39.04 1.83
CA ALA D 549 24.84 39.71 1.66
C ALA D 549 23.73 38.98 2.43
N PRO D 550 22.67 39.67 2.79
CA PRO D 550 21.53 39.00 3.43
C PRO D 550 20.95 37.94 2.50
N LYS D 551 20.95 36.70 2.98
CA LYS D 551 20.56 35.60 2.12
C LYS D 551 19.07 35.33 2.12
N GLY D 552 18.38 35.66 3.19
CA GLY D 552 16.96 35.36 3.23
C GLY D 552 16.12 36.24 4.13
N VAL D 553 15.05 36.78 3.57
CA VAL D 553 14.14 37.67 4.29
C VAL D 553 12.77 37.01 4.39
N LEU D 554 12.21 36.99 5.59
CA LEU D 554 10.90 36.41 5.84
C LEU D 554 9.93 37.50 6.23
N LEU D 555 8.82 37.58 5.51
CA LEU D 555 7.74 38.51 5.78
C LEU D 555 6.65 37.80 6.54
N TYR D 556 6.19 38.39 7.64
CA TYR D 556 5.09 37.85 8.41
C TYR D 556 4.13 38.97 8.77
N GLY D 557 2.84 38.68 8.69
CA GLY D 557 1.82 39.65 8.98
C GLY D 557 0.43 39.07 8.92
N PRO D 558 -0.54 39.78 9.48
CA PRO D 558 -1.90 39.28 9.47
C PRO D 558 -2.42 39.19 8.06
N PRO D 559 -3.30 38.22 7.78
CA PRO D 559 -3.77 38.04 6.41
C PRO D 559 -4.46 39.28 5.89
N GLY D 560 -4.22 39.57 4.63
CA GLY D 560 -4.81 40.72 3.98
C GLY D 560 -3.93 41.94 3.96
N CYS D 561 -2.94 42.03 4.83
CA CYS D 561 -2.02 43.15 4.79
C CYS D 561 -1.11 43.00 3.58
N SER D 562 -0.46 44.10 3.19
CA SER D 562 0.21 44.09 1.89
C SER D 562 1.45 43.23 1.94
N LYS D 563 1.29 41.93 1.72
CA LYS D 563 2.39 40.98 1.85
C LYS D 563 2.77 40.35 0.53
N THR D 564 1.85 39.67 -0.14
CA THR D 564 2.11 39.19 -1.48
C THR D 564 2.23 40.35 -2.44
N LEU D 565 1.45 41.41 -2.22
CA LEU D 565 1.51 42.56 -3.11
C LEU D 565 2.86 43.25 -3.03
N THR D 566 3.45 43.30 -1.84
CA THR D 566 4.76 43.92 -1.72
C THR D 566 5.81 43.13 -2.48
N ALA D 567 5.80 41.81 -2.35
CA ALA D 567 6.74 41.00 -3.11
C ALA D 567 6.50 41.13 -4.60
N LYS D 568 5.24 41.18 -5.01
CA LYS D 568 4.92 41.33 -6.42
C LYS D 568 5.44 42.65 -6.96
N ALA D 569 5.28 43.73 -6.18
CA ALA D 569 5.77 45.02 -6.60
C ALA D 569 7.28 45.02 -6.70
N LEU D 570 7.95 44.41 -5.73
CA LEU D 570 9.40 44.25 -5.81
C LEU D 570 9.79 43.49 -7.06
N ALA D 571 8.99 42.49 -7.42
CA ALA D 571 9.25 41.75 -8.66
C ALA D 571 9.15 42.65 -9.87
N THR D 572 8.11 43.46 -9.93
CA THR D 572 7.81 44.19 -11.16
C THR D 572 8.85 45.26 -11.45
N GLU D 573 9.16 46.09 -10.46
CA GLU D 573 10.00 47.25 -10.71
C GLU D 573 11.20 47.27 -9.78
N SER D 574 11.87 46.13 -9.70
CA SER D 574 13.28 46.07 -9.35
C SER D 574 14.12 45.50 -10.47
N GLY D 575 13.50 44.89 -11.47
CA GLY D 575 14.22 44.44 -12.65
C GLY D 575 15.04 43.20 -12.46
N ILE D 576 14.83 42.47 -11.37
CA ILE D 576 15.56 41.24 -11.08
C ILE D 576 14.68 40.08 -11.48
N ASN D 577 15.30 39.01 -11.98
CA ASN D 577 14.55 37.79 -12.23
C ASN D 577 13.88 37.34 -10.94
N PHE D 578 12.63 36.92 -11.05
CA PHE D 578 11.78 36.71 -9.89
C PHE D 578 11.04 35.40 -10.09
N LEU D 579 11.52 34.34 -9.48
CA LEU D 579 10.87 33.05 -9.56
C LEU D 579 10.05 32.85 -8.30
N ALA D 580 8.76 32.68 -8.46
CA ALA D 580 7.85 32.62 -7.33
C ALA D 580 7.09 31.31 -7.34
N VAL D 581 6.93 30.72 -6.16
CA VAL D 581 6.16 29.49 -6.00
C VAL D 581 5.29 29.60 -4.77
N LYS D 582 4.04 29.17 -4.91
CA LYS D 582 3.12 29.12 -3.79
C LYS D 582 3.49 27.95 -2.89
N GLY D 583 2.96 27.97 -1.68
CA GLY D 583 3.28 26.95 -0.71
C GLY D 583 2.75 25.60 -1.10
N PRO D 584 1.44 25.43 -1.08
CA PRO D 584 0.83 24.12 -1.36
C PRO D 584 0.78 23.80 -2.86
N GLU D 585 1.88 24.05 -3.56
CA GLU D 585 2.05 23.57 -4.91
C GLU D 585 3.41 22.95 -5.16
N ILE D 586 4.43 23.29 -4.38
CA ILE D 586 5.66 22.52 -4.42
C ILE D 586 5.55 21.29 -3.55
N PHE D 587 4.80 21.38 -2.45
CA PHE D 587 4.50 20.22 -1.61
C PHE D 587 3.47 19.32 -2.30
N ASN D 588 3.90 18.72 -3.41
CA ASN D 588 3.03 17.91 -4.26
C ASN D 588 2.67 16.57 -3.62
N LYS D 589 3.29 16.22 -2.50
CA LYS D 589 3.07 14.95 -1.81
C LYS D 589 3.56 13.75 -2.65
N TYR D 590 4.17 14.03 -3.80
CA TYR D 590 4.78 12.99 -4.64
C TYR D 590 6.29 13.17 -4.51
N VAL D 591 6.92 12.25 -3.78
CA VAL D 591 8.32 12.36 -3.35
C VAL D 591 9.22 12.83 -4.47
N GLY D 592 9.01 12.34 -5.68
CA GLY D 592 9.83 12.76 -6.79
C GLY D 592 9.69 14.23 -7.09
N GLU D 593 8.53 14.63 -7.62
CA GLU D 593 8.28 16.00 -8.03
C GLU D 593 7.95 16.93 -6.86
N SER D 594 8.19 16.48 -5.63
CA SER D 594 8.12 17.37 -4.47
C SER D 594 9.48 17.83 -4.00
N GLU D 595 10.53 17.06 -4.27
CA GLU D 595 11.87 17.43 -3.88
C GLU D 595 12.80 17.66 -5.06
N ARG D 596 12.39 17.32 -6.28
CA ARG D 596 13.14 17.84 -7.41
C ARG D 596 12.74 19.27 -7.71
N ALA D 597 11.58 19.69 -7.23
CA ALA D 597 11.12 21.05 -7.50
C ALA D 597 12.03 22.08 -6.85
N ILE D 598 12.43 21.84 -5.60
CA ILE D 598 13.36 22.75 -4.95
C ILE D 598 14.65 22.81 -5.74
N ARG D 599 15.16 21.65 -6.15
CA ARG D 599 16.42 21.63 -6.88
C ARG D 599 16.31 22.40 -8.18
N GLU D 600 15.22 22.20 -8.92
CA GLU D 600 15.11 22.85 -10.22
C GLU D 600 14.89 24.34 -10.07
N ILE D 601 14.11 24.76 -9.06
CA ILE D 601 13.90 26.19 -8.88
C ILE D 601 15.19 26.86 -8.47
N PHE D 602 16.00 26.21 -7.64
CA PHE D 602 17.25 26.82 -7.25
C PHE D 602 18.24 26.84 -8.40
N ARG D 603 18.23 25.78 -9.21
CA ARG D 603 19.12 25.76 -10.38
C ARG D 603 18.75 26.87 -11.34
N LYS D 604 17.46 27.08 -11.59
CA LYS D 604 17.04 28.14 -12.49
C LYS D 604 17.34 29.51 -11.90
N ALA D 605 17.20 29.65 -10.59
CA ALA D 605 17.53 30.92 -9.96
C ALA D 605 19.01 31.23 -10.12
N ARG D 606 19.85 30.23 -9.91
CA ARG D 606 21.29 30.43 -10.08
C ARG D 606 21.62 30.71 -11.54
N SER D 607 20.90 30.07 -12.46
CA SER D 607 21.21 30.18 -13.87
C SER D 607 21.09 31.62 -14.36
N ALA D 608 20.10 32.36 -13.86
CA ALA D 608 19.83 33.71 -14.30
C ALA D 608 20.06 34.71 -13.17
N ALA D 609 21.15 34.53 -12.43
CA ALA D 609 21.45 35.44 -11.34
C ALA D 609 21.69 36.85 -11.89
N PRO D 610 21.35 37.88 -11.11
CA PRO D 610 20.74 37.86 -9.78
C PRO D 610 19.28 37.46 -9.83
N SER D 611 18.77 36.88 -8.74
CA SER D 611 17.42 36.36 -8.75
C SER D 611 16.83 36.40 -7.34
N ILE D 612 15.51 36.46 -7.31
CA ILE D 612 14.73 36.42 -6.07
C ILE D 612 13.82 35.22 -6.14
N ILE D 613 14.01 34.27 -5.24
CA ILE D 613 13.08 33.16 -5.11
C ILE D 613 12.07 33.53 -4.04
N PHE D 614 10.82 33.64 -4.44
CA PHE D 614 9.73 33.98 -3.54
C PHE D 614 8.98 32.72 -3.17
N PHE D 615 8.86 32.49 -1.87
CA PHE D 615 8.18 31.33 -1.33
C PHE D 615 6.94 31.84 -0.61
N ASP D 616 5.82 31.85 -1.31
CA ASP D 616 4.58 32.30 -0.69
C ASP D 616 4.03 31.17 0.17
N GLU D 617 3.72 31.48 1.42
CA GLU D 617 3.14 30.51 2.35
C GLU D 617 4.07 29.33 2.59
N ILE D 618 5.20 29.63 3.22
CA ILE D 618 6.07 28.57 3.74
C ILE D 618 5.33 27.67 4.70
N ASP D 619 4.27 28.17 5.33
CA ASP D 619 3.49 27.35 6.25
C ASP D 619 3.11 26.01 5.66
N ALA D 620 2.99 25.92 4.33
CA ALA D 620 2.65 24.66 3.71
C ALA D 620 3.74 23.62 3.93
N LEU D 621 5.00 24.02 3.79
CA LEU D 621 6.13 23.11 3.98
C LEU D 621 6.34 22.95 5.48
N SER D 622 5.61 22.02 6.08
CA SER D 622 5.43 21.95 7.51
C SER D 622 5.92 20.63 8.09
N PRO D 623 6.93 20.63 8.95
CA PRO D 623 7.35 19.40 9.63
C PRO D 623 6.68 19.17 10.99
N ASP D 624 5.65 19.94 11.33
CA ASP D 624 5.02 19.89 12.65
C ASP D 624 3.75 19.05 12.65
N ARG D 625 3.74 17.96 11.91
CA ARG D 625 2.56 17.10 11.77
C ARG D 625 2.90 15.67 12.21
N ASP D 626 1.99 14.76 11.94
CA ASP D 626 2.09 13.39 12.41
C ASP D 626 3.14 12.63 11.59
N GLY D 627 3.17 11.31 11.76
CA GLY D 627 4.18 10.48 11.12
C GLY D 627 4.21 10.56 9.61
N SER D 628 3.08 10.93 8.99
CA SER D 628 3.07 11.13 7.54
C SER D 628 4.06 12.20 7.12
N SER D 629 4.14 13.29 7.90
CA SER D 629 5.11 14.33 7.63
C SER D 629 6.54 13.80 7.71
N THR D 630 6.75 12.73 8.47
CA THR D 630 8.08 12.13 8.55
C THR D 630 8.49 11.44 7.25
N SER D 631 7.56 11.26 6.31
CA SER D 631 7.87 10.65 5.03
C SER D 631 7.99 11.64 3.89
N ALA D 632 7.31 12.78 3.97
CA ALA D 632 7.34 13.78 2.90
C ALA D 632 7.86 15.13 3.38
N ALA D 633 7.35 15.63 4.51
CA ALA D 633 7.66 17.00 4.93
C ALA D 633 9.13 17.17 5.27
N ASN D 634 9.70 16.22 6.02
CA ASN D 634 11.11 16.33 6.39
C ASN D 634 12.00 16.26 5.17
N HIS D 635 11.59 15.47 4.16
CA HIS D 635 12.37 15.41 2.93
C HIS D 635 12.46 16.79 2.28
N VAL D 636 11.32 17.44 2.07
CA VAL D 636 11.35 18.73 1.38
C VAL D 636 12.02 19.78 2.24
N LEU D 637 11.82 19.73 3.55
CA LEU D 637 12.45 20.71 4.42
C LEU D 637 13.96 20.57 4.40
N THR D 638 14.47 19.35 4.51
CA THR D 638 15.92 19.18 4.49
C THR D 638 16.48 19.51 3.12
N SER D 639 15.72 19.27 2.05
CA SER D 639 16.18 19.71 0.74
C SER D 639 16.30 21.22 0.69
N LEU D 640 15.30 21.92 1.22
CA LEU D 640 15.32 23.37 1.19
C LEU D 640 16.49 23.92 1.99
N LEU D 641 16.73 23.38 3.19
CA LEU D 641 17.86 23.84 3.98
C LEU D 641 19.19 23.49 3.32
N ASN D 642 19.29 22.32 2.71
CA ASN D 642 20.53 21.96 2.03
C ASN D 642 20.84 22.92 0.89
N GLU D 643 19.82 23.29 0.10
CA GLU D 643 20.06 24.23 -0.98
C GLU D 643 20.37 25.62 -0.44
N ILE D 644 19.68 26.04 0.62
CA ILE D 644 19.89 27.39 1.14
C ILE D 644 21.29 27.52 1.73
N ASP D 645 21.76 26.51 2.46
CA ASP D 645 23.06 26.57 3.10
C ASP D 645 24.21 26.58 2.11
N GLY D 646 23.96 26.30 0.83
CA GLY D 646 25.01 26.34 -0.16
C GLY D 646 25.41 27.76 -0.51
N VAL D 647 25.80 28.54 0.51
CA VAL D 647 26.06 29.96 0.34
C VAL D 647 27.25 30.23 -0.59
N GLU D 648 28.19 29.28 -0.70
CA GLU D 648 29.38 29.52 -1.49
C GLU D 648 29.03 29.78 -2.95
N GLU D 649 28.11 29.00 -3.50
CA GLU D 649 27.65 29.17 -4.87
C GLU D 649 26.32 29.92 -4.93
N LEU D 650 26.00 30.66 -3.87
CA LEU D 650 24.73 31.37 -3.80
C LEU D 650 24.95 32.88 -3.74
N LYS D 651 25.84 33.40 -4.58
CA LYS D 651 26.20 34.80 -4.48
C LYS D 651 25.09 35.72 -4.98
N GLY D 652 24.43 35.34 -6.06
CA GLY D 652 23.44 36.22 -6.65
C GLY D 652 22.01 35.75 -6.52
N VAL D 653 21.66 35.22 -5.35
CA VAL D 653 20.32 34.70 -5.10
C VAL D 653 19.86 35.20 -3.75
N VAL D 654 18.62 35.69 -3.68
CA VAL D 654 18.01 36.07 -2.41
C VAL D 654 16.67 35.34 -2.29
N ILE D 655 16.40 34.83 -1.10
CA ILE D 655 15.19 34.04 -0.84
C ILE D 655 14.28 34.87 0.04
N VAL D 656 13.10 35.19 -0.48
CA VAL D 656 12.10 35.95 0.25
C VAL D 656 10.90 35.05 0.47
N ALA D 657 10.61 34.77 1.73
CA ALA D 657 9.48 33.93 2.10
C ALA D 657 8.38 34.80 2.70
N ALA D 658 7.15 34.32 2.61
CA ALA D 658 6.02 35.03 3.18
C ALA D 658 5.17 34.07 3.97
N THR D 659 4.62 34.53 5.09
CA THR D 659 3.83 33.66 5.93
C THR D 659 2.79 34.48 6.67
N ASN D 660 1.68 33.83 7.00
CA ASN D 660 0.65 34.44 7.83
C ASN D 660 0.54 33.81 9.20
N ARG D 661 1.27 32.73 9.47
CA ARG D 661 1.41 32.20 10.81
C ARG D 661 2.87 31.81 10.96
N PRO D 662 3.73 32.73 11.40
CA PRO D 662 5.17 32.47 11.35
C PRO D 662 5.64 31.38 12.29
N ASP D 663 5.02 31.25 13.48
CA ASP D 663 5.51 30.30 14.46
C ASP D 663 5.42 28.87 13.95
N GLU D 664 4.57 28.61 12.97
CA GLU D 664 4.40 27.27 12.44
C GLU D 664 5.51 26.90 11.47
N ILE D 665 6.30 27.88 11.02
CA ILE D 665 7.48 27.60 10.22
C ILE D 665 8.51 26.90 11.09
N ASP D 666 9.22 25.93 10.51
CA ASP D 666 10.22 25.20 11.27
C ASP D 666 11.29 26.15 11.78
N ALA D 667 11.65 26.00 13.05
CA ALA D 667 12.67 26.85 13.63
C ALA D 667 14.03 26.62 13.00
N ALA D 668 14.21 25.52 12.29
CA ALA D 668 15.48 25.27 11.64
C ALA D 668 15.69 26.14 10.41
N LEU D 669 14.67 26.85 9.98
CA LEU D 669 14.73 27.65 8.77
C LEU D 669 14.81 29.15 9.07
N LEU D 670 14.71 29.54 10.33
CA LEU D 670 14.85 30.93 10.74
C LEU D 670 16.05 31.15 11.65
N ARG D 671 17.00 30.25 11.63
CA ARG D 671 18.22 30.45 12.37
C ARG D 671 19.17 31.35 11.59
N PRO D 672 20.08 32.03 12.28
CA PRO D 672 21.02 32.90 11.58
C PRO D 672 21.83 32.12 10.56
N GLY D 673 22.22 32.81 9.48
CA GLY D 673 22.86 32.18 8.35
C GLY D 673 21.89 31.62 7.34
N ARG D 674 20.61 31.82 7.55
CA ARG D 674 19.55 31.25 6.74
C ARG D 674 18.49 32.33 6.60
N LEU D 675 17.25 31.93 6.35
CA LEU D 675 16.18 32.89 6.19
C LEU D 675 15.99 33.59 7.53
N ASP D 676 16.69 34.72 7.71
CA ASP D 676 16.92 35.27 9.05
C ASP D 676 16.36 36.66 9.29
N ARG D 677 16.48 37.59 8.35
CA ARG D 677 15.82 38.88 8.51
C ARG D 677 14.31 38.64 8.56
N HIS D 678 13.64 39.26 9.52
CA HIS D 678 12.18 39.19 9.63
C HIS D 678 11.61 40.59 9.53
N ILE D 679 10.68 40.79 8.60
CA ILE D 679 10.02 42.07 8.41
C ILE D 679 8.54 41.88 8.69
N TYR D 680 8.02 42.67 9.61
CA TYR D 680 6.63 42.56 10.05
C TYR D 680 5.78 43.55 9.26
N VAL D 681 4.79 43.04 8.55
CA VAL D 681 3.97 43.88 7.69
C VAL D 681 2.92 44.61 8.50
N GLY D 682 2.03 43.87 9.14
CA GLY D 682 1.10 44.44 10.08
C GLY D 682 -0.01 45.26 9.46
N PRO D 683 -1.08 45.48 10.23
CA PRO D 683 -2.20 46.26 9.72
C PRO D 683 -1.77 47.67 9.36
N PRO D 684 -2.28 48.20 8.26
CA PRO D 684 -1.80 49.49 7.77
C PRO D 684 -2.12 50.63 8.71
N ASP D 685 -1.25 51.63 8.71
CA ASP D 685 -1.47 52.83 9.50
C ASP D 685 -2.47 53.74 8.79
N VAL D 686 -2.83 54.84 9.47
CA VAL D 686 -3.91 55.68 8.97
C VAL D 686 -3.58 56.25 7.60
N ASN D 687 -2.33 56.69 7.40
CA ASN D 687 -1.96 57.23 6.11
C ASN D 687 -2.06 56.16 5.03
N ALA D 688 -1.60 54.95 5.33
CA ALA D 688 -1.68 53.86 4.36
C ALA D 688 -3.13 53.55 4.02
N ARG D 689 -4.00 53.55 5.02
CA ARG D 689 -5.41 53.27 4.78
C ARG D 689 -6.01 54.34 3.89
N LEU D 690 -5.69 55.61 4.15
CA LEU D 690 -6.21 56.68 3.32
C LEU D 690 -5.72 56.52 1.88
N GLU D 691 -4.47 56.12 1.70
CA GLU D 691 -3.96 55.90 0.36
C GLU D 691 -4.71 54.77 -0.32
N ILE D 692 -5.01 53.69 0.41
CA ILE D 692 -5.75 52.59 -0.18
C ILE D 692 -7.12 53.05 -0.64
N LEU D 693 -7.80 53.83 0.21
CA LEU D 693 -9.08 54.41 -0.21
C LEU D 693 -8.91 55.20 -1.49
N LYS D 694 -7.97 56.14 -1.51
CA LYS D 694 -7.81 56.99 -2.69
C LYS D 694 -7.51 56.17 -3.93
N LYS D 695 -6.87 55.01 -3.77
CA LYS D 695 -6.61 54.16 -4.92
C LYS D 695 -7.89 53.45 -5.37
N CYS D 696 -8.73 53.05 -4.42
CA CYS D 696 -9.91 52.26 -4.76
C CYS D 696 -11.19 53.07 -4.91
N THR D 697 -11.23 54.30 -4.41
CA THR D 697 -12.42 55.12 -4.48
C THR D 697 -12.36 56.14 -5.61
N LYS D 698 -11.31 56.13 -6.42
CA LYS D 698 -11.12 57.21 -7.38
C LYS D 698 -12.12 57.14 -8.52
N LYS D 699 -12.50 55.94 -8.95
CA LYS D 699 -13.28 55.82 -10.18
C LYS D 699 -14.69 56.34 -9.99
N PHE D 700 -15.19 56.39 -8.76
CA PHE D 700 -16.48 57.01 -8.50
C PHE D 700 -16.31 58.26 -7.67
N ASN D 701 -17.04 59.31 -8.06
CA ASN D 701 -16.83 60.64 -7.52
C ASN D 701 -16.97 60.64 -6.00
N THR D 702 -15.96 61.17 -5.32
CA THR D 702 -15.94 61.12 -3.87
C THR D 702 -15.93 62.50 -3.24
N GLU D 703 -15.01 63.38 -3.65
CA GLU D 703 -14.97 64.73 -3.10
C GLU D 703 -16.24 65.50 -3.44
N GLU D 704 -16.69 65.39 -4.69
CA GLU D 704 -17.90 66.05 -5.15
C GLU D 704 -19.15 65.21 -4.93
N SER D 705 -19.07 64.19 -4.07
CA SER D 705 -20.25 63.47 -3.63
C SER D 705 -20.58 63.75 -2.18
N GLY D 706 -19.70 64.41 -1.45
CA GLY D 706 -19.99 64.82 -0.08
C GLY D 706 -19.43 63.92 0.99
N VAL D 707 -18.63 62.92 0.64
CA VAL D 707 -18.00 62.04 1.63
C VAL D 707 -16.50 62.30 1.59
N ASP D 708 -15.93 62.61 2.76
CA ASP D 708 -14.51 62.89 2.87
C ASP D 708 -13.77 61.68 3.43
N LEU D 709 -12.62 61.39 2.85
CA LEU D 709 -11.99 60.09 3.07
C LEU D 709 -11.46 59.94 4.48
N HIS D 710 -11.13 61.05 5.15
CA HIS D 710 -10.40 60.96 6.40
C HIS D 710 -11.25 60.38 7.52
N GLU D 711 -12.56 60.65 7.53
CA GLU D 711 -13.40 60.06 8.56
C GLU D 711 -13.50 58.56 8.36
N LEU D 712 -13.52 58.10 7.11
CA LEU D 712 -13.43 56.67 6.86
C LEU D 712 -12.09 56.13 7.34
N ALA D 713 -11.01 56.84 7.02
CA ALA D 713 -9.67 56.35 7.35
C ALA D 713 -9.49 56.18 8.84
N ASP D 714 -9.91 57.17 9.62
CA ASP D 714 -9.76 57.04 11.06
C ASP D 714 -10.89 56.23 11.69
N ARG D 715 -11.94 55.94 10.94
CA ARG D 715 -12.99 55.07 11.43
C ARG D 715 -12.69 53.60 11.20
N THR D 716 -11.76 53.29 10.29
CA THR D 716 -11.48 51.91 9.91
C THR D 716 -10.22 51.39 10.58
N GLU D 717 -9.93 51.83 11.80
CA GLU D 717 -8.76 51.34 12.51
C GLU D 717 -8.89 49.85 12.77
N GLY D 718 -7.84 49.10 12.47
CA GLY D 718 -7.80 47.68 12.70
C GLY D 718 -8.10 46.84 11.47
N TYR D 719 -8.70 47.42 10.45
CA TYR D 719 -8.95 46.68 9.22
C TYR D 719 -7.63 46.31 8.56
N SER D 720 -7.52 45.08 8.11
CA SER D 720 -6.41 44.80 7.21
C SER D 720 -6.75 45.33 5.82
N GLY D 721 -5.71 45.56 5.04
CA GLY D 721 -5.90 46.23 3.76
C GLY D 721 -6.93 45.55 2.88
N ALA D 722 -7.01 44.23 2.99
CA ALA D 722 -8.04 43.51 2.26
C ALA D 722 -9.42 43.97 2.69
N GLU D 723 -9.63 44.16 3.99
CA GLU D 723 -10.93 44.65 4.43
C GLU D 723 -11.18 46.08 3.98
N VAL D 724 -10.14 46.87 3.78
CA VAL D 724 -10.36 48.22 3.29
C VAL D 724 -10.83 48.19 1.85
N VAL D 725 -10.16 47.41 1.01
CA VAL D 725 -10.62 47.34 -0.37
C VAL D 725 -11.99 46.69 -0.45
N LEU D 726 -12.29 45.76 0.46
CA LEU D 726 -13.62 45.17 0.48
C LEU D 726 -14.67 46.17 0.95
N LEU D 727 -14.30 47.08 1.84
CA LEU D 727 -15.23 48.14 2.22
C LEU D 727 -15.55 49.01 1.04
N CYS D 728 -14.55 49.34 0.24
CA CYS D 728 -14.82 50.11 -0.97
C CYS D 728 -15.73 49.33 -1.90
N GLN D 729 -15.48 48.04 -2.07
CA GLN D 729 -16.31 47.23 -2.96
C GLN D 729 -17.75 47.15 -2.46
N GLU D 730 -17.94 46.98 -1.16
CA GLU D 730 -19.29 46.92 -0.62
C GLU D 730 -20.00 48.25 -0.76
N ALA D 731 -19.27 49.35 -0.62
CA ALA D 731 -19.88 50.66 -0.88
C ALA D 731 -20.37 50.75 -2.31
N GLY D 732 -19.55 50.29 -3.26
CA GLY D 732 -19.99 50.30 -4.64
C GLY D 732 -21.19 49.39 -4.86
N LEU D 733 -21.23 48.27 -4.15
CA LEU D 733 -22.35 47.36 -4.30
C LEU D 733 -23.63 47.98 -3.79
N ALA D 734 -23.55 48.75 -2.71
CA ALA D 734 -24.72 49.50 -2.24
C ALA D 734 -25.12 50.57 -3.24
N ALA D 735 -24.12 51.21 -3.87
CA ALA D 735 -24.42 52.19 -4.89
C ALA D 735 -25.22 51.57 -6.02
N ILE D 736 -24.83 50.39 -6.47
CA ILE D 736 -25.60 49.72 -7.52
C ILE D 736 -26.90 49.14 -6.96
N MET D 737 -26.95 48.88 -5.65
CA MET D 737 -28.20 48.49 -5.01
C MET D 737 -29.28 49.54 -5.25
N GLU D 738 -29.04 50.76 -4.78
CA GLU D 738 -30.10 51.77 -4.81
C GLU D 738 -30.43 52.22 -6.23
N ASP D 739 -29.55 51.98 -7.19
CA ASP D 739 -29.83 52.42 -8.56
C ASP D 739 -28.97 51.62 -9.52
N LEU D 740 -29.53 51.28 -10.69
CA LEU D 740 -28.81 50.45 -11.64
C LEU D 740 -27.71 51.23 -12.35
N ASP D 741 -27.98 52.47 -12.73
CA ASP D 741 -27.03 53.28 -13.50
C ASP D 741 -26.54 54.50 -12.72
N VAL D 742 -26.38 54.34 -11.40
CA VAL D 742 -25.91 55.44 -10.57
C VAL D 742 -24.48 55.80 -10.97
N ALA D 743 -24.13 57.07 -10.74
CA ALA D 743 -22.79 57.58 -10.99
C ALA D 743 -22.31 58.39 -9.80
N LYS D 744 -22.66 57.94 -8.60
CA LYS D 744 -22.35 58.69 -7.40
C LYS D 744 -22.42 57.74 -6.21
N VAL D 745 -21.57 57.97 -5.23
CA VAL D 745 -21.55 57.17 -4.01
C VAL D 745 -21.62 58.10 -2.82
N GLU D 746 -22.62 57.92 -1.98
CA GLU D 746 -22.86 58.78 -0.82
C GLU D 746 -22.28 58.13 0.44
N LEU D 747 -22.33 58.90 1.52
CA LEU D 747 -21.77 58.42 2.78
C LEU D 747 -22.61 57.30 3.36
N ARG D 748 -23.92 57.30 3.10
CA ARG D 748 -24.78 56.25 3.66
C ARG D 748 -24.42 54.89 3.11
N HIS D 749 -23.97 54.81 1.85
CA HIS D 749 -23.52 53.54 1.31
C HIS D 749 -22.32 53.04 2.09
N PHE D 750 -21.37 53.93 2.37
CA PHE D 750 -20.21 53.55 3.15
C PHE D 750 -20.61 53.15 4.56
N GLU D 751 -21.62 53.80 5.12
CA GLU D 751 -22.07 53.42 6.46
C GLU D 751 -22.63 52.01 6.47
N LYS D 752 -23.43 51.67 5.45
CA LYS D 752 -23.95 50.32 5.35
C LYS D 752 -22.82 49.32 5.21
N ALA D 753 -21.85 49.63 4.35
CA ALA D 753 -20.71 48.73 4.18
C ALA D 753 -19.96 48.56 5.49
N PHE D 754 -19.68 49.65 6.19
CA PHE D 754 -18.91 49.58 7.42
C PHE D 754 -19.64 48.79 8.48
N LYS D 755 -20.96 48.85 8.49
CA LYS D 755 -21.73 47.98 9.37
C LYS D 755 -21.57 46.53 8.96
N GLY D 756 -21.53 46.27 7.65
CA GLY D 756 -21.49 44.89 7.18
C GLY D 756 -20.19 44.17 7.41
N ILE D 757 -19.07 44.87 7.45
CA ILE D 757 -17.75 44.26 7.46
C ILE D 757 -17.29 44.10 8.91
N ALA D 758 -16.82 42.92 9.26
CA ALA D 758 -16.36 42.63 10.60
C ALA D 758 -14.84 42.49 10.62
N ARG D 759 -14.23 42.98 11.69
CA ARG D 759 -12.78 42.96 11.81
C ARG D 759 -12.25 41.54 11.74
N GLY D 760 -11.20 41.34 10.96
CA GLY D 760 -10.57 40.05 10.82
C GLY D 760 -9.28 39.86 11.60
N ILE D 761 -8.81 40.89 12.29
CA ILE D 761 -7.57 40.83 13.05
C ILE D 761 -7.94 41.03 14.51
N THR D 762 -8.18 39.94 15.21
CA THR D 762 -8.47 40.03 16.64
C THR D 762 -7.22 40.44 17.39
N PRO D 763 -7.36 41.03 18.57
CA PRO D 763 -6.17 41.31 19.39
C PRO D 763 -5.38 40.08 19.73
N GLU D 764 -5.99 38.90 19.68
CA GLU D 764 -5.24 37.67 19.83
C GLU D 764 -4.19 37.53 18.74
N MET D 765 -4.55 37.85 17.50
CA MET D 765 -3.60 37.72 16.40
C MET D 765 -2.46 38.72 16.53
N LEU D 766 -2.77 39.95 16.92
CA LEU D 766 -1.70 40.92 17.11
C LEU D 766 -0.78 40.50 18.25
N SER D 767 -1.35 39.93 19.32
CA SER D 767 -0.51 39.41 20.38
C SER D 767 0.38 38.29 19.87
N TYR D 768 -0.16 37.41 19.04
CA TYR D 768 0.63 36.32 18.49
C TYR D 768 1.81 36.84 17.69
N TYR D 769 1.57 37.86 16.87
CA TYR D 769 2.65 38.34 16.03
C TYR D 769 3.70 39.10 16.82
N GLU D 770 3.27 39.88 17.82
CA GLU D 770 4.26 40.51 18.68
C GLU D 770 5.09 39.47 19.41
N GLU D 771 4.44 38.41 19.91
CA GLU D 771 5.16 37.36 20.61
C GLU D 771 6.17 36.69 19.69
N PHE D 772 5.81 36.45 18.43
CA PHE D 772 6.80 35.91 17.51
C PHE D 772 7.90 36.92 17.23
N ALA D 773 7.59 38.21 17.30
CA ALA D 773 8.61 39.22 17.12
C ALA D 773 9.66 39.14 18.22
N LEU D 774 9.24 38.91 19.46
CA LEU D 774 10.21 38.78 20.54
C LEU D 774 11.13 37.57 20.34
N ARG D 775 10.58 36.46 19.85
CA ARG D 775 11.37 35.26 19.66
C ARG D 775 12.15 35.24 18.35
N SER D 776 12.15 36.33 17.60
CA SER D 776 12.71 36.34 16.26
C SER D 776 14.23 36.31 16.31
N GLY D 777 14.85 36.42 15.13
CA GLY D 777 16.29 36.41 14.98
C GLY D 777 16.85 37.77 14.57
N SER D 778 16.27 38.41 13.55
CA SER D 778 16.74 39.70 13.08
C SER D 778 15.55 40.61 12.78
N SER D 779 15.77 41.91 12.96
CA SER D 779 14.77 42.93 12.64
C SER D 779 13.45 42.68 13.36
N SER D 780 13.52 42.37 14.65
CA SER D 780 12.34 42.17 15.47
C SER D 780 11.46 43.42 15.51
N PRO E 239 -33.80 0.99 -45.48
CA PRO E 239 -32.69 1.94 -45.53
C PRO E 239 -33.16 3.38 -45.50
N GLU E 240 -33.75 3.79 -44.39
CA GLU E 240 -34.20 5.16 -44.21
C GLU E 240 -32.99 6.05 -43.98
N PRO E 241 -32.74 7.05 -44.82
CA PRO E 241 -31.52 7.85 -44.66
C PRO E 241 -31.63 8.77 -43.45
N LEU E 242 -30.62 8.75 -42.61
CA LEU E 242 -30.63 9.60 -41.43
C LEU E 242 -30.43 11.04 -41.83
N SER E 243 -31.23 11.92 -41.23
CA SER E 243 -31.15 13.35 -41.47
C SER E 243 -30.94 14.06 -40.15
N TYR E 244 -30.68 15.37 -40.22
CA TYR E 244 -30.50 16.12 -38.99
C TYR E 244 -31.78 16.27 -38.21
N ALA E 245 -32.93 16.05 -38.84
CA ALA E 245 -34.17 16.05 -38.09
C ALA E 245 -34.25 14.89 -37.12
N ALA E 246 -33.51 13.82 -37.36
CA ALA E 246 -33.50 12.70 -36.42
C ALA E 246 -32.80 13.09 -35.13
N VAL E 247 -31.66 13.76 -35.22
CA VAL E 247 -30.98 14.24 -34.03
C VAL E 247 -31.86 15.28 -33.36
N GLY E 248 -31.88 15.27 -32.03
CA GLY E 248 -32.65 16.25 -31.30
C GLY E 248 -31.94 16.66 -30.04
N GLY E 249 -32.34 17.82 -29.53
CA GLY E 249 -31.81 18.30 -28.28
C GLY E 249 -30.34 18.64 -28.29
N LEU E 250 -29.73 18.73 -29.46
CA LEU E 250 -28.31 19.06 -29.54
C LEU E 250 -28.06 20.19 -30.54
N ASP E 251 -29.09 20.99 -30.85
CA ASP E 251 -29.03 21.88 -32.00
C ASP E 251 -27.84 22.83 -31.96
N LYS E 252 -27.44 23.27 -30.77
CA LYS E 252 -26.32 24.20 -30.68
C LYS E 252 -25.03 23.55 -31.19
N GLU E 253 -24.68 22.39 -30.65
CA GLU E 253 -23.49 21.73 -31.13
C GLU E 253 -23.70 21.04 -32.47
N ILE E 254 -24.94 20.80 -32.89
CA ILE E 254 -25.17 20.42 -34.27
C ILE E 254 -24.71 21.51 -35.21
N GLU E 255 -25.10 22.75 -34.91
CA GLU E 255 -24.67 23.87 -35.74
C GLU E 255 -23.16 24.05 -35.66
N SER E 256 -22.59 23.91 -34.46
CA SER E 256 -21.14 24.05 -34.35
C SER E 256 -20.40 23.02 -35.19
N LEU E 257 -20.82 21.75 -35.14
CA LEU E 257 -20.16 20.73 -35.92
C LEU E 257 -20.38 20.93 -37.40
N LYS E 258 -21.58 21.34 -37.80
CA LYS E 258 -21.84 21.57 -39.21
C LYS E 258 -20.97 22.69 -39.74
N SER E 259 -20.79 23.75 -38.96
CA SER E 259 -19.87 24.81 -39.36
C SER E 259 -18.45 24.28 -39.46
N ALA E 260 -18.01 23.53 -38.45
CA ALA E 260 -16.64 23.05 -38.42
C ALA E 260 -16.36 22.01 -39.49
N ILE E 261 -17.38 21.45 -40.11
CA ILE E 261 -17.16 20.53 -41.22
C ILE E 261 -17.33 21.25 -42.55
N GLU E 262 -18.13 22.29 -42.58
CA GLU E 262 -18.31 23.02 -43.83
C GLU E 262 -17.13 23.93 -44.13
N ILE E 263 -16.53 24.55 -43.12
CA ILE E 263 -15.48 25.54 -43.36
C ILE E 263 -14.26 24.88 -44.01
N PRO E 264 -13.65 23.85 -43.45
CA PRO E 264 -12.80 23.00 -44.27
C PRO E 264 -13.67 22.05 -45.08
N LEU E 265 -13.04 21.25 -45.91
CA LEU E 265 -13.72 20.21 -46.67
C LEU E 265 -14.68 20.79 -47.71
N HIS E 266 -14.94 22.07 -47.65
CA HIS E 266 -15.62 22.73 -48.76
C HIS E 266 -14.94 24.01 -49.20
N GLN E 267 -14.39 24.78 -48.26
CA GLN E 267 -13.81 26.09 -48.56
C GLN E 267 -12.47 26.23 -47.85
N PRO E 268 -11.47 25.44 -48.23
CA PRO E 268 -10.15 25.61 -47.62
C PRO E 268 -9.49 26.92 -47.99
N THR E 269 -9.80 27.46 -49.17
CA THR E 269 -9.16 28.68 -49.62
C THR E 269 -9.48 29.84 -48.70
N LEU E 270 -10.70 29.90 -48.19
CA LEU E 270 -11.14 31.04 -47.41
C LEU E 270 -10.25 31.26 -46.19
N PHE E 271 -10.03 30.21 -45.42
CA PHE E 271 -9.16 30.30 -44.24
C PHE E 271 -7.75 29.87 -44.54
N SER E 272 -7.41 29.65 -45.81
CA SER E 272 -6.01 29.59 -46.18
C SER E 272 -5.48 30.96 -46.52
N SER E 273 -6.35 31.85 -47.03
CA SER E 273 -5.94 33.22 -47.28
C SER E 273 -5.55 33.92 -45.99
N PHE E 274 -6.27 33.66 -44.91
CA PHE E 274 -5.91 34.25 -43.63
C PHE E 274 -4.56 33.77 -43.12
N GLY E 275 -4.00 32.73 -43.71
CA GLY E 275 -2.66 32.31 -43.37
C GLY E 275 -2.56 31.40 -42.16
N VAL E 276 -3.65 31.14 -41.49
CA VAL E 276 -3.63 30.23 -40.35
C VAL E 276 -3.62 28.80 -40.87
N SER E 277 -3.00 27.92 -40.12
CA SER E 277 -3.03 26.52 -40.48
C SER E 277 -4.47 26.01 -40.40
N PRO E 278 -4.93 25.25 -41.38
CA PRO E 278 -6.32 24.79 -41.39
C PRO E 278 -6.63 23.94 -40.18
N PRO E 279 -7.84 24.04 -39.66
CA PRO E 279 -8.24 23.22 -38.51
C PRO E 279 -8.71 21.83 -38.91
N ARG E 280 -7.77 20.92 -39.11
CA ARG E 280 -8.06 19.54 -39.41
C ARG E 280 -8.11 18.74 -38.12
N GLY E 281 -9.21 18.04 -37.89
CA GLY E 281 -9.32 17.17 -36.74
C GLY E 281 -10.26 17.65 -35.66
N ILE E 282 -11.47 17.10 -35.66
CA ILE E 282 -12.54 17.50 -34.76
C ILE E 282 -12.88 16.32 -33.85
N LEU E 283 -12.89 16.57 -32.56
CA LEU E 283 -13.19 15.56 -31.56
C LEU E 283 -14.59 15.78 -31.01
N LEU E 284 -15.38 14.72 -31.00
CA LEU E 284 -16.73 14.74 -30.45
C LEU E 284 -16.68 14.08 -29.10
N HIS E 285 -16.63 14.87 -28.05
CA HIS E 285 -16.66 14.33 -26.70
C HIS E 285 -18.06 13.84 -26.39
N GLY E 286 -18.28 13.42 -25.15
CA GLY E 286 -19.61 13.10 -24.71
C GLY E 286 -19.68 11.86 -23.84
N PRO E 287 -20.51 11.92 -22.81
CA PRO E 287 -20.72 10.75 -21.98
C PRO E 287 -21.36 9.65 -22.78
N PRO E 288 -21.25 8.40 -22.35
CA PRO E 288 -21.71 7.28 -23.18
C PRO E 288 -23.19 7.39 -23.48
N GLY E 289 -23.54 7.06 -24.73
CA GLY E 289 -24.93 7.09 -25.13
C GLY E 289 -25.52 8.47 -25.26
N THR E 290 -24.71 9.46 -25.61
CA THR E 290 -25.22 10.82 -25.76
C THR E 290 -25.63 11.14 -27.17
N GLY E 291 -25.20 10.34 -28.15
CA GLY E 291 -25.61 10.56 -29.51
C GLY E 291 -24.43 10.78 -30.44
N LYS E 292 -23.27 10.28 -30.04
CA LYS E 292 -22.05 10.54 -30.81
C LYS E 292 -22.04 9.74 -32.11
N THR E 293 -22.08 8.42 -32.00
CA THR E 293 -21.96 7.59 -33.20
C THR E 293 -23.06 7.89 -34.18
N MET E 294 -24.26 8.17 -33.68
CA MET E 294 -25.34 8.50 -34.59
C MET E 294 -25.09 9.83 -35.26
N LEU E 295 -24.48 10.76 -34.54
CA LEU E 295 -24.14 12.05 -35.14
C LEU E 295 -23.12 11.87 -36.26
N LEU E 296 -22.14 11.00 -36.04
CA LEU E 296 -21.19 10.72 -37.10
C LEU E 296 -21.89 10.11 -38.30
N ARG E 297 -22.82 9.19 -38.05
CA ARG E 297 -23.54 8.57 -39.16
C ARG E 297 -24.32 9.61 -39.95
N VAL E 298 -24.98 10.53 -39.27
CA VAL E 298 -25.77 11.51 -39.99
C VAL E 298 -24.85 12.48 -40.75
N VAL E 299 -23.71 12.83 -40.15
CA VAL E 299 -22.76 13.70 -40.84
C VAL E 299 -22.27 13.04 -42.11
N ALA E 300 -21.95 11.75 -42.04
CA ALA E 300 -21.55 11.02 -43.24
C ALA E 300 -22.67 11.04 -44.27
N ASN E 301 -23.88 10.69 -43.86
CA ASN E 301 -24.98 10.54 -44.81
C ASN E 301 -25.45 11.86 -45.37
N THR E 302 -25.05 12.98 -44.79
CA THR E 302 -25.51 14.27 -45.31
C THR E 302 -24.43 15.01 -46.07
N SER E 303 -23.17 14.81 -45.75
CA SER E 303 -22.10 15.50 -46.46
C SER E 303 -21.82 14.79 -47.77
N ASN E 304 -21.70 15.58 -48.83
CA ASN E 304 -21.45 15.02 -50.16
C ASN E 304 -20.01 14.59 -50.35
N ALA E 305 -19.14 14.87 -49.40
CA ALA E 305 -17.77 14.37 -49.46
C ALA E 305 -17.80 12.85 -49.32
N HIS E 306 -16.63 12.23 -49.42
CA HIS E 306 -16.57 10.78 -49.38
C HIS E 306 -16.16 10.32 -48.00
N VAL E 307 -16.95 9.41 -47.44
CA VAL E 307 -16.71 8.87 -46.12
C VAL E 307 -15.65 7.79 -46.21
N LEU E 308 -14.80 7.75 -45.20
CA LEU E 308 -13.89 6.65 -44.98
C LEU E 308 -13.93 6.32 -43.51
N THR E 309 -13.73 5.06 -43.17
CA THR E 309 -13.83 4.65 -41.78
C THR E 309 -12.55 3.97 -41.32
N ILE E 310 -12.15 4.29 -40.10
CA ILE E 310 -11.20 3.46 -39.37
C ILE E 310 -12.04 2.58 -38.47
N ASN E 311 -12.00 1.28 -38.70
CA ASN E 311 -12.91 0.36 -38.04
C ASN E 311 -12.34 -0.08 -36.71
N GLY E 312 -11.49 0.75 -36.11
CA GLY E 312 -10.82 0.39 -34.89
C GLY E 312 -10.00 -0.86 -35.11
N PRO E 313 -10.24 -1.89 -34.30
CA PRO E 313 -9.57 -3.17 -34.54
C PRO E 313 -9.96 -3.82 -35.84
N SER E 314 -11.10 -3.46 -36.43
CA SER E 314 -11.62 -4.25 -37.53
C SER E 314 -10.94 -3.98 -38.87
N ILE E 315 -9.81 -3.27 -38.89
CA ILE E 315 -8.95 -3.30 -40.06
C ILE E 315 -7.53 -3.50 -39.57
N VAL E 316 -7.31 -3.32 -38.26
CA VAL E 316 -6.03 -3.60 -37.66
C VAL E 316 -5.74 -5.10 -37.77
N SER E 317 -4.53 -5.42 -38.22
CA SER E 317 -4.15 -6.81 -38.47
C SER E 317 -3.52 -7.41 -37.21
N LYS E 318 -2.94 -8.60 -37.36
CA LYS E 318 -2.32 -9.28 -36.22
C LYS E 318 -1.14 -8.48 -35.67
N TYR E 319 -0.30 -7.95 -36.55
CA TYR E 319 0.85 -7.15 -36.16
C TYR E 319 0.83 -5.83 -36.89
N LEU E 320 1.41 -4.80 -36.25
CA LEU E 320 1.34 -3.43 -36.74
C LEU E 320 2.06 -3.22 -38.06
N GLY E 321 2.91 -4.16 -38.49
CA GLY E 321 3.59 -4.00 -39.77
C GLY E 321 2.62 -3.81 -40.92
N GLU E 322 1.54 -4.59 -40.94
CA GLU E 322 0.51 -4.42 -41.94
C GLU E 322 -0.55 -3.42 -41.51
N THR E 323 -0.80 -3.29 -40.21
CA THR E 323 -1.83 -2.38 -39.72
C THR E 323 -1.49 -0.92 -40.04
N GLU E 324 -0.27 -0.50 -39.72
CA GLU E 324 0.11 0.88 -40.01
C GLU E 324 0.08 1.14 -41.50
N ALA E 325 0.54 0.19 -42.30
CA ALA E 325 0.49 0.36 -43.74
C ALA E 325 -0.95 0.50 -44.22
N ALA E 326 -1.85 -0.30 -43.67
CA ALA E 326 -3.25 -0.22 -44.08
C ALA E 326 -3.87 1.12 -43.73
N LEU E 327 -3.57 1.64 -42.54
CA LEU E 327 -4.16 2.92 -42.16
C LEU E 327 -3.59 4.06 -42.99
N ARG E 328 -2.28 4.03 -43.26
CA ARG E 328 -1.72 5.01 -44.19
C ARG E 328 -2.34 4.86 -45.56
N ASP E 329 -2.65 3.62 -45.99
CA ASP E 329 -3.28 3.42 -47.28
C ASP E 329 -4.66 4.06 -47.31
N ILE E 330 -5.41 3.89 -46.23
CA ILE E 330 -6.71 4.54 -46.11
C ILE E 330 -6.54 6.05 -46.25
N PHE E 331 -5.61 6.62 -45.50
CA PHE E 331 -5.45 8.07 -45.51
C PHE E 331 -4.96 8.55 -46.87
N ASN E 332 -4.11 7.77 -47.53
CA ASN E 332 -3.59 8.17 -48.83
C ASN E 332 -4.68 8.15 -49.89
N GLU E 333 -5.52 7.12 -49.89
CA GLU E 333 -6.60 7.15 -50.86
C GLU E 333 -7.66 8.16 -50.46
N ALA E 334 -7.68 8.56 -49.19
CA ALA E 334 -8.47 9.72 -48.78
C ALA E 334 -7.93 10.98 -49.44
N ARG E 335 -6.64 11.24 -49.28
CA ARG E 335 -6.08 12.50 -49.76
C ARG E 335 -6.18 12.57 -51.27
N LYS E 336 -5.97 11.44 -51.95
CA LYS E 336 -6.15 11.45 -53.38
C LYS E 336 -7.62 11.56 -53.77
N TYR E 337 -8.53 11.09 -52.93
CA TYR E 337 -9.95 11.31 -53.17
C TYR E 337 -10.47 12.46 -52.31
N GLN E 338 -10.07 13.65 -52.69
CA GLN E 338 -10.65 14.83 -52.07
C GLN E 338 -11.98 15.17 -52.73
N PRO E 339 -12.95 15.71 -51.98
CA PRO E 339 -12.98 15.98 -50.54
C PRO E 339 -13.31 14.73 -49.73
N SER E 340 -12.71 14.57 -48.56
CA SER E 340 -12.84 13.32 -47.82
C SER E 340 -12.97 13.57 -46.34
N ILE E 341 -13.70 12.66 -45.68
CA ILE E 341 -13.85 12.66 -44.23
C ILE E 341 -13.35 11.32 -43.71
N ILE E 342 -12.60 11.36 -42.63
CA ILE E 342 -12.09 10.17 -41.97
C ILE E 342 -12.77 10.04 -40.63
N PHE E 343 -13.51 8.95 -40.43
CA PHE E 343 -14.23 8.73 -39.18
C PHE E 343 -13.44 7.78 -38.30
N ILE E 344 -12.99 8.27 -37.15
CA ILE E 344 -12.46 7.43 -36.09
C ILE E 344 -13.49 7.39 -34.97
N ASP E 345 -13.97 6.19 -34.65
CA ASP E 345 -14.85 5.99 -33.51
C ASP E 345 -14.08 5.31 -32.40
N GLU E 346 -14.26 5.79 -31.18
CA GLU E 346 -13.59 5.24 -30.01
C GLU E 346 -12.06 5.29 -30.18
N ILE E 347 -11.55 6.52 -30.20
CA ILE E 347 -10.10 6.73 -30.11
C ILE E 347 -9.55 5.93 -28.94
N ASP E 348 -10.30 5.86 -27.85
CA ASP E 348 -9.85 5.13 -26.68
C ASP E 348 -9.50 3.68 -27.02
N SER E 349 -10.20 3.10 -27.98
CA SER E 349 -9.89 1.75 -28.44
C SER E 349 -8.78 1.74 -29.47
N ILE E 350 -8.12 2.88 -29.69
CA ILE E 350 -7.11 2.98 -30.72
C ILE E 350 -5.78 3.45 -30.12
N ALA E 351 -5.75 4.64 -29.55
CA ALA E 351 -4.50 5.24 -29.10
C ALA E 351 -4.63 5.85 -27.71
N PRO E 352 -4.84 5.04 -26.69
CA PRO E 352 -4.78 5.55 -25.32
C PRO E 352 -3.41 5.40 -24.69
N ASN E 353 -2.35 5.86 -25.33
CA ASN E 353 -1.02 5.46 -24.87
C ASN E 353 -0.59 6.17 -23.59
N ARG E 354 -1.42 7.03 -23.01
CA ARG E 354 -1.05 7.71 -21.79
C ARG E 354 -1.08 6.78 -20.58
N ALA E 355 -1.93 5.75 -20.59
CA ALA E 355 -2.12 4.88 -19.45
C ALA E 355 -1.20 3.67 -19.53
N ASN E 356 -1.33 2.78 -18.55
CA ASN E 356 -0.48 1.60 -18.47
C ASN E 356 -0.80 0.57 -19.54
N ASP E 357 -2.02 0.59 -20.09
CA ASP E 357 -2.42 -0.36 -21.12
C ASP E 357 -1.74 -0.11 -22.46
N ASP E 358 -0.81 0.84 -22.51
CA ASP E 358 -0.11 1.16 -23.75
C ASP E 358 0.86 0.04 -24.07
N SER E 359 0.43 -0.89 -24.92
CA SER E 359 1.31 -1.95 -25.39
C SER E 359 2.21 -1.38 -26.47
N GLY E 360 3.50 -1.26 -26.16
CA GLY E 360 4.42 -0.59 -27.07
C GLY E 360 4.45 -1.21 -28.45
N GLU E 361 4.15 -2.50 -28.55
CA GLU E 361 4.05 -3.14 -29.86
C GLU E 361 2.81 -2.67 -30.61
N VAL E 362 1.77 -2.28 -29.89
CA VAL E 362 0.50 -1.95 -30.54
C VAL E 362 0.11 -0.50 -30.28
N GLU E 363 -0.14 -0.18 -29.00
CA GLU E 363 -0.71 1.13 -28.67
C GLU E 363 0.26 2.27 -28.98
N SER E 364 1.52 2.12 -28.55
CA SER E 364 2.51 3.15 -28.86
C SER E 364 2.72 3.27 -30.36
N ARG E 365 2.76 2.15 -31.08
CA ARG E 365 2.92 2.21 -32.52
C ARG E 365 1.73 2.91 -33.17
N VAL E 366 0.52 2.62 -32.70
CA VAL E 366 -0.67 3.22 -33.30
C VAL E 366 -0.70 4.72 -33.05
N VAL E 367 -0.44 5.13 -31.81
CA VAL E 367 -0.43 6.57 -31.53
C VAL E 367 0.69 7.25 -32.31
N ALA E 368 1.82 6.57 -32.46
CA ALA E 368 2.92 7.15 -33.21
C ALA E 368 2.54 7.37 -34.67
N THR E 369 1.90 6.37 -35.29
CA THR E 369 1.55 6.55 -36.69
C THR E 369 0.46 7.59 -36.86
N LEU E 370 -0.47 7.68 -35.90
CA LEU E 370 -1.48 8.72 -35.94
C LEU E 370 -0.85 10.10 -35.89
N LEU E 371 0.03 10.35 -34.92
CA LEU E 371 0.73 11.62 -34.88
C LEU E 371 1.52 11.85 -36.15
N THR E 372 2.21 10.83 -36.63
CA THR E 372 3.10 11.01 -37.77
C THR E 372 2.33 11.44 -39.01
N LEU E 373 1.17 10.83 -39.26
CA LEU E 373 0.46 11.24 -40.47
C LEU E 373 -0.37 12.48 -40.22
N MET E 374 -0.87 12.68 -39.01
CA MET E 374 -1.54 13.92 -38.64
C MET E 374 -0.61 15.12 -38.73
N ASP E 375 0.70 14.89 -38.71
CA ASP E 375 1.64 16.00 -38.82
C ASP E 375 1.47 16.74 -40.13
N GLY E 376 0.91 16.09 -41.14
CA GLY E 376 0.63 16.80 -42.37
C GLY E 376 -0.37 16.13 -43.29
N MET E 377 -1.38 16.89 -43.70
CA MET E 377 -2.28 16.48 -44.76
C MET E 377 -2.37 17.53 -45.85
N GLY E 378 -1.82 18.72 -45.63
CA GLY E 378 -1.83 19.74 -46.64
C GLY E 378 -2.81 20.85 -46.36
N ALA E 379 -2.30 22.07 -46.18
CA ALA E 379 -3.18 23.20 -45.94
C ALA E 379 -4.22 23.34 -47.05
N ALA E 380 -3.89 22.92 -48.27
CA ALA E 380 -4.86 22.94 -49.33
C ALA E 380 -5.65 21.65 -49.44
N GLY E 381 -5.31 20.64 -48.65
CA GLY E 381 -6.03 19.37 -48.76
C GLY E 381 -7.44 19.49 -48.22
N LYS E 382 -8.39 18.94 -48.96
CA LYS E 382 -9.80 18.95 -48.56
C LYS E 382 -10.15 17.69 -47.77
N VAL E 383 -9.39 17.41 -46.72
CA VAL E 383 -9.62 16.22 -45.89
C VAL E 383 -9.85 16.67 -44.47
N VAL E 384 -10.85 16.08 -43.82
CA VAL E 384 -11.10 16.38 -42.42
C VAL E 384 -11.23 15.08 -41.64
N VAL E 385 -10.65 15.06 -40.46
CA VAL E 385 -10.75 13.94 -39.53
C VAL E 385 -11.81 14.29 -38.50
N ILE E 386 -12.75 13.38 -38.29
CA ILE E 386 -13.71 13.48 -37.18
C ILE E 386 -13.56 12.22 -36.36
N ALA E 387 -13.39 12.38 -35.06
CA ALA E 387 -13.29 11.22 -34.19
C ALA E 387 -14.11 11.44 -32.94
N ALA E 388 -14.55 10.34 -32.34
CA ALA E 388 -15.47 10.37 -31.22
C ALA E 388 -14.93 9.53 -30.08
N THR E 389 -15.26 9.91 -28.85
CA THR E 389 -14.76 9.23 -27.67
C THR E 389 -15.82 9.21 -26.60
N ASN E 390 -15.76 8.18 -25.75
CA ASN E 390 -16.62 8.10 -24.59
C ASN E 390 -16.03 8.80 -23.37
N ARG E 391 -14.72 9.01 -23.35
CA ARG E 391 -14.08 9.81 -22.33
C ARG E 391 -12.85 10.46 -22.96
N PRO E 392 -12.76 11.79 -22.96
CA PRO E 392 -11.63 12.42 -23.65
C PRO E 392 -10.32 12.28 -22.89
N ASN E 393 -10.34 12.43 -21.57
CA ASN E 393 -9.11 12.41 -20.80
C ASN E 393 -8.38 11.10 -20.93
N SER E 394 -9.07 10.02 -21.29
CA SER E 394 -8.38 8.76 -21.54
C SER E 394 -7.49 8.86 -22.76
N VAL E 395 -7.83 9.73 -23.70
CA VAL E 395 -6.96 9.94 -24.85
C VAL E 395 -5.72 10.69 -24.40
N ASP E 396 -4.58 10.34 -25.00
CA ASP E 396 -3.33 10.98 -24.64
C ASP E 396 -3.35 12.46 -25.02
N PRO E 397 -2.58 13.29 -24.32
CA PRO E 397 -2.47 14.69 -24.76
C PRO E 397 -1.85 14.85 -26.12
N ALA E 398 -1.11 13.84 -26.61
CA ALA E 398 -0.42 13.98 -27.89
C ALA E 398 -1.41 14.17 -29.03
N LEU E 399 -2.50 13.42 -29.02
CA LEU E 399 -3.56 13.69 -30.00
C LEU E 399 -4.27 15.00 -29.73
N ARG E 400 -4.31 15.45 -28.48
CA ARG E 400 -5.06 16.65 -28.12
C ARG E 400 -4.18 17.88 -27.97
N ARG E 401 -2.94 17.81 -28.45
CA ARG E 401 -2.12 19.00 -28.55
C ARG E 401 -2.74 19.95 -29.58
N PRO E 402 -2.47 21.24 -29.46
CA PRO E 402 -3.00 22.18 -30.45
C PRO E 402 -2.32 22.04 -31.79
N GLY E 403 -2.75 22.81 -32.79
CA GLY E 403 -2.19 22.67 -34.12
C GLY E 403 -2.32 21.27 -34.66
N ARG E 404 -3.30 20.53 -34.16
CA ARG E 404 -3.42 19.10 -34.34
C ARG E 404 -4.90 18.76 -34.31
N PHE E 405 -5.21 17.51 -33.97
CA PHE E 405 -6.59 17.07 -33.81
C PHE E 405 -7.18 17.82 -32.61
N ASP E 406 -7.77 18.99 -32.87
CA ASP E 406 -7.97 19.99 -31.82
C ASP E 406 -9.39 20.46 -31.65
N GLN E 407 -10.11 20.74 -32.73
CA GLN E 407 -11.44 21.32 -32.61
C GLN E 407 -12.34 20.40 -31.80
N GLU E 408 -13.02 20.97 -30.82
CA GLU E 408 -13.66 20.20 -29.76
C GLU E 408 -15.14 20.51 -29.75
N VAL E 409 -15.96 19.47 -29.83
CA VAL E 409 -17.41 19.60 -29.76
C VAL E 409 -17.92 18.72 -28.64
N GLU E 410 -18.62 19.32 -27.69
CA GLU E 410 -19.10 18.63 -26.50
C GLU E 410 -20.58 18.34 -26.64
N ILE E 411 -20.93 17.07 -26.48
CA ILE E 411 -22.32 16.62 -26.48
C ILE E 411 -22.58 16.04 -25.10
N GLY E 412 -23.31 16.79 -24.27
CA GLY E 412 -23.47 16.44 -22.87
C GLY E 412 -24.83 15.84 -22.56
N ILE E 413 -24.98 15.49 -21.28
CA ILE E 413 -26.24 14.94 -20.76
C ILE E 413 -27.33 15.94 -21.09
N PRO E 414 -28.36 15.56 -21.84
CA PRO E 414 -29.39 16.52 -22.21
C PRO E 414 -30.13 17.05 -20.99
N ASP E 415 -30.46 18.33 -21.03
CA ASP E 415 -31.25 18.93 -19.97
C ASP E 415 -32.73 18.64 -20.22
N VAL E 416 -33.61 19.32 -19.48
CA VAL E 416 -35.03 19.01 -19.57
C VAL E 416 -35.58 19.37 -20.94
N ASP E 417 -35.22 20.53 -21.48
CA ASP E 417 -35.74 20.92 -22.78
C ASP E 417 -35.22 19.98 -23.86
N ALA E 418 -33.94 19.63 -23.79
CA ALA E 418 -33.39 18.69 -24.76
C ALA E 418 -34.05 17.33 -24.63
N ARG E 419 -34.37 16.93 -23.40
CA ARG E 419 -35.08 15.68 -23.22
C ARG E 419 -36.46 15.74 -23.87
N PHE E 420 -37.15 16.85 -23.72
CA PHE E 420 -38.42 17.01 -24.41
C PHE E 420 -38.25 16.90 -25.91
N ASP E 421 -37.20 17.51 -26.45
CA ASP E 421 -36.99 17.46 -27.89
C ASP E 421 -36.76 16.03 -28.35
N ILE E 422 -35.92 15.29 -27.63
CA ILE E 422 -35.62 13.91 -28.02
C ILE E 422 -36.87 13.05 -27.96
N LEU E 423 -37.65 13.21 -26.89
CA LEU E 423 -38.88 12.42 -26.78
C LEU E 423 -39.87 12.78 -27.86
N THR E 424 -40.02 14.07 -28.16
CA THR E 424 -40.95 14.46 -29.20
C THR E 424 -40.57 13.84 -30.52
N LYS E 425 -39.29 13.89 -30.86
CA LYS E 425 -38.85 13.30 -32.12
C LYS E 425 -39.05 11.79 -32.11
N GLN E 426 -38.74 11.14 -31.00
CA GLN E 426 -38.84 9.68 -30.96
C GLN E 426 -40.28 9.23 -31.09
N PHE E 427 -41.19 9.85 -30.36
CA PHE E 427 -42.59 9.45 -30.44
C PHE E 427 -43.25 9.92 -31.72
N SER E 428 -42.68 10.93 -32.39
CA SER E 428 -43.18 11.27 -33.70
C SER E 428 -42.61 10.39 -34.78
N ARG E 429 -41.55 9.63 -34.49
CA ARG E 429 -41.05 8.66 -35.46
C ARG E 429 -42.11 7.61 -35.75
N MET E 430 -42.82 7.17 -34.72
CA MET E 430 -43.99 6.35 -34.93
C MET E 430 -45.20 7.23 -35.15
N SER E 431 -46.15 6.73 -35.93
CA SER E 431 -47.34 7.51 -36.24
C SER E 431 -48.07 7.91 -34.97
N SER E 432 -48.54 9.15 -34.92
CA SER E 432 -49.11 9.69 -33.69
C SER E 432 -50.38 8.96 -33.26
N ASP E 433 -50.97 8.16 -34.15
CA ASP E 433 -52.15 7.41 -33.79
C ASP E 433 -51.87 6.46 -32.63
N ARG E 434 -50.72 5.76 -32.69
CA ARG E 434 -50.40 4.78 -31.67
C ARG E 434 -49.83 5.44 -30.42
N HIS E 435 -49.25 6.63 -30.57
CA HIS E 435 -48.64 7.35 -29.46
C HIS E 435 -49.67 8.30 -28.90
N VAL E 436 -50.53 7.80 -28.02
CA VAL E 436 -51.59 8.64 -27.45
C VAL E 436 -50.99 9.29 -26.21
N LEU E 437 -50.20 10.34 -26.46
CA LEU E 437 -49.66 11.18 -25.41
C LEU E 437 -49.62 12.60 -25.92
N ASP E 438 -50.46 13.46 -25.36
CA ASP E 438 -50.41 14.87 -25.71
C ASP E 438 -49.07 15.46 -25.26
N SER E 439 -48.76 16.62 -25.80
CA SER E 439 -47.48 17.24 -25.49
C SER E 439 -47.29 17.46 -24.00
N GLU E 440 -48.38 17.59 -23.25
CA GLU E 440 -48.27 17.69 -21.80
C GLU E 440 -47.71 16.40 -21.21
N ALA E 441 -48.15 15.25 -21.73
CA ALA E 441 -47.62 13.99 -21.25
C ALA E 441 -46.14 13.87 -21.54
N ILE E 442 -45.71 14.32 -22.72
CA ILE E 442 -44.29 14.30 -23.03
C ILE E 442 -43.52 15.22 -22.10
N LYS E 443 -44.08 16.40 -21.80
CA LYS E 443 -43.46 17.26 -20.81
C LYS E 443 -43.28 16.53 -19.49
N TYR E 444 -44.31 15.82 -19.04
CA TYR E 444 -44.23 15.13 -17.76
C TYR E 444 -43.16 14.06 -17.78
N ILE E 445 -43.14 13.25 -18.85
CA ILE E 445 -42.20 12.14 -18.91
C ILE E 445 -40.78 12.68 -19.01
N ALA E 446 -40.59 13.78 -19.73
CA ALA E 446 -39.27 14.40 -19.76
C ALA E 446 -38.89 14.93 -18.39
N SER E 447 -39.87 15.43 -17.65
CA SER E 447 -39.59 15.94 -16.32
C SER E 447 -39.08 14.85 -15.41
N LYS E 448 -39.68 13.67 -15.45
CA LYS E 448 -39.33 12.65 -14.48
C LYS E 448 -38.20 11.74 -14.98
N THR E 449 -37.42 12.18 -15.96
CA THR E 449 -36.33 11.36 -16.50
C THR E 449 -34.99 12.05 -16.36
N HIS E 450 -34.69 12.55 -15.16
CA HIS E 450 -33.52 13.42 -14.98
C HIS E 450 -32.24 12.75 -15.45
N GLY E 451 -31.95 11.56 -14.95
CA GLY E 451 -30.67 10.94 -15.23
C GLY E 451 -30.55 10.34 -16.61
N TYR E 452 -31.66 10.17 -17.31
CA TYR E 452 -31.66 9.50 -18.58
C TYR E 452 -30.90 10.33 -19.62
N VAL E 453 -30.06 9.66 -20.40
CA VAL E 453 -29.27 10.32 -21.44
C VAL E 453 -29.52 9.64 -22.78
N GLY E 454 -29.97 10.44 -23.75
CA GLY E 454 -29.79 10.07 -25.14
C GLY E 454 -30.34 8.72 -25.52
N ALA E 455 -29.44 7.78 -25.76
CA ALA E 455 -29.83 6.43 -26.13
C ALA E 455 -30.84 5.87 -25.16
N ASP E 456 -30.61 6.10 -23.86
CA ASP E 456 -31.54 5.64 -22.84
C ASP E 456 -32.97 5.99 -23.23
N LEU E 457 -33.18 7.23 -23.63
CA LEU E 457 -34.55 7.68 -23.89
C LEU E 457 -35.15 6.87 -25.01
N THR E 458 -34.38 6.67 -26.08
CA THR E 458 -34.84 5.81 -27.16
C THR E 458 -35.17 4.43 -26.62
N ALA E 459 -34.27 3.86 -25.83
CA ALA E 459 -34.53 2.58 -25.22
C ALA E 459 -35.85 2.62 -24.46
N LEU E 460 -36.08 3.70 -23.72
CA LEU E 460 -37.32 3.84 -22.97
C LEU E 460 -38.51 3.66 -23.89
N CYS E 461 -38.54 4.39 -25.00
CA CYS E 461 -39.65 4.25 -25.93
C CYS E 461 -39.79 2.80 -26.37
N ARG E 462 -38.67 2.17 -26.70
CA ARG E 462 -38.72 0.76 -27.08
C ARG E 462 -39.40 -0.05 -25.99
N GLU E 463 -38.92 0.09 -24.76
CA GLU E 463 -39.51 -0.67 -23.67
C GLU E 463 -40.99 -0.37 -23.54
N SER E 464 -41.36 0.89 -23.74
CA SER E 464 -42.77 1.25 -23.70
C SER E 464 -43.55 0.36 -24.64
N VAL E 465 -43.13 0.30 -25.90
CA VAL E 465 -43.84 -0.51 -26.86
C VAL E 465 -43.95 -1.93 -26.37
N MET E 466 -42.84 -2.47 -25.84
CA MET E 466 -42.87 -3.83 -25.33
C MET E 466 -43.97 -3.97 -24.29
N LYS E 467 -43.95 -3.12 -23.28
CA LYS E 467 -44.96 -3.27 -22.23
C LYS E 467 -46.33 -3.03 -22.79
N THR E 468 -46.44 -2.16 -23.79
CA THR E 468 -47.73 -1.96 -24.44
C THR E 468 -48.25 -3.26 -25.01
N ILE E 469 -47.43 -3.96 -25.78
CA ILE E 469 -47.92 -5.21 -26.34
C ILE E 469 -48.00 -6.27 -25.27
N GLN E 470 -47.34 -6.07 -24.13
CA GLN E 470 -47.56 -6.96 -23.00
C GLN E 470 -49.00 -6.86 -22.53
N ARG E 471 -49.54 -5.64 -22.50
CA ARG E 471 -50.97 -5.50 -22.22
C ARG E 471 -51.80 -6.13 -23.32
N GLY E 472 -51.26 -6.21 -24.54
CA GLY E 472 -51.93 -6.97 -25.58
C GLY E 472 -52.08 -8.43 -25.20
N LEU E 473 -51.12 -8.97 -24.48
CA LEU E 473 -51.24 -10.31 -23.90
C LEU E 473 -51.86 -10.27 -22.51
N GLY E 474 -52.05 -9.08 -21.94
CA GLY E 474 -52.60 -8.99 -20.59
C GLY E 474 -54.09 -9.24 -20.52
N THR E 475 -54.83 -8.88 -21.57
CA THR E 475 -56.26 -9.14 -21.59
C THR E 475 -56.55 -10.57 -21.97
N ASP E 476 -56.14 -10.97 -23.18
CA ASP E 476 -56.27 -12.36 -23.61
C ASP E 476 -55.29 -12.60 -24.75
N ALA E 477 -54.77 -13.82 -24.81
CA ALA E 477 -53.79 -14.17 -25.83
C ALA E 477 -54.35 -14.08 -27.24
N ASN E 478 -55.68 -14.17 -27.39
CA ASN E 478 -56.30 -14.10 -28.70
C ASN E 478 -56.22 -12.72 -29.33
N ILE E 479 -55.78 -11.70 -28.59
CA ILE E 479 -55.71 -10.34 -29.14
C ILE E 479 -54.44 -10.27 -29.98
N ASP E 480 -54.57 -10.57 -31.27
CA ASP E 480 -53.51 -10.35 -32.24
C ASP E 480 -53.72 -9.06 -33.02
N LYS E 481 -54.73 -8.26 -32.63
CA LYS E 481 -55.01 -7.01 -33.28
C LYS E 481 -53.83 -6.06 -33.11
N PHE E 482 -53.60 -5.22 -34.12
CA PHE E 482 -52.51 -4.25 -34.08
C PHE E 482 -52.98 -2.92 -33.52
N SER E 483 -52.14 -1.90 -33.66
CA SER E 483 -52.50 -0.50 -33.40
C SER E 483 -52.93 -0.27 -31.96
N LEU E 484 -52.58 -1.15 -31.04
CA LEU E 484 -52.78 -0.85 -29.63
C LEU E 484 -51.94 0.37 -29.26
N LYS E 485 -52.61 1.41 -28.77
CA LYS E 485 -51.93 2.64 -28.45
C LYS E 485 -50.96 2.42 -27.30
N VAL E 486 -49.88 3.20 -27.29
CA VAL E 486 -48.98 3.27 -26.15
C VAL E 486 -49.43 4.41 -25.27
N THR E 487 -49.67 4.12 -24.00
CA THR E 487 -50.24 5.10 -23.09
C THR E 487 -49.20 5.52 -22.06
N LEU E 488 -49.51 6.61 -21.36
CA LEU E 488 -48.58 7.14 -20.38
C LEU E 488 -48.25 6.11 -19.32
N LYS E 489 -49.26 5.47 -18.75
CA LYS E 489 -49.03 4.48 -17.71
C LYS E 489 -48.03 3.45 -18.17
N ASP E 490 -48.07 3.08 -19.45
CA ASP E 490 -47.06 2.19 -19.99
C ASP E 490 -45.68 2.82 -19.89
N VAL E 491 -45.58 4.12 -20.10
CA VAL E 491 -44.27 4.76 -20.12
C VAL E 491 -43.66 4.81 -18.73
N GLU E 492 -44.45 5.15 -17.70
CA GLU E 492 -43.92 5.01 -16.35
C GLU E 492 -43.63 3.55 -15.99
N SER E 493 -44.46 2.60 -16.42
CA SER E 493 -44.13 1.21 -16.17
C SER E 493 -42.82 0.83 -16.83
N ALA E 494 -42.46 1.53 -17.91
CA ALA E 494 -41.15 1.32 -18.51
C ALA E 494 -40.06 1.97 -17.67
N MET E 495 -40.32 3.18 -17.17
CA MET E 495 -39.32 3.86 -16.36
C MET E 495 -38.91 3.01 -15.17
N VAL E 496 -39.88 2.40 -14.49
CA VAL E 496 -39.59 1.68 -13.26
C VAL E 496 -38.68 0.50 -13.49
N ASP E 497 -38.35 0.19 -14.73
CA ASP E 497 -37.57 -0.99 -15.06
C ASP E 497 -36.30 -0.66 -15.82
N ILE E 498 -36.36 0.26 -16.78
CA ILE E 498 -35.32 0.32 -17.79
C ILE E 498 -34.08 1.08 -17.34
N ARG E 499 -34.19 1.92 -16.33
CA ARG E 499 -33.14 2.85 -15.93
C ARG E 499 -31.81 2.13 -15.68
N PRO E 500 -30.83 2.30 -16.57
CA PRO E 500 -29.50 1.76 -16.28
C PRO E 500 -28.62 2.79 -15.60
N SER E 501 -27.37 2.44 -15.33
CA SER E 501 -26.41 3.38 -14.72
C SER E 501 -25.76 4.19 -15.83
N ALA E 502 -26.48 5.21 -16.29
CA ALA E 502 -26.00 6.09 -17.35
C ALA E 502 -25.61 7.48 -16.86
N MET E 503 -26.28 7.98 -15.83
CA MET E 503 -25.89 9.22 -15.17
C MET E 503 -25.29 8.82 -13.82
N ARG E 504 -23.98 8.95 -13.71
CA ARG E 504 -23.24 8.69 -12.48
C ARG E 504 -23.24 9.96 -11.63
N GLU E 505 -22.36 10.03 -10.64
CA GLU E 505 -22.29 11.24 -9.82
C GLU E 505 -21.69 12.38 -10.63
N ILE E 506 -22.37 12.73 -11.73
CA ILE E 506 -21.99 13.80 -12.63
C ILE E 506 -22.32 15.13 -11.96
N PHE E 507 -21.80 16.23 -12.47
CA PHE E 507 -22.25 17.54 -12.01
C PHE E 507 -23.75 17.66 -12.17
N LEU E 508 -24.42 17.97 -11.06
CA LEU E 508 -25.86 17.76 -10.94
C LEU E 508 -26.65 18.92 -11.51
N GLU E 509 -27.77 18.59 -12.17
CA GLU E 509 -28.78 19.58 -12.55
C GLU E 509 -29.94 19.47 -11.57
N MET E 510 -30.30 20.57 -10.95
CA MET E 510 -31.28 20.48 -9.89
C MET E 510 -32.70 20.73 -10.40
N PRO E 511 -33.70 20.23 -9.69
CA PRO E 511 -35.09 20.44 -10.11
C PRO E 511 -35.49 21.90 -10.08
N LYS E 512 -36.74 22.18 -10.44
CA LYS E 512 -37.22 23.53 -10.63
C LYS E 512 -38.07 23.94 -9.44
N VAL E 513 -37.70 25.06 -8.81
CA VAL E 513 -38.47 25.67 -7.73
C VAL E 513 -38.47 27.17 -7.93
N TYR E 514 -39.57 27.81 -7.59
CA TYR E 514 -39.79 29.23 -7.86
C TYR E 514 -39.68 30.03 -6.57
N TRP E 515 -39.55 31.35 -6.71
CA TRP E 515 -39.52 32.20 -5.52
C TRP E 515 -40.81 32.09 -4.73
N SER E 516 -41.90 31.71 -5.40
CA SER E 516 -43.18 31.56 -4.70
C SER E 516 -43.18 30.36 -3.79
N ASP E 517 -42.44 29.31 -4.13
CA ASP E 517 -42.41 28.12 -3.30
C ASP E 517 -41.80 28.41 -1.93
N ILE E 518 -40.73 29.19 -1.90
CA ILE E 518 -40.05 29.48 -0.64
C ILE E 518 -40.93 30.37 0.20
N GLY E 519 -41.18 29.97 1.43
CA GLY E 519 -42.06 30.73 2.29
C GLY E 519 -41.42 32.01 2.78
N GLY E 520 -41.88 33.14 2.27
CA GLY E 520 -41.43 34.41 2.79
C GLY E 520 -39.95 34.58 2.62
N GLN E 521 -39.28 34.94 3.73
CA GLN E 521 -37.86 35.24 3.72
C GLN E 521 -37.54 36.31 2.68
N GLU E 522 -38.41 37.31 2.58
CA GLU E 522 -38.27 38.33 1.55
C GLU E 522 -36.96 39.09 1.68
N GLU E 523 -36.46 39.26 2.90
CA GLU E 523 -35.16 39.89 3.07
C GLU E 523 -34.08 39.09 2.34
N LEU E 524 -34.05 37.78 2.57
CA LEU E 524 -33.07 36.95 1.89
C LEU E 524 -33.36 36.87 0.40
N LYS E 525 -34.63 36.83 0.02
CA LYS E 525 -35.00 36.90 -1.39
C LYS E 525 -34.30 38.07 -2.06
N THR E 526 -34.54 39.28 -1.57
CA THR E 526 -33.96 40.47 -2.16
C THR E 526 -32.44 40.43 -2.12
N LYS E 527 -31.88 40.03 -0.98
CA LYS E 527 -30.44 40.07 -0.83
C LYS E 527 -29.75 39.14 -1.81
N MET E 528 -30.26 37.91 -1.94
CA MET E 528 -29.68 36.98 -2.89
C MET E 528 -29.87 37.46 -4.32
N LYS E 529 -31.10 37.93 -4.63
CA LYS E 529 -31.39 38.40 -5.98
C LYS E 529 -30.40 39.45 -6.38
N GLU E 530 -30.22 40.47 -5.55
CA GLU E 530 -29.20 41.47 -5.79
C GLU E 530 -27.82 40.83 -5.90
N MET E 531 -27.29 40.37 -4.78
CA MET E 531 -25.88 40.03 -4.64
C MET E 531 -25.43 38.91 -5.55
N ILE E 532 -26.33 38.24 -6.26
CA ILE E 532 -25.89 37.30 -7.28
C ILE E 532 -26.32 37.75 -8.66
N GLN E 533 -27.61 37.91 -8.89
CA GLN E 533 -28.06 38.15 -10.26
C GLN E 533 -27.63 39.51 -10.76
N LEU E 534 -27.70 40.55 -9.92
CA LEU E 534 -27.37 41.89 -10.39
C LEU E 534 -25.92 42.02 -10.86
N PRO E 535 -24.92 41.52 -10.12
CA PRO E 535 -23.56 41.57 -10.67
C PRO E 535 -23.40 40.92 -12.02
N LEU E 536 -24.07 39.80 -12.25
CA LEU E 536 -23.93 39.11 -13.52
C LEU E 536 -24.72 39.75 -14.64
N GLU E 537 -25.54 40.76 -14.34
CA GLU E 537 -26.32 41.43 -15.36
C GLU E 537 -26.01 42.91 -15.47
N ALA E 538 -25.04 43.41 -14.71
CA ALA E 538 -24.63 44.81 -14.78
C ALA E 538 -23.11 44.90 -14.74
N SER E 539 -22.45 44.04 -15.50
CA SER E 539 -20.99 44.03 -15.51
C SER E 539 -20.43 45.35 -16.00
N GLU E 540 -21.04 45.92 -17.04
CA GLU E 540 -20.56 47.19 -17.57
C GLU E 540 -20.70 48.30 -16.54
N THR E 541 -21.79 48.29 -15.78
CA THR E 541 -21.95 49.29 -14.73
C THR E 541 -20.89 49.13 -13.65
N PHE E 542 -20.60 47.90 -13.25
CA PHE E 542 -19.61 47.67 -12.22
C PHE E 542 -18.22 48.12 -12.69
N ALA E 543 -17.86 47.77 -13.92
CA ALA E 543 -16.58 48.20 -14.45
C ALA E 543 -16.51 49.72 -14.56
N ARG E 544 -17.62 50.34 -14.93
CA ARG E 544 -17.65 51.80 -15.03
C ARG E 544 -17.33 52.45 -13.70
N LEU E 545 -17.62 51.78 -12.60
CA LEU E 545 -17.48 52.35 -11.27
C LEU E 545 -16.14 52.01 -10.63
N GLY E 546 -15.34 51.15 -11.27
CA GLY E 546 -14.04 50.82 -10.74
C GLY E 546 -14.02 49.80 -9.62
N ILE E 547 -15.01 48.94 -9.54
CA ILE E 547 -15.10 47.92 -8.50
C ILE E 547 -15.25 46.56 -9.15
N SER E 548 -14.59 45.56 -8.60
CA SER E 548 -14.79 44.19 -9.07
C SER E 548 -16.11 43.65 -8.53
N ALA E 549 -16.79 42.87 -9.35
CA ALA E 549 -18.07 42.32 -8.95
C ALA E 549 -17.89 41.37 -7.76
N PRO E 550 -18.90 41.25 -6.90
CA PRO E 550 -18.76 40.32 -5.76
C PRO E 550 -18.64 38.90 -6.26
N LYS E 551 -17.57 38.23 -5.85
CA LYS E 551 -17.21 36.95 -6.46
C LYS E 551 -17.76 35.77 -5.68
N GLY E 552 -17.97 35.92 -4.39
CA GLY E 552 -18.40 34.77 -3.61
C GLY E 552 -19.36 35.08 -2.47
N VAL E 553 -20.44 34.30 -2.40
CA VAL E 553 -21.42 34.39 -1.33
C VAL E 553 -21.51 33.03 -0.66
N LEU E 554 -21.32 33.01 0.65
CA LEU E 554 -21.42 31.80 1.46
C LEU E 554 -22.67 31.88 2.30
N LEU E 555 -23.56 30.92 2.14
CA LEU E 555 -24.82 30.88 2.87
C LEU E 555 -24.62 29.95 4.07
N TYR E 556 -24.71 30.51 5.27
CA TYR E 556 -24.61 29.71 6.48
C TYR E 556 -25.92 29.82 7.26
N GLY E 557 -26.42 28.68 7.71
CA GLY E 557 -27.65 28.65 8.46
C GLY E 557 -27.89 27.30 9.10
N PRO E 558 -28.78 27.25 10.09
CA PRO E 558 -29.03 26.00 10.78
C PRO E 558 -29.63 24.97 9.86
N PRO E 559 -29.39 23.68 10.11
CA PRO E 559 -29.87 22.65 9.19
C PRO E 559 -31.39 22.63 9.14
N GLY E 560 -31.93 22.94 7.96
CA GLY E 560 -33.34 22.93 7.71
C GLY E 560 -33.88 24.19 7.09
N CYS E 561 -33.36 25.35 7.49
CA CYS E 561 -33.79 26.60 6.91
C CYS E 561 -33.42 26.68 5.44
N SER E 562 -34.20 27.43 4.68
CA SER E 562 -34.19 27.32 3.23
C SER E 562 -32.93 27.94 2.66
N LYS E 563 -31.91 27.11 2.42
CA LYS E 563 -30.70 27.58 1.75
C LYS E 563 -30.44 26.84 0.46
N THR E 564 -30.46 25.51 0.47
CA THR E 564 -30.41 24.78 -0.78
C THR E 564 -31.62 25.13 -1.64
N LEU E 565 -32.76 25.30 -1.00
CA LEU E 565 -33.95 25.73 -1.74
C LEU E 565 -33.76 27.13 -2.30
N THR E 566 -33.12 28.02 -1.54
CA THR E 566 -32.93 29.38 -2.04
C THR E 566 -32.00 29.39 -3.25
N ALA E 567 -30.91 28.64 -3.18
CA ALA E 567 -30.02 28.56 -4.33
C ALA E 567 -30.73 27.96 -5.52
N LYS E 568 -31.54 26.91 -5.29
CA LYS E 568 -32.28 26.31 -6.38
C LYS E 568 -33.23 27.31 -7.02
N ALA E 569 -33.95 28.07 -6.21
CA ALA E 569 -34.89 29.04 -6.76
C ALA E 569 -34.16 30.10 -7.56
N LEU E 570 -33.02 30.56 -7.05
CA LEU E 570 -32.18 31.48 -7.83
C LEU E 570 -31.83 30.88 -9.17
N ALA E 571 -31.47 29.60 -9.18
CA ALA E 571 -31.14 28.93 -10.43
C ALA E 571 -32.32 28.94 -11.39
N THR E 572 -33.48 28.49 -10.92
CA THR E 572 -34.61 28.30 -11.82
C THR E 572 -35.11 29.61 -12.38
N GLU E 573 -35.23 30.64 -11.55
CA GLU E 573 -35.77 31.86 -12.13
C GLU E 573 -34.86 33.06 -11.90
N SER E 574 -33.58 32.87 -12.17
CA SER E 574 -32.69 33.96 -12.51
C SER E 574 -32.21 33.88 -13.95
N GLY E 575 -32.35 32.72 -14.58
CA GLY E 575 -32.01 32.56 -15.98
C GLY E 575 -30.55 32.32 -16.27
N ILE E 576 -29.70 32.31 -15.27
CA ILE E 576 -28.27 32.12 -15.45
C ILE E 576 -27.96 30.65 -15.37
N ASN E 577 -26.93 30.23 -16.11
CA ASN E 577 -26.48 28.85 -16.00
C ASN E 577 -26.09 28.53 -14.58
N PHE E 578 -26.44 27.34 -14.11
CA PHE E 578 -26.23 26.95 -12.72
C PHE E 578 -25.53 25.60 -12.68
N LEU E 579 -24.21 25.61 -12.77
CA LEU E 579 -23.44 24.38 -12.71
C LEU E 579 -23.20 24.08 -11.23
N ALA E 580 -24.02 23.21 -10.66
CA ALA E 580 -24.02 22.98 -9.22
C ALA E 580 -23.62 21.55 -8.91
N VAL E 581 -22.71 21.39 -7.95
CA VAL E 581 -22.24 20.08 -7.52
C VAL E 581 -22.35 19.98 -6.02
N LYS E 582 -22.66 18.78 -5.54
CA LYS E 582 -22.76 18.54 -4.11
C LYS E 582 -21.38 18.48 -3.48
N GLY E 583 -21.34 18.61 -2.16
CA GLY E 583 -20.09 18.63 -1.45
C GLY E 583 -19.43 17.27 -1.43
N PRO E 584 -20.00 16.32 -0.71
CA PRO E 584 -19.34 15.02 -0.59
C PRO E 584 -19.46 14.19 -1.86
N GLU E 585 -19.26 14.80 -3.02
CA GLU E 585 -19.22 14.05 -4.26
C GLU E 585 -18.08 14.44 -5.18
N ILE E 586 -17.54 15.65 -5.07
CA ILE E 586 -16.29 15.97 -5.75
C ILE E 586 -15.09 15.64 -4.89
N PHE E 587 -15.31 15.25 -3.64
CA PHE E 587 -14.25 14.72 -2.78
C PHE E 587 -14.16 13.21 -2.96
N ASN E 588 -13.92 12.81 -4.20
CA ASN E 588 -13.78 11.39 -4.53
C ASN E 588 -12.49 10.83 -3.93
N LYS E 589 -12.42 9.50 -3.89
CA LYS E 589 -11.26 8.85 -3.28
C LYS E 589 -9.99 9.10 -4.07
N TYR E 590 -10.10 9.20 -5.40
CA TYR E 590 -8.93 9.44 -6.24
C TYR E 590 -8.53 10.91 -6.17
N VAL E 591 -7.28 11.16 -5.76
CA VAL E 591 -6.82 12.54 -5.58
C VAL E 591 -6.85 13.29 -6.90
N GLY E 592 -6.36 12.66 -7.97
CA GLY E 592 -6.40 13.29 -9.27
C GLY E 592 -7.81 13.55 -9.77
N GLU E 593 -8.74 12.67 -9.40
CA GLU E 593 -10.12 12.84 -9.83
C GLU E 593 -10.72 14.12 -9.27
N SER E 594 -10.38 14.46 -8.02
CA SER E 594 -10.94 15.67 -7.41
C SER E 594 -10.40 16.92 -8.08
N GLU E 595 -9.08 16.97 -8.28
CA GLU E 595 -8.49 18.11 -8.98
C GLU E 595 -9.12 18.26 -10.36
N ARG E 596 -9.27 17.15 -11.07
CA ARG E 596 -9.85 17.20 -12.39
C ARG E 596 -11.29 17.69 -12.33
N ALA E 597 -12.03 17.26 -11.31
CA ALA E 597 -13.44 17.66 -11.19
C ALA E 597 -13.55 19.16 -10.99
N ILE E 598 -12.73 19.71 -10.10
CA ILE E 598 -12.80 21.15 -9.87
C ILE E 598 -12.37 21.91 -11.12
N ARG E 599 -11.30 21.46 -11.77
CA ARG E 599 -10.85 22.16 -12.97
C ARG E 599 -11.92 22.12 -14.04
N GLU E 600 -12.58 20.98 -14.23
CA GLU E 600 -13.57 20.89 -15.29
C GLU E 600 -14.84 21.66 -14.94
N ILE E 601 -15.23 21.69 -13.67
CA ILE E 601 -16.42 22.46 -13.33
C ILE E 601 -16.16 23.94 -13.56
N PHE E 602 -14.96 24.42 -13.24
CA PHE E 602 -14.69 25.82 -13.50
C PHE E 602 -14.53 26.08 -14.99
N ARG E 603 -14.01 25.11 -15.74
CA ARG E 603 -13.93 25.29 -17.19
C ARG E 603 -15.31 25.42 -17.80
N LYS E 604 -16.26 24.58 -17.38
CA LYS E 604 -17.62 24.71 -17.88
C LYS E 604 -18.23 26.03 -17.42
N ALA E 605 -17.96 26.44 -16.19
CA ALA E 605 -18.51 27.71 -15.72
C ALA E 605 -18.03 28.86 -16.58
N ARG E 606 -16.73 28.88 -16.90
CA ARG E 606 -16.20 29.94 -17.76
C ARG E 606 -16.77 29.84 -19.16
N SER E 607 -16.92 28.62 -19.67
CA SER E 607 -17.32 28.44 -21.07
C SER E 607 -18.69 29.04 -21.33
N ALA E 608 -19.63 28.84 -20.43
CA ALA E 608 -21.01 29.28 -20.61
C ALA E 608 -21.33 30.49 -19.76
N ALA E 609 -20.37 31.40 -19.62
CA ALA E 609 -20.57 32.58 -18.81
C ALA E 609 -21.72 33.42 -19.37
N PRO E 610 -22.52 34.07 -18.51
CA PRO E 610 -22.42 34.07 -17.05
C PRO E 610 -22.92 32.79 -16.43
N SER E 611 -22.47 32.49 -15.21
CA SER E 611 -22.83 31.25 -14.56
C SER E 611 -22.69 31.41 -13.06
N ILE E 612 -23.27 30.47 -12.32
CA ILE E 612 -23.24 30.44 -10.87
C ILE E 612 -22.87 29.03 -10.44
N ILE E 613 -21.66 28.86 -9.93
CA ILE E 613 -21.24 27.59 -9.36
C ILE E 613 -21.77 27.53 -7.95
N PHE E 614 -22.49 26.46 -7.64
CA PHE E 614 -23.06 26.27 -6.30
C PHE E 614 -22.33 25.12 -5.64
N PHE E 615 -21.72 25.39 -4.51
CA PHE E 615 -20.97 24.38 -3.75
C PHE E 615 -21.78 24.10 -2.48
N ASP E 616 -22.72 23.17 -2.59
CA ASP E 616 -23.52 22.81 -1.43
C ASP E 616 -22.68 21.98 -0.48
N GLU E 617 -22.64 22.40 0.79
CA GLU E 617 -21.89 21.71 1.83
C GLU E 617 -20.40 21.61 1.49
N ILE E 618 -19.75 22.77 1.47
CA ILE E 618 -18.29 22.77 1.42
C ILE E 618 -17.71 22.13 2.66
N ASP E 619 -18.50 21.99 3.73
CA ASP E 619 -18.03 21.34 4.95
C ASP E 619 -17.26 20.06 4.66
N ALA E 620 -17.60 19.36 3.58
CA ALA E 620 -16.89 18.13 3.24
C ALA E 620 -15.45 18.40 2.85
N LEU E 621 -15.19 19.53 2.19
CA LEU E 621 -13.84 19.86 1.73
C LEU E 621 -13.13 20.66 2.82
N SER E 622 -12.84 19.99 3.93
CA SER E 622 -12.30 20.63 5.11
C SER E 622 -10.94 20.04 5.45
N PRO E 623 -9.92 20.88 5.70
CA PRO E 623 -8.59 20.36 6.03
C PRO E 623 -8.39 20.13 7.52
N ASP E 624 -9.48 20.09 8.29
CA ASP E 624 -9.41 20.02 9.75
C ASP E 624 -9.41 18.60 10.26
N ARG E 625 -8.81 17.68 9.52
CA ARG E 625 -8.73 16.27 9.89
C ARG E 625 -7.26 15.88 10.08
N ASP E 626 -7.02 14.58 10.24
CA ASP E 626 -5.69 14.07 10.55
C ASP E 626 -4.84 14.05 9.28
N GLY E 627 -3.70 13.35 9.35
CA GLY E 627 -2.76 13.33 8.25
C GLY E 627 -3.31 12.80 6.95
N SER E 628 -4.36 11.98 7.02
CA SER E 628 -4.99 11.49 5.80
C SER E 628 -5.57 12.65 4.98
N SER E 629 -5.93 13.74 5.64
CA SER E 629 -6.43 14.91 4.93
C SER E 629 -5.30 15.65 4.21
N THR E 630 -4.05 15.43 4.64
CA THR E 630 -2.93 16.14 4.00
C THR E 630 -2.79 15.78 2.53
N SER E 631 -2.99 14.50 2.19
CA SER E 631 -2.89 14.07 0.80
C SER E 631 -4.18 14.30 0.02
N ALA E 632 -5.29 14.57 0.70
CA ALA E 632 -6.57 14.74 0.02
C ALA E 632 -7.16 16.13 0.21
N ALA E 633 -7.32 16.58 1.46
CA ALA E 633 -8.03 17.83 1.70
C ALA E 633 -7.21 19.04 1.26
N ASN E 634 -5.91 19.04 1.54
CA ASN E 634 -5.08 20.18 1.15
C ASN E 634 -5.03 20.31 -0.36
N HIS E 635 -4.94 19.19 -1.08
CA HIS E 635 -4.89 19.26 -2.54
C HIS E 635 -6.15 19.87 -3.12
N VAL E 636 -7.31 19.35 -2.70
CA VAL E 636 -8.57 19.86 -3.26
C VAL E 636 -8.77 21.31 -2.86
N LEU E 637 -8.42 21.66 -1.62
CA LEU E 637 -8.62 23.04 -1.18
C LEU E 637 -7.72 24.00 -1.93
N THR E 638 -6.46 23.62 -2.17
CA THR E 638 -5.59 24.53 -2.89
C THR E 638 -5.99 24.61 -4.36
N SER E 639 -6.51 23.53 -4.93
CA SER E 639 -7.05 23.63 -6.28
C SER E 639 -8.19 24.61 -6.34
N LEU E 640 -9.10 24.53 -5.36
CA LEU E 640 -10.23 25.45 -5.33
C LEU E 640 -9.75 26.88 -5.16
N LEU E 641 -8.79 27.11 -4.28
CA LEU E 641 -8.31 28.47 -4.05
C LEU E 641 -7.65 29.03 -5.29
N ASN E 642 -6.84 28.22 -5.97
CA ASN E 642 -6.21 28.69 -7.20
C ASN E 642 -7.25 29.01 -8.27
N GLU E 643 -8.28 28.16 -8.40
CA GLU E 643 -9.31 28.43 -9.38
C GLU E 643 -10.08 29.70 -9.06
N ILE E 644 -10.38 29.92 -7.77
CA ILE E 644 -11.13 31.12 -7.39
C ILE E 644 -10.31 32.36 -7.63
N ASP E 645 -9.02 32.32 -7.28
CA ASP E 645 -8.19 33.51 -7.35
C ASP E 645 -7.92 33.98 -8.76
N GLY E 646 -8.29 33.21 -9.78
CA GLY E 646 -8.08 33.62 -11.15
C GLY E 646 -9.04 34.71 -11.58
N VAL E 647 -8.96 35.87 -10.93
CA VAL E 647 -9.95 36.92 -11.12
C VAL E 647 -9.88 37.51 -12.53
N GLU E 648 -8.69 37.52 -13.14
CA GLU E 648 -8.51 38.21 -14.41
C GLU E 648 -9.40 37.63 -15.51
N GLU E 649 -9.72 36.35 -15.42
CA GLU E 649 -10.56 35.68 -16.40
C GLU E 649 -11.84 35.14 -15.76
N LEU E 650 -12.26 35.75 -14.66
CA LEU E 650 -13.44 35.31 -13.92
C LEU E 650 -14.50 36.40 -13.86
N LYS E 651 -14.77 37.03 -14.99
CA LYS E 651 -15.71 38.15 -14.99
C LYS E 651 -17.16 37.68 -14.95
N GLY E 652 -17.46 36.54 -15.56
CA GLY E 652 -18.84 36.09 -15.62
C GLY E 652 -19.14 34.85 -14.81
N VAL E 653 -18.56 34.74 -13.62
CA VAL E 653 -18.79 33.60 -12.74
C VAL E 653 -18.93 34.11 -11.31
N VAL E 654 -19.90 33.59 -10.58
CA VAL E 654 -20.02 33.83 -9.16
C VAL E 654 -20.15 32.48 -8.47
N ILE E 655 -19.54 32.35 -7.29
CA ILE E 655 -19.50 31.10 -6.55
C ILE E 655 -20.36 31.27 -5.32
N VAL E 656 -21.33 30.37 -5.14
CA VAL E 656 -22.25 30.41 -4.02
C VAL E 656 -22.11 29.11 -3.25
N ALA E 657 -22.00 29.22 -1.94
CA ALA E 657 -21.79 28.07 -1.08
C ALA E 657 -22.84 28.04 0.01
N ALA E 658 -23.06 26.85 0.56
CA ALA E 658 -24.07 26.68 1.59
C ALA E 658 -23.59 25.63 2.56
N THR E 659 -23.04 26.06 3.68
CA THR E 659 -22.57 25.17 4.71
C THR E 659 -23.45 25.33 5.94
N ASN E 660 -23.74 24.22 6.61
CA ASN E 660 -24.52 24.26 7.83
C ASN E 660 -23.68 24.34 9.08
N ARG E 661 -22.36 24.13 8.98
CA ARG E 661 -21.46 24.38 10.11
C ARG E 661 -20.28 25.18 9.55
N PRO E 662 -20.41 26.50 9.50
CA PRO E 662 -19.42 27.31 8.78
C PRO E 662 -18.02 27.26 9.36
N ASP E 663 -17.86 27.04 10.66
CA ASP E 663 -16.52 27.16 11.25
C ASP E 663 -15.58 26.06 10.79
N GLU E 664 -16.07 25.03 10.13
CA GLU E 664 -15.23 23.96 9.63
C GLU E 664 -14.65 24.26 8.27
N ILE E 665 -15.12 25.31 7.60
CA ILE E 665 -14.48 25.76 6.38
C ILE E 665 -13.14 26.39 6.71
N ASP E 666 -12.13 26.10 5.89
CA ASP E 666 -10.82 26.69 6.10
C ASP E 666 -10.92 28.20 5.96
N ALA E 667 -10.26 28.92 6.87
CA ALA E 667 -10.34 30.37 6.85
C ALA E 667 -9.76 30.97 5.59
N ALA E 668 -8.97 30.20 4.84
CA ALA E 668 -8.42 30.72 3.60
C ALA E 668 -9.46 30.86 2.52
N LEU E 669 -10.61 30.21 2.68
CA LEU E 669 -11.70 30.27 1.71
C LEU E 669 -12.69 31.37 2.04
N LEU E 670 -12.54 32.07 3.16
CA LEU E 670 -13.39 33.17 3.54
C LEU E 670 -12.60 34.45 3.79
N ARG E 671 -11.51 34.63 3.07
CA ARG E 671 -10.79 35.88 3.11
C ARG E 671 -11.33 36.82 2.05
N PRO E 672 -11.14 38.12 2.21
CA PRO E 672 -11.56 39.05 1.17
C PRO E 672 -10.92 38.72 -0.17
N GLY E 673 -11.70 38.90 -1.23
CA GLY E 673 -11.30 38.47 -2.56
C GLY E 673 -11.64 37.03 -2.87
N ARG E 674 -12.38 36.37 -1.99
CA ARG E 674 -12.72 34.96 -2.10
C ARG E 674 -14.17 34.85 -1.65
N LEU E 675 -14.58 33.68 -1.19
CA LEU E 675 -15.96 33.57 -0.72
C LEU E 675 -16.08 34.47 0.50
N ASP E 676 -16.48 35.71 0.29
CA ASP E 676 -16.40 36.74 1.31
C ASP E 676 -17.74 37.27 1.77
N ARG E 677 -18.72 37.42 0.90
CA ARG E 677 -20.03 37.87 1.34
C ARG E 677 -20.72 36.73 2.08
N HIS E 678 -20.83 36.83 3.39
CA HIS E 678 -21.48 35.80 4.19
C HIS E 678 -22.92 36.19 4.46
N ILE E 679 -23.86 35.32 4.12
CA ILE E 679 -25.28 35.57 4.28
C ILE E 679 -25.85 34.52 5.22
N TYR E 680 -26.64 34.96 6.20
CA TYR E 680 -27.14 34.10 7.25
C TYR E 680 -28.61 33.81 6.99
N VAL E 681 -28.96 32.53 6.93
CA VAL E 681 -30.34 32.16 6.60
C VAL E 681 -31.21 32.15 7.86
N GLY E 682 -30.86 31.30 8.82
CA GLY E 682 -31.48 31.33 10.12
C GLY E 682 -32.90 30.82 10.15
N PRO E 683 -33.38 30.47 11.33
CA PRO E 683 -34.75 30.00 11.48
C PRO E 683 -35.74 31.05 11.01
N PRO E 684 -36.78 30.64 10.28
CA PRO E 684 -37.69 31.63 9.71
C PRO E 684 -38.48 32.37 10.77
N ASP E 685 -38.77 33.63 10.46
CA ASP E 685 -39.61 34.44 11.32
C ASP E 685 -41.06 34.00 11.18
N VAL E 686 -41.95 34.64 11.93
CA VAL E 686 -43.33 34.15 12.02
C VAL E 686 -44.03 34.24 10.67
N ASN E 687 -43.76 35.31 9.91
CA ASN E 687 -44.41 35.46 8.62
C ASN E 687 -44.00 34.34 7.68
N ALA E 688 -42.71 34.00 7.67
CA ALA E 688 -42.24 32.92 6.80
C ALA E 688 -42.85 31.59 7.21
N ARG E 689 -42.99 31.37 8.53
CA ARG E 689 -43.61 30.14 8.98
C ARG E 689 -45.06 30.07 8.51
N LEU E 690 -45.77 31.19 8.60
CA LEU E 690 -47.14 31.22 8.12
C LEU E 690 -47.21 30.90 6.62
N GLU E 691 -46.27 31.46 5.86
CA GLU E 691 -46.23 31.16 4.44
C GLU E 691 -46.00 29.68 4.19
N ILE E 692 -45.10 29.08 4.97
CA ILE E 692 -44.82 27.66 4.80
C ILE E 692 -46.07 26.84 5.07
N LEU E 693 -46.76 27.15 6.18
CA LEU E 693 -48.02 26.47 6.46
C LEU E 693 -48.98 26.59 5.29
N LYS E 694 -49.23 27.81 4.83
CA LYS E 694 -50.20 27.99 3.76
C LYS E 694 -49.78 27.25 2.50
N LYS E 695 -48.48 27.07 2.28
CA LYS E 695 -48.06 26.32 1.12
C LYS E 695 -48.29 24.83 1.30
N CYS E 696 -48.14 24.33 2.52
CA CYS E 696 -48.28 22.90 2.76
C CYS E 696 -49.67 22.48 3.19
N THR E 697 -50.47 23.38 3.74
CA THR E 697 -51.81 23.05 4.20
C THR E 697 -52.89 23.33 3.16
N LYS E 698 -52.51 23.73 1.95
CA LYS E 698 -53.51 24.19 1.00
C LYS E 698 -54.43 23.06 0.55
N LYS E 699 -53.89 21.87 0.33
CA LYS E 699 -54.69 20.81 -0.28
C LYS E 699 -55.75 20.28 0.65
N PHE E 700 -55.50 20.19 1.96
CA PHE E 700 -56.54 19.78 2.89
C PHE E 700 -57.12 21.00 3.58
N ASN E 701 -58.45 21.03 3.66
CA ASN E 701 -59.16 22.24 4.07
C ASN E 701 -58.70 22.72 5.43
N THR E 702 -58.39 24.00 5.51
CA THR E 702 -57.86 24.60 6.73
C THR E 702 -58.79 25.63 7.33
N GLU E 703 -59.19 26.64 6.55
CA GLU E 703 -60.15 27.61 7.04
C GLU E 703 -61.50 26.95 7.28
N GLU E 704 -61.88 26.02 6.42
CA GLU E 704 -63.15 25.31 6.52
C GLU E 704 -63.11 24.22 7.58
N SER E 705 -61.93 23.87 8.07
CA SER E 705 -61.78 22.88 9.12
C SER E 705 -61.77 23.49 10.52
N GLY E 706 -61.74 24.81 10.63
CA GLY E 706 -61.78 25.45 11.93
C GLY E 706 -60.43 25.65 12.58
N VAL E 707 -59.34 25.27 11.93
CA VAL E 707 -58.00 25.52 12.45
C VAL E 707 -57.44 26.74 11.76
N ASP E 708 -57.06 27.74 12.54
CA ASP E 708 -56.48 28.96 11.99
C ASP E 708 -54.97 28.94 12.12
N LEU E 709 -54.30 29.28 11.02
CA LEU E 709 -52.88 29.03 10.88
C LEU E 709 -52.03 29.94 11.75
N HIS E 710 -52.59 30.99 12.31
CA HIS E 710 -51.77 31.93 13.07
C HIS E 710 -51.41 31.39 14.45
N GLU E 711 -52.31 30.66 15.09
CA GLU E 711 -51.95 30.06 16.37
C GLU E 711 -50.89 29.00 16.15
N LEU E 712 -50.96 28.28 15.03
CA LEU E 712 -49.89 27.37 14.67
C LEU E 712 -48.59 28.13 14.45
N ALA E 713 -48.67 29.25 13.73
CA ALA E 713 -47.47 29.98 13.36
C ALA E 713 -46.74 30.51 14.58
N ASP E 714 -47.48 31.12 15.51
CA ASP E 714 -46.81 31.63 16.69
C ASP E 714 -46.56 30.55 17.72
N ARG E 715 -47.19 29.39 17.60
CA ARG E 715 -46.90 28.29 18.48
C ARG E 715 -45.64 27.53 18.07
N THR E 716 -45.24 27.64 16.80
CA THR E 716 -44.10 26.89 16.29
C THR E 716 -42.82 27.71 16.25
N GLU E 717 -42.66 28.64 17.18
CA GLU E 717 -41.43 29.43 17.25
C GLU E 717 -40.24 28.53 17.54
N GLY E 718 -39.17 28.73 16.77
CA GLY E 718 -37.96 27.96 16.93
C GLY E 718 -37.81 26.82 15.97
N TYR E 719 -38.90 26.37 15.35
CA TYR E 719 -38.82 25.28 14.39
C TYR E 719 -38.00 25.70 13.19
N SER E 720 -37.25 24.75 12.65
CA SER E 720 -36.67 24.98 11.33
C SER E 720 -37.76 24.81 10.28
N GLY E 721 -37.48 25.29 9.07
CA GLY E 721 -38.46 25.17 8.01
C GLY E 721 -38.82 23.73 7.71
N ALA E 722 -37.81 22.86 7.69
CA ALA E 722 -38.08 21.44 7.53
C ALA E 722 -38.92 20.92 8.67
N GLU E 723 -38.67 21.40 9.89
CA GLU E 723 -39.50 21.00 11.01
C GLU E 723 -40.95 21.36 10.76
N VAL E 724 -41.19 22.54 10.15
CA VAL E 724 -42.56 22.99 9.95
C VAL E 724 -43.24 22.16 8.87
N VAL E 725 -42.55 21.89 7.77
CA VAL E 725 -43.19 21.07 6.75
C VAL E 725 -43.43 19.66 7.28
N LEU E 726 -42.56 19.17 8.16
CA LEU E 726 -42.80 17.84 8.69
C LEU E 726 -43.93 17.86 9.71
N LEU E 727 -44.14 18.98 10.38
CA LEU E 727 -45.32 19.14 11.22
C LEU E 727 -46.58 19.01 10.39
N CYS E 728 -46.60 19.67 9.24
CA CYS E 728 -47.75 19.53 8.36
C CYS E 728 -47.92 18.07 7.92
N GLN E 729 -46.82 17.41 7.57
CA GLN E 729 -46.92 16.02 7.12
C GLN E 729 -47.42 15.11 8.23
N GLU E 730 -46.98 15.34 9.46
CA GLU E 730 -47.44 14.50 10.56
C GLU E 730 -48.89 14.77 10.90
N ALA E 731 -49.34 16.01 10.73
CA ALA E 731 -50.78 16.26 10.86
C ALA E 731 -51.55 15.46 9.82
N GLY E 732 -51.05 15.43 8.59
CA GLY E 732 -51.69 14.60 7.58
C GLY E 732 -51.68 13.12 7.95
N LEU E 733 -50.59 12.66 8.57
CA LEU E 733 -50.52 11.28 9.02
C LEU E 733 -51.56 10.99 10.08
N ALA E 734 -51.77 11.93 11.00
CA ALA E 734 -52.82 11.76 11.99
C ALA E 734 -54.18 11.69 11.31
N ALA E 735 -54.39 12.53 10.31
CA ALA E 735 -55.64 12.51 9.57
C ALA E 735 -55.89 11.15 8.95
N ILE E 736 -54.87 10.59 8.30
CA ILE E 736 -55.08 9.33 7.62
C ILE E 736 -55.23 8.18 8.61
N MET E 737 -54.46 8.18 9.69
CA MET E 737 -54.58 7.09 10.66
C MET E 737 -55.95 7.10 11.32
N GLU E 738 -56.52 8.29 11.57
CA GLU E 738 -57.82 8.33 12.22
C GLU E 738 -58.96 7.96 11.26
N ASP E 739 -58.73 8.02 9.96
CA ASP E 739 -59.76 7.69 8.98
C ASP E 739 -59.11 7.48 7.63
N LEU E 740 -59.47 6.40 6.94
CA LEU E 740 -58.74 6.02 5.74
C LEU E 740 -59.03 6.95 4.57
N ASP E 741 -60.25 7.48 4.49
CA ASP E 741 -60.63 8.34 3.37
C ASP E 741 -61.06 9.72 3.85
N VAL E 742 -60.34 10.26 4.84
CA VAL E 742 -60.70 11.55 5.40
C VAL E 742 -60.38 12.64 4.40
N ALA E 743 -61.10 13.75 4.49
CA ALA E 743 -60.85 14.96 3.71
C ALA E 743 -60.93 16.17 4.61
N LYS E 744 -60.38 16.06 5.81
CA LYS E 744 -60.55 17.07 6.84
C LYS E 744 -59.44 16.90 7.86
N VAL E 745 -58.82 18.01 8.26
CA VAL E 745 -57.77 17.98 9.27
C VAL E 745 -58.13 18.97 10.36
N GLU E 746 -58.26 18.47 11.59
CA GLU E 746 -58.67 19.28 12.72
C GLU E 746 -57.46 19.69 13.55
N LEU E 747 -57.70 20.62 14.47
CA LEU E 747 -56.62 21.12 15.31
C LEU E 747 -56.05 20.03 16.20
N ARG E 748 -56.84 19.01 16.53
CA ARG E 748 -56.32 17.94 17.38
C ARG E 748 -55.24 17.14 16.69
N HIS E 749 -55.36 16.96 15.38
CA HIS E 749 -54.31 16.27 14.63
C HIS E 749 -53.02 17.06 14.68
N PHE E 750 -53.11 18.37 14.42
CA PHE E 750 -51.94 19.22 14.52
C PHE E 750 -51.37 19.22 15.92
N GLU E 751 -52.23 19.07 16.94
CA GLU E 751 -51.73 19.09 18.31
C GLU E 751 -50.97 17.82 18.62
N LYS E 752 -51.47 16.67 18.15
CA LYS E 752 -50.72 15.43 18.30
C LYS E 752 -49.37 15.53 17.61
N ALA E 753 -49.37 16.07 16.39
CA ALA E 753 -48.11 16.24 15.69
C ALA E 753 -47.16 17.15 16.45
N PHE E 754 -47.69 18.26 16.97
CA PHE E 754 -46.85 19.22 17.66
C PHE E 754 -46.26 18.63 18.93
N LYS E 755 -47.00 17.73 19.58
CA LYS E 755 -46.40 16.96 20.67
C LYS E 755 -45.29 16.07 20.15
N GLY E 756 -45.48 15.50 18.96
CA GLY E 756 -44.52 14.53 18.49
C GLY E 756 -43.25 15.05 17.88
N ILE E 757 -43.04 16.37 17.84
CA ILE E 757 -41.90 16.95 17.15
C ILE E 757 -41.04 17.71 18.15
N ALA E 758 -39.74 17.45 18.12
CA ALA E 758 -38.80 18.12 19.01
C ALA E 758 -37.98 19.13 18.23
N ARG E 759 -37.62 20.20 18.91
CA ARG E 759 -36.88 21.30 18.28
C ARG E 759 -35.48 20.83 17.90
N GLY E 760 -35.18 20.87 16.62
CA GLY E 760 -33.84 20.50 16.19
C GLY E 760 -32.82 21.62 16.24
N ILE E 761 -33.21 22.79 16.69
CA ILE E 761 -32.34 23.97 16.68
C ILE E 761 -32.19 24.41 18.13
N THR E 762 -31.16 23.91 18.80
CA THR E 762 -30.92 24.26 20.18
C THR E 762 -30.40 25.69 20.28
N PRO E 763 -30.54 26.33 21.43
CA PRO E 763 -29.88 27.63 21.63
C PRO E 763 -28.38 27.56 21.45
N GLU E 764 -27.78 26.39 21.67
CA GLU E 764 -26.35 26.25 21.41
C GLU E 764 -26.02 26.52 19.95
N MET E 765 -26.85 26.01 19.03
CA MET E 765 -26.58 26.20 17.61
C MET E 765 -26.72 27.68 17.23
N LEU E 766 -27.75 28.35 17.74
CA LEU E 766 -27.90 29.77 17.45
C LEU E 766 -26.72 30.56 18.00
N SER E 767 -26.24 30.18 19.19
CA SER E 767 -25.05 30.83 19.72
C SER E 767 -23.85 30.60 18.80
N TYR E 768 -23.68 29.38 18.30
CA TYR E 768 -22.56 29.09 17.41
C TYR E 768 -22.62 29.95 16.16
N TYR E 769 -23.82 30.13 15.61
CA TYR E 769 -23.92 30.88 14.36
C TYR E 769 -23.70 32.37 14.60
N GLU E 770 -24.23 32.91 15.70
CA GLU E 770 -23.92 34.30 16.01
C GLU E 770 -22.43 34.49 16.22
N GLU E 771 -21.78 33.53 16.89
CA GLU E 771 -20.35 33.61 17.11
C GLU E 771 -19.59 33.64 15.80
N PHE E 772 -19.98 32.79 14.85
CA PHE E 772 -19.33 32.85 13.55
C PHE E 772 -19.65 34.14 12.82
N ALA E 773 -20.81 34.74 13.10
CA ALA E 773 -21.15 36.00 12.48
C ALA E 773 -20.22 37.11 12.93
N LEU E 774 -19.91 37.18 14.23
CA LEU E 774 -19.02 38.22 14.72
C LEU E 774 -17.61 38.06 14.17
N ARG E 775 -17.22 36.82 13.85
CA ARG E 775 -15.89 36.53 13.33
C ARG E 775 -15.83 36.62 11.81
N SER E 776 -16.97 36.80 11.15
CA SER E 776 -17.05 36.72 9.70
C SER E 776 -16.32 37.90 9.05
N GLY E 777 -16.38 37.97 7.73
CA GLY E 777 -15.67 38.98 6.95
C GLY E 777 -16.59 40.04 6.35
N SER E 778 -17.67 39.63 5.71
CA SER E 778 -18.59 40.58 5.08
C SER E 778 -20.03 40.17 5.36
N SER E 779 -20.91 41.19 5.38
CA SER E 779 -22.35 41.00 5.57
C SER E 779 -22.65 40.21 6.84
N SER E 780 -21.91 40.50 7.90
CA SER E 780 -22.12 39.86 9.19
C SER E 780 -23.52 40.12 9.74
N PRO F 239 -32.95 -40.01 -24.58
CA PRO F 239 -32.90 -38.72 -23.91
C PRO F 239 -34.26 -38.06 -23.83
N GLU F 240 -34.68 -37.71 -22.61
CA GLU F 240 -35.96 -37.06 -22.40
C GLU F 240 -35.83 -35.56 -22.67
N PRO F 241 -36.55 -35.01 -23.65
CA PRO F 241 -36.45 -33.58 -23.91
C PRO F 241 -36.97 -32.78 -22.72
N LEU F 242 -36.34 -31.64 -22.47
CA LEU F 242 -36.77 -30.82 -21.35
C LEU F 242 -38.10 -30.17 -21.66
N SER F 243 -38.69 -29.55 -20.64
CA SER F 243 -39.93 -28.83 -20.82
C SER F 243 -40.03 -27.77 -19.74
N TYR F 244 -40.93 -26.82 -19.94
CA TYR F 244 -41.09 -25.77 -18.95
C TYR F 244 -41.68 -26.30 -17.65
N ALA F 245 -42.20 -27.52 -17.64
CA ALA F 245 -42.59 -28.12 -16.38
C ALA F 245 -41.39 -28.48 -15.53
N ALA F 246 -40.24 -28.75 -16.14
CA ALA F 246 -39.07 -29.10 -15.36
C ALA F 246 -38.57 -27.92 -14.56
N VAL F 247 -38.57 -26.72 -15.15
CA VAL F 247 -38.20 -25.54 -14.41
C VAL F 247 -39.21 -25.35 -13.30
N GLY F 248 -38.77 -24.78 -12.18
CA GLY F 248 -39.67 -24.50 -11.09
C GLY F 248 -39.26 -23.23 -10.37
N GLY F 249 -40.25 -22.61 -9.74
CA GLY F 249 -39.99 -21.49 -8.88
C GLY F 249 -39.58 -20.22 -9.59
N LEU F 250 -39.61 -20.20 -10.91
CA LEU F 250 -39.23 -19.03 -11.67
C LEU F 250 -40.34 -18.57 -12.60
N ASP F 251 -41.58 -19.01 -12.37
CA ASP F 251 -42.64 -18.85 -13.36
C ASP F 251 -42.80 -17.41 -13.82
N LYS F 252 -42.58 -16.46 -12.92
CA LYS F 252 -42.66 -15.04 -13.30
C LYS F 252 -41.65 -14.72 -14.40
N GLU F 253 -40.37 -14.91 -14.11
CA GLU F 253 -39.38 -14.64 -15.14
C GLU F 253 -39.33 -15.70 -16.22
N ILE F 254 -39.91 -16.88 -16.01
CA ILE F 254 -40.12 -17.79 -17.12
C ILE F 254 -41.03 -17.15 -18.15
N GLU F 255 -42.15 -16.59 -17.68
CA GLU F 255 -43.06 -15.91 -18.59
C GLU F 255 -42.40 -14.69 -19.22
N SER F 256 -41.60 -13.97 -18.43
CA SER F 256 -40.91 -12.81 -18.99
C SER F 256 -39.97 -13.21 -20.12
N LEU F 257 -39.19 -14.27 -19.92
CA LEU F 257 -38.29 -14.74 -20.97
C LEU F 257 -39.06 -15.25 -22.17
N LYS F 258 -40.17 -15.95 -21.93
CA LYS F 258 -40.97 -16.46 -23.02
C LYS F 258 -41.51 -15.31 -23.86
N SER F 259 -41.96 -14.24 -23.21
CA SER F 259 -42.43 -13.06 -23.95
C SER F 259 -41.29 -12.42 -24.72
N ALA F 260 -40.14 -12.25 -24.08
CA ALA F 260 -39.01 -11.62 -24.75
C ALA F 260 -38.51 -12.43 -25.93
N ILE F 261 -38.77 -13.73 -25.95
CA ILE F 261 -38.38 -14.55 -27.09
C ILE F 261 -39.47 -14.66 -28.15
N GLU F 262 -40.74 -14.60 -27.76
CA GLU F 262 -41.81 -14.76 -28.74
C GLU F 262 -42.00 -13.49 -29.58
N ILE F 263 -41.80 -12.32 -29.00
CA ILE F 263 -42.12 -11.07 -29.69
C ILE F 263 -41.17 -10.86 -30.87
N PRO F 264 -39.86 -10.89 -30.72
CA PRO F 264 -39.00 -11.15 -31.88
C PRO F 264 -39.00 -12.65 -32.12
N LEU F 265 -38.24 -13.07 -33.13
CA LEU F 265 -38.04 -14.48 -33.45
C LEU F 265 -39.33 -15.17 -33.89
N HIS F 266 -40.46 -14.50 -33.79
CA HIS F 266 -41.69 -15.00 -34.40
C HIS F 266 -42.49 -13.94 -35.13
N GLN F 267 -42.33 -12.67 -34.82
CA GLN F 267 -43.14 -11.62 -35.43
C GLN F 267 -42.55 -10.24 -35.22
N PRO F 268 -41.41 -9.93 -35.84
CA PRO F 268 -40.87 -8.57 -35.74
C PRO F 268 -41.82 -7.53 -36.29
N THR F 269 -42.50 -7.85 -37.39
CA THR F 269 -43.43 -6.92 -37.99
C THR F 269 -44.46 -6.44 -36.97
N LEU F 270 -44.94 -7.35 -36.12
CA LEU F 270 -45.96 -7.01 -35.13
C LEU F 270 -45.57 -5.80 -34.30
N PHE F 271 -44.28 -5.48 -34.23
CA PHE F 271 -43.88 -4.21 -33.65
C PHE F 271 -42.75 -3.56 -34.42
N SER F 272 -42.47 -4.01 -35.64
CA SER F 272 -41.63 -3.21 -36.51
C SER F 272 -42.36 -1.95 -36.96
N SER F 273 -43.68 -2.06 -37.07
CA SER F 273 -44.50 -0.90 -37.45
C SER F 273 -44.40 0.20 -36.41
N PHE F 274 -44.35 -0.17 -35.13
CA PHE F 274 -44.23 0.80 -34.05
C PHE F 274 -42.98 1.65 -34.21
N GLY F 275 -42.10 1.29 -35.14
CA GLY F 275 -40.98 2.14 -35.47
C GLY F 275 -39.94 2.27 -34.38
N VAL F 276 -39.68 1.20 -33.66
CA VAL F 276 -38.56 1.12 -32.75
C VAL F 276 -37.74 -0.11 -33.12
N SER F 277 -36.45 -0.04 -32.90
CA SER F 277 -35.61 -1.19 -33.17
C SER F 277 -36.02 -2.34 -32.25
N PRO F 278 -36.13 -3.56 -32.75
CA PRO F 278 -36.58 -4.65 -31.91
C PRO F 278 -35.56 -4.96 -30.84
N PRO F 279 -35.99 -5.41 -29.68
CA PRO F 279 -35.06 -5.64 -28.59
C PRO F 279 -34.35 -6.97 -28.71
N ARG F 280 -33.26 -7.00 -29.46
CA ARG F 280 -32.44 -8.20 -29.60
C ARG F 280 -31.28 -8.15 -28.62
N GLY F 281 -31.14 -9.22 -27.85
CA GLY F 281 -30.12 -9.36 -26.83
C GLY F 281 -30.69 -9.39 -25.43
N ILE F 282 -30.85 -10.60 -24.90
CA ILE F 282 -31.44 -10.84 -23.59
C ILE F 282 -30.39 -11.47 -22.69
N LEU F 283 -30.10 -10.83 -21.58
CA LEU F 283 -29.11 -11.29 -20.63
C LEU F 283 -29.80 -11.86 -19.41
N LEU F 284 -29.42 -13.07 -19.04
CA LEU F 284 -29.96 -13.74 -17.86
C LEU F 284 -28.94 -13.59 -16.74
N HIS F 285 -29.23 -12.71 -15.79
CA HIS F 285 -28.35 -12.54 -14.65
C HIS F 285 -28.61 -13.69 -13.67
N GLY F 286 -27.98 -13.62 -12.52
CA GLY F 286 -28.30 -14.54 -11.46
C GLY F 286 -27.10 -15.14 -10.79
N PRO F 287 -27.27 -15.47 -9.52
CA PRO F 287 -26.22 -16.13 -8.76
C PRO F 287 -25.95 -17.51 -9.31
N PRO F 288 -24.76 -18.06 -9.08
CA PRO F 288 -24.44 -19.36 -9.65
C PRO F 288 -25.31 -20.45 -9.05
N GLY F 289 -25.73 -21.38 -9.90
CA GLY F 289 -26.57 -22.46 -9.47
C GLY F 289 -28.06 -22.18 -9.51
N THR F 290 -28.47 -20.95 -9.83
CA THR F 290 -29.89 -20.65 -9.81
C THR F 290 -30.62 -21.16 -11.04
N GLY F 291 -29.89 -21.64 -12.05
CA GLY F 291 -30.55 -22.28 -13.16
C GLY F 291 -30.60 -21.52 -14.46
N LYS F 292 -29.52 -20.87 -14.86
CA LYS F 292 -29.52 -20.23 -16.16
C LYS F 292 -29.50 -21.33 -17.23
N THR F 293 -28.43 -22.12 -17.20
CA THR F 293 -28.14 -23.00 -18.32
C THR F 293 -29.27 -23.97 -18.58
N MET F 294 -29.93 -24.43 -17.53
CA MET F 294 -31.09 -25.28 -17.74
C MET F 294 -32.17 -24.53 -18.46
N LEU F 295 -32.32 -23.25 -18.16
CA LEU F 295 -33.36 -22.45 -18.79
C LEU F 295 -33.03 -22.22 -20.25
N LEU F 296 -31.78 -21.95 -20.57
CA LEU F 296 -31.40 -21.83 -21.96
C LEU F 296 -31.63 -23.13 -22.71
N ARG F 297 -31.32 -24.25 -22.08
CA ARG F 297 -31.54 -25.53 -22.74
C ARG F 297 -33.01 -25.76 -22.99
N VAL F 298 -33.87 -25.41 -22.03
CA VAL F 298 -35.29 -25.64 -22.23
C VAL F 298 -35.83 -24.72 -23.31
N VAL F 299 -35.32 -23.49 -23.37
CA VAL F 299 -35.72 -22.57 -24.43
C VAL F 299 -35.34 -23.16 -25.78
N ALA F 300 -34.13 -23.68 -25.89
CA ALA F 300 -33.71 -24.29 -27.15
C ALA F 300 -34.60 -25.47 -27.51
N ASN F 301 -34.91 -26.31 -26.53
CA ASN F 301 -35.66 -27.53 -26.83
C ASN F 301 -37.13 -27.25 -27.07
N THR F 302 -37.63 -26.08 -26.67
CA THR F 302 -39.04 -25.80 -26.88
C THR F 302 -39.30 -24.82 -28.00
N SER F 303 -38.36 -23.93 -28.30
CA SER F 303 -38.55 -23.03 -29.42
C SER F 303 -38.30 -23.76 -30.73
N ASN F 304 -39.09 -23.43 -31.73
CA ASN F 304 -39.00 -24.07 -33.04
C ASN F 304 -37.94 -23.44 -33.92
N ALA F 305 -37.27 -22.40 -33.47
CA ALA F 305 -36.21 -21.79 -34.25
C ALA F 305 -34.98 -22.68 -34.20
N HIS F 306 -33.87 -22.21 -34.78
CA HIS F 306 -32.66 -23.00 -34.81
C HIS F 306 -31.66 -22.45 -33.81
N VAL F 307 -31.11 -23.34 -33.01
CA VAL F 307 -30.17 -22.97 -31.96
C VAL F 307 -28.77 -22.96 -32.55
N LEU F 308 -28.00 -21.96 -32.18
CA LEU F 308 -26.57 -21.94 -32.43
C LEU F 308 -25.91 -21.60 -31.11
N THR F 309 -24.73 -22.12 -30.88
CA THR F 309 -24.08 -21.94 -29.60
C THR F 309 -22.67 -21.40 -29.77
N ILE F 310 -22.45 -20.16 -29.35
CA ILE F 310 -21.09 -19.66 -29.20
C ILE F 310 -20.53 -20.37 -27.98
N ASN F 311 -19.62 -21.31 -28.24
CA ASN F 311 -19.23 -22.29 -27.23
C ASN F 311 -18.13 -21.76 -26.34
N GLY F 312 -18.04 -20.45 -26.20
CA GLY F 312 -16.98 -19.84 -25.43
C GLY F 312 -15.65 -20.19 -26.02
N PRO F 313 -14.75 -20.75 -25.19
CA PRO F 313 -13.46 -21.21 -25.72
C PRO F 313 -13.58 -22.34 -26.71
N SER F 314 -14.69 -23.08 -26.70
CA SER F 314 -14.77 -24.32 -27.47
C SER F 314 -14.94 -24.11 -28.97
N ILE F 315 -14.90 -22.86 -29.44
CA ILE F 315 -14.74 -22.59 -30.87
C ILE F 315 -13.69 -21.52 -31.12
N VAL F 316 -13.28 -20.77 -30.10
CA VAL F 316 -12.18 -19.82 -30.24
C VAL F 316 -10.91 -20.58 -30.60
N SER F 317 -10.20 -20.09 -31.60
CA SER F 317 -8.98 -20.74 -32.08
C SER F 317 -7.78 -20.23 -31.30
N LYS F 318 -6.57 -20.57 -31.78
CA LYS F 318 -5.36 -20.13 -31.10
C LYS F 318 -5.23 -18.61 -31.13
N TYR F 319 -5.51 -18.00 -32.28
CA TYR F 319 -5.45 -16.56 -32.43
C TYR F 319 -6.77 -16.06 -33.03
N LEU F 320 -7.11 -14.82 -32.69
CA LEU F 320 -8.40 -14.24 -33.05
C LEU F 320 -8.59 -14.04 -34.55
N GLY F 321 -7.52 -14.13 -35.34
CA GLY F 321 -7.67 -13.97 -36.78
C GLY F 321 -8.64 -14.97 -37.37
N GLU F 322 -8.62 -16.21 -36.87
CA GLU F 322 -9.60 -17.21 -37.27
C GLU F 322 -10.83 -17.23 -36.37
N THR F 323 -10.67 -16.88 -35.09
CA THR F 323 -11.79 -16.93 -34.15
C THR F 323 -12.87 -15.92 -34.51
N GLU F 324 -12.47 -14.68 -34.80
CA GLU F 324 -13.45 -13.66 -35.15
C GLU F 324 -14.17 -14.03 -36.44
N ALA F 325 -13.44 -14.58 -37.41
CA ALA F 325 -14.08 -15.05 -38.63
C ALA F 325 -15.06 -16.18 -38.33
N ALA F 326 -14.70 -17.09 -37.43
CA ALA F 326 -15.58 -18.20 -37.11
C ALA F 326 -16.86 -17.71 -36.46
N LEU F 327 -16.76 -16.76 -35.52
CA LEU F 327 -17.98 -16.27 -34.88
C LEU F 327 -18.84 -15.47 -35.85
N ARG F 328 -18.20 -14.68 -36.71
CA ARG F 328 -18.97 -14.02 -37.77
C ARG F 328 -19.66 -15.04 -38.66
N ASP F 329 -18.99 -16.16 -38.94
CA ASP F 329 -19.58 -17.22 -39.73
C ASP F 329 -20.78 -17.82 -39.01
N ILE F 330 -20.67 -17.97 -37.70
CA ILE F 330 -21.81 -18.45 -36.91
C ILE F 330 -22.98 -17.51 -37.05
N PHE F 331 -22.72 -16.21 -36.90
CA PHE F 331 -23.80 -15.23 -37.03
C PHE F 331 -24.42 -15.28 -38.41
N ASN F 332 -23.58 -15.39 -39.44
CA ASN F 332 -24.09 -15.43 -40.81
C ASN F 332 -24.92 -16.67 -41.04
N GLU F 333 -24.49 -17.81 -40.49
CA GLU F 333 -25.24 -19.04 -40.68
C GLU F 333 -26.58 -18.95 -39.98
N ALA F 334 -26.62 -18.26 -38.83
CA ALA F 334 -27.90 -17.98 -38.19
C ALA F 334 -28.75 -17.06 -39.05
N ARG F 335 -28.14 -16.01 -39.59
CA ARG F 335 -28.88 -15.02 -40.35
C ARG F 335 -29.53 -15.64 -41.57
N LYS F 336 -28.79 -16.48 -42.28
CA LYS F 336 -29.37 -17.13 -43.45
C LYS F 336 -30.53 -18.04 -43.05
N TYR F 337 -30.41 -18.73 -41.92
CA TYR F 337 -31.47 -19.62 -41.46
C TYR F 337 -32.32 -18.94 -40.39
N GLN F 338 -33.02 -17.89 -40.78
CA GLN F 338 -34.00 -17.30 -39.90
C GLN F 338 -35.22 -18.22 -39.79
N PRO F 339 -35.85 -18.32 -38.61
CA PRO F 339 -35.53 -17.69 -37.33
C PRO F 339 -34.41 -18.38 -36.59
N SER F 340 -33.61 -17.63 -35.84
CA SER F 340 -32.42 -18.22 -35.22
C SER F 340 -32.19 -17.61 -33.86
N ILE F 341 -31.66 -18.43 -32.95
CA ILE F 341 -31.25 -18.00 -31.63
C ILE F 341 -29.77 -18.26 -31.48
N ILE F 342 -29.06 -17.31 -30.89
CA ILE F 342 -27.63 -17.42 -30.62
C ILE F 342 -27.47 -17.47 -29.12
N PHE F 343 -26.90 -18.57 -28.62
CA PHE F 343 -26.72 -18.78 -27.19
C PHE F 343 -25.28 -18.48 -26.81
N ILE F 344 -25.10 -17.53 -25.91
CA ILE F 344 -23.81 -17.27 -25.29
C ILE F 344 -23.92 -17.66 -23.82
N ASP F 345 -23.09 -18.60 -23.40
CA ASP F 345 -23.01 -18.99 -22.00
C ASP F 345 -21.76 -18.40 -21.40
N GLU F 346 -21.89 -17.81 -20.21
CA GLU F 346 -20.77 -17.21 -19.51
C GLU F 346 -20.09 -16.14 -20.36
N ILE F 347 -20.82 -15.04 -20.59
CA ILE F 347 -20.22 -13.86 -21.19
C ILE F 347 -18.96 -13.48 -20.44
N ASP F 348 -18.96 -13.64 -19.12
CA ASP F 348 -17.77 -13.33 -18.33
C ASP F 348 -16.57 -14.11 -18.82
N SER F 349 -16.78 -15.29 -19.37
CA SER F 349 -15.72 -16.08 -19.96
C SER F 349 -15.48 -15.72 -21.42
N ILE F 350 -16.06 -14.62 -21.89
CA ILE F 350 -15.88 -14.21 -23.27
C ILE F 350 -15.34 -12.79 -23.36
N ALA F 351 -16.09 -11.81 -22.85
CA ALA F 351 -15.75 -10.40 -23.04
C ALA F 351 -15.87 -9.62 -21.75
N PRO F 352 -15.01 -9.87 -20.78
CA PRO F 352 -14.95 -9.01 -19.60
C PRO F 352 -13.92 -7.91 -19.73
N ASN F 353 -13.95 -7.10 -20.80
CA ASN F 353 -12.79 -6.27 -21.10
C ASN F 353 -12.64 -5.08 -20.15
N ARG F 354 -13.62 -4.86 -19.26
CA ARG F 354 -13.52 -3.75 -18.33
C ARG F 354 -12.40 -3.94 -17.30
N ALA F 355 -12.09 -5.18 -16.93
CA ALA F 355 -11.16 -5.47 -15.86
C ALA F 355 -9.73 -5.59 -16.41
N ASN F 356 -8.79 -5.89 -15.50
CA ASN F 356 -7.39 -5.99 -15.89
C ASN F 356 -7.10 -7.24 -16.71
N ASP F 357 -7.92 -8.27 -16.61
CA ASP F 357 -7.71 -9.51 -17.36
C ASP F 357 -8.00 -9.36 -18.83
N ASP F 358 -8.30 -8.14 -19.29
CA ASP F 358 -8.59 -7.89 -20.70
C ASP F 358 -7.29 -7.98 -21.49
N SER F 359 -7.05 -9.13 -22.12
CA SER F 359 -5.90 -9.31 -22.99
C SER F 359 -6.22 -8.71 -24.34
N GLY F 360 -5.53 -7.62 -24.68
CA GLY F 360 -5.84 -6.90 -25.90
C GLY F 360 -5.77 -7.74 -27.15
N GLU F 361 -4.97 -8.83 -27.13
CA GLU F 361 -4.96 -9.75 -28.25
C GLU F 361 -6.22 -10.59 -28.29
N VAL F 362 -6.85 -10.82 -27.13
CA VAL F 362 -7.97 -11.76 -27.08
C VAL F 362 -9.25 -11.07 -26.60
N GLU F 363 -9.24 -10.61 -25.34
CA GLU F 363 -10.47 -10.11 -24.73
C GLU F 363 -10.97 -8.85 -25.41
N SER F 364 -10.06 -7.89 -25.66
CA SER F 364 -10.46 -6.68 -26.36
C SER F 364 -10.94 -6.99 -27.77
N ARG F 365 -10.26 -7.92 -28.46
CA ARG F 365 -10.69 -8.28 -29.80
C ARG F 365 -12.08 -8.91 -29.78
N VAL F 366 -12.33 -9.79 -28.80
CA VAL F 366 -13.63 -10.46 -28.74
C VAL F 366 -14.73 -9.46 -28.43
N VAL F 367 -14.49 -8.56 -27.48
CA VAL F 367 -15.53 -7.57 -27.17
C VAL F 367 -15.74 -6.64 -28.36
N ALA F 368 -14.66 -6.31 -29.09
CA ALA F 368 -14.81 -5.46 -30.25
C ALA F 368 -15.66 -6.13 -31.32
N THR F 369 -15.42 -7.42 -31.59
CA THR F 369 -16.21 -8.06 -32.62
C THR F 369 -17.64 -8.26 -32.17
N LEU F 370 -17.86 -8.47 -30.86
CA LEU F 370 -19.22 -8.54 -30.35
C LEU F 370 -19.95 -7.22 -30.58
N LEU F 371 -19.35 -6.11 -30.19
CA LEU F 371 -19.98 -4.81 -30.43
C LEU F 371 -20.24 -4.60 -31.92
N THR F 372 -19.23 -4.82 -32.75
CA THR F 372 -19.37 -4.51 -34.17
C THR F 372 -20.44 -5.35 -34.83
N LEU F 373 -20.51 -6.63 -34.46
CA LEU F 373 -21.46 -7.53 -35.09
C LEU F 373 -22.85 -7.43 -34.51
N MET F 374 -22.98 -7.01 -33.25
CA MET F 374 -24.27 -6.70 -32.65
C MET F 374 -24.79 -5.34 -33.08
N ASP F 375 -23.93 -4.49 -33.65
CA ASP F 375 -24.40 -3.20 -34.12
C ASP F 375 -25.36 -3.36 -35.28
N GLY F 376 -25.33 -4.50 -35.96
CA GLY F 376 -26.27 -4.71 -37.03
C GLY F 376 -26.74 -6.14 -37.18
N MET F 377 -28.05 -6.33 -37.08
CA MET F 377 -28.69 -7.59 -37.41
C MET F 377 -29.90 -7.40 -38.31
N GLY F 378 -30.46 -6.21 -38.37
CA GLY F 378 -31.58 -5.95 -39.24
C GLY F 378 -32.90 -6.13 -38.52
N ALA F 379 -33.66 -5.05 -38.41
CA ALA F 379 -34.97 -5.13 -37.76
C ALA F 379 -35.83 -6.21 -38.40
N ALA F 380 -35.75 -6.34 -39.72
CA ALA F 380 -36.51 -7.38 -40.40
C ALA F 380 -35.97 -8.77 -40.11
N GLY F 381 -34.66 -8.90 -39.88
CA GLY F 381 -34.09 -10.21 -39.64
C GLY F 381 -34.61 -10.78 -38.34
N LYS F 382 -34.93 -12.08 -38.35
CA LYS F 382 -35.52 -12.75 -37.19
C LYS F 382 -34.45 -13.51 -36.41
N VAL F 383 -33.53 -12.76 -35.79
CA VAL F 383 -32.46 -13.35 -35.00
C VAL F 383 -32.55 -12.78 -33.59
N VAL F 384 -32.35 -13.65 -32.60
CA VAL F 384 -32.33 -13.22 -31.21
C VAL F 384 -31.12 -13.80 -30.52
N VAL F 385 -30.50 -13.01 -29.66
CA VAL F 385 -29.32 -13.41 -28.92
C VAL F 385 -29.71 -13.54 -27.46
N ILE F 386 -29.46 -14.71 -26.87
CA ILE F 386 -29.66 -14.92 -25.44
C ILE F 386 -28.32 -15.28 -24.84
N ALA F 387 -27.96 -14.63 -23.75
CA ALA F 387 -26.71 -14.96 -23.09
C ALA F 387 -26.92 -14.96 -21.59
N ALA F 388 -26.08 -15.74 -20.91
CA ALA F 388 -26.20 -15.96 -19.48
C ALA F 388 -24.87 -15.64 -18.79
N THR F 389 -24.96 -14.99 -17.65
CA THR F 389 -23.79 -14.69 -16.85
C THR F 389 -24.09 -14.97 -15.39
N ASN F 390 -23.04 -15.29 -14.64
CA ASN F 390 -23.15 -15.42 -13.20
C ASN F 390 -22.67 -14.18 -12.47
N ARG F 391 -22.01 -13.26 -13.16
CA ARG F 391 -21.67 -11.95 -12.62
C ARG F 391 -21.94 -10.92 -13.72
N PRO F 392 -23.03 -10.18 -13.62
CA PRO F 392 -23.32 -9.19 -14.67
C PRO F 392 -22.35 -8.04 -14.67
N ASN F 393 -22.06 -7.47 -13.50
CA ASN F 393 -21.18 -6.31 -13.44
C ASN F 393 -19.78 -6.63 -13.92
N SER F 394 -19.40 -7.90 -13.96
CA SER F 394 -18.12 -8.26 -14.54
C SER F 394 -18.13 -8.06 -16.04
N VAL F 395 -19.30 -8.07 -16.66
CA VAL F 395 -19.40 -7.71 -18.07
C VAL F 395 -19.25 -6.21 -18.21
N ASP F 396 -18.52 -5.78 -19.23
CA ASP F 396 -18.30 -4.36 -19.42
C ASP F 396 -19.62 -3.65 -19.73
N PRO F 397 -19.71 -2.36 -19.44
CA PRO F 397 -20.91 -1.62 -19.84
C PRO F 397 -21.12 -1.58 -21.34
N ALA F 398 -20.09 -1.92 -22.12
CA ALA F 398 -20.21 -1.83 -23.57
C ALA F 398 -21.27 -2.78 -24.09
N LEU F 399 -21.30 -4.02 -23.60
CA LEU F 399 -22.35 -4.93 -24.02
C LEU F 399 -23.69 -4.56 -23.41
N ARG F 400 -23.69 -3.85 -22.28
CA ARG F 400 -24.92 -3.55 -21.56
C ARG F 400 -25.38 -2.12 -21.78
N ARG F 401 -24.85 -1.44 -22.78
CA ARG F 401 -25.44 -0.19 -23.23
C ARG F 401 -26.81 -0.48 -23.84
N PRO F 402 -27.70 0.50 -23.82
CA PRO F 402 -29.02 0.29 -24.43
C PRO F 402 -28.92 0.19 -25.95
N GLY F 403 -30.05 -0.03 -26.61
CA GLY F 403 -30.00 -0.19 -28.06
C GLY F 403 -29.10 -1.32 -28.48
N ARG F 404 -28.88 -2.27 -27.59
CA ARG F 404 -27.83 -3.27 -27.72
C ARG F 404 -28.31 -4.52 -26.98
N PHE F 405 -27.36 -5.34 -26.56
CA PHE F 405 -27.67 -6.51 -25.77
C PHE F 405 -28.19 -6.04 -24.41
N ASP F 406 -29.52 -5.83 -24.32
CA ASP F 406 -30.06 -4.93 -23.30
C ASP F 406 -31.13 -5.54 -22.42
N GLN F 407 -32.06 -6.30 -22.97
CA GLN F 407 -33.15 -6.85 -22.17
C GLN F 407 -32.62 -7.75 -21.07
N GLU F 408 -33.14 -7.58 -19.87
CA GLU F 408 -32.56 -8.17 -18.66
C GLU F 408 -33.61 -9.05 -17.99
N VAL F 409 -33.22 -10.25 -17.60
CA VAL F 409 -34.08 -11.18 -16.89
C VAL F 409 -33.35 -11.63 -15.64
N GLU F 410 -33.80 -11.17 -14.49
CA GLU F 410 -33.17 -11.51 -13.22
C GLU F 410 -33.72 -12.83 -12.70
N ILE F 411 -32.86 -13.83 -12.63
CA ILE F 411 -33.18 -15.10 -11.99
C ILE F 411 -32.41 -15.11 -10.67
N GLY F 412 -33.14 -15.07 -9.56
CA GLY F 412 -32.52 -14.88 -8.26
C GLY F 412 -32.59 -16.12 -7.38
N ILE F 413 -32.05 -15.95 -6.18
CA ILE F 413 -32.17 -16.99 -5.15
C ILE F 413 -33.64 -17.31 -4.95
N PRO F 414 -34.04 -18.57 -4.99
CA PRO F 414 -35.46 -18.87 -4.76
C PRO F 414 -35.86 -18.55 -3.33
N ASP F 415 -37.11 -18.12 -3.18
CA ASP F 415 -37.67 -17.90 -1.86
C ASP F 415 -38.21 -19.22 -1.33
N VAL F 416 -38.90 -19.18 -0.19
CA VAL F 416 -39.38 -20.41 0.42
C VAL F 416 -40.39 -21.09 -0.50
N ASP F 417 -41.31 -20.31 -1.08
CA ASP F 417 -42.31 -20.89 -1.97
C ASP F 417 -41.66 -21.48 -3.21
N ALA F 418 -40.72 -20.75 -3.80
CA ALA F 418 -40.02 -21.27 -4.97
C ALA F 418 -39.23 -22.52 -4.61
N ARG F 419 -38.66 -22.54 -3.40
CA ARG F 419 -37.95 -23.73 -2.98
C ARG F 419 -38.89 -24.92 -2.87
N PHE F 420 -40.08 -24.70 -2.33
CA PHE F 420 -41.06 -25.79 -2.27
C PHE F 420 -41.43 -26.26 -3.65
N ASP F 421 -41.60 -25.34 -4.59
CA ASP F 421 -41.94 -25.75 -5.95
C ASP F 421 -40.83 -26.61 -6.54
N ILE F 422 -39.59 -26.18 -6.37
CA ILE F 422 -38.46 -26.92 -6.92
C ILE F 422 -38.39 -28.31 -6.31
N LEU F 423 -38.56 -28.40 -4.99
CA LEU F 423 -38.51 -29.70 -4.34
C LEU F 423 -39.64 -30.61 -4.80
N THR F 424 -40.84 -30.07 -4.92
CA THR F 424 -41.95 -30.91 -5.38
C THR F 424 -41.67 -31.45 -6.76
N LYS F 425 -41.17 -30.61 -7.67
CA LYS F 425 -40.86 -31.11 -9.00
C LYS F 425 -39.76 -32.16 -8.95
N GLN F 426 -38.72 -31.92 -8.16
CA GLN F 426 -37.61 -32.86 -8.12
C GLN F 426 -38.06 -34.21 -7.59
N PHE F 427 -38.85 -34.22 -6.51
CA PHE F 427 -39.29 -35.48 -5.96
C PHE F 427 -40.41 -36.10 -6.77
N SER F 428 -41.06 -35.34 -7.65
CA SER F 428 -42.00 -35.95 -8.57
C SER F 428 -41.31 -36.50 -9.80
N ARG F 429 -40.07 -36.09 -10.07
CA ARG F 429 -39.35 -36.69 -11.17
C ARG F 429 -39.10 -38.17 -10.91
N MET F 430 -38.83 -38.53 -9.66
CA MET F 430 -38.85 -39.92 -9.27
C MET F 430 -40.27 -40.30 -8.87
N SER F 431 -40.61 -41.58 -9.10
CA SER F 431 -41.96 -42.02 -8.83
C SER F 431 -42.30 -41.83 -7.35
N SER F 432 -43.53 -41.41 -7.09
CA SER F 432 -43.92 -41.00 -5.74
C SER F 432 -43.85 -42.16 -4.74
N ASP F 433 -43.82 -43.40 -5.23
CA ASP F 433 -43.75 -44.54 -4.32
C ASP F 433 -42.48 -44.47 -3.48
N ARG F 434 -41.35 -44.17 -4.12
CA ARG F 434 -40.07 -44.19 -3.44
C ARG F 434 -39.90 -42.97 -2.54
N HIS F 435 -40.42 -41.83 -2.97
CA HIS F 435 -40.34 -40.58 -2.22
C HIS F 435 -41.49 -40.54 -1.23
N VAL F 436 -41.29 -41.21 -0.10
CA VAL F 436 -42.34 -41.26 0.93
C VAL F 436 -42.16 -40.03 1.80
N LEU F 437 -42.64 -38.91 1.28
CA LEU F 437 -42.68 -37.64 2.00
C LEU F 437 -43.96 -36.92 1.62
N ASP F 438 -44.80 -36.67 2.61
CA ASP F 438 -46.02 -35.92 2.35
C ASP F 438 -45.68 -34.47 2.02
N SER F 439 -46.63 -33.79 1.40
CA SER F 439 -46.41 -32.39 1.02
C SER F 439 -46.07 -31.55 2.24
N GLU F 440 -46.55 -31.93 3.42
CA GLU F 440 -46.12 -31.24 4.64
C GLU F 440 -44.65 -31.46 4.89
N ALA F 441 -44.16 -32.66 4.61
CA ALA F 441 -42.73 -32.91 4.75
C ALA F 441 -41.93 -31.99 3.85
N ILE F 442 -42.45 -31.73 2.63
CA ILE F 442 -41.74 -30.84 1.73
C ILE F 442 -41.82 -29.40 2.23
N LYS F 443 -43.00 -28.95 2.66
CA LYS F 443 -43.07 -27.71 3.44
C LYS F 443 -41.88 -27.57 4.35
N TYR F 444 -41.74 -28.52 5.28
CA TYR F 444 -40.72 -28.39 6.30
C TYR F 444 -39.32 -28.44 5.70
N ILE F 445 -39.11 -29.36 4.76
CA ILE F 445 -37.76 -29.65 4.30
C ILE F 445 -37.25 -28.45 3.52
N ALA F 446 -38.14 -27.77 2.78
CA ALA F 446 -37.81 -26.51 2.15
C ALA F 446 -37.65 -25.41 3.18
N SER F 447 -38.46 -25.45 4.24
CA SER F 447 -38.38 -24.41 5.26
C SER F 447 -36.99 -24.35 5.88
N LYS F 448 -36.32 -25.49 5.98
CA LYS F 448 -34.95 -25.49 6.49
C LYS F 448 -33.90 -25.44 5.38
N THR F 449 -34.18 -24.72 4.30
CA THR F 449 -33.22 -24.58 3.22
C THR F 449 -32.98 -23.13 2.86
N HIS F 450 -32.78 -22.27 3.85
CA HIS F 450 -32.80 -20.84 3.60
C HIS F 450 -31.75 -20.43 2.58
N GLY F 451 -30.54 -20.99 2.70
CA GLY F 451 -29.47 -20.55 1.83
C GLY F 451 -29.40 -21.25 0.48
N TYR F 452 -29.97 -22.44 0.38
CA TYR F 452 -29.80 -23.25 -0.81
C TYR F 452 -30.38 -22.58 -2.04
N VAL F 453 -29.69 -22.70 -3.15
CA VAL F 453 -30.13 -22.13 -4.42
C VAL F 453 -30.14 -23.22 -5.48
N GLY F 454 -31.29 -23.37 -6.14
CA GLY F 454 -31.33 -24.03 -7.42
C GLY F 454 -30.67 -25.39 -7.46
N ALA F 455 -29.53 -25.44 -8.14
CA ALA F 455 -28.82 -26.70 -8.35
C ALA F 455 -28.60 -27.43 -7.04
N ASP F 456 -28.25 -26.70 -5.98
CA ASP F 456 -28.01 -27.33 -4.69
C ASP F 456 -29.16 -28.21 -4.31
N LEU F 457 -30.39 -27.74 -4.55
CA LEU F 457 -31.55 -28.49 -4.11
C LEU F 457 -31.58 -29.83 -4.80
N THR F 458 -31.35 -29.84 -6.11
CA THR F 458 -31.23 -31.11 -6.82
C THR F 458 -30.14 -31.95 -6.20
N ALA F 459 -28.98 -31.34 -5.96
CA ALA F 459 -27.91 -32.05 -5.28
C ALA F 459 -28.41 -32.65 -3.97
N LEU F 460 -29.16 -31.87 -3.22
CA LEU F 460 -29.71 -32.36 -1.96
C LEU F 460 -30.49 -33.64 -2.20
N CYS F 461 -31.43 -33.61 -3.15
CA CYS F 461 -32.19 -34.81 -3.46
C CYS F 461 -31.26 -35.94 -3.82
N ARG F 462 -30.24 -35.67 -4.62
CA ARG F 462 -29.30 -36.71 -4.99
C ARG F 462 -28.65 -37.31 -3.75
N GLU F 463 -28.19 -36.46 -2.84
CA GLU F 463 -27.59 -36.99 -1.62
C GLU F 463 -28.58 -37.86 -0.87
N SER F 464 -29.85 -37.44 -0.84
CA SER F 464 -30.86 -38.26 -0.19
C SER F 464 -30.81 -39.66 -0.77
N VAL F 465 -30.86 -39.75 -2.09
CA VAL F 465 -30.71 -41.04 -2.76
C VAL F 465 -29.51 -41.78 -2.19
N MET F 466 -28.33 -41.15 -2.25
CA MET F 466 -27.12 -41.76 -1.71
C MET F 466 -27.38 -42.33 -0.32
N LYS F 467 -27.85 -41.50 0.59
CA LYS F 467 -27.93 -41.95 1.96
C LYS F 467 -28.96 -43.05 2.11
N THR F 468 -30.03 -43.01 1.30
CA THR F 468 -30.98 -44.11 1.33
C THR F 468 -30.28 -45.41 0.99
N ILE F 469 -29.50 -45.41 -0.08
CA ILE F 469 -28.73 -46.60 -0.42
C ILE F 469 -27.82 -46.98 0.72
N GLN F 470 -27.24 -45.98 1.38
CA GLN F 470 -26.37 -46.27 2.51
C GLN F 470 -27.14 -46.99 3.61
N ARG F 471 -28.38 -46.57 3.89
CA ARG F 471 -29.15 -47.31 4.87
C ARG F 471 -29.45 -48.72 4.38
N GLY F 472 -29.63 -48.89 3.07
CA GLY F 472 -29.78 -50.22 2.52
C GLY F 472 -28.56 -51.09 2.77
N LEU F 473 -27.39 -50.47 2.92
CA LEU F 473 -26.19 -51.17 3.31
C LEU F 473 -25.98 -51.15 4.82
N GLY F 474 -26.67 -50.27 5.54
CA GLY F 474 -26.52 -50.20 6.98
C GLY F 474 -27.14 -51.35 7.73
N THR F 475 -28.15 -52.00 7.15
CA THR F 475 -28.75 -53.17 7.78
C THR F 475 -27.88 -54.40 7.52
N ASP F 476 -27.71 -54.76 6.25
CA ASP F 476 -26.81 -55.84 5.87
C ASP F 476 -26.49 -55.70 4.40
N ALA F 477 -25.25 -56.05 4.04
CA ALA F 477 -24.80 -55.91 2.66
C ALA F 477 -25.59 -56.81 1.71
N ASN F 478 -26.21 -57.87 2.21
CA ASN F 478 -26.96 -58.78 1.36
C ASN F 478 -28.22 -58.15 0.79
N ILE F 479 -28.61 -56.98 1.27
CA ILE F 479 -29.81 -56.33 0.73
C ILE F 479 -29.45 -55.65 -0.57
N ASP F 480 -29.59 -56.37 -1.67
CA ASP F 480 -29.51 -55.80 -3.01
C ASP F 480 -30.88 -55.41 -3.53
N LYS F 481 -31.92 -55.60 -2.73
CA LYS F 481 -33.28 -55.30 -3.15
C LYS F 481 -33.44 -53.80 -3.39
N PHE F 482 -34.19 -53.46 -4.44
CA PHE F 482 -34.46 -52.08 -4.81
C PHE F 482 -35.62 -51.53 -3.99
N SER F 483 -36.16 -50.40 -4.40
CA SER F 483 -37.36 -49.82 -3.80
C SER F 483 -37.15 -49.47 -2.34
N LEU F 484 -35.92 -49.13 -1.97
CA LEU F 484 -35.69 -48.51 -0.67
C LEU F 484 -36.25 -47.11 -0.69
N LYS F 485 -37.39 -46.91 -0.03
CA LYS F 485 -38.02 -45.61 0.01
C LYS F 485 -37.09 -44.59 0.65
N VAL F 486 -37.06 -43.38 0.10
CA VAL F 486 -36.29 -42.30 0.68
C VAL F 486 -37.13 -41.62 1.75
N THR F 487 -36.55 -41.44 2.93
CA THR F 487 -37.27 -40.91 4.08
C THR F 487 -36.79 -39.51 4.42
N LEU F 488 -37.60 -38.82 5.21
CA LEU F 488 -37.30 -37.46 5.60
C LEU F 488 -35.97 -37.37 6.36
N LYS F 489 -35.78 -38.27 7.33
CA LYS F 489 -34.55 -38.26 8.12
C LYS F 489 -33.33 -38.35 7.22
N ASP F 490 -33.43 -39.13 6.15
CA ASP F 490 -32.36 -39.16 5.17
C ASP F 490 -32.09 -37.78 4.62
N VAL F 491 -33.13 -36.96 4.46
CA VAL F 491 -32.92 -35.66 3.83
C VAL F 491 -32.28 -34.69 4.81
N GLU F 492 -32.60 -34.76 6.11
CA GLU F 492 -31.80 -33.96 7.04
C GLU F 492 -30.35 -34.43 7.10
N SER F 493 -30.12 -35.73 7.00
CA SER F 493 -28.72 -36.18 6.93
C SER F 493 -28.05 -35.60 5.68
N ALA F 494 -28.78 -35.59 4.58
CA ALA F 494 -28.24 -35.00 3.37
C ALA F 494 -27.91 -33.54 3.58
N MET F 495 -28.79 -32.78 4.25
CA MET F 495 -28.48 -31.38 4.49
C MET F 495 -27.21 -31.23 5.32
N VAL F 496 -27.09 -31.99 6.40
CA VAL F 496 -25.90 -31.78 7.24
C VAL F 496 -24.65 -32.15 6.46
N ASP F 497 -24.79 -32.96 5.41
CA ASP F 497 -23.62 -33.29 4.60
C ASP F 497 -23.42 -32.39 3.38
N ILE F 498 -24.41 -31.61 2.95
CA ILE F 498 -24.39 -31.04 1.61
C ILE F 498 -24.07 -29.55 1.56
N ARG F 499 -24.47 -28.78 2.57
CA ARG F 499 -24.57 -27.32 2.44
C ARG F 499 -23.27 -26.71 1.94
N PRO F 500 -23.22 -26.33 0.67
CA PRO F 500 -21.98 -25.81 0.10
C PRO F 500 -21.87 -24.30 0.21
N SER F 501 -20.81 -23.74 -0.39
CA SER F 501 -20.64 -22.28 -0.45
C SER F 501 -21.29 -21.77 -1.75
N ALA F 502 -22.62 -21.67 -1.71
CA ALA F 502 -23.39 -21.18 -2.85
C ALA F 502 -24.07 -19.85 -2.58
N MET F 503 -24.61 -19.65 -1.39
CA MET F 503 -25.06 -18.33 -0.98
C MET F 503 -23.97 -17.69 -0.13
N ARG F 504 -23.66 -16.44 -0.42
CA ARG F 504 -22.76 -15.64 0.41
C ARG F 504 -23.58 -14.83 1.41
N GLU F 505 -22.97 -13.82 2.01
CA GLU F 505 -23.76 -12.87 2.80
C GLU F 505 -24.55 -12.00 1.85
N ILE F 506 -25.47 -12.62 1.12
CA ILE F 506 -26.33 -11.96 0.15
C ILE F 506 -27.38 -11.17 0.94
N PHE F 507 -28.10 -10.26 0.27
CA PHE F 507 -29.20 -9.57 0.91
C PHE F 507 -30.14 -10.56 1.59
N LEU F 508 -30.27 -10.44 2.90
CA LEU F 508 -30.82 -11.49 3.72
C LEU F 508 -32.33 -11.60 3.55
N GLU F 509 -32.83 -12.83 3.60
CA GLU F 509 -34.26 -13.11 3.69
C GLU F 509 -34.57 -13.54 5.12
N MET F 510 -35.57 -12.95 5.70
CA MET F 510 -35.66 -13.33 7.11
C MET F 510 -36.79 -14.32 7.35
N PRO F 511 -36.69 -15.09 8.44
CA PRO F 511 -37.68 -16.14 8.70
C PRO F 511 -39.07 -15.63 9.04
N LYS F 512 -39.92 -16.58 9.43
CA LYS F 512 -41.36 -16.40 9.48
C LYS F 512 -41.76 -16.16 10.93
N VAL F 513 -42.21 -14.95 11.25
CA VAL F 513 -42.69 -14.62 12.59
C VAL F 513 -43.92 -13.72 12.50
N TYR F 514 -44.92 -14.03 13.30
CA TYR F 514 -46.22 -13.36 13.24
C TYR F 514 -46.37 -12.40 14.41
N TRP F 515 -47.41 -11.55 14.33
CA TRP F 515 -47.74 -10.69 15.44
C TRP F 515 -48.03 -11.46 16.72
N SER F 516 -48.47 -12.72 16.60
CA SER F 516 -48.76 -13.49 17.79
C SER F 516 -47.49 -13.77 18.59
N ASP F 517 -46.36 -13.95 17.89
CA ASP F 517 -45.13 -14.28 18.59
C ASP F 517 -44.68 -13.16 19.50
N ILE F 518 -44.77 -11.91 19.05
CA ILE F 518 -44.27 -10.78 19.81
C ILE F 518 -45.11 -10.63 21.07
N GLY F 519 -44.44 -10.53 22.21
CA GLY F 519 -45.15 -10.40 23.47
C GLY F 519 -45.66 -9.00 23.69
N GLY F 520 -46.98 -8.83 23.62
CA GLY F 520 -47.56 -7.54 23.93
C GLY F 520 -47.05 -6.47 22.99
N GLN F 521 -46.67 -5.33 23.57
CA GLN F 521 -46.24 -4.17 22.80
C GLN F 521 -47.27 -3.82 21.74
N GLU F 522 -48.53 -3.80 22.14
CA GLU F 522 -49.61 -3.51 21.20
C GLU F 522 -49.49 -2.10 20.65
N GLU F 523 -49.01 -1.17 21.47
CA GLU F 523 -48.88 0.22 21.01
C GLU F 523 -47.88 0.32 19.87
N LEU F 524 -46.71 -0.30 20.03
CA LEU F 524 -45.72 -0.29 18.96
C LEU F 524 -46.24 -1.01 17.73
N LYS F 525 -46.99 -2.09 17.95
CA LYS F 525 -47.58 -2.84 16.85
C LYS F 525 -48.47 -1.94 16.01
N THR F 526 -49.38 -1.23 16.68
CA THR F 526 -50.28 -0.33 15.99
C THR F 526 -49.52 0.78 15.27
N LYS F 527 -48.53 1.36 15.95
CA LYS F 527 -47.79 2.45 15.36
C LYS F 527 -47.07 1.99 14.10
N MET F 528 -46.45 0.82 14.14
CA MET F 528 -45.76 0.32 12.96
C MET F 528 -46.74 0.02 11.84
N LYS F 529 -47.89 -0.58 12.18
CA LYS F 529 -48.85 -0.91 11.15
C LYS F 529 -49.37 0.34 10.45
N GLU F 530 -49.57 1.42 11.21
CA GLU F 530 -50.13 2.63 10.64
C GLU F 530 -49.09 3.58 10.08
N MET F 531 -47.80 3.35 10.34
CA MET F 531 -46.76 4.25 9.87
C MET F 531 -45.85 3.61 8.83
N ILE F 532 -45.97 2.31 8.59
CA ILE F 532 -45.20 1.67 7.52
C ILE F 532 -46.14 1.01 6.53
N GLN F 533 -47.03 0.15 7.01
CA GLN F 533 -47.93 -0.55 6.11
C GLN F 533 -48.97 0.40 5.52
N LEU F 534 -49.58 1.23 6.37
CA LEU F 534 -50.64 2.11 5.90
C LEU F 534 -50.23 3.08 4.81
N PRO F 535 -49.16 3.87 4.94
CA PRO F 535 -48.86 4.84 3.88
C PRO F 535 -48.40 4.20 2.59
N LEU F 536 -47.96 2.95 2.62
CA LEU F 536 -47.60 2.24 1.40
C LEU F 536 -48.78 1.51 0.78
N GLU F 537 -49.96 1.60 1.38
CA GLU F 537 -51.16 1.01 0.80
C GLU F 537 -52.27 2.02 0.62
N ALA F 538 -52.03 3.29 0.88
CA ALA F 538 -53.01 4.35 0.68
C ALA F 538 -52.35 5.53 -0.03
N SER F 539 -51.60 5.24 -1.09
CA SER F 539 -50.87 6.28 -1.79
C SER F 539 -51.81 7.30 -2.41
N GLU F 540 -52.92 6.85 -3.00
CA GLU F 540 -53.85 7.78 -3.61
C GLU F 540 -54.44 8.74 -2.59
N THR F 541 -54.79 8.23 -1.40
CA THR F 541 -55.32 9.10 -0.36
C THR F 541 -54.27 10.09 0.09
N PHE F 542 -53.02 9.66 0.19
CA PHE F 542 -51.96 10.55 0.63
C PHE F 542 -51.73 11.67 -0.37
N ALA F 543 -51.67 11.33 -1.65
CA ALA F 543 -51.51 12.35 -2.68
C ALA F 543 -52.72 13.26 -2.73
N ARG F 544 -53.89 12.75 -2.36
CA ARG F 544 -55.09 13.58 -2.37
C ARG F 544 -54.96 14.76 -1.44
N LEU F 545 -54.25 14.61 -0.33
CA LEU F 545 -54.11 15.69 0.63
C LEU F 545 -52.85 16.51 0.43
N GLY F 546 -52.07 16.23 -0.62
CA GLY F 546 -50.85 16.98 -0.86
C GLY F 546 -49.78 16.79 0.19
N ILE F 547 -49.62 15.58 0.70
CA ILE F 547 -48.63 15.24 1.70
C ILE F 547 -47.86 14.03 1.23
N SER F 548 -46.54 14.15 1.16
CA SER F 548 -45.71 12.99 0.86
C SER F 548 -45.77 12.00 2.01
N ALA F 549 -45.80 10.72 1.66
CA ALA F 549 -45.91 9.68 2.68
C ALA F 549 -44.65 9.66 3.53
N PRO F 550 -44.75 9.17 4.77
CA PRO F 550 -43.55 9.03 5.58
C PRO F 550 -42.54 8.14 4.89
N LYS F 551 -41.29 8.53 4.97
CA LYS F 551 -40.27 7.91 4.13
C LYS F 551 -39.30 7.04 4.90
N GLY F 552 -39.05 7.35 6.16
CA GLY F 552 -38.14 6.53 6.93
C GLY F 552 -38.38 6.55 8.42
N VAL F 553 -38.54 5.37 8.99
CA VAL F 553 -38.83 5.21 10.41
C VAL F 553 -37.66 4.51 11.08
N LEU F 554 -37.18 5.07 12.18
CA LEU F 554 -36.03 4.57 12.90
C LEU F 554 -36.46 4.05 14.26
N LEU F 555 -36.13 2.79 14.55
CA LEU F 555 -36.49 2.12 15.78
C LEU F 555 -35.26 2.07 16.68
N TYR F 556 -35.31 2.77 17.81
CA TYR F 556 -34.20 2.80 18.74
C TYR F 556 -34.66 2.25 20.08
N GLY F 557 -33.90 1.31 20.62
CA GLY F 557 -34.23 0.71 21.90
C GLY F 557 -33.07 0.00 22.53
N PRO F 558 -33.20 -0.34 23.81
CA PRO F 558 -32.13 -1.04 24.49
C PRO F 558 -31.91 -2.41 23.88
N PRO F 559 -30.69 -2.93 23.94
CA PRO F 559 -30.40 -4.22 23.32
C PRO F 559 -31.21 -5.32 24.00
N GLY F 560 -31.95 -6.07 23.21
CA GLY F 560 -32.75 -7.16 23.69
C GLY F 560 -34.23 -6.97 23.47
N CYS F 561 -34.71 -5.73 23.47
CA CYS F 561 -36.13 -5.49 23.29
C CYS F 561 -36.52 -5.80 21.85
N SER F 562 -37.82 -5.88 21.60
CA SER F 562 -38.29 -6.38 20.32
C SER F 562 -38.13 -5.38 19.20
N LYS F 563 -36.99 -5.40 18.52
CA LYS F 563 -36.75 -4.52 17.39
C LYS F 563 -36.63 -5.28 16.08
N THR F 564 -35.64 -6.17 16.00
CA THR F 564 -35.49 -6.99 14.81
C THR F 564 -36.69 -7.89 14.64
N LEU F 565 -37.24 -8.37 15.75
CA LEU F 565 -38.43 -9.21 15.68
C LEU F 565 -39.64 -8.41 15.24
N THR F 566 -39.75 -7.15 15.63
CA THR F 566 -40.88 -6.35 15.18
C THR F 566 -40.78 -6.06 13.70
N ALA F 567 -39.59 -5.75 13.21
CA ALA F 567 -39.44 -5.58 11.77
C ALA F 567 -39.75 -6.86 11.03
N LYS F 568 -39.30 -8.00 11.57
CA LYS F 568 -39.58 -9.27 10.90
C LYS F 568 -41.06 -9.57 10.87
N ALA F 569 -41.78 -9.24 11.96
CA ALA F 569 -43.22 -9.46 11.96
C ALA F 569 -43.91 -8.57 10.94
N LEU F 570 -43.49 -7.31 10.86
CA LEU F 570 -44.03 -6.44 9.82
C LEU F 570 -43.80 -7.04 8.45
N ALA F 571 -42.61 -7.60 8.22
CA ALA F 571 -42.32 -8.26 6.97
C ALA F 571 -43.28 -9.41 6.71
N THR F 572 -43.42 -10.28 7.69
CA THR F 572 -44.18 -11.51 7.50
C THR F 572 -45.65 -11.23 7.23
N GLU F 573 -46.30 -10.46 8.08
CA GLU F 573 -47.73 -10.24 7.94
C GLU F 573 -48.06 -8.78 7.61
N SER F 574 -47.25 -8.18 6.75
CA SER F 574 -47.67 -7.01 6.00
C SER F 574 -47.81 -7.30 4.52
N GLY F 575 -47.24 -8.39 4.03
CA GLY F 575 -47.42 -8.79 2.65
C GLY F 575 -46.69 -7.95 1.65
N ILE F 576 -45.87 -7.02 2.11
CA ILE F 576 -45.11 -6.13 1.24
C ILE F 576 -43.72 -6.72 1.08
N ASN F 577 -43.13 -6.56 -0.10
CA ASN F 577 -41.78 -7.02 -0.32
C ASN F 577 -40.87 -6.40 0.73
N PHE F 578 -39.98 -7.22 1.27
CA PHE F 578 -39.18 -6.82 2.43
C PHE F 578 -37.72 -7.17 2.14
N LEU F 579 -36.93 -6.18 1.78
CA LEU F 579 -35.53 -6.37 1.49
C LEU F 579 -34.75 -5.94 2.72
N ALA F 580 -34.04 -6.85 3.35
CA ALA F 580 -33.43 -6.60 4.64
C ALA F 580 -31.94 -6.86 4.58
N VAL F 581 -31.15 -5.93 5.14
CA VAL F 581 -29.72 -6.10 5.25
C VAL F 581 -29.25 -5.67 6.63
N LYS F 582 -28.30 -6.42 7.17
CA LYS F 582 -27.72 -6.08 8.45
C LYS F 582 -26.66 -5.00 8.25
N GLY F 583 -26.24 -4.41 9.36
CA GLY F 583 -25.31 -3.31 9.31
C GLY F 583 -23.93 -3.74 8.86
N PRO F 584 -23.25 -4.51 9.68
CA PRO F 584 -21.86 -4.90 9.38
C PRO F 584 -21.77 -6.01 8.34
N GLU F 585 -22.53 -5.87 7.25
CA GLU F 585 -22.39 -6.73 6.10
C GLU F 585 -22.38 -6.00 4.78
N ILE F 586 -22.83 -4.75 4.74
CA ILE F 586 -22.61 -3.89 3.60
C ILE F 586 -21.58 -2.81 3.88
N PHE F 587 -21.43 -2.37 5.12
CA PHE F 587 -20.38 -1.41 5.46
C PHE F 587 -19.02 -2.08 5.53
N ASN F 588 -18.96 -3.30 6.04
CA ASN F 588 -17.69 -3.99 6.22
C ASN F 588 -17.00 -4.30 4.90
N LYS F 589 -17.74 -4.36 3.81
CA LYS F 589 -17.17 -4.75 2.53
C LYS F 589 -16.38 -3.58 1.93
N TYR F 590 -15.80 -3.82 0.75
CA TYR F 590 -14.94 -2.83 0.12
C TYR F 590 -15.74 -1.60 -0.31
N VAL F 591 -15.01 -0.49 -0.48
CA VAL F 591 -15.67 0.79 -0.73
C VAL F 591 -16.46 0.77 -2.03
N GLY F 592 -15.88 0.20 -3.08
CA GLY F 592 -16.64 0.04 -4.31
C GLY F 592 -17.79 -0.92 -4.16
N GLU F 593 -17.55 -2.03 -3.45
CA GLU F 593 -18.58 -3.02 -3.21
C GLU F 593 -19.73 -2.43 -2.41
N SER F 594 -19.42 -1.59 -1.42
CA SER F 594 -20.46 -1.02 -0.57
C SER F 594 -21.33 -0.02 -1.33
N GLU F 595 -20.68 0.90 -2.04
CA GLU F 595 -21.44 1.87 -2.82
C GLU F 595 -22.26 1.19 -3.90
N ARG F 596 -21.75 0.08 -4.42
CA ARG F 596 -22.55 -0.69 -5.38
C ARG F 596 -23.71 -1.38 -4.70
N ALA F 597 -23.49 -1.89 -3.49
CA ALA F 597 -24.51 -2.66 -2.80
C ALA F 597 -25.70 -1.79 -2.42
N ILE F 598 -25.44 -0.58 -1.94
CA ILE F 598 -26.54 0.30 -1.59
C ILE F 598 -27.36 0.64 -2.83
N ARG F 599 -26.69 0.98 -3.92
CA ARG F 599 -27.39 1.29 -5.15
C ARG F 599 -28.21 0.09 -5.61
N GLU F 600 -27.64 -1.10 -5.49
CA GLU F 600 -28.29 -2.30 -5.99
C GLU F 600 -29.51 -2.66 -5.14
N ILE F 601 -29.39 -2.52 -3.83
CA ILE F 601 -30.52 -2.81 -2.96
C ILE F 601 -31.64 -1.80 -3.21
N PHE F 602 -31.30 -0.54 -3.45
CA PHE F 602 -32.35 0.41 -3.74
C PHE F 602 -32.96 0.14 -5.11
N ARG F 603 -32.17 -0.36 -6.06
CA ARG F 603 -32.72 -0.70 -7.36
C ARG F 603 -33.74 -1.82 -7.24
N LYS F 604 -33.44 -2.87 -6.47
CA LYS F 604 -34.47 -3.88 -6.25
C LYS F 604 -35.65 -3.34 -5.46
N ALA F 605 -35.40 -2.46 -4.50
CA ALA F 605 -36.51 -1.91 -3.73
C ALA F 605 -37.48 -1.20 -4.64
N ARG F 606 -36.96 -0.42 -5.58
CA ARG F 606 -37.83 0.30 -6.50
C ARG F 606 -38.40 -0.64 -7.54
N SER F 607 -37.70 -1.74 -7.85
CA SER F 607 -38.15 -2.64 -8.90
C SER F 607 -39.47 -3.29 -8.55
N ALA F 608 -39.64 -3.69 -7.29
CA ALA F 608 -40.83 -4.43 -6.86
C ALA F 608 -41.65 -3.62 -5.86
N ALA F 609 -41.83 -2.33 -6.14
CA ALA F 609 -42.59 -1.49 -5.23
C ALA F 609 -44.03 -1.99 -5.14
N PRO F 610 -44.67 -1.86 -3.97
CA PRO F 610 -44.16 -1.27 -2.74
C PRO F 610 -43.16 -2.17 -2.02
N SER F 611 -42.29 -1.60 -1.20
CA SER F 611 -41.26 -2.39 -0.55
C SER F 611 -40.80 -1.68 0.72
N ILE F 612 -40.26 -2.49 1.62
CA ILE F 612 -39.69 -2.02 2.88
C ILE F 612 -38.24 -2.45 2.92
N ILE F 613 -37.34 -1.48 2.99
CA ILE F 613 -35.92 -1.73 3.13
C ILE F 613 -35.58 -1.66 4.60
N PHE F 614 -35.15 -2.77 5.16
CA PHE F 614 -34.81 -2.83 6.57
C PHE F 614 -33.30 -2.75 6.73
N PHE F 615 -32.86 -1.81 7.52
CA PHE F 615 -31.45 -1.59 7.79
C PHE F 615 -31.22 -1.92 9.26
N ASP F 616 -30.80 -3.17 9.51
CA ASP F 616 -30.58 -3.60 10.88
C ASP F 616 -29.20 -3.15 11.33
N GLU F 617 -29.15 -2.49 12.48
CA GLU F 617 -27.91 -1.95 13.02
C GLU F 617 -27.25 -0.96 12.05
N ILE F 618 -27.96 0.14 11.83
CA ILE F 618 -27.39 1.27 11.10
C ILE F 618 -26.09 1.73 11.72
N ASP F 619 -25.90 1.50 13.02
CA ASP F 619 -24.69 1.92 13.70
C ASP F 619 -23.41 1.51 12.98
N ALA F 620 -23.45 0.46 12.15
CA ALA F 620 -22.27 0.07 11.40
C ALA F 620 -21.88 1.16 10.41
N LEU F 621 -22.85 1.81 9.79
CA LEU F 621 -22.59 2.89 8.84
C LEU F 621 -22.11 4.10 9.62
N SER F 622 -20.83 4.06 9.98
CA SER F 622 -20.28 4.92 11.02
C SER F 622 -19.41 6.02 10.44
N PRO F 623 -19.85 7.27 10.44
CA PRO F 623 -18.99 8.38 10.00
C PRO F 623 -18.26 9.11 11.13
N ASP F 624 -18.33 8.63 12.36
CA ASP F 624 -17.75 9.29 13.52
C ASP F 624 -16.48 8.61 14.01
N ARG F 625 -15.64 8.15 13.08
CA ARG F 625 -14.42 7.44 13.39
C ARG F 625 -13.22 8.24 12.90
N ASP F 626 -12.04 7.62 12.94
CA ASP F 626 -10.79 8.29 12.61
C ASP F 626 -10.70 8.50 11.10
N GLY F 627 -9.52 8.95 10.65
CA GLY F 627 -9.35 9.30 9.25
C GLY F 627 -9.58 8.14 8.30
N SER F 628 -9.34 6.91 8.76
CA SER F 628 -9.58 5.74 7.91
C SER F 628 -11.04 5.69 7.48
N SER F 629 -11.97 5.98 8.39
CA SER F 629 -13.37 6.07 8.03
C SER F 629 -13.59 7.13 6.95
N THR F 630 -12.87 8.25 7.03
CA THR F 630 -13.01 9.29 6.02
C THR F 630 -12.61 8.79 4.64
N SER F 631 -11.86 7.69 4.56
CA SER F 631 -11.52 7.09 3.28
C SER F 631 -12.52 6.03 2.83
N ALA F 632 -13.29 5.47 3.75
CA ALA F 632 -14.21 4.38 3.39
C ALA F 632 -15.63 4.61 3.88
N ALA F 633 -15.81 5.23 5.04
CA ALA F 633 -17.14 5.29 5.65
C ALA F 633 -18.00 6.37 5.01
N ASN F 634 -17.57 7.63 5.09
CA ASN F 634 -18.40 8.73 4.60
C ASN F 634 -18.87 8.47 3.18
N HIS F 635 -18.01 7.92 2.34
CA HIS F 635 -18.39 7.54 0.99
C HIS F 635 -19.70 6.77 0.99
N VAL F 636 -19.72 5.59 1.61
CA VAL F 636 -20.94 4.80 1.61
C VAL F 636 -22.08 5.59 2.23
N LEU F 637 -21.78 6.36 3.27
CA LEU F 637 -22.82 7.15 3.91
C LEU F 637 -23.51 8.05 2.90
N THR F 638 -22.74 8.83 2.14
CA THR F 638 -23.40 9.77 1.26
C THR F 638 -24.21 9.04 0.21
N SER F 639 -23.76 7.85 -0.21
CA SER F 639 -24.53 7.07 -1.16
C SER F 639 -25.93 6.86 -0.62
N LEU F 640 -26.02 6.35 0.61
CA LEU F 640 -27.33 6.16 1.23
C LEU F 640 -28.11 7.45 1.22
N LEU F 641 -27.46 8.55 1.66
CA LEU F 641 -28.13 9.83 1.69
C LEU F 641 -28.74 10.14 0.33
N ASN F 642 -27.93 10.02 -0.72
CA ASN F 642 -28.43 10.35 -2.05
C ASN F 642 -29.63 9.50 -2.40
N GLU F 643 -29.56 8.20 -2.10
CA GLU F 643 -30.64 7.32 -2.49
C GLU F 643 -31.91 7.59 -1.68
N ILE F 644 -31.79 8.15 -0.48
CA ILE F 644 -32.99 8.58 0.24
C ILE F 644 -33.48 9.91 -0.25
N ASP F 645 -32.60 10.77 -0.78
CA ASP F 645 -33.00 12.09 -1.21
C ASP F 645 -33.69 12.08 -2.56
N GLY F 646 -33.66 10.96 -3.27
CA GLY F 646 -34.33 10.86 -4.55
C GLY F 646 -35.82 10.66 -4.40
N VAL F 647 -36.46 11.54 -3.63
CA VAL F 647 -37.84 11.35 -3.19
C VAL F 647 -38.85 11.34 -4.34
N GLU F 648 -38.52 11.98 -5.47
CA GLU F 648 -39.50 12.11 -6.54
C GLU F 648 -39.88 10.74 -7.11
N GLU F 649 -38.91 9.88 -7.31
CA GLU F 649 -39.16 8.54 -7.85
C GLU F 649 -39.15 7.47 -6.77
N LEU F 650 -39.39 7.88 -5.51
CA LEU F 650 -39.39 6.94 -4.40
C LEU F 650 -40.77 6.82 -3.77
N LYS F 651 -41.81 6.72 -4.59
CA LYS F 651 -43.17 6.73 -4.07
C LYS F 651 -43.54 5.42 -3.38
N GLY F 652 -43.01 4.29 -3.85
CA GLY F 652 -43.43 3.02 -3.28
C GLY F 652 -42.37 2.31 -2.50
N VAL F 653 -41.61 3.02 -1.66
CA VAL F 653 -40.56 2.40 -0.87
C VAL F 653 -40.47 3.12 0.46
N VAL F 654 -40.33 2.35 1.52
CA VAL F 654 -40.18 2.89 2.87
C VAL F 654 -38.94 2.27 3.49
N ILE F 655 -38.16 3.08 4.18
CA ILE F 655 -36.91 2.65 4.80
C ILE F 655 -37.12 2.59 6.31
N VAL F 656 -36.94 1.41 6.88
CA VAL F 656 -37.04 1.21 8.32
C VAL F 656 -35.67 0.80 8.82
N ALA F 657 -35.13 1.57 9.75
CA ALA F 657 -33.83 1.29 10.32
C ALA F 657 -33.99 0.91 11.77
N ALA F 658 -33.04 0.13 12.28
CA ALA F 658 -33.08 -0.28 13.67
C ALA F 658 -31.70 -0.06 14.28
N THR F 659 -31.67 0.51 15.47
CA THR F 659 -30.41 0.79 16.14
C THR F 659 -30.55 0.55 17.63
N ASN F 660 -29.44 0.19 18.25
CA ASN F 660 -29.33 0.09 19.69
C ASN F 660 -28.48 1.18 20.28
N ARG F 661 -27.86 2.01 19.45
CA ARG F 661 -27.23 3.25 19.91
C ARG F 661 -27.49 4.35 18.89
N PRO F 662 -28.61 5.04 19.01
CA PRO F 662 -28.99 6.02 17.99
C PRO F 662 -28.03 7.19 17.86
N ASP F 663 -27.40 7.62 18.96
CA ASP F 663 -26.57 8.81 18.88
C ASP F 663 -25.37 8.64 17.96
N GLU F 664 -24.99 7.41 17.66
CA GLU F 664 -23.87 7.18 16.76
C GLU F 664 -24.27 7.44 15.31
N ILE F 665 -25.56 7.27 14.98
CA ILE F 665 -26.04 7.60 13.66
C ILE F 665 -25.79 9.07 13.39
N ASP F 666 -25.30 9.38 12.19
CA ASP F 666 -25.02 10.77 11.87
C ASP F 666 -26.29 11.62 11.94
N ALA F 667 -26.12 12.89 12.26
CA ALA F 667 -27.26 13.79 12.27
C ALA F 667 -27.80 13.99 10.87
N ALA F 668 -27.06 13.60 9.84
CA ALA F 668 -27.51 13.85 8.47
C ALA F 668 -28.61 12.89 8.07
N LEU F 669 -28.65 11.71 8.65
CA LEU F 669 -29.64 10.72 8.29
C LEU F 669 -30.92 10.84 9.08
N LEU F 670 -30.94 11.62 10.16
CA LEU F 670 -32.13 11.84 10.95
C LEU F 670 -32.67 13.25 10.83
N ARG F 671 -32.24 13.98 9.83
CA ARG F 671 -32.85 15.27 9.57
C ARG F 671 -34.18 15.07 8.83
N PRO F 672 -35.10 16.02 8.96
CA PRO F 672 -36.39 15.88 8.29
C PRO F 672 -36.25 15.73 6.79
N GLY F 673 -37.14 14.94 6.20
CA GLY F 673 -37.03 14.53 4.81
C GLY F 673 -36.24 13.27 4.61
N ARG F 674 -35.82 12.62 5.68
CA ARG F 674 -34.95 11.46 5.66
C ARG F 674 -35.48 10.52 6.74
N LEU F 675 -34.63 9.65 7.27
CA LEU F 675 -35.11 8.79 8.34
C LEU F 675 -35.49 9.69 9.50
N ASP F 676 -36.78 10.01 9.62
CA ASP F 676 -37.22 11.11 10.45
C ASP F 676 -38.18 10.74 11.56
N ARG F 677 -39.14 9.86 11.33
CA ARG F 677 -39.92 9.34 12.44
C ARG F 677 -39.01 8.48 13.31
N HIS F 678 -39.05 8.70 14.62
CA HIS F 678 -38.30 7.88 15.56
C HIS F 678 -39.28 7.19 16.51
N ILE F 679 -39.11 5.89 16.69
CA ILE F 679 -39.95 5.11 17.59
C ILE F 679 -39.08 4.48 18.65
N TYR F 680 -39.42 4.69 19.90
CA TYR F 680 -38.68 4.14 21.03
C TYR F 680 -39.31 2.82 21.44
N VAL F 681 -38.58 1.74 21.25
CA VAL F 681 -39.11 0.42 21.55
C VAL F 681 -39.17 0.19 23.05
N GLY F 682 -38.02 0.26 23.72
CA GLY F 682 -37.98 0.32 25.15
C GLY F 682 -38.31 -0.99 25.84
N PRO F 683 -37.96 -1.09 27.12
CA PRO F 683 -38.20 -2.32 27.86
C PRO F 683 -39.68 -2.61 27.93
N PRO F 684 -40.06 -3.88 27.86
CA PRO F 684 -41.48 -4.24 27.90
C PRO F 684 -42.11 -3.91 29.24
N ASP F 685 -43.39 -3.56 29.20
CA ASP F 685 -44.14 -3.32 30.41
C ASP F 685 -44.63 -4.64 30.98
N VAL F 686 -45.35 -4.57 32.10
CA VAL F 686 -45.70 -5.79 32.82
C VAL F 686 -46.59 -6.69 31.96
N ASN F 687 -47.51 -6.11 31.21
CA ASN F 687 -48.36 -6.92 30.34
C ASN F 687 -47.54 -7.63 29.28
N ALA F 688 -46.61 -6.91 28.65
CA ALA F 688 -45.78 -7.53 27.63
C ALA F 688 -44.93 -8.64 28.22
N ARG F 689 -44.39 -8.42 29.42
CA ARG F 689 -43.58 -9.45 30.05
C ARG F 689 -44.42 -10.69 30.32
N LEU F 690 -45.64 -10.50 30.81
CA LEU F 690 -46.50 -11.64 31.06
C LEU F 690 -46.80 -12.39 29.77
N GLU F 691 -47.02 -11.64 28.69
CA GLU F 691 -47.26 -12.30 27.40
C GLU F 691 -46.05 -13.10 26.97
N ILE F 692 -44.85 -12.56 27.19
CA ILE F 692 -43.65 -13.27 26.78
C ILE F 692 -43.51 -14.57 27.57
N LEU F 693 -43.73 -14.49 28.89
CA LEU F 693 -43.74 -15.72 29.69
C LEU F 693 -44.71 -16.73 29.11
N LYS F 694 -45.97 -16.32 28.90
CA LYS F 694 -46.95 -17.28 28.41
C LYS F 694 -46.54 -17.87 27.07
N LYS F 695 -45.87 -17.09 26.23
CA LYS F 695 -45.40 -17.62 24.96
C LYS F 695 -44.31 -18.66 25.17
N CYS F 696 -43.41 -18.44 26.12
CA CYS F 696 -42.28 -19.34 26.28
C CYS F 696 -42.47 -20.38 27.37
N THR F 697 -43.36 -20.16 28.33
CA THR F 697 -43.61 -21.16 29.36
C THR F 697 -44.72 -22.11 28.99
N LYS F 698 -45.29 -22.01 27.79
CA LYS F 698 -46.48 -22.77 27.46
C LYS F 698 -46.20 -24.28 27.46
N LYS F 699 -45.03 -24.68 26.98
CA LYS F 699 -44.81 -26.09 26.71
C LYS F 699 -44.74 -26.90 28.00
N PHE F 700 -44.15 -26.35 29.05
CA PHE F 700 -44.10 -27.05 30.32
C PHE F 700 -45.13 -26.50 31.28
N ASN F 701 -45.67 -27.38 32.12
CA ASN F 701 -46.84 -27.09 32.93
C ASN F 701 -46.62 -25.85 33.79
N THR F 702 -47.61 -24.96 33.80
CA THR F 702 -47.49 -23.70 34.52
C THR F 702 -48.49 -23.58 35.65
N GLU F 703 -49.79 -23.69 35.36
CA GLU F 703 -50.79 -23.58 36.42
C GLU F 703 -50.80 -24.83 37.30
N GLU F 704 -50.76 -26.00 36.67
CA GLU F 704 -50.69 -27.26 37.40
C GLU F 704 -49.29 -27.56 37.90
N SER F 705 -48.38 -26.60 37.85
CA SER F 705 -47.10 -26.68 38.53
C SER F 705 -47.07 -25.87 39.81
N GLY F 706 -48.08 -25.05 40.06
CA GLY F 706 -48.13 -24.25 41.26
C GLY F 706 -47.39 -22.94 41.21
N VAL F 707 -46.82 -22.57 40.07
CA VAL F 707 -46.14 -21.29 39.90
C VAL F 707 -47.01 -20.41 39.01
N ASP F 708 -47.34 -19.22 39.49
CA ASP F 708 -48.20 -18.31 38.75
C ASP F 708 -47.37 -17.22 38.10
N LEU F 709 -47.75 -16.86 36.89
CA LEU F 709 -46.89 -16.03 36.05
C LEU F 709 -46.90 -14.56 36.45
N HIS F 710 -47.87 -14.11 37.22
CA HIS F 710 -47.98 -12.68 37.50
C HIS F 710 -46.91 -12.21 38.48
N GLU F 711 -46.54 -13.03 39.47
CA GLU F 711 -45.49 -12.57 40.37
C GLU F 711 -44.14 -12.67 39.68
N LEU F 712 -43.99 -13.61 38.73
CA LEU F 712 -42.85 -13.55 37.84
C LEU F 712 -42.83 -12.23 37.09
N ALA F 713 -43.97 -11.84 36.52
CA ALA F 713 -44.01 -10.64 35.68
C ALA F 713 -43.69 -9.40 36.48
N ASP F 714 -44.23 -9.29 37.69
CA ASP F 714 -43.95 -8.08 38.45
C ASP F 714 -42.62 -8.15 39.19
N ARG F 715 -42.01 -9.32 39.25
CA ARG F 715 -40.68 -9.42 39.83
C ARG F 715 -39.58 -9.17 38.82
N THR F 716 -39.90 -9.18 37.52
CA THR F 716 -38.90 -8.99 36.47
C THR F 716 -38.92 -7.59 35.89
N GLU F 717 -39.23 -6.59 36.69
CA GLU F 717 -39.24 -5.22 36.19
C GLU F 717 -37.83 -4.81 35.79
N GLY F 718 -37.66 -4.44 34.53
CA GLY F 718 -36.40 -4.00 34.02
C GLY F 718 -35.74 -4.96 33.05
N TYR F 719 -36.04 -6.25 33.15
CA TYR F 719 -35.46 -7.19 32.20
C TYR F 719 -35.93 -6.86 30.79
N SER F 720 -34.98 -6.81 29.85
CA SER F 720 -35.38 -6.72 28.47
C SER F 720 -35.94 -8.06 28.01
N GLY F 721 -36.71 -8.02 26.93
CA GLY F 721 -37.43 -9.22 26.50
C GLY F 721 -36.51 -10.42 26.31
N ALA F 722 -35.31 -10.17 25.79
CA ALA F 722 -34.35 -11.24 25.67
C ALA F 722 -34.02 -11.83 27.03
N GLU F 723 -33.85 -10.97 28.04
CA GLU F 723 -33.62 -11.48 29.38
C GLU F 723 -34.80 -12.28 29.89
N VAL F 724 -36.02 -11.94 29.47
CA VAL F 724 -37.18 -12.68 29.95
C VAL F 724 -37.20 -14.09 29.35
N VAL F 725 -36.99 -14.19 28.05
CA VAL F 725 -37.00 -15.52 27.47
C VAL F 725 -35.80 -16.31 27.97
N LEU F 726 -34.69 -15.63 28.27
CA LEU F 726 -33.54 -16.32 28.85
C LEU F 726 -33.84 -16.79 30.26
N LEU F 727 -34.65 -16.04 31.01
CA LEU F 727 -35.07 -16.50 32.32
C LEU F 727 -35.88 -17.77 32.21
N CYS F 728 -36.77 -17.83 31.24
CA CYS F 728 -37.50 -19.07 31.02
C CYS F 728 -36.54 -20.22 30.68
N GLN F 729 -35.56 -19.95 29.83
CA GLN F 729 -34.61 -21.00 29.46
C GLN F 729 -33.80 -21.46 30.66
N GLU F 730 -33.41 -20.54 31.53
CA GLU F 730 -32.69 -20.92 32.73
C GLU F 730 -33.54 -21.76 33.65
N ALA F 731 -34.84 -21.47 33.73
CA ALA F 731 -35.73 -22.32 34.49
C ALA F 731 -35.74 -23.73 33.91
N GLY F 732 -35.74 -23.82 32.58
CA GLY F 732 -35.69 -25.13 31.96
C GLY F 732 -34.42 -25.89 32.30
N LEU F 733 -33.28 -25.19 32.28
CA LEU F 733 -32.03 -25.84 32.68
C LEU F 733 -32.06 -26.25 34.14
N ALA F 734 -32.75 -25.51 34.99
CA ALA F 734 -32.92 -25.98 36.37
C ALA F 734 -33.77 -27.25 36.42
N ALA F 735 -34.80 -27.32 35.58
CA ALA F 735 -35.63 -28.52 35.53
C ALA F 735 -34.80 -29.73 35.13
N ILE F 736 -33.93 -29.57 34.14
CA ILE F 736 -33.10 -30.69 33.73
C ILE F 736 -31.87 -30.85 34.64
N MET F 737 -31.60 -29.87 35.49
CA MET F 737 -30.77 -30.12 36.67
C MET F 737 -31.37 -31.22 37.52
N GLU F 738 -32.55 -30.94 38.08
CA GLU F 738 -33.09 -31.82 39.12
C GLU F 738 -33.39 -33.22 38.57
N ASP F 739 -33.92 -33.30 37.36
CA ASP F 739 -34.30 -34.60 36.81
C ASP F 739 -34.07 -34.60 35.30
N LEU F 740 -33.67 -35.75 34.78
CA LEU F 740 -33.37 -35.85 33.35
C LEU F 740 -34.64 -35.93 32.51
N ASP F 741 -35.70 -36.56 33.04
CA ASP F 741 -36.94 -36.73 32.30
C ASP F 741 -38.11 -35.96 32.90
N VAL F 742 -37.81 -34.88 33.64
CA VAL F 742 -38.85 -34.15 34.33
C VAL F 742 -39.84 -33.56 33.32
N ALA F 743 -41.08 -33.42 33.76
CA ALA F 743 -42.14 -32.79 32.99
C ALA F 743 -42.89 -31.80 33.86
N LYS F 744 -42.14 -31.03 34.66
CA LYS F 744 -42.75 -30.14 35.64
C LYS F 744 -41.70 -29.12 36.04
N VAL F 745 -42.09 -27.85 36.07
CA VAL F 745 -41.20 -26.76 36.42
C VAL F 745 -41.79 -26.02 37.61
N GLU F 746 -41.01 -25.92 38.69
CA GLU F 746 -41.50 -25.37 39.94
C GLU F 746 -40.94 -23.96 40.15
N LEU F 747 -41.50 -23.28 41.16
CA LEU F 747 -41.10 -21.91 41.43
C LEU F 747 -39.66 -21.84 41.89
N ARG F 748 -39.15 -22.88 42.54
CA ARG F 748 -37.75 -22.85 42.97
C ARG F 748 -36.80 -22.80 41.78
N HIS F 749 -37.16 -23.48 40.69
CA HIS F 749 -36.34 -23.39 39.49
C HIS F 749 -36.27 -21.97 38.97
N PHE F 750 -37.42 -21.31 38.91
CA PHE F 750 -37.45 -19.92 38.49
C PHE F 750 -36.70 -19.03 39.47
N GLU F 751 -36.69 -19.38 40.75
CA GLU F 751 -35.97 -18.58 41.72
C GLU F 751 -34.47 -18.68 41.48
N LYS F 752 -33.98 -19.90 41.22
CA LYS F 752 -32.57 -20.06 40.88
C LYS F 752 -32.24 -19.26 39.64
N ALA F 753 -33.10 -19.34 38.63
CA ALA F 753 -32.88 -18.58 37.40
C ALA F 753 -32.79 -17.10 37.70
N PHE F 754 -33.78 -16.57 38.42
CA PHE F 754 -33.87 -15.14 38.67
C PHE F 754 -32.68 -14.65 39.48
N LYS F 755 -32.18 -15.47 40.40
CA LYS F 755 -30.95 -15.12 41.09
C LYS F 755 -29.78 -15.10 40.11
N GLY F 756 -29.80 -15.99 39.12
CA GLY F 756 -28.66 -16.08 38.22
C GLY F 756 -28.57 -14.96 37.20
N ILE F 757 -29.69 -14.41 36.77
CA ILE F 757 -29.74 -13.49 35.64
C ILE F 757 -29.58 -12.07 36.16
N ALA F 758 -28.69 -11.31 35.56
CA ALA F 758 -28.44 -9.94 35.97
C ALA F 758 -29.06 -8.97 34.97
N ARG F 759 -29.53 -7.84 35.50
CA ARG F 759 -30.16 -6.82 34.67
C ARG F 759 -29.21 -6.35 33.58
N GLY F 760 -29.67 -6.39 32.34
CA GLY F 760 -28.81 -6.03 31.24
C GLY F 760 -28.82 -4.57 30.85
N ILE F 761 -29.80 -3.80 31.33
CA ILE F 761 -29.94 -2.41 30.97
C ILE F 761 -29.92 -1.57 32.24
N THR F 762 -28.92 -0.74 32.36
CA THR F 762 -28.74 0.12 33.52
C THR F 762 -29.60 1.36 33.37
N PRO F 763 -29.87 2.07 34.47
CA PRO F 763 -30.52 3.38 34.34
C PRO F 763 -29.71 4.36 33.51
N GLU F 764 -28.39 4.16 33.38
CA GLU F 764 -27.61 4.98 32.48
C GLU F 764 -28.10 4.85 31.04
N MET F 765 -28.39 3.62 30.61
CA MET F 765 -28.88 3.42 29.25
C MET F 765 -30.23 4.06 29.04
N LEU F 766 -31.14 3.92 30.00
CA LEU F 766 -32.45 4.56 29.87
C LEU F 766 -32.31 6.08 29.82
N SER F 767 -31.42 6.63 30.62
CA SER F 767 -31.18 8.06 30.57
C SER F 767 -30.64 8.48 29.21
N TYR F 768 -29.72 7.69 28.65
CA TYR F 768 -29.19 8.01 27.33
C TYR F 768 -30.27 8.01 26.28
N TYR F 769 -31.18 7.04 26.35
CA TYR F 769 -32.23 6.97 25.34
C TYR F 769 -33.23 8.11 25.48
N GLU F 770 -33.61 8.45 26.70
CA GLU F 770 -34.47 9.62 26.88
C GLU F 770 -33.78 10.88 26.38
N GLU F 771 -32.48 11.01 26.62
CA GLU F 771 -31.73 12.16 26.15
C GLU F 771 -31.77 12.24 24.63
N PHE F 772 -31.60 11.12 23.95
CA PHE F 772 -31.74 11.13 22.49
C PHE F 772 -33.17 11.45 22.08
N ALA F 773 -34.15 11.07 22.91
CA ALA F 773 -35.53 11.38 22.59
C ALA F 773 -35.78 12.88 22.57
N LEU F 774 -35.23 13.60 23.55
CA LEU F 774 -35.40 15.05 23.56
C LEU F 774 -34.77 15.69 22.31
N ARG F 775 -33.61 15.22 21.90
CA ARG F 775 -32.93 15.74 20.73
C ARG F 775 -33.47 15.18 19.42
N SER F 776 -34.38 14.22 19.48
CA SER F 776 -34.84 13.52 18.29
C SER F 776 -35.58 14.47 17.35
N GLY F 777 -35.96 13.96 16.18
CA GLY F 777 -36.62 14.76 15.15
C GLY F 777 -38.14 14.64 15.20
N SER F 778 -38.68 13.41 15.17
CA SER F 778 -40.12 13.20 15.17
C SER F 778 -40.48 12.05 16.09
N SER F 779 -41.71 12.11 16.61
CA SER F 779 -42.26 11.06 17.48
C SER F 779 -41.35 10.77 18.66
N SER F 780 -40.84 11.84 19.27
CA SER F 780 -39.99 11.74 20.45
C SER F 780 -40.72 11.05 21.61
#